data_4ESV
#
_entry.id   4ESV
#
_cell.length_a   149.124
_cell.length_b   180.321
_cell.length_c   279.128
_cell.angle_alpha   90.00
_cell.angle_beta   90.00
_cell.angle_gamma   90.00
#
_symmetry.space_group_name_H-M   'P 2 2 21'
#
loop_
_entity.id
_entity.type
_entity.pdbx_description
1 polymer "5'-D(P*TP*TP*TP*TP*TP*TP*TP*TP*TP*TP*TP*TP*TP*T)-3'"
2 polymer "5'-D(P*TP*TP*TP*TP*TP*TP*TP*TP*TP*TP*TP*TP*T)-3'"
3 polymer 'Replicative helicase'
4 non-polymer '2-(N-MORPHOLINO)-ETHANESULFONIC ACID'
5 non-polymer 'CALCIUM ION'
6 non-polymer "GUANOSINE-5'-DIPHOSPHATE"
7 non-polymer 'TETRAFLUOROALUMINATE ION'
8 water water
#
loop_
_entity_poly.entity_id
_entity_poly.type
_entity_poly.pdbx_seq_one_letter_code
_entity_poly.pdbx_strand_id
1 'polydeoxyribonucleotide' (DT)(DT)(DT)(DT)(DT)(DT)(DT)(DT)(DT)(DT)(DT)(DT)(DT)(DT) V
2 'polydeoxyribonucleotide' (DT)(DT)(DT)(DT)(DT)(DT)(DT)(DT)(DT)(DT)(DT)(DT)(DT) W
3 'polypeptide(L)'
;MSELFSERIPPQSIEAEQAVLGAVFLDPAALVPASEILIPEDFYRAAHQKIFHAMLRVADRGEPVDLVTVTAELAASEQL
EEIGGVSYLSELADAVPTAANVEYYARIVEEKSVLRRLIRTATSIAQDGYTREDEIDVLLDEADRKIMEVSQRKHSGAFK
NIKDILVQTYDNIEMLHNRDGEITGIPTGFTELDRMTSGFQRSDLIIVAARPSVGKTAFALNIAQNVATKTNENVAIFSL
EMSAQQLVMRMLCAEGNINAQNLRTGKLTPEDWGKLTMAMGSLSNAGIYIDDTPSIRVSDIRAKCRRLKQESGLGMIVID
YLQLIQGSGRSKENRQQEVSEISRSLKALARELEVPVIALSQLSRSVEQRQDKRPMMSDIRESGSIEQDADIVAFLYRDD
YYNKDSENKNIIEIIIAKQRNGPVGTVQLAFIKEYNKFVNLERRFDEAQIPPGA
;
A,B,C,D,E,F,G,H,I,J,K,L
#
# COMPACT_ATOMS: atom_id res chain seq x y z
N SER C 6 18.81 4.49 13.00
CA SER C 6 17.61 5.32 13.34
C SER C 6 16.31 4.57 13.04
N GLU C 7 15.95 4.47 11.76
CA GLU C 7 14.70 3.83 11.31
C GLU C 7 14.81 2.29 11.35
N ARG C 8 14.17 1.70 12.35
CA ARG C 8 14.27 0.25 12.65
C ARG C 8 13.10 -0.59 12.08
N ILE C 9 13.39 -1.35 11.02
CA ILE C 9 12.35 -2.07 10.26
C ILE C 9 12.30 -3.58 10.58
N PRO C 10 11.26 -4.04 11.33
CA PRO C 10 11.17 -5.44 11.82
C PRO C 10 11.41 -6.47 10.73
N PRO C 11 12.47 -7.33 10.88
CA PRO C 11 13.04 -8.11 9.80
C PRO C 11 12.07 -9.16 9.28
N GLN C 12 12.07 -9.29 7.95
CA GLN C 12 11.04 -9.97 7.18
C GLN C 12 11.58 -10.12 5.76
N SER C 13 11.14 -11.15 5.05
CA SER C 13 11.29 -11.14 3.62
C SER C 13 9.98 -11.57 3.00
N ILE C 14 9.18 -10.58 2.61
CA ILE C 14 7.88 -10.86 2.03
C ILE C 14 8.01 -11.01 0.52
N GLU C 15 9.22 -11.26 0.04
CA GLU C 15 9.35 -11.83 -1.28
C GLU C 15 9.29 -13.31 -1.08
N ALA C 16 10.17 -13.80 -0.23
CA ALA C 16 10.24 -15.20 0.12
C ALA C 16 8.93 -15.75 0.64
N GLU C 17 8.16 -14.93 1.36
CA GLU C 17 6.81 -15.31 1.82
C GLU C 17 5.93 -15.68 0.63
N GLN C 18 5.94 -14.80 -0.37
CA GLN C 18 5.16 -15.00 -1.57
C GLN C 18 5.60 -16.25 -2.32
N ALA C 19 6.90 -16.47 -2.36
CA ALA C 19 7.46 -17.65 -3.04
C ALA C 19 6.97 -18.97 -2.44
N VAL C 20 6.73 -18.98 -1.13
CA VAL C 20 6.23 -20.16 -0.44
C VAL C 20 4.77 -20.41 -0.81
N LEU C 21 3.91 -19.42 -0.54
CA LEU C 21 2.50 -19.50 -0.89
C LEU C 21 2.32 -19.81 -2.36
N GLY C 22 3.12 -19.18 -3.21
CA GLY C 22 3.13 -19.46 -4.63
C GLY C 22 3.36 -20.91 -4.95
N ALA C 23 4.43 -21.48 -4.41
CA ALA C 23 4.75 -22.88 -4.66
C ALA C 23 3.61 -23.81 -4.30
N VAL C 24 2.83 -23.47 -3.27
CA VAL C 24 1.71 -24.31 -2.83
C VAL C 24 0.59 -24.34 -3.90
N PHE C 25 0.29 -23.17 -4.47
CA PHE C 25 -0.67 -23.10 -5.56
C PHE C 25 -0.15 -23.78 -6.81
N LEU C 26 1.16 -23.89 -6.93
CA LEU C 26 1.77 -24.59 -8.04
C LEU C 26 1.83 -26.10 -7.88
N ASP C 27 2.10 -26.63 -6.68
CA ASP C 27 2.42 -28.06 -6.60
C ASP C 27 1.34 -29.13 -6.43
N PRO C 28 0.67 -29.23 -5.27
CA PRO C 28 0.76 -28.58 -3.99
C PRO C 28 1.32 -29.51 -2.93
N ALA C 29 2.04 -30.55 -3.36
CA ALA C 29 2.74 -31.41 -2.40
C ALA C 29 3.80 -30.61 -1.63
N ALA C 30 3.98 -29.37 -2.06
CA ALA C 30 4.92 -28.44 -1.49
C ALA C 30 4.42 -27.90 -0.16
N LEU C 31 3.17 -28.15 0.18
CA LEU C 31 2.64 -27.72 1.46
C LEU C 31 3.19 -28.56 2.61
N VAL C 32 3.61 -29.79 2.34
CA VAL C 32 4.18 -30.68 3.37
C VAL C 32 5.49 -30.12 3.97
N PRO C 33 6.50 -29.87 3.12
CA PRO C 33 7.71 -29.25 3.64
C PRO C 33 7.39 -27.90 4.28
N ALA C 34 6.59 -27.10 3.61
CA ALA C 34 6.26 -25.77 4.06
C ALA C 34 5.76 -25.79 5.48
N SER C 35 4.86 -26.70 5.81
CA SER C 35 4.26 -26.70 7.14
C SER C 35 5.13 -27.39 8.19
N GLU C 36 6.00 -28.31 7.76
CA GLU C 36 6.99 -28.89 8.67
C GLU C 36 7.91 -27.81 9.21
N ILE C 37 8.13 -26.79 8.39
CA ILE C 37 9.05 -25.68 8.66
C ILE C 37 8.36 -24.47 9.29
N LEU C 38 7.12 -24.19 8.88
CA LEU C 38 6.44 -22.96 9.29
C LEU C 38 5.07 -23.18 9.89
N ILE C 39 4.72 -22.33 10.85
CA ILE C 39 3.33 -22.14 11.24
C ILE C 39 2.86 -20.79 10.65
N PRO C 40 1.54 -20.59 10.54
CA PRO C 40 1.03 -19.36 9.94
C PRO C 40 1.64 -18.08 10.52
N GLU C 41 1.95 -18.09 11.82
CA GLU C 41 2.37 -16.88 12.52
C GLU C 41 3.77 -16.44 12.10
N ASP C 42 4.54 -17.37 11.56
CA ASP C 42 5.88 -17.08 11.06
C ASP C 42 5.89 -16.05 9.96
N PHE C 43 4.81 -16.00 9.16
CA PHE C 43 4.66 -15.01 8.09
C PHE C 43 4.49 -13.62 8.68
N TYR C 44 5.11 -12.61 8.08
CA TYR C 44 5.05 -11.24 8.62
C TYR C 44 3.78 -10.55 8.23
N ARG C 45 3.45 -10.58 6.92
CA ARG C 45 2.24 -9.91 6.40
C ARG C 45 0.99 -10.55 6.93
N ALA C 46 0.15 -9.72 7.54
CA ALA C 46 -1.12 -10.15 8.10
C ALA C 46 -1.86 -11.07 7.13
N ALA C 47 -1.93 -10.65 5.87
CA ALA C 47 -2.63 -11.40 4.83
C ALA C 47 -2.10 -12.82 4.65
N HIS C 48 -0.79 -12.97 4.58
CA HIS C 48 -0.19 -14.28 4.33
C HIS C 48 -0.51 -15.24 5.47
N GLN C 49 -0.37 -14.75 6.68
CA GLN C 49 -0.81 -15.44 7.89
C GLN C 49 -2.15 -16.13 7.62
N LYS C 50 -3.17 -15.33 7.27
CA LYS C 50 -4.53 -15.82 7.02
C LYS C 50 -4.62 -16.84 5.88
N ILE C 51 -3.90 -16.57 4.78
CA ILE C 51 -3.87 -17.47 3.62
C ILE C 51 -3.26 -18.82 4.00
N PHE C 52 -2.05 -18.80 4.55
CA PHE C 52 -1.36 -20.03 4.91
C PHE C 52 -2.15 -20.80 5.96
N HIS C 53 -2.90 -20.08 6.80
CA HIS C 53 -3.77 -20.74 7.77
C HIS C 53 -4.86 -21.51 7.03
N ALA C 54 -5.55 -20.81 6.13
CA ALA C 54 -6.57 -21.40 5.27
C ALA C 54 -6.04 -22.63 4.52
N MET C 55 -4.83 -22.51 3.97
CA MET C 55 -4.19 -23.63 3.27
C MET C 55 -4.14 -24.89 4.12
N LEU C 56 -3.74 -24.72 5.38
CA LEU C 56 -3.66 -25.84 6.33
C LEU C 56 -5.02 -26.32 6.76
N ARG C 57 -5.96 -25.37 6.88
CA ARG C 57 -7.34 -25.64 7.29
C ARG C 57 -8.01 -26.58 6.29
N VAL C 58 -7.77 -26.30 5.01
CA VAL C 58 -8.27 -27.10 3.89
C VAL C 58 -7.54 -28.44 3.76
N ALA C 59 -6.28 -28.49 4.17
CA ALA C 59 -5.51 -29.71 4.08
C ALA C 59 -5.95 -30.71 5.14
N ASP C 60 -6.57 -30.22 6.20
CA ASP C 60 -7.04 -31.08 7.29
C ASP C 60 -8.32 -31.81 6.97
N ARG C 61 -8.85 -31.64 5.77
CA ARG C 61 -10.09 -32.29 5.37
C ARG C 61 -9.98 -33.64 4.63
N GLY C 62 -9.01 -33.85 3.73
CA GLY C 62 -8.20 -32.83 3.08
C GLY C 62 -8.65 -32.74 1.64
N GLU C 63 -8.67 -31.53 1.11
CA GLU C 63 -9.52 -31.21 -0.03
C GLU C 63 -9.09 -31.67 -1.45
N PRO C 64 -7.84 -31.39 -1.88
CA PRO C 64 -6.72 -30.79 -1.22
C PRO C 64 -6.55 -29.35 -1.68
N VAL C 65 -5.31 -28.86 -1.59
CA VAL C 65 -5.01 -27.44 -1.66
C VAL C 65 -4.72 -26.89 -3.07
N ASP C 66 -5.70 -26.24 -3.66
CA ASP C 66 -5.42 -25.53 -4.89
C ASP C 66 -6.04 -24.15 -4.86
N LEU C 67 -5.77 -23.36 -5.89
CA LEU C 67 -6.26 -22.00 -5.97
C LEU C 67 -7.78 -21.88 -5.74
N VAL C 68 -8.55 -22.88 -6.18
CA VAL C 68 -10.02 -22.91 -5.96
C VAL C 68 -10.35 -23.13 -4.49
N THR C 69 -10.12 -24.35 -4.01
CA THR C 69 -10.38 -24.71 -2.60
C THR C 69 -9.92 -23.67 -1.59
N VAL C 70 -8.75 -23.08 -1.82
CA VAL C 70 -8.24 -22.07 -0.90
C VAL C 70 -9.12 -20.83 -0.89
N THR C 71 -9.57 -20.36 -2.06
CA THR C 71 -10.45 -19.17 -2.07
C THR C 71 -11.84 -19.52 -1.49
N ALA C 72 -12.23 -20.78 -1.66
CA ALA C 72 -13.46 -21.27 -1.09
C ALA C 72 -13.38 -21.21 0.40
N GLU C 73 -12.23 -21.56 0.95
CA GLU C 73 -12.03 -21.58 2.39
C GLU C 73 -11.90 -20.17 2.95
N LEU C 74 -11.27 -19.29 2.19
CA LEU C 74 -11.11 -17.91 2.63
C LEU C 74 -12.42 -17.14 2.63
N ALA C 75 -13.30 -17.46 1.68
CA ALA C 75 -14.62 -16.85 1.63
C ALA C 75 -15.52 -17.44 2.69
N ALA C 76 -15.26 -18.68 3.08
CA ALA C 76 -16.02 -19.36 4.12
C ALA C 76 -15.90 -18.66 5.46
N SER C 77 -14.79 -17.95 5.67
CA SER C 77 -14.64 -16.98 6.73
C SER C 77 -14.67 -15.58 6.11
N GLU C 78 -14.65 -14.54 6.93
CA GLU C 78 -14.85 -13.19 6.40
C GLU C 78 -13.65 -12.69 5.58
N GLN C 79 -12.75 -13.60 5.27
CA GLN C 79 -11.36 -13.23 4.97
C GLN C 79 -10.95 -13.00 3.52
N LEU C 80 -11.71 -13.50 2.56
CA LEU C 80 -11.31 -13.41 1.15
C LEU C 80 -11.08 -11.99 0.65
N GLU C 81 -11.86 -11.04 1.16
CA GLU C 81 -11.69 -9.65 0.74
C GLU C 81 -10.54 -8.97 1.47
N GLU C 82 -10.24 -9.44 2.68
CA GLU C 82 -9.20 -8.87 3.53
C GLU C 82 -7.79 -9.11 2.99
N ILE C 83 -7.60 -10.17 2.24
CA ILE C 83 -6.26 -10.57 1.81
C ILE C 83 -5.87 -10.12 0.40
N GLY C 84 -6.54 -9.06 -0.09
CA GLY C 84 -6.52 -8.74 -1.52
C GLY C 84 -7.58 -9.61 -2.15
N GLY C 85 -7.73 -9.55 -3.45
CA GLY C 85 -8.83 -10.31 -4.06
C GLY C 85 -8.45 -11.76 -4.33
N VAL C 86 -9.26 -12.44 -5.14
CA VAL C 86 -8.79 -13.63 -5.82
C VAL C 86 -7.59 -13.22 -6.67
N SER C 87 -7.56 -11.95 -7.06
CA SER C 87 -6.51 -11.39 -7.90
C SER C 87 -5.14 -11.35 -7.23
N TYR C 88 -5.13 -11.26 -5.89
CA TYR C 88 -3.87 -11.40 -5.15
C TYR C 88 -3.43 -12.86 -5.09
N LEU C 89 -4.38 -13.77 -4.89
CA LEU C 89 -4.08 -15.19 -4.85
C LEU C 89 -3.57 -15.63 -6.19
N SER C 90 -4.03 -14.96 -7.23
CA SER C 90 -3.57 -15.20 -8.61
C SER C 90 -2.14 -14.75 -8.83
N GLU C 91 -1.77 -13.61 -8.23
CA GLU C 91 -0.41 -13.12 -8.30
C GLU C 91 0.57 -14.07 -7.61
N LEU C 92 0.15 -14.59 -6.45
CA LEU C 92 0.98 -15.50 -5.69
C LEU C 92 1.39 -16.69 -6.53
N ALA C 93 0.44 -17.23 -7.29
CA ALA C 93 0.74 -18.31 -8.23
C ALA C 93 1.87 -17.96 -9.20
N ASP C 94 1.81 -16.77 -9.78
CA ASP C 94 2.77 -16.39 -10.82
C ASP C 94 4.09 -15.87 -10.25
N ALA C 95 4.20 -15.84 -8.93
CA ALA C 95 5.43 -15.47 -8.25
C ALA C 95 6.62 -16.27 -8.75
N VAL C 96 6.54 -17.58 -8.61
CA VAL C 96 7.63 -18.47 -8.99
C VAL C 96 7.35 -19.19 -10.33
N PRO C 97 8.41 -19.39 -11.14
CA PRO C 97 8.33 -20.27 -12.31
C PRO C 97 7.85 -21.70 -11.96
N THR C 98 8.51 -22.35 -11.01
CA THR C 98 8.09 -23.66 -10.50
C THR C 98 7.87 -23.63 -8.98
N ALA C 99 7.21 -24.67 -8.47
CA ALA C 99 7.16 -24.95 -7.03
C ALA C 99 8.38 -25.76 -6.61
N ALA C 100 9.46 -25.64 -7.39
CA ALA C 100 10.75 -26.17 -7.03
C ALA C 100 11.22 -25.40 -5.83
N ASN C 101 11.92 -26.11 -4.96
CA ASN C 101 12.49 -25.59 -3.71
C ASN C 101 11.71 -24.55 -2.86
N VAL C 102 10.47 -24.87 -2.47
CA VAL C 102 9.78 -24.14 -1.41
C VAL C 102 10.54 -24.24 -0.13
N GLU C 103 11.13 -25.41 0.10
CA GLU C 103 11.89 -25.69 1.30
C GLU C 103 12.88 -24.58 1.61
N TYR C 104 13.70 -24.23 0.61
CA TYR C 104 14.57 -23.06 0.63
C TYR C 104 13.83 -21.83 1.17
N TYR C 105 12.84 -21.28 0.43
CA TYR C 105 12.19 -20.02 0.82
C TYR C 105 11.44 -20.08 2.15
N ALA C 106 10.85 -21.23 2.46
CA ALA C 106 10.20 -21.43 3.76
C ALA C 106 11.18 -21.25 4.89
N ARG C 107 12.39 -21.75 4.70
CA ARG C 107 13.45 -21.61 5.70
C ARG C 107 14.00 -20.19 5.86
N ILE C 108 13.81 -19.36 4.85
CA ILE C 108 14.14 -17.97 4.97
C ILE C 108 13.09 -17.31 5.84
N VAL C 109 11.84 -17.50 5.48
CA VAL C 109 10.70 -16.96 6.23
C VAL C 109 10.73 -17.35 7.71
N GLU C 110 11.11 -18.60 7.97
CA GLU C 110 11.25 -19.14 9.31
C GLU C 110 12.43 -18.51 10.07
N GLU C 111 13.56 -18.35 9.39
CA GLU C 111 14.74 -17.77 9.98
C GLU C 111 14.47 -16.31 10.34
N LYS C 112 13.76 -15.60 9.48
CA LYS C 112 13.45 -14.21 9.78
C LYS C 112 12.53 -14.15 10.99
N SER C 113 11.55 -15.06 11.03
CA SER C 113 10.63 -15.16 12.16
C SER C 113 11.35 -15.33 13.48
N VAL C 114 12.32 -16.23 13.51
CA VAL C 114 13.11 -16.46 14.71
C VAL C 114 13.87 -15.20 15.11
N LEU C 115 14.42 -14.47 14.14
CA LEU C 115 15.16 -13.24 14.42
C LEU C 115 14.35 -12.21 15.16
N ARG C 116 13.13 -11.95 14.68
CA ARG C 116 12.31 -10.98 15.37
C ARG C 116 11.77 -11.52 16.69
N ARG C 117 11.58 -12.82 16.81
CA ARG C 117 11.23 -13.40 18.11
C ARG C 117 12.34 -13.16 19.13
N LEU C 118 13.58 -13.30 18.68
CA LEU C 118 14.74 -13.01 19.50
C LEU C 118 14.75 -11.55 19.87
N ILE C 119 14.68 -10.68 18.89
CA ILE C 119 14.68 -9.23 19.16
C ILE C 119 13.62 -8.86 20.19
N ARG C 120 12.42 -9.38 19.98
CA ARG C 120 11.28 -9.09 20.83
C ARG C 120 11.50 -9.56 22.28
N THR C 121 12.05 -10.77 22.48
CA THR C 121 12.27 -11.25 23.85
C THR C 121 13.45 -10.54 24.51
N ALA C 122 14.41 -10.10 23.69
CA ALA C 122 15.55 -9.38 24.20
C ALA C 122 15.14 -8.00 24.68
N THR C 123 14.30 -7.34 23.90
CA THR C 123 13.85 -6.01 24.28
C THR C 123 12.95 -6.07 25.50
N SER C 124 12.18 -7.14 25.64
CA SER C 124 11.29 -7.28 26.79
C SER C 124 12.06 -7.65 28.07
N ILE C 125 13.24 -8.25 27.92
CA ILE C 125 14.15 -8.48 29.05
C ILE C 125 14.73 -7.16 29.54
N ALA C 126 15.20 -6.34 28.61
CA ALA C 126 15.71 -5.02 28.94
C ALA C 126 14.60 -4.19 29.57
N GLN C 127 13.43 -4.21 28.95
CA GLN C 127 12.22 -3.59 29.48
C GLN C 127 11.99 -3.91 30.96
N ASP C 128 12.02 -5.21 31.27
CA ASP C 128 11.78 -5.71 32.63
C ASP C 128 12.92 -5.40 33.58
N GLY C 129 14.11 -5.12 33.03
CA GLY C 129 15.29 -4.72 33.82
C GLY C 129 15.04 -3.48 34.67
N TYR C 130 14.38 -2.47 34.11
CA TYR C 130 14.04 -1.26 34.84
C TYR C 130 12.86 -1.39 35.79
N THR C 131 11.90 -2.26 35.46
CA THR C 131 10.68 -2.40 36.25
C THR C 131 10.86 -3.28 37.47
N ARG C 132 11.03 -4.59 37.26
CA ARG C 132 11.00 -5.55 38.36
C ARG C 132 12.32 -5.59 39.12
N GLU C 133 12.77 -4.43 39.60
CA GLU C 133 14.00 -4.33 40.42
C GLU C 133 13.88 -5.04 41.80
N ASP C 134 13.01 -6.04 41.88
CA ASP C 134 12.61 -6.63 43.16
C ASP C 134 13.38 -7.90 43.57
N GLU C 135 13.59 -8.85 42.63
CA GLU C 135 13.98 -10.25 42.94
C GLU C 135 15.15 -10.88 42.15
N ILE C 136 16.24 -10.12 42.01
CA ILE C 136 17.37 -10.33 41.07
C ILE C 136 17.68 -11.73 40.52
N ASP C 137 17.67 -12.74 41.38
CA ASP C 137 18.06 -14.09 40.99
C ASP C 137 17.04 -14.76 40.10
N VAL C 138 15.75 -14.52 40.38
CA VAL C 138 14.67 -15.10 39.59
C VAL C 138 14.47 -14.33 38.28
N LEU C 139 14.96 -13.09 38.23
CA LEU C 139 14.93 -12.30 37.01
C LEU C 139 15.98 -12.86 36.06
N LEU C 140 17.06 -13.35 36.63
CA LEU C 140 18.09 -13.96 35.83
C LEU C 140 17.65 -15.34 35.29
N ASP C 141 16.81 -16.04 36.05
CA ASP C 141 16.28 -17.34 35.59
C ASP C 141 15.34 -17.16 34.40
N GLU C 142 14.44 -16.20 34.50
CA GLU C 142 13.52 -15.89 33.41
C GLU C 142 14.25 -15.51 32.14
N ALA C 143 15.28 -14.67 32.26
CA ALA C 143 16.11 -14.29 31.14
C ALA C 143 16.75 -15.50 30.46
N ASP C 144 17.42 -16.35 31.25
CA ASP C 144 17.94 -17.66 30.81
C ASP C 144 16.90 -18.41 29.99
N ARG C 145 15.73 -18.58 30.61
CA ARG C 145 14.67 -19.41 30.10
C ARG C 145 13.96 -18.81 28.91
N LYS C 146 13.79 -17.49 28.92
CA LYS C 146 13.11 -16.78 27.85
C LYS C 146 13.90 -16.73 26.56
N ILE C 147 15.23 -16.89 26.65
CA ILE C 147 16.12 -16.81 25.50
C ILE C 147 16.26 -18.18 24.83
N MET C 148 16.08 -19.25 25.63
CA MET C 148 16.07 -20.61 25.11
C MET C 148 14.82 -20.83 24.29
N GLU C 149 13.69 -20.34 24.81
CA GLU C 149 12.37 -20.48 24.17
C GLU C 149 12.28 -19.84 22.80
N VAL C 150 13.35 -19.17 22.39
CA VAL C 150 13.54 -18.76 21.00
C VAL C 150 14.30 -19.94 20.36
N SER C 151 13.57 -21.01 20.09
CA SER C 151 14.14 -22.24 19.52
C SER C 151 13.10 -23.37 19.62
N GLN C 152 12.71 -23.82 18.44
CA GLN C 152 11.43 -24.46 18.23
C GLN C 152 11.39 -25.00 16.81
N PHE C 159 15.03 -34.93 21.29
CA PHE C 159 14.17 -35.64 22.26
C PHE C 159 12.88 -36.30 21.73
N LYS C 160 13.02 -37.43 21.01
CA LYS C 160 11.88 -38.22 20.51
C LYS C 160 11.07 -38.89 21.63
N ASN C 161 9.74 -38.71 21.65
CA ASN C 161 8.89 -39.43 22.62
C ASN C 161 8.79 -40.90 22.21
N ILE C 162 8.50 -41.77 23.17
CA ILE C 162 8.37 -43.23 22.95
C ILE C 162 7.33 -43.59 21.87
N LYS C 163 6.25 -42.81 21.83
CA LYS C 163 5.14 -42.97 20.88
C LYS C 163 5.52 -42.53 19.47
N ASP C 164 6.01 -41.31 19.30
CA ASP C 164 6.70 -40.90 18.05
C ASP C 164 7.65 -41.99 17.52
N ILE C 165 8.33 -42.70 18.42
CA ILE C 165 9.26 -43.75 17.99
C ILE C 165 8.51 -45.02 17.62
N LEU C 166 7.22 -45.06 17.90
CA LEU C 166 6.37 -46.16 17.42
C LEU C 166 5.54 -45.78 16.17
N VAL C 167 6.29 -45.57 15.09
CA VAL C 167 5.87 -45.89 13.73
C VAL C 167 6.60 -47.24 13.52
N GLN C 168 5.81 -48.31 13.29
CA GLN C 168 5.98 -49.58 14.06
C GLN C 168 6.73 -50.85 13.55
N THR C 169 7.46 -51.46 14.51
CA THR C 169 8.28 -52.70 14.37
C THR C 169 7.37 -53.94 14.04
N TYR C 170 7.85 -54.97 13.33
CA TYR C 170 9.23 -55.14 12.82
C TYR C 170 9.44 -54.51 11.45
N ILE C 183 15.82 -35.25 -2.81
CA ILE C 183 16.93 -34.31 -2.92
C ILE C 183 16.44 -32.94 -3.35
N THR C 184 16.82 -31.89 -2.63
CA THR C 184 16.19 -30.58 -2.82
C THR C 184 16.87 -29.41 -3.63
N GLY C 185 18.18 -29.16 -3.66
CA GLY C 185 19.29 -30.07 -3.53
C GLY C 185 19.96 -30.24 -4.90
N ILE C 186 21.20 -29.81 -5.05
CA ILE C 186 22.02 -30.26 -6.16
C ILE C 186 22.63 -31.59 -5.75
N PRO C 187 22.35 -32.65 -6.51
CA PRO C 187 22.77 -33.99 -6.12
C PRO C 187 24.23 -34.33 -6.47
N THR C 188 24.98 -34.76 -5.45
CA THR C 188 26.39 -35.13 -5.58
C THR C 188 26.61 -36.41 -6.36
N GLY C 189 25.61 -37.27 -6.40
CA GLY C 189 25.80 -38.60 -6.95
C GLY C 189 26.32 -39.64 -5.95
N PHE C 190 26.56 -39.24 -4.71
CA PHE C 190 26.85 -40.18 -3.65
C PHE C 190 25.62 -40.37 -2.76
N THR C 191 24.95 -41.48 -2.99
CA THR C 191 23.63 -41.74 -2.46
C THR C 191 23.53 -41.43 -0.99
N GLU C 192 24.45 -41.98 -0.21
CA GLU C 192 24.34 -41.94 1.24
C GLU C 192 24.55 -40.51 1.76
N LEU C 193 25.48 -39.80 1.14
CA LEU C 193 25.70 -38.41 1.45
C LEU C 193 24.48 -37.59 1.07
N ASP C 194 23.98 -37.77 -0.14
CA ASP C 194 22.77 -37.09 -0.59
C ASP C 194 21.55 -37.31 0.28
N ARG C 195 21.40 -38.53 0.81
CA ARG C 195 20.30 -38.82 1.72
C ARG C 195 20.38 -37.95 2.96
N MET C 196 21.60 -37.76 3.44
CA MET C 196 21.84 -37.10 4.70
C MET C 196 21.75 -35.60 4.53
N THR C 197 21.92 -35.15 3.30
CA THR C 197 22.21 -33.77 3.03
C THR C 197 21.16 -33.16 2.10
N SER C 198 20.77 -33.96 1.09
CA SER C 198 19.85 -33.64 -0.03
C SER C 198 20.30 -32.45 -0.88
N GLY C 199 21.48 -32.57 -1.47
CA GLY C 199 22.24 -31.38 -1.94
C GLY C 199 22.69 -30.77 -0.64
N PHE C 200 23.66 -29.84 -0.59
CA PHE C 200 24.19 -28.99 -1.63
C PHE C 200 23.03 -28.15 -2.09
N GLN C 201 22.80 -27.19 -1.21
CA GLN C 201 21.66 -26.32 -1.19
C GLN C 201 22.13 -24.94 -1.58
N ARG C 202 21.23 -24.19 -2.21
CA ARG C 202 21.56 -22.85 -2.63
C ARG C 202 21.87 -21.96 -1.42
N SER C 203 23.00 -21.26 -1.46
CA SER C 203 23.38 -20.31 -0.41
C SER C 203 24.14 -20.90 0.74
N ASP C 204 24.39 -22.21 0.70
CA ASP C 204 25.19 -22.85 1.76
C ASP C 204 26.71 -22.75 1.56
N LEU C 205 27.45 -22.63 2.66
CA LEU C 205 28.91 -22.75 2.65
C LEU C 205 29.27 -24.15 3.18
N ILE C 206 29.86 -24.96 2.32
CA ILE C 206 30.17 -26.33 2.70
C ILE C 206 31.68 -26.44 2.86
N ILE C 207 32.13 -26.75 4.07
CA ILE C 207 33.55 -26.94 4.34
C ILE C 207 33.95 -28.43 4.33
N VAL C 208 34.93 -28.76 3.49
CA VAL C 208 35.40 -30.11 3.40
C VAL C 208 36.84 -29.96 3.82
N ALA C 209 37.17 -30.45 5.02
CA ALA C 209 38.55 -30.40 5.54
C ALA C 209 39.10 -31.79 5.89
N ALA C 210 40.41 -31.98 5.77
CA ALA C 210 41.06 -33.26 6.06
C ALA C 210 42.57 -33.10 5.98
N ARG C 211 43.33 -33.97 6.64
CA ARG C 211 44.80 -33.85 6.61
C ARG C 211 45.37 -33.92 5.18
N PRO C 212 46.66 -33.58 4.97
CA PRO C 212 47.23 -33.52 3.66
C PRO C 212 47.31 -34.87 2.94
N SER C 213 46.99 -34.84 1.64
CA SER C 213 47.02 -36.02 0.79
C SER C 213 45.99 -37.07 1.24
N VAL C 214 44.90 -36.64 1.88
CA VAL C 214 43.92 -37.59 2.38
C VAL C 214 42.89 -37.85 1.33
N GLY C 215 42.53 -36.80 0.60
CA GLY C 215 41.53 -36.90 -0.47
C GLY C 215 40.67 -35.68 -0.74
N LYS C 216 41.01 -34.55 -0.11
CA LYS C 216 40.26 -33.30 -0.27
C LYS C 216 39.88 -32.97 -1.71
N THR C 217 40.88 -32.64 -2.54
CA THR C 217 40.67 -32.26 -3.96
C THR C 217 39.93 -33.36 -4.74
N ALA C 218 40.45 -34.58 -4.64
CA ALA C 218 39.83 -35.75 -5.25
C ALA C 218 38.33 -35.72 -5.04
N PHE C 219 37.93 -35.58 -3.78
CA PHE C 219 36.51 -35.62 -3.40
C PHE C 219 35.74 -34.46 -4.02
N ALA C 220 36.33 -33.27 -3.98
CA ALA C 220 35.73 -32.08 -4.58
C ALA C 220 35.54 -32.24 -6.09
N LEU C 221 36.61 -32.68 -6.77
CA LEU C 221 36.55 -32.91 -8.21
C LEU C 221 35.50 -33.95 -8.55
N ASN C 222 35.46 -35.06 -7.81
CA ASN C 222 34.45 -36.08 -8.06
C ASN C 222 33.05 -35.48 -7.98
N ILE C 223 32.78 -34.67 -6.96
CA ILE C 223 31.50 -34.00 -6.83
C ILE C 223 31.22 -33.10 -8.02
N ALA C 224 32.21 -32.30 -8.42
CA ALA C 224 32.07 -31.41 -9.58
C ALA C 224 31.68 -32.13 -10.86
N GLN C 225 32.34 -33.26 -11.17
CA GLN C 225 31.99 -34.06 -12.35
C GLN C 225 30.54 -34.56 -12.33
N ASN C 226 30.19 -35.28 -11.27
CA ASN C 226 28.84 -35.82 -11.12
C ASN C 226 27.77 -34.74 -11.18
N VAL C 227 28.12 -33.52 -10.77
CA VAL C 227 27.20 -32.42 -10.92
C VAL C 227 27.20 -31.98 -12.37
N ALA C 228 28.35 -31.68 -12.91
CA ALA C 228 28.43 -31.12 -14.27
C ALA C 228 28.00 -32.07 -15.37
N THR C 229 28.15 -33.38 -15.16
CA THR C 229 27.78 -34.37 -16.18
C THR C 229 26.37 -34.96 -15.99
N LYS C 230 26.01 -35.32 -14.77
CA LYS C 230 24.71 -35.91 -14.47
C LYS C 230 23.63 -34.85 -14.49
N THR C 231 23.86 -33.71 -13.86
CA THR C 231 22.91 -32.59 -13.96
C THR C 231 23.21 -31.70 -15.17
N ASN C 232 22.48 -30.59 -15.31
CA ASN C 232 22.73 -29.68 -16.40
C ASN C 232 23.33 -28.34 -15.97
N GLU C 233 23.68 -28.26 -14.69
CA GLU C 233 24.16 -27.06 -14.06
C GLU C 233 25.63 -26.81 -14.37
N ASN C 234 26.05 -25.55 -14.39
CA ASN C 234 27.45 -25.23 -14.60
C ASN C 234 28.16 -25.17 -13.27
N VAL C 235 29.41 -25.59 -13.21
CA VAL C 235 30.23 -25.44 -11.97
C VAL C 235 31.58 -24.76 -12.15
N ALA C 236 31.85 -23.75 -11.34
CA ALA C 236 33.12 -23.05 -11.39
C ALA C 236 34.07 -23.65 -10.35
N ILE C 237 35.30 -23.96 -10.76
CA ILE C 237 36.28 -24.50 -9.84
C ILE C 237 37.44 -23.54 -9.83
N PHE C 238 37.81 -23.09 -8.65
CA PHE C 238 39.03 -22.29 -8.50
C PHE C 238 40.12 -23.16 -7.91
N SER C 239 41.16 -23.46 -8.68
CA SER C 239 42.26 -24.27 -8.17
C SER C 239 43.48 -23.43 -7.90
N LEU C 240 43.85 -23.28 -6.64
CA LEU C 240 45.00 -22.39 -6.34
C LEU C 240 46.33 -23.15 -6.20
N GLU C 241 46.26 -24.46 -6.19
CA GLU C 241 47.42 -25.29 -5.92
C GLU C 241 47.80 -26.09 -7.18
N MET C 242 46.80 -26.71 -7.81
CA MET C 242 47.04 -27.51 -9.00
C MET C 242 46.64 -26.76 -10.25
N SER C 243 47.29 -27.08 -11.37
CA SER C 243 46.99 -26.52 -12.69
C SER C 243 45.67 -27.07 -13.20
N ALA C 244 45.10 -26.42 -14.21
CA ALA C 244 43.88 -26.93 -14.82
C ALA C 244 44.16 -28.30 -15.45
N GLN C 245 45.31 -28.38 -16.12
CA GLN C 245 45.74 -29.61 -16.74
C GLN C 245 45.65 -30.81 -15.78
N GLN C 246 46.26 -30.69 -14.60
CA GLN C 246 46.23 -31.77 -13.61
C GLN C 246 44.82 -32.09 -13.13
N LEU C 247 44.00 -31.07 -13.04
CA LEU C 247 42.61 -31.30 -12.66
C LEU C 247 41.89 -32.14 -13.69
N VAL C 248 41.99 -31.74 -14.96
CA VAL C 248 41.27 -32.46 -16.00
C VAL C 248 41.75 -33.91 -16.08
N MET C 249 43.05 -34.11 -15.87
CA MET C 249 43.59 -35.47 -15.89
C MET C 249 43.07 -36.34 -14.78
N ARG C 250 42.78 -35.72 -13.63
CA ARG C 250 42.12 -36.47 -12.55
C ARG C 250 40.71 -36.87 -12.91
N MET C 251 39.97 -35.97 -13.57
CA MET C 251 38.61 -36.24 -13.93
C MET C 251 38.53 -37.30 -15.01
N LEU C 252 39.42 -37.23 -15.98
CA LEU C 252 39.44 -38.21 -17.06
C LEU C 252 39.61 -39.60 -16.48
N CYS C 253 40.57 -39.74 -15.57
CA CYS C 253 40.83 -41.03 -14.94
C CYS C 253 39.61 -41.53 -14.20
N ALA C 254 38.91 -40.62 -13.54
CA ALA C 254 37.77 -40.99 -12.74
C ALA C 254 36.55 -41.29 -13.61
N GLU C 255 36.39 -40.53 -14.69
CA GLU C 255 35.27 -40.77 -15.58
C GLU C 255 35.36 -42.12 -16.28
N GLY C 256 36.57 -42.54 -16.67
CA GLY C 256 36.71 -43.71 -17.51
C GLY C 256 37.35 -44.92 -16.84
N ASN C 257 37.64 -44.81 -15.56
CA ASN C 257 38.44 -45.82 -14.84
C ASN C 257 39.74 -46.20 -15.54
N ILE C 258 40.54 -45.18 -15.86
CA ILE C 258 41.87 -45.35 -16.42
C ILE C 258 42.88 -45.14 -15.32
N ASN C 259 43.80 -46.10 -15.16
CA ASN C 259 44.82 -46.01 -14.12
C ASN C 259 45.70 -44.76 -14.32
N ALA C 260 45.78 -43.95 -13.27
CA ALA C 260 46.41 -42.66 -13.37
C ALA C 260 47.85 -42.79 -13.81
N GLN C 261 48.57 -43.77 -13.26
CA GLN C 261 49.98 -43.93 -13.61
C GLN C 261 50.10 -44.16 -15.10
N ASN C 262 49.30 -45.07 -15.62
CA ASN C 262 49.28 -45.32 -17.04
C ASN C 262 49.04 -44.05 -17.83
N LEU C 263 48.05 -43.29 -17.42
CA LEU C 263 47.64 -42.06 -18.11
C LEU C 263 48.73 -40.98 -18.08
N ARG C 264 49.36 -40.82 -16.90
CA ARG C 264 50.56 -39.99 -16.66
C ARG C 264 51.60 -40.21 -17.72
N THR C 265 51.92 -41.48 -17.97
CA THR C 265 53.06 -41.95 -18.78
C THR C 265 52.78 -41.99 -20.26
N GLY C 266 51.51 -42.20 -20.59
CA GLY C 266 51.09 -42.44 -21.97
C GLY C 266 51.13 -43.93 -22.26
N LYS C 267 51.46 -44.69 -21.23
CA LYS C 267 51.58 -46.13 -21.31
C LYS C 267 50.19 -46.77 -21.19
N LEU C 268 49.35 -46.53 -22.19
CA LEU C 268 47.93 -46.97 -22.17
C LEU C 268 47.67 -48.26 -22.93
N THR C 269 46.91 -49.16 -22.30
CA THR C 269 46.49 -50.42 -22.94
C THR C 269 45.52 -50.11 -24.07
N PRO C 270 45.29 -51.07 -25.01
CA PRO C 270 44.37 -50.83 -26.12
C PRO C 270 42.95 -50.50 -25.69
N GLU C 271 42.49 -51.09 -24.59
CA GLU C 271 41.18 -50.74 -24.07
C GLU C 271 41.17 -49.43 -23.28
N ASP C 272 42.31 -49.04 -22.74
CA ASP C 272 42.46 -47.76 -22.05
C ASP C 272 42.12 -46.62 -23.00
N TRP C 273 42.60 -46.72 -24.22
CA TRP C 273 42.32 -45.75 -25.28
C TRP C 273 40.85 -45.59 -25.54
N GLY C 274 40.14 -46.71 -25.47
CA GLY C 274 38.69 -46.70 -25.57
C GLY C 274 38.10 -45.92 -24.43
N LYS C 275 38.44 -46.33 -23.20
CA LYS C 275 38.06 -45.61 -21.97
C LYS C 275 38.31 -44.09 -21.99
N LEU C 276 39.49 -43.68 -22.49
CA LEU C 276 39.83 -42.26 -22.64
C LEU C 276 38.97 -41.56 -23.68
N THR C 277 38.80 -42.18 -24.85
CA THR C 277 37.97 -41.65 -25.93
C THR C 277 36.58 -41.32 -25.41
N MET C 278 36.10 -42.21 -24.55
CA MET C 278 34.80 -42.04 -23.95
C MET C 278 34.82 -40.86 -23.05
N ALA C 279 35.65 -40.97 -22.01
CA ALA C 279 35.81 -39.98 -20.96
C ALA C 279 35.90 -38.57 -21.49
N MET C 280 36.64 -38.38 -22.58
CA MET C 280 36.74 -37.09 -23.25
C MET C 280 35.42 -36.64 -23.81
N GLY C 281 34.73 -37.57 -24.47
CA GLY C 281 33.41 -37.31 -25.02
C GLY C 281 32.51 -36.66 -24.01
N SER C 282 32.26 -37.33 -22.90
CA SER C 282 31.27 -36.88 -21.89
C SER C 282 31.69 -35.63 -21.14
N LEU C 283 32.99 -35.49 -20.89
CA LEU C 283 33.52 -34.29 -20.24
C LEU C 283 33.47 -33.03 -21.09
N SER C 284 33.24 -33.15 -22.40
CA SER C 284 33.16 -31.99 -23.27
C SER C 284 31.88 -31.21 -23.04
N ASN C 285 30.75 -31.89 -23.13
CA ASN C 285 29.44 -31.27 -22.91
C ASN C 285 29.18 -31.08 -21.42
N ALA C 286 30.24 -31.22 -20.62
CA ALA C 286 30.17 -31.16 -19.17
C ALA C 286 30.00 -29.76 -18.60
N GLY C 287 30.63 -28.75 -19.21
CA GLY C 287 30.45 -27.37 -18.73
C GLY C 287 30.98 -27.11 -17.32
N ILE C 288 32.30 -27.25 -17.19
CA ILE C 288 32.94 -26.99 -15.94
C ILE C 288 34.03 -25.94 -16.19
N TYR C 289 33.91 -24.79 -15.53
CA TYR C 289 34.79 -23.66 -15.76
C TYR C 289 35.87 -23.61 -14.68
N ILE C 290 37.12 -23.70 -15.11
CA ILE C 290 38.26 -23.86 -14.19
C ILE C 290 39.12 -22.62 -14.19
N ASP C 291 39.38 -22.06 -13.01
CA ASP C 291 40.30 -20.94 -12.88
C ASP C 291 41.49 -21.27 -11.98
N ASP C 292 42.66 -21.45 -12.60
CA ASP C 292 43.83 -21.86 -11.85
C ASP C 292 44.84 -20.74 -11.56
N THR C 293 44.35 -19.51 -11.44
CA THR C 293 45.24 -18.41 -11.00
C THR C 293 45.64 -18.64 -9.53
N PRO C 294 46.95 -18.73 -9.27
CA PRO C 294 47.37 -19.19 -7.96
C PRO C 294 47.12 -18.18 -6.83
N SER C 295 46.98 -16.90 -7.12
CA SER C 295 46.59 -15.94 -6.07
C SER C 295 45.42 -15.03 -6.48
N ILE C 296 44.28 -15.29 -5.87
CA ILE C 296 43.09 -14.46 -6.01
C ILE C 296 42.59 -14.01 -4.65
N ARG C 297 41.88 -12.89 -4.66
CA ARG C 297 41.19 -12.40 -3.48
C ARG C 297 39.77 -12.88 -3.66
N VAL C 298 38.97 -12.88 -2.59
CA VAL C 298 37.58 -13.35 -2.73
C VAL C 298 36.82 -12.44 -3.70
N SER C 299 37.03 -11.13 -3.59
CA SER C 299 36.47 -10.15 -4.54
C SER C 299 36.64 -10.58 -6.01
N ASP C 300 37.85 -10.99 -6.37
CA ASP C 300 38.13 -11.54 -7.69
C ASP C 300 37.24 -12.75 -7.97
N ILE C 301 37.22 -13.73 -7.06
CA ILE C 301 36.38 -14.89 -7.23
C ILE C 301 34.93 -14.47 -7.52
N ARG C 302 34.39 -13.62 -6.64
CA ARG C 302 33.04 -13.07 -6.77
C ARG C 302 32.80 -12.49 -8.14
N ALA C 303 33.66 -11.57 -8.55
CA ALA C 303 33.60 -10.94 -9.86
C ALA C 303 33.46 -11.97 -10.99
N LYS C 304 34.34 -12.97 -10.99
CA LYS C 304 34.35 -13.95 -12.07
C LYS C 304 33.06 -14.74 -12.12
N CYS C 305 32.59 -15.20 -10.96
CA CYS C 305 31.36 -15.97 -10.84
C CYS C 305 30.13 -15.17 -11.22
N ARG C 306 30.05 -13.94 -10.69
CA ARG C 306 28.99 -13.01 -11.06
C ARG C 306 28.85 -12.96 -12.56
N ARG C 307 29.97 -12.85 -13.27
CA ARG C 307 29.95 -12.80 -14.73
C ARG C 307 29.57 -14.11 -15.39
N LEU C 308 30.06 -15.25 -14.89
CA LEU C 308 29.69 -16.53 -15.50
C LEU C 308 28.22 -16.84 -15.30
N LYS C 309 27.68 -16.44 -14.16
CA LYS C 309 26.26 -16.61 -13.86
C LYS C 309 25.43 -15.74 -14.78
N GLN C 310 25.90 -14.51 -14.98
CA GLN C 310 25.29 -13.55 -15.89
C GLN C 310 24.90 -14.16 -17.22
N GLU C 311 25.85 -14.82 -17.88
CA GLU C 311 25.67 -15.23 -19.27
C GLU C 311 25.44 -16.71 -19.47
N SER C 312 25.62 -17.52 -18.44
CA SER C 312 25.42 -18.97 -18.60
C SER C 312 24.69 -19.63 -17.42
N GLY C 313 24.64 -18.94 -16.29
CA GLY C 313 24.03 -19.49 -15.07
C GLY C 313 25.02 -20.35 -14.32
N LEU C 314 25.00 -20.24 -13.00
CA LEU C 314 25.94 -20.97 -12.19
C LEU C 314 25.18 -21.87 -11.25
N GLY C 315 25.79 -22.98 -10.87
CA GLY C 315 25.16 -23.92 -9.96
C GLY C 315 25.94 -24.15 -8.69
N MET C 316 27.25 -24.41 -8.85
CA MET C 316 28.18 -24.62 -7.74
C MET C 316 29.47 -23.85 -7.94
N ILE C 317 30.07 -23.48 -6.82
CA ILE C 317 31.44 -22.96 -6.80
C ILE C 317 32.27 -23.86 -5.90
N VAL C 318 33.41 -24.31 -6.42
CA VAL C 318 34.38 -25.09 -5.64
C VAL C 318 35.67 -24.25 -5.50
N ILE C 319 36.21 -24.21 -4.28
CA ILE C 319 37.46 -23.51 -4.04
C ILE C 319 38.56 -24.41 -3.44
N ASP C 320 39.67 -24.60 -4.18
CA ASP C 320 40.73 -25.56 -3.78
C ASP C 320 41.82 -25.07 -2.85
N TYR C 321 41.62 -23.91 -2.27
CA TYR C 321 41.60 -23.93 -0.81
C TYR C 321 41.59 -22.67 -0.04
N LEU C 322 40.80 -22.69 1.02
CA LEU C 322 40.33 -21.48 1.65
C LEU C 322 41.52 -20.68 2.20
N GLN C 323 42.43 -21.33 2.92
CA GLN C 323 43.55 -20.60 3.47
C GLN C 323 44.62 -20.20 2.42
N LEU C 324 44.52 -20.73 1.20
CA LEU C 324 45.31 -20.27 0.06
C LEU C 324 44.81 -18.99 -0.62
N ILE C 325 43.51 -18.73 -0.55
CA ILE C 325 42.93 -17.45 -0.95
C ILE C 325 43.69 -16.31 -0.26
N GLN C 326 43.68 -15.12 -0.85
CA GLN C 326 44.41 -14.06 -0.16
C GLN C 326 43.60 -12.84 0.25
N GLY C 327 44.07 -12.19 1.33
CA GLY C 327 43.31 -11.17 2.02
C GLY C 327 43.06 -9.90 1.25
N SER C 328 41.95 -9.26 1.59
CA SER C 328 41.67 -7.89 1.20
C SER C 328 42.57 -7.03 2.07
N GLY C 329 42.96 -5.88 1.56
CA GLY C 329 43.78 -4.93 2.31
C GLY C 329 43.19 -4.56 3.67
N ARG C 330 43.92 -4.89 4.72
CA ARG C 330 43.61 -4.48 6.09
C ARG C 330 44.95 -4.44 6.81
N SER C 331 46.01 -4.29 5.99
CA SER C 331 47.39 -4.71 6.29
C SER C 331 47.47 -6.21 6.67
N LYS C 332 48.64 -6.83 6.50
CA LYS C 332 48.84 -8.23 6.90
C LYS C 332 48.50 -8.32 8.39
N GLU C 333 47.21 -8.51 8.62
CA GLU C 333 46.61 -8.44 9.95
C GLU C 333 46.82 -9.74 10.71
N ASN C 334 46.56 -9.71 12.02
CA ASN C 334 46.47 -10.92 12.83
C ASN C 334 45.89 -11.97 11.90
N ARG C 335 46.75 -12.86 11.42
CA ARG C 335 46.36 -13.78 10.36
C ARG C 335 45.03 -14.49 10.65
N GLN C 336 44.77 -14.84 11.91
CA GLN C 336 43.49 -15.44 12.29
C GLN C 336 42.31 -14.58 11.85
N GLN C 337 42.44 -13.26 11.98
CA GLN C 337 41.42 -12.32 11.46
C GLN C 337 41.35 -12.29 9.93
N GLU C 338 42.52 -12.38 9.28
CA GLU C 338 42.59 -12.35 7.84
C GLU C 338 41.78 -13.47 7.27
N VAL C 339 41.96 -14.69 7.77
CA VAL C 339 41.12 -15.79 7.28
C VAL C 339 39.70 -15.72 7.83
N SER C 340 39.55 -15.24 9.07
CA SER C 340 38.21 -14.97 9.63
C SER C 340 37.36 -14.18 8.64
N GLU C 341 38.01 -13.24 7.97
CA GLU C 341 37.41 -12.35 6.99
C GLU C 341 37.10 -13.08 5.68
N ILE C 342 38.08 -13.81 5.15
CA ILE C 342 37.89 -14.64 3.95
C ILE C 342 36.68 -15.55 4.14
N SER C 343 36.60 -16.17 5.32
CA SER C 343 35.49 -17.03 5.70
C SER C 343 34.13 -16.30 5.52
N ARG C 344 33.97 -15.14 6.18
CA ARG C 344 32.84 -14.08 6.14
CA ARG C 344 32.79 -14.27 6.04
C ARG C 344 32.48 -14.01 4.57
N SER C 345 33.45 -13.52 3.82
CA SER C 345 33.30 -13.17 2.42
C SER C 345 32.72 -14.29 1.58
N LEU C 346 33.24 -15.50 1.79
CA LEU C 346 32.77 -16.68 1.06
C LEU C 346 31.30 -16.98 1.35
N LYS C 347 30.93 -17.04 2.63
CA LYS C 347 29.54 -17.30 2.98
C LYS C 347 28.67 -16.27 2.31
N ALA C 348 29.04 -15.00 2.44
CA ALA C 348 28.33 -13.89 1.82
C ALA C 348 28.25 -14.00 0.29
N LEU C 349 29.28 -14.59 -0.33
CA LEU C 349 29.25 -14.79 -1.78
C LEU C 349 28.28 -15.86 -2.12
N ALA C 350 28.27 -16.93 -1.32
CA ALA C 350 27.32 -18.03 -1.51
C ALA C 350 25.88 -17.52 -1.37
N ARG C 351 25.70 -16.63 -0.40
CA ARG C 351 24.41 -16.01 -0.14
C ARG C 351 23.97 -15.14 -1.28
N GLU C 352 24.87 -14.32 -1.80
CA GLU C 352 24.56 -13.38 -2.88
C GLU C 352 24.25 -14.07 -4.20
N LEU C 353 25.01 -15.09 -4.56
CA LEU C 353 24.82 -15.75 -5.84
C LEU C 353 23.77 -16.84 -5.76
N GLU C 354 23.26 -17.11 -4.56
CA GLU C 354 22.28 -18.18 -4.30
C GLU C 354 22.74 -19.49 -4.93
N VAL C 355 23.83 -20.04 -4.39
CA VAL C 355 24.53 -21.16 -4.98
C VAL C 355 25.38 -21.77 -3.89
N PRO C 356 25.40 -23.11 -3.77
CA PRO C 356 26.30 -23.72 -2.77
C PRO C 356 27.77 -23.43 -3.08
N VAL C 357 28.54 -23.08 -2.05
CA VAL C 357 29.99 -22.91 -2.20
C VAL C 357 30.75 -23.95 -1.34
N ILE C 358 31.46 -24.87 -2.01
CA ILE C 358 32.30 -25.84 -1.35
C ILE C 358 33.73 -25.30 -1.20
N ALA C 359 34.11 -25.00 0.04
CA ALA C 359 35.46 -24.55 0.35
C ALA C 359 36.26 -25.66 1.03
N LEU C 360 37.33 -26.09 0.34
CA LEU C 360 38.27 -27.02 0.92
C LEU C 360 39.13 -26.35 1.99
N SER C 361 39.37 -27.06 3.09
CA SER C 361 40.18 -26.55 4.18
C SER C 361 41.24 -27.55 4.68
N GLN C 362 42.36 -27.00 5.14
CA GLN C 362 43.35 -27.80 5.81
C GLN C 362 43.00 -27.97 7.30
N LEU C 363 43.72 -28.85 7.99
CA LEU C 363 43.58 -28.97 9.46
C LEU C 363 44.92 -28.83 10.13
N SER C 364 44.94 -28.26 11.33
CA SER C 364 46.16 -28.18 12.14
C SER C 364 46.65 -29.56 12.55
N ARG C 365 47.96 -29.70 12.83
CA ARG C 365 48.61 -30.99 13.15
C ARG C 365 48.15 -31.66 14.46
N SER C 366 47.41 -30.93 15.25
CA SER C 366 46.99 -31.38 16.56
C SER C 366 46.26 -32.72 16.50
N VAL C 367 45.66 -33.06 15.37
CA VAL C 367 45.00 -34.37 15.28
C VAL C 367 45.99 -35.55 15.39
N GLU C 368 47.20 -35.36 14.91
CA GLU C 368 48.20 -36.43 14.86
C GLU C 368 48.79 -36.74 16.22
N GLN C 369 48.42 -35.93 17.23
CA GLN C 369 48.71 -36.25 18.63
C GLN C 369 47.78 -37.33 19.14
N ARG C 370 46.48 -37.16 18.93
CA ARG C 370 45.45 -38.14 19.35
C ARG C 370 45.67 -39.60 18.93
N GLN C 371 45.33 -40.53 19.81
CA GLN C 371 45.39 -41.95 19.49
C GLN C 371 44.24 -42.28 18.54
N ASP C 372 43.24 -41.40 18.49
CA ASP C 372 42.20 -41.48 17.46
C ASP C 372 42.22 -40.29 16.49
N LYS C 373 42.57 -40.59 15.25
CA LYS C 373 42.84 -39.59 14.24
C LYS C 373 41.62 -39.10 13.47
N ARG C 374 40.41 -39.24 14.04
CA ARG C 374 39.20 -38.66 13.43
C ARG C 374 39.09 -37.19 13.84
N PRO C 375 39.00 -36.29 12.86
CA PRO C 375 39.00 -34.87 13.15
C PRO C 375 37.77 -34.41 13.91
N MET C 376 37.91 -33.38 14.74
CA MET C 376 36.75 -32.62 15.25
C MET C 376 36.82 -31.17 14.78
N MET C 377 35.71 -30.43 14.92
CA MET C 377 35.61 -29.06 14.34
C MET C 377 36.76 -28.09 14.71
N SER C 378 37.22 -28.26 15.94
CA SER C 378 38.30 -27.49 16.49
C SER C 378 39.53 -27.57 15.59
N ASP C 379 39.71 -28.72 14.94
CA ASP C 379 40.92 -28.97 14.17
C ASP C 379 41.10 -28.13 12.90
N ILE C 380 40.03 -27.51 12.42
CA ILE C 380 40.09 -26.69 11.20
C ILE C 380 41.22 -25.65 11.36
N ARG C 381 42.16 -25.64 10.41
CA ARG C 381 43.42 -24.89 10.57
C ARG C 381 43.23 -23.38 10.45
N GLU C 382 43.90 -22.67 11.35
CA GLU C 382 44.09 -21.21 11.24
C GLU C 382 43.03 -20.23 11.81
N SER C 383 41.75 -20.61 11.82
CA SER C 383 40.76 -19.75 12.44
C SER C 383 39.48 -20.48 12.74
N GLY C 384 39.08 -20.40 14.00
CA GLY C 384 37.81 -20.93 14.49
C GLY C 384 36.53 -20.39 13.86
N SER C 385 36.58 -19.19 13.28
CA SER C 385 35.41 -18.62 12.61
C SER C 385 34.90 -19.50 11.45
N ILE C 386 35.79 -20.29 10.83
CA ILE C 386 35.35 -21.19 9.77
C ILE C 386 34.24 -22.16 10.26
N GLU C 387 34.42 -22.79 11.44
CA GLU C 387 33.36 -23.67 12.03
C GLU C 387 32.08 -22.87 12.06
N GLN C 388 32.24 -21.59 12.35
CA GLN C 388 31.17 -20.70 12.78
C GLN C 388 30.47 -20.08 11.60
N ASP C 389 31.08 -20.11 10.45
CA ASP C 389 30.42 -19.48 9.31
C ASP C 389 29.79 -20.56 8.48
N ALA C 390 30.43 -21.73 8.45
CA ALA C 390 29.96 -22.86 7.63
C ALA C 390 28.51 -23.22 7.86
N ASP C 391 27.82 -23.56 6.78
CA ASP C 391 26.49 -24.18 6.91
C ASP C 391 26.60 -25.68 7.17
N ILE C 392 27.80 -26.21 6.96
CA ILE C 392 27.99 -27.66 6.94
C ILE C 392 29.49 -27.95 6.82
N VAL C 393 29.96 -28.84 7.69
CA VAL C 393 31.38 -29.18 7.81
C VAL C 393 31.56 -30.68 7.65
N ALA C 394 32.37 -31.05 6.66
CA ALA C 394 32.60 -32.43 6.32
C ALA C 394 34.09 -32.73 6.51
N PHE C 395 34.40 -33.77 7.28
CA PHE C 395 35.77 -34.25 7.37
C PHE C 395 35.95 -35.53 6.61
N LEU C 396 37.13 -35.71 6.03
CA LEU C 396 37.49 -36.99 5.42
C LEU C 396 38.46 -37.71 6.33
N TYR C 397 38.18 -38.99 6.63
CA TYR C 397 39.09 -39.82 7.42
C TYR C 397 39.34 -41.17 6.73
N ARG C 398 40.60 -41.61 6.69
CA ARG C 398 40.99 -42.87 6.02
C ARG C 398 41.81 -43.71 6.97
N ASP C 399 41.38 -44.93 7.29
CA ASP C 399 42.22 -45.73 8.16
C ASP C 399 43.56 -46.03 7.50
N ASP C 400 43.51 -46.30 6.20
CA ASP C 400 44.69 -46.71 5.44
C ASP C 400 45.68 -45.58 5.18
N TYR C 401 45.34 -44.38 5.62
CA TYR C 401 46.25 -43.24 5.52
C TYR C 401 47.31 -43.40 6.58
N TYR C 402 46.93 -44.01 7.69
CA TYR C 402 47.82 -44.17 8.82
C TYR C 402 48.37 -45.58 8.94
N ASN C 403 47.53 -46.59 8.70
CA ASN C 403 47.99 -47.98 8.76
C ASN C 403 48.43 -48.45 7.39
N LYS C 404 49.68 -48.90 7.32
CA LYS C 404 50.21 -49.39 6.05
C LYS C 404 49.46 -50.66 5.64
N ASP C 405 49.18 -51.49 6.64
CA ASP C 405 48.56 -52.81 6.45
C ASP C 405 47.03 -52.78 6.51
N SER C 406 46.45 -51.66 6.92
CA SER C 406 45.03 -51.57 7.30
C SER C 406 44.08 -52.54 6.62
N GLU C 407 43.32 -53.28 7.42
CA GLU C 407 42.19 -54.07 6.91
C GLU C 407 41.13 -53.14 6.33
N ASN C 408 40.36 -53.63 5.35
CA ASN C 408 39.51 -52.79 4.45
C ASN C 408 40.12 -51.47 4.01
N LYS C 409 40.86 -51.50 2.91
CA LYS C 409 41.66 -50.36 2.50
C LYS C 409 40.79 -49.22 1.98
N ASN C 410 40.30 -49.35 0.75
CA ASN C 410 39.75 -48.22 0.02
C ASN C 410 38.62 -47.41 0.65
N ILE C 411 38.19 -47.83 1.84
CA ILE C 411 37.14 -47.16 2.60
C ILE C 411 37.56 -45.78 3.14
N ILE C 412 36.65 -44.83 3.00
CA ILE C 412 36.87 -43.47 3.49
C ILE C 412 35.63 -42.89 4.17
N GLU C 413 35.76 -42.45 5.42
CA GLU C 413 34.65 -41.85 6.12
C GLU C 413 34.42 -40.40 5.69
N ILE C 414 33.16 -40.05 5.45
CA ILE C 414 32.76 -38.65 5.23
C ILE C 414 32.03 -38.27 6.48
N ILE C 415 32.75 -37.69 7.42
CA ILE C 415 32.19 -37.29 8.70
C ILE C 415 31.46 -35.94 8.56
N ILE C 416 30.15 -35.98 8.69
CA ILE C 416 29.37 -34.75 8.62
C ILE C 416 29.15 -34.21 10.04
N ALA C 417 30.12 -33.38 10.45
CA ALA C 417 30.22 -32.95 11.80
C ALA C 417 29.28 -31.82 12.08
N LYS C 418 28.86 -31.10 11.04
CA LYS C 418 27.94 -29.95 11.21
C LYS C 418 26.98 -29.77 10.06
N GLN C 419 25.69 -29.54 10.36
CA GLN C 419 24.71 -29.05 9.36
C GLN C 419 23.39 -28.54 9.98
N ARG C 420 22.99 -27.33 9.62
CA ARG C 420 21.85 -26.70 10.27
C ARG C 420 20.57 -26.83 9.42
N ASN C 421 20.70 -27.67 8.40
CA ASN C 421 19.54 -28.27 7.73
C ASN C 421 19.01 -29.29 8.75
N GLY C 422 19.86 -30.25 9.10
CA GLY C 422 19.42 -31.38 9.87
C GLY C 422 20.53 -32.24 10.42
N PRO C 423 20.56 -33.51 10.00
CA PRO C 423 21.23 -34.61 10.67
C PRO C 423 22.73 -34.55 10.58
N VAL C 424 23.35 -34.92 11.69
CA VAL C 424 24.78 -35.08 11.78
C VAL C 424 25.08 -36.58 11.67
N GLY C 425 26.24 -36.94 11.11
CA GLY C 425 26.64 -38.35 11.09
C GLY C 425 27.73 -38.69 10.12
N THR C 426 28.14 -39.96 10.10
CA THR C 426 29.19 -40.42 9.19
C THR C 426 28.64 -41.26 8.04
N VAL C 427 29.23 -41.06 6.86
CA VAL C 427 28.87 -41.79 5.65
C VAL C 427 30.14 -42.47 5.13
N GLN C 428 30.00 -43.64 4.53
CA GLN C 428 31.17 -44.34 4.00
C GLN C 428 31.21 -44.38 2.48
N LEU C 429 32.37 -44.10 1.91
CA LEU C 429 32.58 -44.29 0.46
C LEU C 429 33.88 -45.00 0.21
N ALA C 430 34.08 -45.44 -1.02
CA ALA C 430 35.35 -46.03 -1.39
C ALA C 430 36.13 -45.04 -2.25
N PHE C 431 37.43 -44.94 -2.01
CA PHE C 431 38.27 -44.01 -2.73
C PHE C 431 39.38 -44.79 -3.41
N ILE C 432 39.04 -45.27 -4.60
CA ILE C 432 39.96 -45.95 -5.48
C ILE C 432 40.99 -44.93 -6.01
N LYS C 433 42.16 -44.88 -5.35
CA LYS C 433 43.15 -43.80 -5.59
C LYS C 433 43.82 -43.88 -6.97
N GLU C 434 43.98 -45.11 -7.45
CA GLU C 434 44.55 -45.39 -8.76
C GLU C 434 43.69 -44.78 -9.83
N TYR C 435 42.44 -44.52 -9.50
CA TYR C 435 41.51 -43.95 -10.48
C TYR C 435 41.05 -42.55 -10.12
N ASN C 436 41.68 -41.95 -9.12
CA ASN C 436 41.31 -40.60 -8.70
C ASN C 436 39.82 -40.53 -8.36
N LYS C 437 39.29 -41.71 -8.02
CA LYS C 437 37.84 -41.88 -7.98
C LYS C 437 37.25 -42.22 -6.60
N PHE C 438 36.21 -41.51 -6.25
CA PHE C 438 35.32 -41.91 -5.17
C PHE C 438 34.13 -42.72 -5.71
N VAL C 439 33.77 -43.83 -5.08
CA VAL C 439 32.59 -44.57 -5.49
C VAL C 439 31.65 -44.89 -4.33
N ASN C 440 30.38 -45.13 -4.67
CA ASN C 440 29.40 -45.57 -3.70
C ASN C 440 29.71 -47.00 -3.27
N LEU C 441 29.07 -47.49 -2.22
CA LEU C 441 29.40 -48.85 -1.78
C LEU C 441 28.41 -49.95 -2.25
N SER D 6 9.47 0.96 31.77
CA SER D 6 10.89 1.36 31.44
C SER D 6 11.22 2.81 31.80
N GLU D 7 12.51 3.06 31.95
CA GLU D 7 13.07 4.40 31.93
C GLU D 7 14.21 4.38 30.92
N ARG D 8 15.01 5.43 30.91
CA ARG D 8 16.35 5.34 30.33
C ARG D 8 17.28 5.59 31.51
N ILE D 9 16.72 5.43 32.72
CA ILE D 9 17.50 5.64 33.94
C ILE D 9 18.02 4.29 34.37
N PRO D 10 19.32 4.05 34.09
CA PRO D 10 19.95 2.76 34.41
C PRO D 10 19.73 2.50 35.88
N PRO D 11 19.57 1.24 36.26
CA PRO D 11 19.38 0.95 37.69
C PRO D 11 20.65 1.24 38.47
N GLN D 12 20.45 1.86 39.63
CA GLN D 12 21.50 2.34 40.53
C GLN D 12 20.84 2.70 41.86
N SER D 13 21.65 3.09 42.83
CA SER D 13 21.19 3.38 44.20
C SER D 13 22.22 4.29 44.94
N ILE D 14 22.47 5.50 44.42
CA ILE D 14 23.64 6.25 44.90
C ILE D 14 23.60 6.60 46.39
N GLU D 15 22.41 6.58 47.00
CA GLU D 15 22.33 6.64 48.45
C GLU D 15 23.30 5.57 48.96
N ALA D 16 23.27 4.42 48.29
CA ALA D 16 23.91 3.20 48.78
C ALA D 16 25.40 3.07 48.49
N GLU D 17 25.82 3.52 47.31
CA GLU D 17 27.25 3.58 46.98
C GLU D 17 28.02 4.42 47.99
N GLN D 18 27.49 5.61 48.31
CA GLN D 18 28.13 6.51 49.23
C GLN D 18 28.16 5.93 50.61
N ALA D 19 27.09 5.24 50.98
CA ALA D 19 27.01 4.54 52.27
C ALA D 19 28.12 3.51 52.50
N VAL D 20 28.48 2.80 51.42
CA VAL D 20 29.56 1.80 51.46
C VAL D 20 30.89 2.50 51.63
N LEU D 21 31.22 3.42 50.72
CA LEU D 21 32.48 4.14 50.81
C LEU D 21 32.62 4.85 52.14
N GLY D 22 31.51 5.42 52.59
CA GLY D 22 31.45 6.06 53.90
C GLY D 22 31.85 5.16 55.05
N ALA D 23 31.22 3.98 55.11
CA ALA D 23 31.51 2.97 56.15
C ALA D 23 32.98 2.57 56.24
N VAL D 24 33.65 2.56 55.08
CA VAL D 24 35.07 2.22 55.01
C VAL D 24 35.92 3.29 55.71
N PHE D 25 35.64 4.56 55.43
CA PHE D 25 36.36 5.63 56.11
C PHE D 25 36.05 5.69 57.58
N LEU D 26 34.92 5.09 57.96
CA LEU D 26 34.50 5.04 59.36
C LEU D 26 35.08 3.88 60.14
N ASP D 27 35.24 2.70 59.52
CA ASP D 27 35.58 1.51 60.32
C ASP D 27 37.02 1.13 60.63
N PRO D 28 37.82 0.65 59.64
CA PRO D 28 37.63 0.32 58.26
C PRO D 28 37.65 -1.18 58.04
N ALA D 29 37.37 -1.96 59.09
CA ALA D 29 37.26 -3.39 58.93
C ALA D 29 36.08 -3.72 58.00
N ALA D 30 35.30 -2.70 57.68
CA ALA D 30 34.14 -2.80 56.83
C ALA D 30 34.52 -2.98 55.39
N LEU D 31 35.79 -2.81 55.08
CA LEU D 31 36.27 -3.03 53.72
C LEU D 31 36.28 -4.51 53.35
N VAL D 32 36.43 -5.40 54.34
CA VAL D 32 36.41 -6.84 54.12
C VAL D 32 35.08 -7.38 53.56
N PRO D 33 33.95 -7.11 54.25
CA PRO D 33 32.68 -7.47 53.68
C PRO D 33 32.51 -6.81 52.35
N ALA D 34 32.73 -5.50 52.30
CA ALA D 34 32.53 -4.72 51.10
C ALA D 34 33.14 -5.36 49.85
N SER D 35 34.41 -5.77 49.96
CA SER D 35 35.12 -6.31 48.79
C SER D 35 34.76 -7.75 48.49
N GLU D 36 34.31 -8.48 49.49
CA GLU D 36 33.86 -9.80 49.19
C GLU D 36 32.72 -9.68 48.22
N ILE D 37 31.87 -8.71 48.48
CA ILE D 37 30.59 -8.52 47.81
C ILE D 37 30.76 -7.76 46.49
N LEU D 38 31.71 -6.83 46.42
CA LEU D 38 31.80 -5.94 45.26
C LEU D 38 33.20 -5.86 44.66
N ILE D 39 33.25 -5.62 43.36
CA ILE D 39 34.49 -5.15 42.74
C ILE D 39 34.27 -3.69 42.35
N PRO D 40 35.35 -2.91 42.14
CA PRO D 40 35.21 -1.49 41.81
C PRO D 40 34.22 -1.18 40.69
N GLU D 41 34.09 -2.09 39.72
CA GLU D 41 33.26 -1.83 38.54
C GLU D 41 31.76 -1.89 38.85
N ASP D 42 31.38 -2.55 39.93
CA ASP D 42 29.98 -2.62 40.39
C ASP D 42 29.39 -1.24 40.69
N PHE D 43 30.22 -0.30 41.12
CA PHE D 43 29.81 1.06 41.39
C PHE D 43 29.40 1.72 40.08
N TYR D 44 28.33 2.52 40.11
CA TYR D 44 27.90 3.22 38.90
C TYR D 44 28.70 4.47 38.58
N ARG D 45 28.84 5.34 39.58
CA ARG D 45 29.59 6.59 39.43
C ARG D 45 31.07 6.38 39.18
N ALA D 46 31.52 6.91 38.05
CA ALA D 46 32.92 6.85 37.65
C ALA D 46 33.84 7.12 38.83
N ALA D 47 33.54 8.18 39.58
CA ALA D 47 34.34 8.55 40.73
C ALA D 47 34.46 7.45 41.78
N HIS D 48 33.34 6.81 42.13
CA HIS D 48 33.36 5.79 43.19
C HIS D 48 34.20 4.59 42.82
N GLN D 49 34.07 4.18 41.55
CA GLN D 49 34.92 3.19 40.91
C GLN D 49 36.37 3.42 41.30
N LYS D 50 36.89 4.59 40.94
CA LYS D 50 38.28 4.95 41.21
C LYS D 50 38.62 4.92 42.71
N ILE D 51 37.70 5.42 43.54
CA ILE D 51 37.92 5.52 45.00
C ILE D 51 37.99 4.13 45.61
N PHE D 52 36.99 3.30 45.33
CA PHE D 52 36.94 1.94 45.85
C PHE D 52 38.14 1.13 45.35
N HIS D 53 38.62 1.44 44.14
CA HIS D 53 39.82 0.82 43.62
C HIS D 53 41.03 1.19 44.47
N ALA D 54 41.28 2.49 44.61
CA ALA D 54 42.29 3.01 45.52
C ALA D 54 42.24 2.35 46.90
N MET D 55 41.04 2.22 47.47
CA MET D 55 40.89 1.63 48.80
C MET D 55 41.49 0.22 48.87
N LEU D 56 41.24 -0.57 47.82
CA LEU D 56 41.71 -1.94 47.72
C LEU D 56 43.19 -1.97 47.40
N ARG D 57 43.62 -0.98 46.61
CA ARG D 57 45.01 -0.83 46.20
C ARG D 57 45.89 -0.59 47.42
N VAL D 58 45.39 0.23 48.34
CA VAL D 58 46.04 0.52 49.62
C VAL D 58 45.96 -0.63 50.63
N ALA D 59 44.90 -1.41 50.53
CA ALA D 59 44.73 -2.53 51.43
C ALA D 59 45.71 -3.64 51.10
N ASP D 60 46.17 -3.68 49.85
CA ASP D 60 47.11 -4.72 49.39
C ASP D 60 48.54 -4.52 49.85
N ARG D 61 48.79 -3.47 50.62
CA ARG D 61 50.13 -3.22 51.11
C ARG D 61 50.51 -3.79 52.49
N GLY D 62 49.65 -3.77 53.52
CA GLY D 62 48.39 -3.02 53.58
C GLY D 62 48.54 -1.92 54.60
N GLU D 63 47.93 -0.78 54.33
CA GLU D 63 48.41 0.48 54.90
C GLU D 63 48.04 0.84 56.35
N PRO D 64 46.76 0.79 56.75
CA PRO D 64 45.59 0.33 56.05
C PRO D 64 44.75 1.52 55.67
N VAL D 65 43.44 1.30 55.54
CA VAL D 65 42.56 2.19 54.81
C VAL D 65 41.90 3.27 55.65
N ASP D 66 42.47 4.46 55.64
CA ASP D 66 41.76 5.58 56.22
C ASP D 66 41.72 6.80 55.30
N LEU D 67 41.06 7.86 55.75
CA LEU D 67 40.87 9.06 54.93
C LEU D 67 42.19 9.65 54.44
N VAL D 68 43.26 9.49 55.23
CA VAL D 68 44.59 9.96 54.83
C VAL D 68 45.19 9.08 53.74
N THR D 69 45.57 7.85 54.09
CA THR D 69 46.14 6.89 53.12
C THR D 69 45.40 6.79 51.76
N VAL D 70 44.07 6.85 51.79
CA VAL D 70 43.27 6.83 50.57
C VAL D 70 43.54 8.05 49.69
N THR D 71 43.59 9.24 50.29
CA THR D 71 43.86 10.44 49.47
C THR D 71 45.32 10.43 49.01
N ALA D 72 46.19 9.81 49.80
CA ALA D 72 47.59 9.68 49.42
C ALA D 72 47.72 8.81 48.20
N GLU D 73 46.90 7.78 48.14
CA GLU D 73 46.88 6.85 47.03
C GLU D 73 46.24 7.46 45.79
N LEU D 74 45.19 8.23 46.00
CA LEU D 74 44.49 8.86 44.88
C LEU D 74 45.32 9.94 44.21
N ALA D 75 46.11 10.65 45.01
CA ALA D 75 47.03 11.66 44.50
C ALA D 75 48.23 11.01 43.84
N ALA D 76 48.59 9.81 44.30
CA ALA D 76 49.70 9.05 43.72
C ALA D 76 49.43 8.68 42.26
N SER D 77 48.15 8.61 41.89
CA SER D 77 47.74 8.58 40.50
C SER D 77 47.12 9.94 40.18
N GLU D 78 46.79 10.20 38.92
CA GLU D 78 46.27 11.52 38.53
C GLU D 78 44.88 11.83 39.10
N GLN D 79 44.41 10.99 40.01
CA GLN D 79 42.97 10.84 40.27
C GLN D 79 42.31 11.68 41.36
N LEU D 80 43.10 12.22 42.30
CA LEU D 80 42.52 12.93 43.44
C LEU D 80 41.63 14.10 43.06
N GLU D 81 41.98 14.79 41.97
CA GLU D 81 41.19 15.92 41.54
C GLU D 81 39.96 15.47 40.76
N GLU D 82 40.07 14.33 40.10
CA GLU D 82 39.00 13.78 39.26
C GLU D 82 37.75 13.35 40.03
N ILE D 83 37.94 12.99 41.30
CA ILE D 83 36.86 12.40 42.11
C ILE D 83 36.16 13.38 43.03
N GLY D 84 36.26 14.67 42.71
CA GLY D 84 35.92 15.72 43.66
C GLY D 84 37.18 15.92 44.49
N GLY D 85 37.13 16.80 45.47
CA GLY D 85 38.33 17.11 46.23
C GLY D 85 38.54 16.12 47.34
N VAL D 86 39.44 16.46 48.26
CA VAL D 86 39.47 15.82 49.57
C VAL D 86 38.12 16.08 50.21
N SER D 87 37.48 17.15 49.74
CA SER D 87 36.20 17.60 50.27
C SER D 87 35.06 16.65 49.95
N TYR D 88 35.19 15.91 48.84
CA TYR D 88 34.21 14.88 48.53
C TYR D 88 34.43 13.62 49.38
N LEU D 89 35.69 13.24 49.55
CA LEU D 89 36.03 12.15 50.43
C LEU D 89 35.57 12.44 51.85
N SER D 90 35.61 13.72 52.23
CA SER D 90 35.14 14.14 53.54
C SER D 90 33.64 13.97 53.69
N GLU D 91 32.90 14.28 52.63
CA GLU D 91 31.45 14.08 52.64
C GLU D 91 31.07 12.63 52.78
N LEU D 92 31.82 11.76 52.10
CA LEU D 92 31.57 10.32 52.14
C LEU D 92 31.62 9.79 53.57
N ALA D 93 32.61 10.24 54.33
CA ALA D 93 32.71 9.95 55.76
C ALA D 93 31.41 10.27 56.50
N ASP D 94 30.86 11.47 56.27
CA ASP D 94 29.70 11.94 57.03
C ASP D 94 28.35 11.41 56.54
N ALA D 95 28.33 10.63 55.46
CA ALA D 95 27.06 10.10 54.92
C ALA D 95 26.69 8.79 55.58
N VAL D 96 26.90 8.72 56.90
CA VAL D 96 26.70 7.49 57.66
C VAL D 96 26.75 7.69 59.20
N PRO D 97 25.83 7.02 59.93
CA PRO D 97 25.91 6.74 61.37
C PRO D 97 27.10 5.82 61.68
N THR D 98 26.88 4.50 61.70
CA THR D 98 27.98 3.50 61.85
C THR D 98 28.04 2.48 60.69
N ALA D 99 29.07 1.65 60.70
CA ALA D 99 29.32 0.68 59.63
C ALA D 99 28.83 -0.75 59.92
N ALA D 100 27.79 -0.87 60.74
CA ALA D 100 27.14 -2.15 60.95
C ALA D 100 26.41 -2.47 59.65
N ASN D 101 26.34 -3.77 59.34
CA ASN D 101 25.78 -4.34 58.09
C ASN D 101 26.09 -3.67 56.73
N VAL D 102 27.39 -3.51 56.42
CA VAL D 102 27.83 -3.11 55.08
C VAL D 102 27.39 -4.17 54.10
N GLU D 103 27.44 -5.42 54.54
CA GLU D 103 27.09 -6.58 53.74
C GLU D 103 25.77 -6.33 53.03
N TYR D 104 24.83 -5.72 53.76
CA TYR D 104 23.48 -5.42 53.27
C TYR D 104 23.53 -4.44 52.11
N TYR D 105 24.10 -3.25 52.35
CA TYR D 105 24.13 -2.19 51.34
C TYR D 105 25.02 -2.56 50.17
N ALA D 106 26.13 -3.24 50.43
CA ALA D 106 26.97 -3.76 49.36
C ALA D 106 26.15 -4.63 48.41
N ARG D 107 25.27 -5.47 48.95
CA ARG D 107 24.53 -6.42 48.14
C ARG D 107 23.46 -5.73 47.32
N ILE D 108 23.06 -4.54 47.75
CA ILE D 108 22.15 -3.70 46.98
C ILE D 108 22.89 -3.13 45.77
N VAL D 109 24.05 -2.52 46.05
CA VAL D 109 24.91 -1.95 45.01
C VAL D 109 25.23 -2.98 43.95
N GLU D 110 25.48 -4.21 44.40
CA GLU D 110 25.83 -5.35 43.55
C GLU D 110 24.66 -5.77 42.71
N GLU D 111 23.48 -5.86 43.34
CA GLU D 111 22.26 -6.26 42.66
C GLU D 111 21.89 -5.25 41.61
N LYS D 112 22.07 -3.97 41.91
CA LYS D 112 21.80 -2.95 40.92
C LYS D 112 22.78 -3.06 39.76
N SER D 113 24.05 -3.34 40.08
CA SER D 113 25.06 -3.57 39.07
C SER D 113 24.67 -4.64 38.08
N VAL D 114 24.20 -5.76 38.60
CA VAL D 114 23.76 -6.88 37.77
C VAL D 114 22.60 -6.50 36.87
N LEU D 115 21.65 -5.74 37.42
CA LEU D 115 20.51 -5.29 36.64
C LEU D 115 20.92 -4.52 35.41
N ARG D 116 21.80 -3.53 35.56
CA ARG D 116 22.16 -2.76 34.39
C ARG D 116 23.03 -3.55 33.45
N ARG D 117 23.80 -4.49 33.98
CA ARG D 117 24.59 -5.37 33.12
C ARG D 117 23.69 -6.25 32.27
N LEU D 118 22.58 -6.68 32.86
CA LEU D 118 21.58 -7.43 32.12
C LEU D 118 20.95 -6.52 31.05
N ILE D 119 20.47 -5.35 31.45
CA ILE D 119 19.85 -4.43 30.52
C ILE D 119 20.76 -4.16 29.33
N ARG D 120 22.06 -4.00 29.64
CA ARG D 120 23.05 -3.61 28.66
C ARG D 120 23.29 -4.71 27.67
N THR D 121 23.35 -5.95 28.15
CA THR D 121 23.55 -7.06 27.21
C THR D 121 22.30 -7.41 26.41
N ALA D 122 21.14 -7.24 27.00
CA ALA D 122 19.88 -7.44 26.27
C ALA D 122 19.70 -6.39 25.15
N THR D 123 20.01 -5.12 25.42
CA THR D 123 19.89 -4.08 24.40
C THR D 123 20.86 -4.36 23.28
N SER D 124 22.06 -4.82 23.60
CA SER D 124 23.07 -5.08 22.58
C SER D 124 22.73 -6.32 21.75
N ILE D 125 21.92 -7.22 22.31
CA ILE D 125 21.41 -8.37 21.55
C ILE D 125 20.39 -7.88 20.52
N ALA D 126 19.44 -7.09 20.98
CA ALA D 126 18.45 -6.47 20.10
C ALA D 126 19.14 -5.63 19.02
N GLN D 127 20.07 -4.77 19.43
CA GLN D 127 20.94 -4.02 18.55
C GLN D 127 21.52 -4.90 17.44
N ASP D 128 22.10 -6.03 17.81
CA ASP D 128 22.76 -6.94 16.87
C ASP D 128 21.76 -7.66 15.99
N GLY D 129 20.52 -7.73 16.45
CA GLY D 129 19.43 -8.38 15.71
C GLY D 129 19.22 -7.80 14.33
N TYR D 130 19.29 -6.47 14.23
CA TYR D 130 19.12 -5.77 12.96
C TYR D 130 20.36 -5.76 12.09
N THR D 131 21.55 -5.81 12.71
CA THR D 131 22.81 -5.75 11.98
C THR D 131 23.26 -7.09 11.38
N ARG D 132 23.65 -8.03 12.23
CA ARG D 132 24.25 -9.26 11.75
C ARG D 132 23.20 -10.28 11.25
N GLU D 133 22.34 -9.87 10.33
CA GLU D 133 21.33 -10.75 9.71
C GLU D 133 21.95 -11.87 8.85
N ASP D 134 23.20 -12.23 9.13
CA ASP D 134 24.02 -13.07 8.24
C ASP D 134 23.97 -14.52 8.68
N GLU D 135 24.16 -14.63 9.98
CA GLU D 135 24.14 -15.85 10.70
C GLU D 135 22.82 -15.82 11.43
N ILE D 136 22.20 -16.97 11.59
CA ILE D 136 21.10 -17.05 12.53
C ILE D 136 21.38 -17.96 13.72
N ASP D 137 21.98 -19.12 13.46
CA ASP D 137 22.20 -20.12 14.51
C ASP D 137 23.28 -19.69 15.49
N VAL D 138 24.32 -19.04 14.97
CA VAL D 138 25.43 -18.59 15.81
C VAL D 138 25.07 -17.29 16.54
N LEU D 139 24.09 -16.58 16.01
CA LEU D 139 23.56 -15.39 16.67
C LEU D 139 22.74 -15.81 17.88
N LEU D 140 22.05 -16.93 17.74
CA LEU D 140 21.31 -17.50 18.84
C LEU D 140 22.24 -18.14 19.86
N ASP D 141 23.41 -18.62 19.41
CA ASP D 141 24.41 -19.16 20.32
C ASP D 141 24.97 -18.05 21.17
N GLU D 142 25.31 -16.92 20.55
CA GLU D 142 25.84 -15.78 21.28
C GLU D 142 24.90 -15.28 22.33
N ALA D 143 23.61 -15.21 21.99
CA ALA D 143 22.58 -14.80 22.93
C ALA D 143 22.52 -15.77 24.12
N ASP D 144 22.46 -17.06 23.84
CA ASP D 144 22.51 -18.10 24.87
C ASP D 144 23.67 -17.82 25.81
N ARG D 145 24.86 -17.68 25.22
CA ARG D 145 26.14 -17.60 25.95
C ARG D 145 26.34 -16.28 26.67
N LYS D 146 25.89 -15.19 26.07
CA LYS D 146 26.01 -13.84 26.64
C LYS D 146 25.11 -13.64 27.86
N ILE D 147 24.05 -14.43 27.98
CA ILE D 147 23.10 -14.25 29.06
C ILE D 147 23.49 -15.09 30.27
N MET D 148 24.26 -16.16 30.02
CA MET D 148 24.81 -16.97 31.09
C MET D 148 25.91 -16.16 31.77
N GLU D 149 26.72 -15.48 30.96
CA GLU D 149 27.87 -14.73 31.45
C GLU D 149 27.50 -13.60 32.41
N VAL D 150 26.24 -13.59 32.82
CA VAL D 150 25.70 -12.46 33.52
C VAL D 150 25.02 -12.99 34.78
N SER D 151 25.72 -13.89 35.48
CA SER D 151 25.20 -14.53 36.71
C SER D 151 26.31 -14.83 37.75
N GLN D 152 27.13 -13.83 38.10
CA GLN D 152 28.53 -14.12 38.44
C GLN D 152 29.05 -14.12 39.86
N ARG D 153 28.70 -13.10 40.65
CA ARG D 153 28.82 -13.16 42.15
C ARG D 153 30.12 -13.69 42.81
N LYS D 154 29.92 -14.58 43.79
CA LYS D 154 30.87 -15.62 44.23
C LYS D 154 30.85 -16.20 45.67
N HIS D 155 30.97 -15.44 46.76
CA HIS D 155 30.52 -14.07 47.02
C HIS D 155 29.54 -14.33 48.14
N SER D 156 29.10 -15.59 48.17
CA SER D 156 27.80 -16.04 48.72
C SER D 156 27.59 -15.73 50.18
N GLY D 157 26.33 -15.42 50.55
CA GLY D 157 25.96 -15.11 51.93
C GLY D 157 27.09 -15.55 52.81
N ALA D 158 27.33 -16.84 52.81
CA ALA D 158 26.23 -17.74 52.83
C ALA D 158 26.36 -17.82 54.33
N PHE D 159 27.48 -18.39 54.76
CA PHE D 159 27.64 -18.78 56.12
C PHE D 159 26.24 -18.81 56.67
N LYS D 160 25.61 -19.97 56.46
CA LYS D 160 24.31 -20.27 56.99
C LYS D 160 24.57 -20.66 58.42
N ASN D 161 23.86 -20.02 59.32
CA ASN D 161 24.02 -20.27 60.74
C ASN D 161 23.38 -21.58 61.08
N ILE D 162 23.95 -22.31 62.02
CA ILE D 162 23.49 -23.67 62.28
C ILE D 162 22.11 -23.73 62.94
N LYS D 163 21.82 -22.76 63.80
CA LYS D 163 20.52 -22.66 64.45
C LYS D 163 19.42 -22.79 63.40
N ASP D 164 19.60 -22.09 62.27
CA ASP D 164 18.62 -22.05 61.19
C ASP D 164 18.51 -23.36 60.42
N ILE D 165 19.64 -24.01 60.16
CA ILE D 165 19.63 -25.27 59.40
C ILE D 165 18.93 -26.35 60.22
N LEU D 166 19.27 -26.41 61.50
CA LEU D 166 18.69 -27.40 62.39
C LEU D 166 17.17 -27.43 62.31
N VAL D 167 16.57 -26.25 62.22
CA VAL D 167 15.12 -26.10 62.13
C VAL D 167 14.63 -26.69 60.83
N GLN D 168 15.20 -26.26 59.71
CA GLN D 168 14.84 -26.84 58.42
C GLN D 168 14.77 -28.34 58.54
N THR D 169 15.71 -28.87 59.33
CA THR D 169 16.07 -30.28 59.34
C THR D 169 15.13 -31.06 60.22
N TYR D 170 14.89 -30.57 61.44
CA TYR D 170 13.76 -31.11 62.20
C TYR D 170 12.51 -31.16 61.32
N ASP D 171 12.15 -30.02 60.71
CA ASP D 171 10.95 -29.89 59.89
C ASP D 171 10.92 -30.85 58.71
N ASN D 172 12.09 -31.10 58.12
CA ASN D 172 12.18 -32.07 57.04
C ASN D 172 11.97 -33.49 57.57
N ILE D 173 12.61 -33.84 58.69
CA ILE D 173 12.42 -35.17 59.30
C ILE D 173 10.94 -35.40 59.67
N GLU D 174 10.34 -34.35 60.22
CA GLU D 174 8.94 -34.32 60.55
C GLU D 174 8.09 -34.76 59.35
N MET D 175 8.26 -34.07 58.21
CA MET D 175 7.43 -34.26 57.00
C MET D 175 8.02 -35.36 56.11
N LEU D 176 8.97 -36.10 56.66
CA LEU D 176 9.35 -37.39 56.14
C LEU D 176 8.67 -38.44 56.98
N HIS D 177 8.58 -38.20 58.30
CA HIS D 177 7.98 -39.14 59.26
C HIS D 177 6.47 -39.29 59.07
N ASN D 178 5.97 -38.90 57.90
CA ASN D 178 4.55 -39.00 57.53
C ASN D 178 4.31 -40.01 56.42
N GLY D 181 5.59 -44.17 53.27
CA GLY D 181 6.65 -44.47 52.32
C GLY D 181 8.00 -44.53 53.01
N GLU D 182 8.76 -45.58 52.71
CA GLU D 182 10.11 -45.80 53.29
C GLU D 182 11.25 -45.70 52.26
N ILE D 183 10.84 -45.62 50.99
CA ILE D 183 11.68 -45.17 49.90
C ILE D 183 11.51 -43.65 49.82
N THR D 184 12.62 -42.91 49.69
CA THR D 184 12.55 -41.45 49.80
C THR D 184 12.57 -40.48 48.60
N GLY D 185 13.23 -40.70 47.45
CA GLY D 185 13.57 -41.92 46.82
C GLY D 185 12.70 -42.08 45.58
N ILE D 186 13.33 -42.12 44.40
CA ILE D 186 12.64 -42.61 43.19
C ILE D 186 12.85 -44.12 43.18
N PRO D 187 11.76 -44.91 43.25
CA PRO D 187 11.91 -46.35 43.41
C PRO D 187 12.23 -47.07 42.12
N THR D 188 13.31 -47.84 42.15
CA THR D 188 13.74 -48.61 40.98
C THR D 188 12.86 -49.82 40.64
N GLY D 189 12.11 -50.30 41.64
CA GLY D 189 11.29 -51.49 41.47
C GLY D 189 12.05 -52.78 41.72
N PHE D 190 13.33 -52.66 42.06
CA PHE D 190 14.09 -53.80 42.60
C PHE D 190 14.17 -53.69 44.12
N THR D 191 13.29 -54.45 44.77
CA THR D 191 13.04 -54.33 46.20
C THR D 191 14.33 -54.20 47.01
N GLU D 192 15.25 -55.15 46.80
CA GLU D 192 16.42 -55.29 47.67
C GLU D 192 17.37 -54.12 47.49
N LEU D 193 17.51 -53.65 46.27
CA LEU D 193 18.29 -52.47 45.99
C LEU D 193 17.60 -51.25 46.59
N ASP D 194 16.30 -51.10 46.37
CA ASP D 194 15.56 -49.98 46.94
C ASP D 194 15.65 -49.93 48.46
N ARG D 195 15.66 -51.08 49.13
CA ARG D 195 15.78 -51.11 50.59
C ARG D 195 17.11 -50.50 51.00
N MET D 196 18.16 -50.80 50.22
CA MET D 196 19.53 -50.41 50.56
C MET D 196 19.82 -48.95 50.23
N THR D 197 18.99 -48.37 49.39
CA THR D 197 19.32 -47.15 48.73
C THR D 197 18.22 -46.13 49.00
N SER D 198 16.97 -46.60 48.92
CA SER D 198 15.70 -45.85 48.98
C SER D 198 15.55 -44.82 47.88
N GLY D 199 15.54 -45.27 46.61
CA GLY D 199 15.88 -44.41 45.44
C GLY D 199 17.38 -44.16 45.63
N PHE D 200 18.13 -43.59 44.69
CA PHE D 200 17.73 -42.79 43.57
C PHE D 200 17.05 -41.52 44.04
N GLN D 201 17.95 -40.67 44.53
CA GLN D 201 17.67 -39.47 45.30
C GLN D 201 17.98 -38.28 44.43
N ARG D 202 17.27 -37.19 44.68
CA ARG D 202 17.44 -36.01 43.87
C ARG D 202 18.83 -35.45 44.12
N SER D 203 19.54 -35.12 43.03
CA SER D 203 20.87 -34.51 43.06
C SER D 203 22.03 -35.49 43.17
N ASP D 204 21.71 -36.78 43.20
CA ASP D 204 22.76 -37.79 43.26
C ASP D 204 23.35 -38.14 41.90
N LEU D 205 24.63 -38.44 41.85
CA LEU D 205 25.23 -39.01 40.66
C LEU D 205 25.45 -40.49 40.95
N ILE D 206 24.81 -41.36 40.17
CA ILE D 206 24.90 -42.81 40.40
C ILE D 206 25.68 -43.45 39.25
N ILE D 207 26.80 -44.07 39.58
CA ILE D 207 27.60 -44.73 38.55
C ILE D 207 27.30 -46.24 38.51
N VAL D 208 26.96 -46.73 37.34
CA VAL D 208 26.77 -48.17 37.20
C VAL D 208 27.81 -48.62 36.20
N ALA D 209 28.79 -49.37 36.70
CA ALA D 209 29.91 -49.81 35.86
C ALA D 209 30.05 -51.33 35.88
N ALA D 210 30.52 -51.90 34.78
CA ALA D 210 30.74 -53.36 34.66
C ALA D 210 31.45 -53.67 33.34
N ARG D 211 32.05 -54.86 33.25
CA ARG D 211 32.73 -55.29 32.03
C ARG D 211 31.79 -55.34 30.80
N PRO D 212 32.37 -55.41 29.57
CA PRO D 212 31.53 -55.29 28.38
C PRO D 212 30.62 -56.48 28.23
N SER D 213 29.41 -56.18 27.77
CA SER D 213 28.36 -57.19 27.52
C SER D 213 27.98 -57.92 28.84
N VAL D 214 28.15 -57.26 29.98
CA VAL D 214 27.77 -57.87 31.25
C VAL D 214 26.30 -57.58 31.61
N GLY D 215 25.83 -56.37 31.27
CA GLY D 215 24.42 -56.00 31.44
C GLY D 215 24.17 -54.55 31.82
N LYS D 216 25.18 -53.68 31.68
CA LYS D 216 25.06 -52.27 32.01
C LYS D 216 23.75 -51.68 31.48
N THR D 217 23.62 -51.61 30.14
CA THR D 217 22.50 -50.93 29.47
C THR D 217 21.21 -51.57 29.91
N ALA D 218 21.16 -52.89 29.76
CA ALA D 218 20.01 -53.69 30.17
C ALA D 218 19.49 -53.27 31.55
N PHE D 219 20.40 -53.14 32.50
CA PHE D 219 20.07 -52.74 33.86
C PHE D 219 19.50 -51.31 33.95
N ALA D 220 20.23 -50.36 33.37
CA ALA D 220 19.74 -48.99 33.32
C ALA D 220 18.33 -48.89 32.63
N LEU D 221 18.16 -49.56 31.48
CA LEU D 221 16.91 -49.52 30.76
C LEU D 221 15.81 -50.08 31.65
N ASN D 222 16.11 -51.20 32.30
CA ASN D 222 15.14 -51.80 33.22
C ASN D 222 14.69 -50.81 34.30
N ILE D 223 15.65 -50.10 34.87
CA ILE D 223 15.32 -49.08 35.84
C ILE D 223 14.43 -47.97 35.22
N ALA D 224 14.83 -47.47 34.05
CA ALA D 224 14.06 -46.40 33.41
C ALA D 224 12.60 -46.80 33.19
N GLN D 225 12.35 -48.03 32.73
CA GLN D 225 10.98 -48.52 32.53
C GLN D 225 10.21 -48.47 33.82
N ASN D 226 10.76 -49.10 34.86
CA ASN D 226 10.03 -49.26 36.11
C ASN D 226 9.75 -47.92 36.71
N VAL D 227 10.63 -46.96 36.45
CA VAL D 227 10.36 -45.60 36.89
C VAL D 227 9.25 -44.95 36.02
N ALA D 228 9.44 -44.95 34.71
CA ALA D 228 8.51 -44.30 33.81
C ALA D 228 7.10 -44.92 33.78
N THR D 229 7.00 -46.23 34.03
CA THR D 229 5.69 -46.90 34.00
C THR D 229 5.04 -47.04 35.38
N LYS D 230 5.82 -47.39 36.39
CA LYS D 230 5.26 -47.56 37.73
C LYS D 230 5.01 -46.22 38.43
N THR D 231 5.95 -45.28 38.31
CA THR D 231 5.73 -43.93 38.83
C THR D 231 5.17 -43.04 37.74
N ASN D 232 5.04 -41.75 38.03
CA ASN D 232 4.47 -40.84 37.06
C ASN D 232 5.49 -39.83 36.52
N GLU D 233 6.75 -40.08 36.87
CA GLU D 233 7.84 -39.17 36.55
C GLU D 233 8.36 -39.40 35.15
N ASN D 234 8.88 -38.34 34.53
CA ASN D 234 9.51 -38.46 33.21
C ASN D 234 10.97 -38.79 33.34
N VAL D 235 11.49 -39.60 32.42
CA VAL D 235 12.91 -39.90 32.39
C VAL D 235 13.55 -39.68 31.01
N ALA D 236 14.67 -38.99 30.99
CA ALA D 236 15.42 -38.74 29.77
C ALA D 236 16.53 -39.76 29.65
N ILE D 237 16.67 -40.37 28.48
CA ILE D 237 17.74 -41.33 28.26
C ILE D 237 18.62 -40.87 27.12
N PHE D 238 19.91 -40.73 27.37
CA PHE D 238 20.82 -40.37 26.33
C PHE D 238 21.56 -41.62 25.95
N SER D 239 21.28 -42.17 24.76
CA SER D 239 22.02 -43.32 24.25
C SER D 239 23.06 -42.95 23.19
N LEU D 240 24.35 -43.09 23.51
CA LEU D 240 25.39 -42.66 22.57
C LEU D 240 25.92 -43.83 21.73
N GLU D 241 25.49 -45.04 22.06
CA GLU D 241 26.00 -46.24 21.41
C GLU D 241 24.91 -46.91 20.60
N MET D 242 23.74 -47.12 21.21
CA MET D 242 22.62 -47.76 20.52
C MET D 242 21.61 -46.74 20.04
N SER D 243 20.90 -47.10 18.98
CA SER D 243 19.83 -46.29 18.40
C SER D 243 18.61 -46.30 19.32
N ALA D 244 17.68 -45.37 19.10
CA ALA D 244 16.45 -45.33 19.88
C ALA D 244 15.64 -46.59 19.68
N GLN D 245 15.52 -46.97 18.41
CA GLN D 245 14.82 -48.19 17.99
C GLN D 245 15.26 -49.40 18.86
N GLN D 246 16.56 -49.70 18.87
CA GLN D 246 17.10 -50.85 19.60
C GLN D 246 16.74 -50.78 21.08
N LEU D 247 16.74 -49.55 21.61
CA LEU D 247 16.37 -49.34 23.00
C LEU D 247 14.94 -49.75 23.25
N VAL D 248 14.05 -49.20 22.43
CA VAL D 248 12.64 -49.51 22.57
C VAL D 248 12.36 -51.01 22.43
N MET D 249 13.03 -51.64 21.48
CA MET D 249 12.92 -53.07 21.32
C MET D 249 13.37 -53.87 22.52
N ARG D 250 14.36 -53.36 23.26
CA ARG D 250 14.76 -54.01 24.48
C ARG D 250 13.68 -53.87 25.55
N MET D 251 13.04 -52.69 25.59
CA MET D 251 12.02 -52.43 26.61
C MET D 251 10.75 -53.23 26.38
N LEU D 252 10.36 -53.32 25.11
CA LEU D 252 9.20 -54.11 24.72
C LEU D 252 9.38 -55.54 25.18
N CYS D 253 10.50 -56.15 24.82
CA CYS D 253 10.81 -57.51 25.23
C CYS D 253 10.72 -57.68 26.74
N ALA D 254 11.23 -56.69 27.47
CA ALA D 254 11.26 -56.74 28.92
C ALA D 254 9.88 -56.51 29.51
N GLU D 255 9.11 -55.64 28.88
CA GLU D 255 7.78 -55.35 29.38
C GLU D 255 6.84 -56.54 29.24
N GLY D 256 6.92 -57.25 28.11
CA GLY D 256 5.97 -58.32 27.82
C GLY D 256 6.49 -59.74 27.88
N ASN D 257 7.74 -59.92 28.30
CA ASN D 257 8.43 -61.22 28.27
C ASN D 257 8.35 -61.91 26.91
N ILE D 258 8.76 -61.17 25.87
CA ILE D 258 8.84 -61.69 24.52
C ILE D 258 10.28 -61.96 24.19
N ASN D 259 10.57 -63.18 23.72
CA ASN D 259 11.94 -63.58 23.40
C ASN D 259 12.53 -62.68 22.33
N ALA D 260 13.67 -62.07 22.66
CA ALA D 260 14.31 -61.05 21.83
C ALA D 260 14.60 -61.55 20.42
N GLN D 261 15.08 -62.79 20.30
CA GLN D 261 15.41 -63.36 18.99
C GLN D 261 14.18 -63.45 18.13
N ASN D 262 13.09 -63.99 18.69
CA ASN D 262 11.81 -64.03 17.99
C ASN D 262 11.43 -62.63 17.52
N LEU D 263 11.52 -61.67 18.44
CA LEU D 263 11.08 -60.30 18.19
C LEU D 263 11.76 -59.62 16.99
N ARG D 264 13.08 -59.70 16.84
CA ARG D 264 13.73 -58.97 15.74
C ARG D 264 13.64 -59.74 14.41
N THR D 265 13.39 -61.04 14.52
CA THR D 265 13.13 -61.82 13.32
C THR D 265 11.73 -61.52 12.77
N GLY D 266 10.79 -61.22 13.69
CA GLY D 266 9.37 -61.16 13.34
C GLY D 266 8.73 -62.55 13.43
N LYS D 267 9.53 -63.52 13.88
CA LYS D 267 9.09 -64.89 14.07
C LYS D 267 8.35 -65.03 15.40
N LEU D 268 7.15 -64.42 15.48
CA LEU D 268 6.39 -64.35 16.74
C LEU D 268 5.27 -65.36 16.83
N THR D 269 5.19 -66.06 17.97
CA THR D 269 4.10 -66.98 18.27
C THR D 269 2.78 -66.18 18.39
N PRO D 270 1.62 -66.88 18.27
CA PRO D 270 0.32 -66.21 18.39
C PRO D 270 0.13 -65.48 19.72
N GLU D 271 0.63 -66.05 20.81
CA GLU D 271 0.55 -65.39 22.12
C GLU D 271 1.60 -64.27 22.28
N ASP D 272 2.70 -64.37 21.53
CA ASP D 272 3.73 -63.33 21.47
C ASP D 272 3.08 -62.04 20.99
N TRP D 273 2.27 -62.11 19.94
CA TRP D 273 1.58 -60.92 19.42
C TRP D 273 0.65 -60.29 20.47
N GLY D 274 0.13 -61.13 21.35
CA GLY D 274 -0.66 -60.65 22.47
C GLY D 274 0.25 -59.86 23.38
N LYS D 275 1.30 -60.52 23.85
CA LYS D 275 2.31 -59.89 24.72
C LYS D 275 2.83 -58.55 24.19
N LEU D 276 3.07 -58.47 22.87
CA LEU D 276 3.57 -57.25 22.23
C LEU D 276 2.52 -56.14 22.22
N THR D 277 1.29 -56.49 21.91
CA THR D 277 0.18 -55.53 21.89
C THR D 277 0.04 -54.83 23.24
N MET D 278 0.11 -55.59 24.32
CA MET D 278 -0.01 -55.02 25.65
C MET D 278 1.21 -54.15 25.95
N ALA D 279 2.40 -54.72 25.71
CA ALA D 279 3.69 -54.06 25.96
C ALA D 279 3.71 -52.68 25.34
N MET D 280 3.22 -52.58 24.11
CA MET D 280 3.17 -51.29 23.40
C MET D 280 2.19 -50.37 24.05
N GLY D 281 1.05 -50.91 24.47
CA GLY D 281 0.06 -50.17 25.21
C GLY D 281 0.64 -49.41 26.39
N SER D 282 1.23 -50.13 27.35
CA SER D 282 1.72 -49.53 28.59
C SER D 282 2.92 -48.59 28.38
N LEU D 283 3.79 -48.92 27.44
CA LEU D 283 4.95 -48.08 27.12
C LEU D 283 4.60 -46.79 26.43
N SER D 284 3.36 -46.65 25.96
CA SER D 284 2.93 -45.43 25.30
C SER D 284 2.73 -44.30 26.30
N ASN D 285 1.97 -44.58 27.36
CA ASN D 285 1.72 -43.60 28.41
C ASN D 285 2.91 -43.52 29.37
N ALA D 286 4.03 -44.07 28.93
CA ALA D 286 5.21 -44.20 29.78
C ALA D 286 5.98 -42.92 29.93
N GLY D 287 6.03 -42.11 28.88
CA GLY D 287 6.77 -40.86 28.95
C GLY D 287 8.25 -41.02 29.26
N ILE D 288 8.97 -41.62 28.31
CA ILE D 288 10.41 -41.71 28.38
C ILE D 288 11.02 -41.05 27.14
N TYR D 289 11.86 -40.05 27.38
CA TYR D 289 12.40 -39.27 26.28
C TYR D 289 13.82 -39.72 25.95
N ILE D 290 14.03 -40.09 24.69
CA ILE D 290 15.26 -40.73 24.27
C ILE D 290 16.04 -39.84 23.32
N ASP D 291 17.30 -39.57 23.62
CA ASP D 291 18.13 -38.86 22.66
C ASP D 291 19.33 -39.68 22.23
N ASP D 292 19.33 -40.13 20.98
CA ASP D 292 20.39 -41.00 20.51
C ASP D 292 21.46 -40.33 19.65
N THR D 293 21.70 -39.03 19.84
CA THR D 293 22.78 -38.38 19.11
C THR D 293 24.09 -38.94 19.59
N PRO D 294 24.93 -39.48 18.68
CA PRO D 294 26.10 -40.24 19.09
C PRO D 294 27.24 -39.38 19.67
N SER D 295 27.27 -38.09 19.35
CA SER D 295 28.24 -37.24 20.07
C SER D 295 27.62 -35.98 20.67
N ILE D 296 27.54 -35.95 22.00
CA ILE D 296 27.12 -34.75 22.72
C ILE D 296 28.17 -34.36 23.71
N ARG D 297 28.16 -33.07 24.07
CA ARG D 297 28.90 -32.54 25.18
C ARG D 297 27.93 -32.51 26.35
N VAL D 298 28.45 -32.41 27.59
CA VAL D 298 27.55 -32.35 28.74
C VAL D 298 26.65 -31.12 28.66
N SER D 299 27.24 -29.97 28.28
CA SER D 299 26.47 -28.73 28.04
C SER D 299 25.19 -28.99 27.23
N ASP D 300 25.34 -29.77 26.17
CA ASP D 300 24.22 -30.13 25.33
C ASP D 300 23.19 -30.93 26.13
N ILE D 301 23.65 -31.96 26.85
CA ILE D 301 22.76 -32.76 27.69
C ILE D 301 21.98 -31.85 28.62
N ARG D 302 22.71 -31.03 29.38
CA ARG D 302 22.13 -30.05 30.27
C ARG D 302 21.02 -29.26 29.60
N ALA D 303 21.37 -28.65 28.47
CA ALA D 303 20.44 -27.82 27.71
C ALA D 303 19.13 -28.56 27.43
N LYS D 304 19.25 -29.77 26.93
CA LYS D 304 18.05 -30.51 26.54
C LYS D 304 17.19 -30.84 27.74
N CYS D 305 17.83 -31.20 28.86
CA CYS D 305 17.12 -31.58 30.08
C CYS D 305 16.47 -30.38 30.72
N ARG D 306 17.23 -29.28 30.80
CA ARG D 306 16.69 -28.04 31.32
C ARG D 306 15.35 -27.74 30.64
N ARG D 307 15.31 -27.90 29.32
CA ARG D 307 14.10 -27.62 28.56
C ARG D 307 12.98 -28.63 28.76
N LEU D 308 13.32 -29.92 28.85
CA LEU D 308 12.30 -30.93 29.10
C LEU D 308 11.68 -30.76 30.48
N LYS D 309 12.51 -30.41 31.47
CA LYS D 309 12.03 -30.16 32.83
C LYS D 309 11.13 -28.91 32.84
N GLN D 310 11.53 -27.89 32.08
CA GLN D 310 10.78 -26.67 31.92
C GLN D 310 9.30 -26.93 31.68
N GLU D 311 9.01 -27.74 30.65
CA GLU D 311 7.65 -27.89 30.14
C GLU D 311 6.92 -29.17 30.52
N SER D 312 7.64 -30.14 31.08
CA SER D 312 7.01 -31.40 31.46
C SER D 312 7.46 -31.91 32.83
N GLY D 313 8.56 -31.38 33.35
CA GLY D 313 9.13 -31.89 34.58
C GLY D 313 9.96 -33.15 34.33
N LEU D 314 11.10 -33.24 35.02
CA LEU D 314 12.03 -34.35 34.87
C LEU D 314 12.17 -35.09 36.17
N GLY D 315 12.48 -36.37 36.10
CA GLY D 315 12.67 -37.17 37.30
C GLY D 315 14.03 -37.82 37.37
N MET D 316 14.42 -38.45 36.26
CA MET D 316 15.73 -39.11 36.12
C MET D 316 16.40 -38.78 34.80
N ILE D 317 17.72 -38.85 34.80
CA ILE D 317 18.51 -38.77 33.58
C ILE D 317 19.39 -40.01 33.57
N VAL D 318 19.33 -40.77 32.48
CA VAL D 318 20.22 -41.90 32.27
C VAL D 318 21.17 -41.60 31.11
N ILE D 319 22.45 -41.91 31.28
CA ILE D 319 23.43 -41.67 30.21
C ILE D 319 24.20 -42.94 29.79
N ASP D 320 24.05 -43.32 28.49
CA ASP D 320 24.52 -44.63 27.94
C ASP D 320 26.00 -44.92 27.97
N TYR D 321 26.86 -43.91 27.93
CA TYR D 321 28.02 -44.06 28.80
C TYR D 321 29.05 -42.95 28.89
N LEU D 322 29.46 -42.71 30.14
CA LEU D 322 30.16 -41.51 30.53
C LEU D 322 31.38 -41.20 29.64
N GLN D 323 32.22 -42.21 29.39
CA GLN D 323 33.43 -41.95 28.62
C GLN D 323 33.16 -41.78 27.11
N LEU D 324 31.92 -42.03 26.70
CA LEU D 324 31.48 -41.69 25.33
C LEU D 324 31.08 -40.24 25.15
N ILE D 325 30.68 -39.59 26.24
CA ILE D 325 30.40 -38.16 26.22
C ILE D 325 31.66 -37.46 25.72
N GLN D 326 31.51 -36.28 25.13
CA GLN D 326 32.73 -35.59 24.68
C GLN D 326 33.05 -34.24 25.35
N GLY D 327 34.34 -33.93 25.36
CA GLY D 327 34.84 -32.82 26.13
C GLY D 327 34.40 -31.46 25.67
N SER D 328 34.32 -30.54 26.63
CA SER D 328 34.30 -29.11 26.36
C SER D 328 35.71 -28.73 25.92
N GLY D 329 35.82 -27.73 25.04
CA GLY D 329 37.10 -27.22 24.60
C GLY D 329 38.05 -26.88 25.75
N ARG D 330 39.20 -27.56 25.76
CA ARG D 330 40.32 -27.27 26.67
C ARG D 330 41.56 -27.76 25.93
N SER D 331 41.43 -27.84 24.60
CA SER D 331 42.17 -28.76 23.71
C SER D 331 42.05 -30.23 24.20
N LYS D 332 42.06 -31.21 23.29
CA LYS D 332 41.87 -32.62 23.72
C LYS D 332 42.95 -33.08 24.72
N GLU D 333 42.83 -32.51 25.91
CA GLU D 333 43.77 -32.49 27.03
C GLU D 333 44.16 -33.89 27.54
N ASN D 334 45.17 -33.96 28.43
CA ASN D 334 45.43 -35.18 29.19
C ASN D 334 44.07 -35.82 29.38
N ARG D 335 43.82 -36.89 28.62
CA ARG D 335 42.51 -37.54 28.58
C ARG D 335 41.87 -37.84 29.95
N GLN D 336 42.66 -38.33 30.91
CA GLN D 336 42.23 -38.38 32.32
C GLN D 336 41.57 -37.09 32.89
N GLN D 337 42.15 -35.92 32.59
CA GLN D 337 41.53 -34.61 32.91
C GLN D 337 40.26 -34.33 32.14
N GLU D 338 40.24 -34.68 30.86
CA GLU D 338 39.05 -34.50 30.05
C GLU D 338 37.84 -35.19 30.67
N VAL D 339 37.97 -36.46 31.04
CA VAL D 339 36.85 -37.14 31.71
C VAL D 339 36.72 -36.71 33.19
N SER D 340 37.83 -36.38 33.83
CA SER D 340 37.73 -35.76 35.16
C SER D 340 36.73 -34.64 35.15
N GLU D 341 36.70 -33.94 34.02
CA GLU D 341 35.88 -32.74 33.84
C GLU D 341 34.43 -33.12 33.59
N ILE D 342 34.22 -34.03 32.64
CA ILE D 342 32.90 -34.57 32.35
C ILE D 342 32.24 -35.05 33.63
N SER D 343 33.00 -35.78 34.44
CA SER D 343 32.54 -36.28 35.71
C SER D 343 31.98 -35.14 36.54
N ARG D 344 32.76 -34.08 36.74
CA ARG D 344 32.25 -32.99 37.57
C ARG D 344 30.99 -32.37 36.99
N SER D 345 31.00 -32.16 35.68
CA SER D 345 29.88 -31.53 34.96
C SER D 345 28.62 -32.28 35.23
N LEU D 346 28.72 -33.59 35.16
CA LEU D 346 27.56 -34.45 35.40
C LEU D 346 27.03 -34.25 36.80
N LYS D 347 27.88 -34.46 37.82
CA LYS D 347 27.44 -34.25 39.20
C LYS D 347 26.77 -32.87 39.33
N ALA D 348 27.37 -31.88 38.69
CA ALA D 348 26.89 -30.53 38.77
C ALA D 348 25.54 -30.40 38.13
N LEU D 349 25.31 -31.18 37.09
CA LEU D 349 24.05 -31.12 36.39
C LEU D 349 22.98 -31.76 37.26
N ALA D 350 23.33 -32.86 37.93
CA ALA D 350 22.40 -33.58 38.78
C ALA D 350 22.00 -32.64 39.91
N ARG D 351 22.97 -31.86 40.38
CA ARG D 351 22.78 -30.97 41.49
C ARG D 351 21.83 -29.83 41.09
N GLU D 352 22.04 -29.29 39.89
CA GLU D 352 21.29 -28.12 39.38
C GLU D 352 19.84 -28.43 39.07
N LEU D 353 19.60 -29.56 38.44
CA LEU D 353 18.24 -30.01 38.08
C LEU D 353 17.53 -30.77 39.21
N GLU D 354 18.22 -30.97 40.33
CA GLU D 354 17.64 -31.66 41.49
C GLU D 354 16.96 -32.93 41.04
N VAL D 355 17.77 -33.86 40.53
CA VAL D 355 17.31 -35.09 39.85
C VAL D 355 18.44 -36.12 39.83
N PRO D 356 18.15 -37.39 40.16
CA PRO D 356 19.24 -38.39 40.10
C PRO D 356 19.77 -38.53 38.66
N VAL D 357 21.08 -38.61 38.50
CA VAL D 357 21.67 -38.87 37.20
C VAL D 357 22.42 -40.19 37.28
N ILE D 358 21.95 -41.18 36.52
CA ILE D 358 22.63 -42.47 36.37
C ILE D 358 23.55 -42.48 35.15
N ALA D 359 24.85 -42.45 35.41
CA ALA D 359 25.89 -42.54 34.37
C ALA D 359 26.46 -43.95 34.31
N LEU D 360 26.31 -44.59 33.16
CA LEU D 360 26.95 -45.88 32.96
C LEU D 360 28.43 -45.68 32.70
N SER D 361 29.27 -46.59 33.22
CA SER D 361 30.72 -46.51 33.04
C SER D 361 31.37 -47.81 32.64
N GLN D 362 32.45 -47.69 31.88
CA GLN D 362 33.26 -48.84 31.53
C GLN D 362 34.28 -49.11 32.65
N LEU D 363 34.93 -50.27 32.61
CA LEU D 363 36.04 -50.60 33.52
C LEU D 363 37.27 -50.97 32.74
N SER D 364 38.42 -50.59 33.24
CA SER D 364 39.71 -50.98 32.65
C SER D 364 39.94 -52.48 32.71
N ARG D 365 40.84 -52.95 31.84
CA ARG D 365 41.46 -54.28 31.91
C ARG D 365 40.54 -55.46 32.27
N ARG D 374 35.37 -59.84 40.79
CA ARG D 374 34.52 -58.76 41.35
C ARG D 374 35.25 -57.44 41.34
N PRO D 375 34.68 -56.42 40.68
CA PRO D 375 35.36 -55.15 40.50
C PRO D 375 35.50 -54.44 41.82
N MET D 376 36.56 -53.64 41.96
CA MET D 376 36.63 -52.61 43.00
C MET D 376 36.70 -51.19 42.38
N MET D 377 36.42 -50.14 43.18
CA MET D 377 36.32 -48.75 42.68
C MET D 377 37.47 -48.27 41.78
N SER D 378 38.71 -48.57 42.17
CA SER D 378 39.87 -48.34 41.33
C SER D 378 39.63 -48.72 39.84
N ASP D 379 38.90 -49.82 39.59
CA ASP D 379 38.73 -50.38 38.24
C ASP D 379 38.01 -49.51 37.23
N ILE D 380 37.28 -48.49 37.71
CA ILE D 380 36.51 -47.59 36.84
C ILE D 380 37.42 -46.94 35.81
N ARG D 381 37.07 -47.13 34.54
CA ARG D 381 37.97 -46.81 33.42
C ARG D 381 38.24 -45.31 33.24
N GLU D 382 39.51 -44.99 32.99
CA GLU D 382 39.95 -43.69 32.43
C GLU D 382 40.24 -42.53 33.36
N SER D 383 39.49 -42.44 34.45
CA SER D 383 39.81 -41.43 35.49
C SER D 383 39.23 -41.75 36.85
N GLY D 384 40.09 -41.67 37.85
CA GLY D 384 39.69 -41.94 39.23
C GLY D 384 38.73 -40.94 39.84
N SER D 385 38.68 -39.76 39.27
CA SER D 385 37.80 -38.73 39.76
C SER D 385 36.34 -39.21 39.79
N ILE D 386 35.96 -40.04 38.82
CA ILE D 386 34.64 -40.67 38.84
C ILE D 386 34.27 -41.32 40.20
N GLU D 387 35.18 -42.12 40.81
CA GLU D 387 34.96 -42.71 42.16
C GLU D 387 34.59 -41.62 43.16
N GLN D 388 35.33 -40.52 43.11
CA GLN D 388 35.21 -39.49 44.12
C GLN D 388 34.03 -38.56 43.87
N ASP D 389 33.63 -38.42 42.61
CA ASP D 389 32.54 -37.48 42.31
C ASP D 389 31.20 -38.14 42.64
N ALA D 390 31.09 -39.40 42.27
CA ALA D 390 29.88 -40.19 42.50
C ALA D 390 29.31 -40.13 43.94
N ASP D 391 27.97 -40.12 43.99
CA ASP D 391 27.27 -40.25 45.24
C ASP D 391 27.13 -41.70 45.56
N ILE D 392 27.40 -42.54 44.57
CA ILE D 392 27.03 -43.95 44.66
C ILE D 392 27.54 -44.74 43.42
N VAL D 393 28.22 -45.85 43.71
CA VAL D 393 28.87 -46.61 42.68
C VAL D 393 28.39 -48.07 42.76
N ALA D 394 27.86 -48.55 41.65
CA ALA D 394 27.28 -49.86 41.58
C ALA D 394 28.05 -50.60 40.52
N PHE D 395 28.49 -51.82 40.87
CA PHE D 395 29.10 -52.74 39.90
C PHE D 395 28.17 -53.89 39.63
N LEU D 396 28.14 -54.35 38.38
CA LEU D 396 27.47 -55.61 38.04
C LEU D 396 28.51 -56.71 37.88
N TYR D 397 28.28 -57.83 38.56
CA TYR D 397 29.16 -58.99 38.49
C TYR D 397 28.38 -60.32 38.32
N ARG D 398 29.07 -61.35 37.82
CA ARG D 398 28.56 -62.73 37.78
C ARG D 398 29.71 -63.67 37.93
N ASP D 399 29.50 -64.88 38.44
CA ASP D 399 30.41 -66.00 38.09
C ASP D 399 29.82 -67.42 38.13
N ASP D 400 28.61 -67.61 37.61
CA ASP D 400 28.02 -68.97 37.60
C ASP D 400 27.95 -69.69 36.24
N TYR D 401 29.06 -69.63 35.52
CA TYR D 401 29.36 -70.55 34.42
C TYR D 401 30.65 -71.32 34.74
N TYR D 402 31.20 -71.03 35.93
CA TYR D 402 32.39 -71.67 36.49
C TYR D 402 32.07 -73.13 36.86
N ASN D 403 31.02 -73.29 37.65
CA ASN D 403 30.45 -74.60 37.95
C ASN D 403 29.85 -75.23 36.67
N LYS D 404 30.28 -76.44 36.34
CA LYS D 404 29.92 -77.08 35.05
C LYS D 404 28.50 -77.64 34.96
N ASP D 405 27.77 -77.17 33.94
CA ASP D 405 26.31 -77.22 33.85
C ASP D 405 25.74 -76.49 35.07
N SER D 406 25.57 -75.18 34.89
CA SER D 406 25.61 -74.15 35.95
C SER D 406 24.97 -74.35 37.34
N GLU D 407 23.85 -75.07 37.40
CA GLU D 407 23.05 -75.27 38.64
C GLU D 407 22.35 -74.00 39.19
N ASN D 408 23.07 -72.87 39.30
CA ASN D 408 22.44 -71.57 39.62
C ASN D 408 22.40 -70.54 38.45
N LYS D 409 22.92 -70.96 37.29
CA LYS D 409 23.00 -70.20 36.01
C LYS D 409 23.07 -68.64 35.98
N ASN D 410 21.91 -67.98 36.08
CA ASN D 410 21.78 -66.52 35.96
C ASN D 410 22.44 -65.77 37.10
N ILE D 411 21.59 -65.33 38.06
CA ILE D 411 21.92 -64.85 39.44
C ILE D 411 23.23 -64.03 39.61
N ILE D 412 23.12 -62.70 39.52
CA ILE D 412 24.31 -61.85 39.47
C ILE D 412 24.32 -60.67 40.47
N GLU D 413 25.51 -60.40 41.00
CA GLU D 413 25.64 -59.46 42.09
C GLU D 413 25.57 -58.04 41.61
N ILE D 414 24.80 -57.26 42.35
CA ILE D 414 24.84 -55.81 42.25
C ILE D 414 25.67 -55.39 43.46
N ILE D 415 26.97 -55.15 43.24
CA ILE D 415 27.85 -54.64 44.32
C ILE D 415 27.75 -53.14 44.54
N ILE D 416 27.53 -52.74 45.78
CA ILE D 416 27.49 -51.33 46.09
C ILE D 416 28.75 -50.94 46.85
N ALA D 417 29.73 -50.50 46.06
CA ALA D 417 31.05 -50.16 46.54
C ALA D 417 31.05 -48.74 47.15
N LYS D 418 30.10 -47.88 46.74
CA LYS D 418 30.04 -46.54 47.32
C LYS D 418 28.63 -46.01 47.63
N GLN D 419 28.42 -45.50 48.85
CA GLN D 419 27.35 -44.51 49.14
C GLN D 419 27.53 -43.60 50.41
N ARG D 420 27.37 -42.28 50.25
CA ARG D 420 27.32 -41.37 51.40
C ARG D 420 25.86 -40.83 51.74
N ASN D 421 24.93 -41.78 51.72
CA ASN D 421 23.58 -41.67 52.31
C ASN D 421 23.84 -42.61 53.43
N GLY D 422 24.39 -43.74 52.99
CA GLY D 422 24.06 -44.98 53.62
C GLY D 422 25.07 -46.09 53.59
N PRO D 423 24.58 -47.29 53.83
CA PRO D 423 25.42 -48.41 53.96
C PRO D 423 25.88 -48.92 52.61
N VAL D 424 27.06 -49.53 52.62
CA VAL D 424 27.65 -50.23 51.51
C VAL D 424 27.21 -51.74 51.47
N GLY D 425 27.23 -52.40 50.31
CA GLY D 425 26.93 -53.84 50.26
C GLY D 425 26.50 -54.43 48.92
N THR D 426 26.11 -55.71 48.90
CA THR D 426 25.77 -56.39 47.66
C THR D 426 24.35 -56.92 47.65
N VAL D 427 23.50 -56.33 46.82
CA VAL D 427 22.18 -56.87 46.48
C VAL D 427 22.38 -57.90 45.40
N GLN D 428 21.56 -58.97 45.40
CA GLN D 428 21.59 -59.97 44.29
C GLN D 428 20.33 -60.09 43.48
N LEU D 429 20.45 -59.93 42.17
CA LEU D 429 19.32 -60.07 41.24
C LEU D 429 19.63 -61.17 40.23
N ALA D 430 18.64 -61.47 39.37
CA ALA D 430 18.72 -62.66 38.55
C ALA D 430 18.38 -62.32 37.12
N PHE D 431 19.13 -62.90 36.20
CA PHE D 431 19.06 -62.46 34.82
C PHE D 431 18.22 -63.38 33.92
N ILE D 432 17.07 -62.88 33.45
CA ILE D 432 16.33 -63.60 32.43
C ILE D 432 16.92 -63.21 31.07
N LYS D 433 17.55 -64.20 30.43
CA LYS D 433 18.42 -63.99 29.26
C LYS D 433 17.78 -63.32 28.05
N GLU D 434 16.74 -63.94 27.48
CA GLU D 434 16.16 -63.47 26.23
C GLU D 434 14.85 -62.70 26.33
N TYR D 435 14.33 -62.54 27.54
CA TYR D 435 13.28 -61.55 27.76
C TYR D 435 13.97 -60.24 28.19
N ASN D 436 15.31 -60.30 28.33
CA ASN D 436 16.21 -59.13 28.52
C ASN D 436 16.33 -58.51 29.91
N LYS D 437 15.58 -59.02 30.87
CA LYS D 437 15.38 -58.38 32.16
C LYS D 437 16.28 -58.86 33.30
N PHE D 438 16.35 -58.04 34.33
CA PHE D 438 16.79 -58.46 35.63
C PHE D 438 15.51 -58.49 36.49
N VAL D 439 15.42 -59.41 37.47
CA VAL D 439 14.33 -59.36 38.49
C VAL D 439 14.44 -60.13 39.80
N ASN D 440 14.07 -59.43 40.87
CA ASN D 440 14.05 -59.89 42.29
C ASN D 440 13.74 -61.35 42.65
N LEU D 441 14.69 -62.22 42.34
CA LEU D 441 14.79 -63.53 42.98
C LEU D 441 13.54 -64.41 43.00
N GLU D 442 12.47 -63.98 43.68
CA GLU D 442 11.16 -64.66 43.49
C GLU D 442 10.73 -64.61 42.02
N ARG D 443 11.57 -65.14 41.13
CA ARG D 443 11.35 -65.09 39.69
C ARG D 443 11.76 -66.34 38.94
N ARG D 444 10.70 -67.06 38.52
CA ARG D 444 10.72 -68.27 37.68
C ARG D 444 9.60 -68.24 36.62
N PHE D 445 9.63 -69.24 35.72
CA PHE D 445 8.68 -69.38 34.59
C PHE D 445 7.33 -68.75 34.87
N ARG E 8 56.95 19.40 37.31
CA ARG E 8 56.03 20.36 38.00
C ARG E 8 56.18 20.34 39.54
N ILE E 9 55.18 19.75 40.22
CA ILE E 9 55.09 19.67 41.68
C ILE E 9 55.98 18.56 42.22
N PRO E 10 56.85 18.86 43.21
CA PRO E 10 57.66 17.79 43.77
C PRO E 10 56.75 16.88 44.60
N PRO E 11 57.04 15.55 44.59
CA PRO E 11 56.25 14.59 45.36
C PRO E 11 56.29 14.86 46.87
N GLN E 12 55.12 14.77 47.50
CA GLN E 12 54.88 15.26 48.84
C GLN E 12 53.55 14.71 49.33
N SER E 13 53.38 14.67 50.64
CA SER E 13 52.04 14.44 51.21
C SER E 13 51.90 15.28 52.48
N ILE E 14 51.09 16.34 52.45
CA ILE E 14 50.90 17.10 53.69
C ILE E 14 49.79 16.47 54.50
N GLU E 15 48.72 16.05 53.84
CA GLU E 15 47.74 15.16 54.45
C GLU E 15 48.44 14.20 55.42
N ALA E 16 49.59 13.63 54.99
CA ALA E 16 50.37 12.66 55.76
C ALA E 16 51.37 13.31 56.74
N GLU E 17 52.01 14.40 56.32
CA GLU E 17 52.91 15.14 57.20
C GLU E 17 52.17 15.60 58.42
N GLN E 18 51.01 16.17 58.20
CA GLN E 18 50.21 16.69 59.29
C GLN E 18 49.74 15.58 60.21
N ALA E 19 49.38 14.44 59.62
CA ALA E 19 48.92 13.29 60.36
C ALA E 19 49.98 12.82 61.38
N VAL E 20 51.25 12.87 60.97
CA VAL E 20 52.36 12.48 61.83
C VAL E 20 52.46 13.45 63.00
N LEU E 21 52.66 14.74 62.68
CA LEU E 21 52.79 15.78 63.70
C LEU E 21 51.59 15.77 64.64
N GLY E 22 50.41 15.59 64.07
CA GLY E 22 49.18 15.49 64.84
C GLY E 22 49.20 14.37 65.86
N ALA E 23 49.56 13.17 65.41
CA ALA E 23 49.63 12.00 66.27
C ALA E 23 50.56 12.23 67.47
N VAL E 24 51.62 13.02 67.28
CA VAL E 24 52.56 13.32 68.36
C VAL E 24 51.91 14.18 69.44
N PHE E 25 51.15 15.21 69.03
CA PHE E 25 50.41 16.01 70.00
C PHE E 25 49.28 15.23 70.67
N LEU E 26 48.84 14.17 70.01
CA LEU E 26 47.82 13.29 70.60
C LEU E 26 48.34 12.24 71.56
N ASP E 27 49.51 11.65 71.32
CA ASP E 27 49.90 10.46 72.09
C ASP E 27 50.66 10.60 73.44
N PRO E 28 51.94 11.00 73.44
CA PRO E 28 52.93 11.31 72.42
C PRO E 28 54.02 10.25 72.34
N ALA E 29 53.70 9.03 72.75
CA ALA E 29 54.65 7.93 72.64
C ALA E 29 54.86 7.64 71.16
N ALA E 30 54.04 8.30 70.34
CA ALA E 30 54.06 8.15 68.89
C ALA E 30 55.28 8.80 68.27
N LEU E 31 56.01 9.58 69.05
CA LEU E 31 57.21 10.26 68.58
C LEU E 31 58.35 9.26 68.35
N VAL E 32 58.34 8.17 69.13
CA VAL E 32 59.36 7.11 69.02
C VAL E 32 59.39 6.41 67.65
N PRO E 33 58.24 5.84 67.21
CA PRO E 33 58.20 5.30 65.83
C PRO E 33 58.51 6.41 64.80
N ALA E 34 57.86 7.55 64.96
CA ALA E 34 58.02 8.66 64.05
C ALA E 34 59.49 8.97 63.77
N SER E 35 60.30 9.12 64.83
CA SER E 35 61.69 9.52 64.67
C SER E 35 62.61 8.36 64.25
N GLU E 36 62.19 7.13 64.54
CA GLU E 36 62.91 5.95 64.05
C GLU E 36 62.85 5.93 62.53
N ILE E 37 61.75 6.46 62.00
CA ILE E 37 61.46 6.42 60.57
C ILE E 37 61.89 7.71 59.86
N LEU E 38 61.79 8.86 60.55
CA LEU E 38 62.03 10.15 59.91
C LEU E 38 63.07 11.04 60.60
N ILE E 39 63.78 11.85 59.82
CA ILE E 39 64.47 13.02 60.37
C ILE E 39 63.71 14.27 59.93
N PRO E 40 63.90 15.41 60.63
CA PRO E 40 63.15 16.62 60.29
C PRO E 40 63.19 16.98 58.81
N GLU E 41 64.29 16.72 58.13
CA GLU E 41 64.46 17.14 56.73
C GLU E 41 63.54 16.37 55.75
N ASP E 42 63.10 15.18 56.17
CA ASP E 42 62.21 14.35 55.36
C ASP E 42 60.90 15.03 55.06
N PHE E 43 60.44 15.91 55.97
CA PHE E 43 59.23 16.71 55.76
C PHE E 43 59.46 17.72 54.63
N TYR E 44 58.46 17.92 53.78
CA TYR E 44 58.59 18.84 52.66
C TYR E 44 58.38 20.30 53.05
N ARG E 45 57.29 20.57 53.78
CA ARG E 45 56.94 21.93 54.23
C ARG E 45 57.94 22.48 55.21
N ALA E 46 58.50 23.64 54.88
CA ALA E 46 59.51 24.29 55.70
C ALA E 46 59.09 24.30 57.18
N ALA E 47 57.83 24.66 57.41
CA ALA E 47 57.25 24.73 58.76
C ALA E 47 57.31 23.41 59.54
N HIS E 48 56.95 22.30 58.91
CA HIS E 48 56.92 21.01 59.59
C HIS E 48 58.31 20.56 60.01
N GLN E 49 59.26 20.76 59.10
CA GLN E 49 60.67 20.61 59.38
C GLN E 49 60.96 21.18 60.78
N LYS E 50 60.72 22.49 60.92
CA LYS E 50 60.98 23.21 62.17
C LYS E 50 60.24 22.63 63.40
N ILE E 51 58.99 22.23 63.19
CA ILE E 51 58.16 21.73 64.27
C ILE E 51 58.70 20.41 64.72
N PHE E 52 58.92 19.51 63.76
CA PHE E 52 59.39 18.16 64.09
C PHE E 52 60.77 18.20 64.71
N HIS E 53 61.57 19.19 64.33
CA HIS E 53 62.85 19.41 64.97
C HIS E 53 62.67 19.76 66.44
N ALA E 54 61.83 20.77 66.70
CA ALA E 54 61.48 21.20 68.06
C ALA E 54 61.00 20.03 68.90
N MET E 55 60.12 19.22 68.33
CA MET E 55 59.62 18.04 69.02
C MET E 55 60.76 17.15 69.53
N LEU E 56 61.75 16.89 68.68
CA LEU E 56 62.90 16.05 69.03
C LEU E 56 63.82 16.75 70.01
N ARG E 57 63.95 18.06 69.82
CA ARG E 57 64.76 18.93 70.68
C ARG E 57 64.28 18.88 72.14
N VAL E 58 62.96 18.90 72.31
CA VAL E 58 62.30 18.83 73.61
C VAL E 58 62.35 17.43 74.19
N ALA E 59 62.38 16.44 73.31
CA ALA E 59 62.42 15.05 73.73
C ALA E 59 63.78 14.70 74.34
N ASP E 60 64.81 15.43 73.93
CA ASP E 60 66.19 15.19 74.39
C ASP E 60 66.47 15.68 75.79
N ARG E 61 65.46 16.27 76.43
CA ARG E 61 65.65 16.80 77.79
C ARG E 61 65.33 15.84 78.95
N GLY E 62 64.25 15.05 78.93
CA GLY E 62 63.13 15.12 77.99
C GLY E 62 61.90 15.60 78.73
N GLU E 63 61.07 16.39 78.06
CA GLU E 63 60.16 17.29 78.77
C GLU E 63 58.87 16.73 79.41
N PRO E 64 58.05 15.97 78.66
CA PRO E 64 58.18 15.48 77.31
C PRO E 64 57.32 16.31 76.36
N VAL E 65 56.94 15.67 75.25
CA VAL E 65 56.38 16.36 74.09
C VAL E 65 54.86 16.52 74.14
N ASP E 66 54.40 17.73 74.47
CA ASP E 66 52.98 18.04 74.27
C ASP E 66 52.82 19.43 73.67
N LEU E 67 51.58 19.76 73.35
CA LEU E 67 51.26 21.04 72.70
C LEU E 67 51.83 22.27 73.42
N VAL E 68 51.94 22.22 74.75
CA VAL E 68 52.56 23.32 75.48
C VAL E 68 54.08 23.37 75.25
N THR E 69 54.79 22.34 75.75
CA THR E 69 56.27 22.27 75.69
C THR E 69 56.80 22.56 74.29
N VAL E 70 56.09 22.09 73.28
CA VAL E 70 56.52 22.30 71.90
C VAL E 70 56.46 23.79 71.57
N THR E 71 55.36 24.46 71.93
CA THR E 71 55.25 25.87 71.57
C THR E 71 56.23 26.67 72.41
N ALA E 72 56.52 26.16 73.61
CA ALA E 72 57.52 26.79 74.46
C ALA E 72 58.88 26.72 73.78
N GLU E 73 59.16 25.59 73.14
CA GLU E 73 60.43 25.36 72.46
C GLU E 73 60.54 26.15 71.17
N LEU E 74 59.43 26.27 70.47
CA LEU E 74 59.39 27.02 69.23
C LEU E 74 59.52 28.53 69.45
N ALA E 75 58.99 29.03 70.56
CA ALA E 75 59.14 30.42 70.94
C ALA E 75 60.53 30.68 71.49
N ALA E 76 61.15 29.66 72.08
CA ALA E 76 62.53 29.76 72.58
C ALA E 76 63.53 30.06 71.47
N SER E 77 63.20 29.65 70.25
CA SER E 77 63.88 30.14 69.04
C SER E 77 62.94 31.11 68.32
N GLU E 78 63.41 31.75 67.24
CA GLU E 78 62.61 32.80 66.62
C GLU E 78 61.38 32.25 65.88
N GLN E 79 61.08 30.97 66.11
CA GLN E 79 60.31 30.17 65.16
C GLN E 79 58.81 30.08 65.32
N LEU E 80 58.28 30.36 66.51
CA LEU E 80 56.84 30.15 66.76
C LEU E 80 55.94 30.91 65.80
N GLU E 81 56.35 32.09 65.38
CA GLU E 81 55.54 32.88 64.46
C GLU E 81 55.71 32.43 63.02
N GLU E 82 56.87 31.87 62.71
CA GLU E 82 57.21 31.42 61.36
C GLU E 82 56.40 30.21 60.90
N ILE E 83 55.91 29.40 61.84
CA ILE E 83 55.25 28.13 61.52
C ILE E 83 53.72 28.21 61.54
N GLY E 84 53.17 29.40 61.36
CA GLY E 84 51.76 29.65 61.66
C GLY E 84 51.75 29.91 63.14
N GLY E 85 50.57 30.11 63.72
CA GLY E 85 50.52 30.47 65.13
C GLY E 85 50.56 29.26 66.04
N VAL E 86 50.19 29.47 67.29
CA VAL E 86 49.76 28.36 68.14
C VAL E 86 48.54 27.73 67.48
N SER E 87 47.84 28.54 66.69
CA SER E 87 46.62 28.13 66.00
C SER E 87 46.86 27.10 64.91
N TYR E 88 48.07 27.09 64.32
CA TYR E 88 48.45 26.03 63.40
C TYR E 88 48.78 24.72 64.11
N LEU E 89 49.51 24.83 65.22
CA LEU E 89 49.82 23.69 66.07
C LEU E 89 48.53 23.07 66.62
N SER E 90 47.53 23.92 66.83
CA SER E 90 46.22 23.46 67.29
C SER E 90 45.50 22.64 66.22
N GLU E 91 45.61 23.06 64.97
CA GLU E 91 45.02 22.36 63.84
C GLU E 91 45.65 20.99 63.62
N LEU E 92 46.96 20.90 63.81
CA LEU E 92 47.70 19.64 63.65
C LEU E 92 47.14 18.56 64.58
N ALA E 93 46.91 18.95 65.83
CA ALA E 93 46.23 18.08 66.79
C ALA E 93 44.95 17.47 66.20
N ASP E 94 44.09 18.32 65.65
CA ASP E 94 42.76 17.91 65.21
C ASP E 94 42.74 17.20 63.84
N ALA E 95 43.90 16.97 63.23
CA ALA E 95 43.93 16.56 61.80
C ALA E 95 44.55 15.20 61.43
N VAL E 96 44.39 14.21 62.32
CA VAL E 96 44.96 12.87 62.14
C VAL E 96 43.90 11.86 62.55
N PRO E 97 43.45 11.00 61.62
CA PRO E 97 42.33 10.09 61.92
C PRO E 97 42.57 9.25 63.19
N THR E 98 43.27 8.12 63.08
CA THR E 98 43.52 7.30 64.27
C THR E 98 45.03 7.33 64.58
N ALA E 99 45.39 7.76 65.79
CA ALA E 99 46.81 7.98 66.13
C ALA E 99 47.64 6.72 66.39
N ALA E 100 46.99 5.54 66.38
CA ALA E 100 47.67 4.25 66.62
C ALA E 100 48.46 3.73 65.42
N ASN E 101 48.29 4.36 64.27
CA ASN E 101 49.14 4.10 63.10
C ASN E 101 49.89 5.33 62.50
N VAL E 102 50.68 5.96 63.34
CA VAL E 102 51.62 6.99 62.95
C VAL E 102 52.72 6.39 62.07
N GLU E 103 53.03 5.13 62.35
CA GLU E 103 54.00 4.35 61.60
C GLU E 103 53.77 4.43 60.11
N TYR E 104 52.52 4.29 59.72
CA TYR E 104 52.22 4.32 58.31
C TYR E 104 52.28 5.71 57.65
N TYR E 105 51.70 6.74 58.27
CA TYR E 105 51.85 8.11 57.75
C TYR E 105 53.30 8.55 57.71
N ALA E 106 54.05 8.24 58.75
CA ALA E 106 55.50 8.47 58.77
C ALA E 106 56.19 7.85 57.57
N ARG E 107 55.80 6.63 57.22
CA ARG E 107 56.41 5.94 56.09
C ARG E 107 56.06 6.54 54.73
N ILE E 108 54.92 7.24 54.66
CA ILE E 108 54.55 7.98 53.45
C ILE E 108 55.47 9.18 53.33
N VAL E 109 55.56 9.98 54.39
CA VAL E 109 56.43 11.15 54.44
C VAL E 109 57.86 10.76 54.08
N GLU E 110 58.29 9.60 54.58
CA GLU E 110 59.63 9.08 54.33
C GLU E 110 59.83 8.68 52.88
N GLU E 111 58.85 7.96 52.33
CA GLU E 111 58.89 7.53 50.93
C GLU E 111 58.90 8.69 49.94
N LYS E 112 58.15 9.74 50.26
CA LYS E 112 58.15 10.93 49.42
C LYS E 112 59.51 11.65 49.53
N SER E 113 60.08 11.66 50.73
CA SER E 113 61.41 12.21 50.94
C SER E 113 62.44 11.54 50.02
N VAL E 114 62.43 10.21 50.01
CA VAL E 114 63.34 9.44 49.18
C VAL E 114 63.14 9.78 47.71
N LEU E 115 61.90 9.86 47.27
CA LEU E 115 61.58 10.23 45.89
C LEU E 115 62.27 11.51 45.43
N ARG E 116 62.09 12.59 46.18
CA ARG E 116 62.69 13.82 45.72
C ARG E 116 64.19 13.77 45.88
N ARG E 117 64.70 13.04 46.88
CA ARG E 117 66.16 12.87 46.99
C ARG E 117 66.69 12.22 45.72
N LEU E 118 65.94 11.24 45.21
CA LEU E 118 66.30 10.58 43.97
C LEU E 118 66.27 11.56 42.81
N ILE E 119 65.16 12.28 42.69
CA ILE E 119 65.00 13.25 41.59
C ILE E 119 66.15 14.24 41.59
N ARG E 120 66.49 14.70 42.79
CA ARG E 120 67.51 15.72 42.99
C ARG E 120 68.89 15.19 42.62
N THR E 121 69.21 13.95 42.97
CA THR E 121 70.53 13.44 42.59
C THR E 121 70.59 13.07 41.13
N ALA E 122 69.46 12.67 40.55
CA ALA E 122 69.39 12.35 39.12
C ALA E 122 69.57 13.60 38.27
N THR E 123 68.93 14.70 38.68
CA THR E 123 69.05 15.97 37.95
C THR E 123 70.48 16.54 38.06
N SER E 124 71.11 16.37 39.20
CA SER E 124 72.48 16.85 39.37
C SER E 124 73.49 15.98 38.62
N ILE E 125 73.14 14.72 38.33
CA ILE E 125 73.97 13.87 37.46
C ILE E 125 73.90 14.40 36.04
N ALA E 126 72.67 14.62 35.54
CA ALA E 126 72.44 15.16 34.21
C ALA E 126 73.12 16.52 34.09
N GLN E 127 72.93 17.34 35.12
CA GLN E 127 73.61 18.63 35.26
C GLN E 127 75.13 18.51 35.02
N ASP E 128 75.75 17.59 35.74
CA ASP E 128 77.19 17.39 35.68
C ASP E 128 77.65 16.78 34.36
N GLY E 129 76.71 16.16 33.65
CA GLY E 129 76.99 15.57 32.34
C GLY E 129 77.49 16.59 31.32
N TYR E 130 76.91 17.78 31.33
CA TYR E 130 77.33 18.82 30.41
C TYR E 130 78.61 19.52 30.86
N THR E 131 78.83 19.59 32.17
CA THR E 131 79.94 20.35 32.73
C THR E 131 81.26 19.58 32.69
N ARG E 132 81.37 18.55 33.53
CA ARG E 132 82.65 17.88 33.74
C ARG E 132 82.97 16.87 32.63
N GLU E 133 82.97 17.35 31.38
CA GLU E 133 83.31 16.52 30.22
C GLU E 133 84.80 16.09 30.21
N ASP E 134 85.40 16.00 31.40
CA ASP E 134 86.85 15.85 31.54
C ASP E 134 87.39 14.39 31.69
N GLU E 135 86.79 13.53 32.54
CA GLU E 135 87.43 12.24 32.93
C GLU E 135 86.62 10.92 32.83
N ILE E 136 85.57 10.94 32.01
CA ILE E 136 84.51 9.92 31.82
C ILE E 136 84.29 8.75 32.81
N ASP E 137 85.35 8.02 33.14
CA ASP E 137 85.23 6.81 33.95
C ASP E 137 84.91 7.12 35.39
N VAL E 138 85.50 8.19 35.92
CA VAL E 138 85.26 8.58 37.29
C VAL E 138 83.91 9.30 37.44
N LEU E 139 83.38 9.81 36.32
CA LEU E 139 82.05 10.40 36.29
C LEU E 139 80.98 9.31 36.34
N LEU E 140 81.26 8.20 35.65
CA LEU E 140 80.36 7.07 35.59
C LEU E 140 80.34 6.33 36.93
N ASP E 141 81.51 6.22 37.55
CA ASP E 141 81.61 5.65 38.88
C ASP E 141 80.80 6.45 39.89
N GLU E 142 80.94 7.77 39.88
CA GLU E 142 80.16 8.65 40.77
C GLU E 142 78.66 8.49 40.58
N ALA E 143 78.22 8.37 39.33
CA ALA E 143 76.82 8.15 39.03
C ALA E 143 76.32 6.84 39.64
N ASP E 144 77.07 5.77 39.37
CA ASP E 144 76.84 4.46 39.99
C ASP E 144 76.67 4.63 41.51
N ARG E 145 77.65 5.27 42.12
CA ARG E 145 77.77 5.37 43.57
C ARG E 145 76.77 6.34 44.19
N LYS E 146 76.47 7.42 43.48
CA LYS E 146 75.52 8.43 43.97
C LYS E 146 74.07 7.93 44.01
N ILE E 147 73.75 6.95 43.18
CA ILE E 147 72.39 6.44 43.04
C ILE E 147 72.11 5.34 44.05
N MET E 148 73.17 4.64 44.47
CA MET E 148 73.08 3.65 45.53
C MET E 148 72.82 4.38 46.84
N GLU E 149 73.51 5.49 47.05
CA GLU E 149 73.42 6.26 48.27
C GLU E 149 72.02 6.81 48.51
N VAL E 150 71.11 6.55 47.56
CA VAL E 150 69.68 6.82 47.75
C VAL E 150 69.08 5.57 48.37
N SER E 151 69.15 4.47 47.63
CA SER E 151 68.83 3.13 48.12
C SER E 151 69.31 2.97 49.57
N GLN E 152 70.52 3.47 49.87
CA GLN E 152 71.09 3.53 51.23
C GLN E 152 70.25 4.43 52.13
N ARG E 153 68.98 4.05 52.28
CA ARG E 153 68.00 4.68 53.15
C ARG E 153 68.11 4.08 54.55
N LYS E 154 67.97 4.93 55.56
CA LYS E 154 68.38 4.55 56.92
C LYS E 154 67.21 4.21 57.84
N HIS E 155 67.43 3.19 58.67
CA HIS E 155 66.39 2.52 59.49
C HIS E 155 65.17 2.15 58.65
N SER E 156 64.37 1.21 59.15
CA SER E 156 63.39 0.50 58.31
C SER E 156 64.08 -0.44 57.26
N GLY E 157 63.76 -1.73 57.35
CA GLY E 157 64.41 -2.72 56.50
C GLY E 157 64.34 -4.15 56.98
N ALA E 158 63.19 -4.51 57.53
CA ALA E 158 62.89 -5.86 57.99
C ALA E 158 64.03 -6.89 57.89
N PHE E 159 64.81 -6.97 58.97
CA PHE E 159 65.52 -8.19 59.39
C PHE E 159 65.21 -8.25 60.84
N LYS E 160 64.46 -9.25 61.25
CA LYS E 160 64.24 -9.47 62.66
C LYS E 160 65.59 -9.76 63.36
N ASN E 161 66.00 -8.87 64.27
CA ASN E 161 67.19 -9.12 65.06
C ASN E 161 66.89 -10.19 66.09
N ILE E 162 67.84 -11.09 66.30
CA ILE E 162 67.57 -12.27 67.13
C ILE E 162 67.35 -11.93 68.60
N LYS E 163 68.04 -10.90 69.10
CA LYS E 163 67.86 -10.43 70.48
C LYS E 163 66.38 -10.24 70.76
N ASP E 164 65.69 -9.62 69.80
CA ASP E 164 64.28 -9.26 69.94
C ASP E 164 63.34 -10.47 69.90
N ILE E 165 63.62 -11.41 69.00
CA ILE E 165 62.82 -12.63 68.88
C ILE E 165 62.91 -13.47 70.15
N LEU E 166 64.14 -13.64 70.65
CA LEU E 166 64.39 -14.44 71.84
C LEU E 166 63.49 -14.03 72.99
N VAL E 167 63.29 -12.73 73.12
CA VAL E 167 62.41 -12.18 74.15
C VAL E 167 60.96 -12.65 73.94
N GLN E 168 60.47 -12.53 72.71
CA GLN E 168 59.12 -13.02 72.34
C GLN E 168 58.94 -14.52 72.57
N THR E 169 60.05 -15.24 72.55
CA THR E 169 60.00 -16.66 72.71
C THR E 169 59.94 -16.94 74.19
N TYR E 170 60.83 -16.32 74.96
CA TYR E 170 60.79 -16.48 76.42
C TYR E 170 59.41 -16.15 76.93
N ASP E 171 58.90 -14.99 76.51
CA ASP E 171 57.61 -14.54 77.00
C ASP E 171 56.47 -15.45 76.58
N ASN E 172 56.56 -16.01 75.38
CA ASN E 172 55.57 -16.95 74.92
C ASN E 172 55.64 -18.26 75.71
N ILE E 173 56.85 -18.81 75.85
CA ILE E 173 57.10 -19.97 76.71
C ILE E 173 56.52 -19.74 78.10
N GLU E 174 56.86 -18.60 78.70
CA GLU E 174 56.35 -18.18 79.99
C GLU E 174 54.85 -18.36 80.08
N MET E 175 54.14 -17.77 79.14
CA MET E 175 52.69 -17.85 79.14
C MET E 175 52.30 -19.31 79.23
N LEU E 176 52.72 -20.10 78.24
CA LEU E 176 52.50 -21.55 78.21
C LEU E 176 52.65 -22.21 79.58
N HIS E 177 53.76 -21.91 80.26
CA HIS E 177 54.10 -22.48 81.57
C HIS E 177 53.08 -22.18 82.68
N ASN E 178 52.25 -21.17 82.50
CA ASN E 178 51.22 -20.85 83.49
C ASN E 178 49.81 -21.31 83.13
N ARG E 179 49.67 -21.92 81.95
CA ARG E 179 48.44 -22.61 81.60
C ARG E 179 48.48 -23.96 82.29
N ASP E 180 47.33 -24.42 82.78
CA ASP E 180 47.17 -25.76 83.36
C ASP E 180 48.09 -26.71 82.60
N GLY E 181 47.84 -26.84 81.30
CA GLY E 181 48.77 -27.51 80.41
C GLY E 181 48.17 -28.59 79.53
N GLU E 182 49.06 -29.51 79.11
CA GLU E 182 48.74 -30.65 78.26
C GLU E 182 48.69 -30.29 76.73
N ILE E 183 47.50 -29.85 76.26
CA ILE E 183 47.20 -29.52 74.86
C ILE E 183 47.39 -28.02 74.71
N THR E 184 48.07 -27.56 73.67
CA THR E 184 48.47 -26.13 73.59
C THR E 184 47.61 -25.33 72.65
N GLY E 185 47.24 -26.09 71.63
CA GLY E 185 46.19 -26.01 70.72
C GLY E 185 44.74 -26.27 71.03
N ILE E 186 44.01 -26.45 69.93
CA ILE E 186 42.58 -26.65 69.95
C ILE E 186 42.35 -28.15 70.00
N PRO E 187 41.68 -28.63 71.05
CA PRO E 187 41.59 -30.06 71.29
C PRO E 187 40.51 -30.72 70.44
N THR E 188 40.89 -31.78 69.74
CA THR E 188 39.99 -32.51 68.86
C THR E 188 38.97 -33.34 69.64
N GLY E 189 39.32 -33.71 70.86
CA GLY E 189 38.48 -34.61 71.62
C GLY E 189 38.80 -36.07 71.34
N PHE E 190 39.77 -36.32 70.47
CA PHE E 190 40.32 -37.66 70.36
C PHE E 190 41.66 -37.72 71.08
N THR E 191 41.60 -38.27 72.29
CA THR E 191 42.70 -38.27 73.23
C THR E 191 44.06 -38.61 72.63
N GLU E 192 44.14 -39.74 71.94
CA GLU E 192 45.42 -40.28 71.47
C GLU E 192 46.01 -39.37 70.39
N LEU E 193 45.14 -38.84 69.54
CA LEU E 193 45.55 -37.90 68.52
C LEU E 193 46.00 -36.62 69.17
N ASP E 194 45.21 -36.10 70.11
CA ASP E 194 45.58 -34.88 70.85
C ASP E 194 46.89 -35.02 71.62
N ARG E 195 47.17 -36.19 72.19
CA ARG E 195 48.45 -36.41 72.85
C ARG E 195 49.59 -36.24 71.87
N MET E 196 49.42 -36.74 70.66
CA MET E 196 50.48 -36.77 69.64
C MET E 196 50.70 -35.41 68.96
N THR E 197 49.71 -34.55 69.08
CA THR E 197 49.61 -33.38 68.26
C THR E 197 49.47 -32.12 69.12
N SER E 198 48.72 -32.24 70.21
CA SER E 198 48.28 -31.16 71.13
C SER E 198 47.54 -29.99 70.44
N GLY E 199 46.38 -30.30 69.83
CA GLY E 199 45.79 -29.45 68.77
C GLY E 199 46.79 -29.61 67.62
N PHE E 200 46.52 -29.19 66.39
CA PHE E 200 45.54 -28.20 65.94
C PHE E 200 45.90 -26.90 66.61
N GLN E 201 46.97 -26.38 66.01
CA GLN E 201 47.70 -25.22 66.42
C GLN E 201 47.40 -24.08 65.49
N ARG E 202 47.43 -22.87 66.05
CA ARG E 202 47.17 -21.69 65.23
C ARG E 202 48.21 -21.54 64.12
N SER E 203 47.73 -21.31 62.90
CA SER E 203 48.60 -21.12 61.73
C SER E 203 49.04 -22.39 60.98
N ASP E 204 48.66 -23.55 61.48
CA ASP E 204 48.99 -24.81 60.82
C ASP E 204 48.06 -25.17 59.68
N LEU E 205 48.61 -25.76 58.65
CA LEU E 205 47.82 -26.40 57.60
C LEU E 205 47.76 -27.93 57.84
N ILE E 206 46.57 -28.44 58.10
CA ILE E 206 46.43 -29.86 58.40
C ILE E 206 45.76 -30.55 57.21
N ILE E 207 46.47 -31.49 56.59
CA ILE E 207 45.92 -32.25 55.47
C ILE E 207 45.42 -33.60 55.96
N VAL E 208 44.16 -33.91 55.65
CA VAL E 208 43.57 -35.20 56.01
C VAL E 208 43.22 -35.81 54.67
N ALA E 209 44.01 -36.79 54.24
CA ALA E 209 43.78 -37.44 52.93
C ALA E 209 43.49 -38.93 53.07
N ALA E 210 42.68 -39.49 52.16
CA ALA E 210 42.31 -40.92 52.19
C ALA E 210 41.49 -41.28 50.99
N ARG E 211 41.47 -42.57 50.64
CA ARG E 211 40.67 -43.00 49.45
C ARG E 211 39.16 -42.66 49.58
N PRO E 212 38.41 -42.68 48.47
CA PRO E 212 37.01 -42.32 48.49
C PRO E 212 36.17 -43.16 49.42
N SER E 213 35.23 -42.52 50.12
CA SER E 213 34.26 -43.18 50.99
C SER E 213 34.98 -43.92 52.12
N VAL E 214 36.19 -43.49 52.45
CA VAL E 214 36.93 -44.07 53.58
C VAL E 214 36.54 -43.46 54.91
N GLY E 215 36.29 -42.15 54.90
CA GLY E 215 35.82 -41.42 56.08
C GLY E 215 36.36 -39.98 56.24
N LYS E 216 36.87 -39.41 55.16
CA LYS E 216 37.44 -38.07 55.24
C LYS E 216 36.48 -37.09 55.91
N THR E 217 35.35 -36.82 55.27
CA THR E 217 34.39 -35.81 55.73
C THR E 217 33.90 -36.16 57.12
N ALA E 218 33.43 -37.40 57.29
CA ALA E 218 33.02 -37.90 58.59
C ALA E 218 33.99 -37.47 59.70
N PHE E 219 35.27 -37.76 59.53
CA PHE E 219 36.31 -37.42 60.49
C PHE E 219 36.43 -35.89 60.72
N ALA E 220 36.39 -35.13 59.62
CA ALA E 220 36.46 -33.66 59.71
C ALA E 220 35.23 -33.07 60.48
N LEU E 221 34.04 -33.54 60.14
CA LEU E 221 32.85 -33.12 60.85
C LEU E 221 32.92 -33.47 62.31
N ASN E 222 33.35 -34.69 62.64
CA ASN E 222 33.46 -35.10 64.04
C ASN E 222 34.38 -34.15 64.82
N ILE E 223 35.53 -33.82 64.23
CA ILE E 223 36.41 -32.84 64.85
C ILE E 223 35.71 -31.49 65.02
N ALA E 224 35.01 -31.02 63.99
CA ALA E 224 34.33 -29.74 64.05
C ALA E 224 33.34 -29.67 65.20
N GLN E 225 32.52 -30.71 65.37
CA GLN E 225 31.56 -30.78 66.49
C GLN E 225 32.26 -30.67 67.83
N ASN E 226 33.24 -31.55 68.07
CA ASN E 226 33.90 -31.62 69.36
C ASN E 226 34.59 -30.30 69.70
N VAL E 227 35.07 -29.61 68.68
CA VAL E 227 35.61 -28.27 68.87
C VAL E 227 34.48 -27.28 69.19
N ALA E 228 33.48 -27.19 68.32
CA ALA E 228 32.38 -26.25 68.49
C ALA E 228 31.52 -26.44 69.73
N THR E 229 31.30 -27.68 70.17
CA THR E 229 30.47 -27.94 71.34
C THR E 229 31.28 -28.07 72.64
N LYS E 230 32.43 -28.72 72.60
CA LYS E 230 33.23 -28.90 73.81
C LYS E 230 33.97 -27.63 74.19
N THR E 231 34.60 -26.97 73.22
CA THR E 231 35.22 -25.65 73.43
C THR E 231 34.21 -24.52 73.13
N ASN E 232 34.68 -23.29 73.19
CA ASN E 232 33.80 -22.17 72.94
C ASN E 232 34.10 -21.45 71.64
N GLU E 233 35.01 -22.04 70.87
CA GLU E 233 35.51 -21.47 69.63
C GLU E 233 34.54 -21.65 68.44
N ASN E 234 34.57 -20.73 67.49
CA ASN E 234 33.73 -20.82 66.30
C ASN E 234 34.48 -21.56 65.23
N VAL E 235 33.80 -22.42 64.47
CA VAL E 235 34.43 -23.09 63.33
C VAL E 235 33.66 -22.96 62.01
N ALA E 236 34.37 -22.54 60.97
CA ALA E 236 33.79 -22.40 59.64
C ALA E 236 34.05 -23.67 58.81
N ILE E 237 33.02 -24.15 58.14
CA ILE E 237 33.17 -25.33 57.33
C ILE E 237 32.75 -24.98 55.94
N PHE E 238 33.63 -25.23 54.99
CA PHE E 238 33.30 -24.99 53.61
C PHE E 238 33.07 -26.34 52.99
N SER E 239 31.84 -26.66 52.61
CA SER E 239 31.55 -27.94 51.99
C SER E 239 31.28 -27.78 50.50
N LEU E 240 32.14 -28.33 49.65
CA LEU E 240 31.98 -28.09 48.21
C LEU E 240 31.29 -29.25 47.51
N GLU E 241 31.10 -30.35 48.21
CA GLU E 241 30.51 -31.54 47.63
C GLU E 241 29.12 -31.83 48.22
N MET E 242 29.00 -31.77 49.55
CA MET E 242 27.70 -32.00 50.20
C MET E 242 27.02 -30.67 50.54
N SER E 243 25.70 -30.75 50.70
CA SER E 243 24.86 -29.65 51.12
C SER E 243 24.98 -29.42 52.61
N ALA E 244 24.59 -28.23 53.07
CA ALA E 244 24.59 -27.95 54.49
C ALA E 244 23.70 -28.95 55.25
N GLN E 245 22.52 -29.22 54.68
CA GLN E 245 21.58 -30.11 55.33
C GLN E 245 22.13 -31.53 55.53
N GLN E 246 22.85 -32.07 54.55
CA GLN E 246 23.48 -33.38 54.73
C GLN E 246 24.55 -33.34 55.83
N LEU E 247 25.25 -32.22 55.93
CA LEU E 247 26.28 -32.08 56.95
C LEU E 247 25.69 -32.08 58.33
N VAL E 248 24.65 -31.28 58.55
CA VAL E 248 23.99 -31.19 59.85
C VAL E 248 23.39 -32.54 60.23
N MET E 249 22.82 -33.23 59.25
CA MET E 249 22.27 -34.55 59.48
C MET E 249 23.32 -35.58 59.94
N ARG E 250 24.56 -35.42 59.44
CA ARG E 250 25.64 -36.26 59.93
C ARG E 250 26.03 -35.94 61.38
N MET E 251 26.05 -34.67 61.72
CA MET E 251 26.37 -34.27 63.07
C MET E 251 25.30 -34.67 64.07
N LEU E 252 24.04 -34.54 63.69
CA LEU E 252 22.97 -34.92 64.58
C LEU E 252 23.12 -36.39 64.97
N CYS E 253 23.32 -37.24 63.96
CA CYS E 253 23.45 -38.69 64.16
C CYS E 253 24.58 -38.99 65.10
N ALA E 254 25.69 -38.27 64.90
CA ALA E 254 26.89 -38.48 65.69
C ALA E 254 26.75 -37.91 67.10
N GLU E 255 26.05 -36.78 67.22
CA GLU E 255 25.86 -36.21 68.53
C GLU E 255 24.96 -37.08 69.41
N GLY E 256 23.92 -37.66 68.83
CA GLY E 256 22.94 -38.40 69.63
C GLY E 256 22.95 -39.92 69.52
N ASN E 257 23.91 -40.46 68.75
CA ASN E 257 23.91 -41.88 68.38
C ASN E 257 22.56 -42.38 67.84
N ILE E 258 22.07 -41.66 66.83
CA ILE E 258 20.87 -42.04 66.10
C ILE E 258 21.29 -42.69 64.78
N ASN E 259 20.74 -43.87 64.48
CA ASN E 259 21.12 -44.59 63.27
C ASN E 259 20.75 -43.77 62.03
N ALA E 260 21.73 -43.54 61.17
CA ALA E 260 21.57 -42.65 60.03
C ALA E 260 20.45 -43.06 59.08
N GLN E 261 20.32 -44.36 58.76
CA GLN E 261 19.23 -44.84 57.90
C GLN E 261 17.87 -44.51 58.50
N ASN E 262 17.66 -44.83 59.77
CA ASN E 262 16.43 -44.43 60.44
C ASN E 262 16.17 -42.93 60.28
N LEU E 263 17.20 -42.13 60.52
CA LEU E 263 17.08 -40.66 60.51
C LEU E 263 16.67 -40.09 59.15
N ARG E 264 17.24 -40.56 58.03
CA ARG E 264 16.84 -40.02 56.70
C ARG E 264 15.53 -40.58 56.17
N THR E 265 15.02 -41.63 56.80
CA THR E 265 13.71 -42.17 56.45
C THR E 265 12.62 -41.50 57.26
N GLY E 266 12.96 -41.08 58.48
CA GLY E 266 11.98 -40.58 59.45
C GLY E 266 11.44 -41.74 60.26
N LYS E 267 11.98 -42.92 60.02
CA LYS E 267 11.58 -44.12 60.71
C LYS E 267 12.29 -44.19 62.07
N LEU E 268 11.89 -43.33 63.00
CA LEU E 268 12.58 -43.20 64.29
C LEU E 268 11.83 -43.86 65.44
N THR E 269 12.57 -44.63 66.24
CA THR E 269 12.02 -45.24 67.45
C THR E 269 11.62 -44.15 68.45
N PRO E 270 10.77 -44.47 69.44
CA PRO E 270 10.40 -43.48 70.48
C PRO E 270 11.58 -42.89 71.25
N GLU E 271 12.62 -43.67 71.52
CA GLU E 271 13.82 -43.15 72.19
C GLU E 271 14.74 -42.37 71.24
N ASP E 272 14.67 -42.70 69.94
CA ASP E 272 15.39 -41.96 68.91
C ASP E 272 14.96 -40.51 68.93
N TRP E 273 13.67 -40.29 69.06
CA TRP E 273 13.17 -38.94 69.15
C TRP E 273 13.86 -38.23 70.29
N GLY E 274 13.91 -38.88 71.45
CA GLY E 274 14.59 -38.33 72.61
C GLY E 274 16.00 -37.90 72.25
N LYS E 275 16.79 -38.85 71.72
CA LYS E 275 18.15 -38.61 71.24
C LYS E 275 18.28 -37.43 70.28
N LEU E 276 17.33 -37.31 69.36
CA LEU E 276 17.31 -36.20 68.40
C LEU E 276 17.02 -34.87 69.08
N THR E 277 16.03 -34.84 69.97
CA THR E 277 15.71 -33.66 70.76
C THR E 277 16.94 -33.11 71.49
N MET E 278 17.72 -34.01 72.11
CA MET E 278 18.97 -33.64 72.78
C MET E 278 19.97 -33.11 71.81
N ALA E 279 20.24 -33.89 70.77
CA ALA E 279 21.22 -33.56 69.74
C ALA E 279 21.03 -32.16 69.20
N MET E 280 19.78 -31.84 68.89
CA MET E 280 19.44 -30.53 68.38
C MET E 280 19.73 -29.45 69.40
N GLY E 281 19.32 -29.68 70.65
CA GLY E 281 19.62 -28.77 71.74
C GLY E 281 21.07 -28.32 71.78
N SER E 282 22.00 -29.28 71.87
CA SER E 282 23.42 -28.95 72.03
C SER E 282 24.06 -28.39 70.78
N LEU E 283 23.60 -28.82 69.62
CA LEU E 283 24.11 -28.28 68.37
C LEU E 283 23.68 -26.84 68.06
N SER E 284 22.71 -26.32 68.80
CA SER E 284 22.22 -24.95 68.59
C SER E 284 23.24 -23.94 69.08
N ASN E 285 23.64 -24.10 70.34
CA ASN E 285 24.61 -23.19 70.96
C ASN E 285 26.01 -23.54 70.47
N ALA E 286 26.08 -24.33 69.41
CA ALA E 286 27.34 -24.86 68.91
C ALA E 286 28.14 -23.86 68.12
N GLY E 287 27.50 -22.99 67.35
CA GLY E 287 28.26 -21.99 66.63
C GLY E 287 29.24 -22.56 65.60
N ILE E 288 28.66 -23.22 64.61
CA ILE E 288 29.43 -23.70 63.47
C ILE E 288 28.86 -23.10 62.16
N TYR E 289 29.68 -22.38 61.43
CA TYR E 289 29.21 -21.64 60.27
C TYR E 289 29.54 -22.40 59.00
N ILE E 290 28.51 -22.68 58.20
CA ILE E 290 28.64 -23.63 57.09
C ILE E 290 28.48 -22.93 55.76
N ASP E 291 29.45 -23.07 54.86
CA ASP E 291 29.30 -22.53 53.52
C ASP E 291 29.36 -23.59 52.43
N ASP E 292 28.19 -23.92 51.89
CA ASP E 292 28.11 -24.95 50.89
C ASP E 292 28.04 -24.49 49.42
N THR E 293 28.64 -23.34 49.11
CA THR E 293 28.74 -22.91 47.70
C THR E 293 29.71 -23.84 46.97
N PRO E 294 29.26 -24.51 45.89
CA PRO E 294 30.00 -25.60 45.28
C PRO E 294 31.22 -25.16 44.49
N SER E 295 31.29 -23.89 44.09
CA SER E 295 32.57 -23.41 43.57
C SER E 295 33.04 -22.09 44.18
N ILE E 296 34.12 -22.14 44.97
CA ILE E 296 34.76 -20.94 45.51
C ILE E 296 36.21 -20.91 45.15
N ARG E 297 36.79 -19.71 45.12
CA ARG E 297 38.22 -19.52 45.02
C ARG E 297 38.74 -19.40 46.45
N VAL E 298 40.03 -19.58 46.68
CA VAL E 298 40.55 -19.43 48.03
C VAL E 298 40.31 -18.00 48.50
N SER E 299 40.53 -17.01 47.62
CA SER E 299 40.22 -15.60 47.89
C SER E 299 38.86 -15.38 48.55
N ASP E 300 37.83 -15.99 47.97
CA ASP E 300 36.49 -16.00 48.56
C ASP E 300 36.47 -16.58 49.98
N ILE E 301 37.07 -17.76 50.15
CA ILE E 301 37.17 -18.38 51.47
C ILE E 301 37.79 -17.40 52.45
N ARG E 302 39.00 -16.94 52.14
CA ARG E 302 39.67 -15.89 52.90
C ARG E 302 38.74 -14.75 53.31
N ALA E 303 38.11 -14.15 52.31
CA ALA E 303 37.23 -13.06 52.54
C ALA E 303 36.17 -13.41 53.57
N LYS E 304 35.50 -14.53 53.36
CA LYS E 304 34.40 -14.89 54.26
C LYS E 304 34.84 -15.09 55.70
N CYS E 305 36.01 -15.72 55.86
CA CYS E 305 36.57 -16.00 57.17
C CYS E 305 37.03 -14.73 57.86
N ARG E 306 37.78 -13.90 57.12
CA ARG E 306 38.23 -12.63 57.60
C ARG E 306 37.06 -11.92 58.26
N ARG E 307 35.90 -11.91 57.60
CA ARG E 307 34.73 -11.22 58.13
C ARG E 307 34.13 -11.92 59.34
N LEU E 308 34.05 -13.25 59.33
CA LEU E 308 33.48 -13.96 60.48
C LEU E 308 34.35 -13.79 61.70
N LYS E 309 35.67 -13.74 61.50
CA LYS E 309 36.59 -13.52 62.63
C LYS E 309 36.47 -12.09 63.15
N GLN E 310 36.28 -11.14 62.24
CA GLN E 310 36.03 -9.74 62.57
C GLN E 310 35.01 -9.58 63.68
N GLU E 311 33.84 -10.17 63.47
CA GLU E 311 32.69 -9.88 64.31
C GLU E 311 32.36 -10.95 65.32
N SER E 312 32.96 -12.14 65.20
CA SER E 312 32.67 -13.20 66.15
C SER E 312 33.91 -13.95 66.65
N GLY E 313 35.01 -13.83 65.92
CA GLY E 313 36.22 -14.59 66.24
C GLY E 313 36.17 -15.98 65.63
N LEU E 314 37.29 -16.43 65.09
CA LEU E 314 37.33 -17.74 64.46
C LEU E 314 38.33 -18.61 65.19
N GLY E 315 38.12 -19.92 65.16
CA GLY E 315 39.03 -20.87 65.77
C GLY E 315 39.60 -21.88 64.78
N MET E 316 38.73 -22.48 63.98
CA MET E 316 39.12 -23.43 62.94
C MET E 316 38.46 -23.11 61.61
N ILE E 317 39.14 -23.52 60.52
CA ILE E 317 38.56 -23.56 59.19
C ILE E 317 38.71 -24.99 58.68
N VAL E 318 37.62 -25.56 58.20
CA VAL E 318 37.62 -26.90 57.60
C VAL E 318 37.22 -26.74 56.13
N ILE E 319 37.92 -27.42 55.23
CA ILE E 319 37.61 -27.33 53.81
C ILE E 319 37.38 -28.69 53.18
N ASP E 320 36.13 -28.94 52.78
CA ASP E 320 35.68 -30.27 52.35
C ASP E 320 36.31 -30.92 51.11
N TYR E 321 36.84 -30.18 50.15
CA TYR E 321 38.19 -30.61 49.66
C TYR E 321 38.97 -29.88 48.68
N LEU E 322 40.26 -29.95 48.88
CA LEU E 322 41.21 -28.97 48.38
C LEU E 322 41.20 -28.96 46.86
N GLN E 323 41.16 -30.13 46.24
CA GLN E 323 41.24 -30.14 44.80
C GLN E 323 39.91 -29.72 44.14
N LEU E 324 38.85 -29.64 44.95
CA LEU E 324 37.56 -29.03 44.53
C LEU E 324 37.51 -27.50 44.52
N ILE E 325 38.36 -26.88 45.33
CA ILE E 325 38.52 -25.42 45.31
C ILE E 325 38.91 -25.04 43.89
N GLN E 326 38.66 -23.81 43.48
CA GLN E 326 39.03 -23.44 42.12
C GLN E 326 40.04 -22.33 41.99
N GLY E 327 40.77 -22.36 40.87
CA GLY E 327 41.94 -21.53 40.66
C GLY E 327 41.68 -20.05 40.55
N SER E 328 42.67 -19.27 40.97
CA SER E 328 42.75 -17.86 40.63
C SER E 328 43.17 -17.81 39.17
N GLY E 329 42.73 -16.80 38.43
CA GLY E 329 43.13 -16.64 37.03
C GLY E 329 44.64 -16.66 36.81
N ARG E 330 45.08 -17.62 36.00
CA ARG E 330 46.47 -17.72 35.55
C ARG E 330 46.39 -18.46 34.23
N SER E 331 45.19 -18.37 33.63
CA SER E 331 44.62 -19.35 32.66
C SER E 331 44.63 -20.81 33.19
N LYS E 332 43.79 -21.66 32.59
CA LYS E 332 43.65 -23.09 32.98
C LYS E 332 44.99 -23.84 32.96
N GLU E 333 45.91 -23.38 33.81
CA GLU E 333 47.35 -23.69 33.78
C GLU E 333 47.65 -25.19 34.01
N ASN E 334 48.86 -25.64 33.66
CA ASN E 334 49.33 -26.97 34.05
C ASN E 334 48.66 -27.22 35.39
N ARG E 335 47.67 -28.11 35.40
CA ARG E 335 46.81 -28.33 36.58
C ARG E 335 47.58 -28.57 37.90
N GLN E 336 48.68 -29.33 37.84
CA GLN E 336 49.60 -29.46 38.97
C GLN E 336 49.98 -28.10 39.58
N GLN E 337 50.31 -27.14 38.72
CA GLN E 337 50.56 -25.77 39.17
C GLN E 337 49.36 -25.06 39.79
N GLU E 338 48.21 -25.25 39.17
CA GLU E 338 46.95 -24.69 39.67
C GLU E 338 46.67 -25.09 41.11
N VAL E 339 46.77 -26.37 41.43
CA VAL E 339 46.61 -26.79 42.81
C VAL E 339 47.82 -26.43 43.68
N SER E 340 49.02 -26.49 43.08
CA SER E 340 50.23 -26.04 43.77
C SER E 340 49.99 -24.69 44.41
N GLU E 341 49.25 -23.87 43.67
CA GLU E 341 48.96 -22.50 44.04
C GLU E 341 47.90 -22.45 45.12
N ILE E 342 46.80 -23.18 44.92
CA ILE E 342 45.76 -23.33 45.95
C ILE E 342 46.34 -23.76 47.31
N SER E 343 47.19 -24.79 47.26
CA SER E 343 47.95 -25.23 48.41
C SER E 343 48.62 -24.06 49.12
N ARG E 344 49.50 -23.33 48.42
CA ARG E 344 50.18 -22.19 48.99
C ARG E 344 49.17 -21.24 49.68
N SER E 345 48.11 -20.89 48.94
CA SER E 345 47.11 -19.91 49.37
C SER E 345 46.45 -20.27 50.67
N LEU E 346 46.16 -21.56 50.82
CA LEU E 346 45.61 -22.10 52.06
C LEU E 346 46.55 -21.96 53.25
N LYS E 347 47.78 -22.44 53.11
CA LYS E 347 48.77 -22.24 54.16
C LYS E 347 48.87 -20.76 54.56
N ALA E 348 48.94 -19.91 53.54
CA ALA E 348 49.03 -18.48 53.71
C ALA E 348 47.80 -17.91 54.42
N LEU E 349 46.65 -18.54 54.20
CA LEU E 349 45.42 -18.13 54.86
C LEU E 349 45.45 -18.54 56.33
N ALA E 350 45.86 -19.77 56.61
CA ALA E 350 46.00 -20.22 57.98
C ALA E 350 46.98 -19.31 58.72
N ARG E 351 48.06 -18.91 58.05
CA ARG E 351 49.07 -18.04 58.62
C ARG E 351 48.49 -16.68 58.98
N GLU E 352 47.80 -16.07 58.03
CA GLU E 352 47.23 -14.74 58.18
C GLU E 352 46.15 -14.65 59.27
N LEU E 353 45.25 -15.63 59.30
CA LEU E 353 44.17 -15.65 60.29
C LEU E 353 44.55 -16.26 61.64
N GLU E 354 45.79 -16.76 61.73
CA GLU E 354 46.30 -17.37 62.98
C GLU E 354 45.28 -18.35 63.54
N VAL E 355 45.03 -19.40 62.78
CA VAL E 355 43.95 -20.37 62.98
C VAL E 355 44.32 -21.66 62.23
N PRO E 356 44.14 -22.83 62.87
CA PRO E 356 44.40 -24.08 62.10
C PRO E 356 43.44 -24.25 60.90
N VAL E 357 43.99 -24.62 59.73
CA VAL E 357 43.15 -24.91 58.57
C VAL E 357 43.28 -26.39 58.18
N ILE E 358 42.18 -27.12 58.30
CA ILE E 358 42.11 -28.53 57.97
C ILE E 358 41.60 -28.68 56.55
N ALA E 359 42.49 -29.11 55.67
CA ALA E 359 42.14 -29.32 54.28
C ALA E 359 42.04 -30.82 54.01
N LEU E 360 40.83 -31.26 53.68
CA LEU E 360 40.67 -32.61 53.18
C LEU E 360 41.28 -32.73 51.77
N SER E 361 41.91 -33.88 51.52
CA SER E 361 42.46 -34.18 50.21
C SER E 361 42.16 -35.59 49.73
N GLN E 362 42.14 -35.73 48.40
CA GLN E 362 41.96 -37.01 47.76
C GLN E 362 43.31 -37.66 47.56
N LEU E 363 43.35 -38.96 47.21
CA LEU E 363 44.61 -39.62 46.84
C LEU E 363 44.47 -40.25 45.46
N SER E 364 45.59 -40.27 44.72
CA SER E 364 45.67 -40.95 43.41
C SER E 364 45.54 -42.46 43.56
N ARG E 365 45.45 -43.16 42.42
CA ARG E 365 45.16 -44.58 42.41
C ARG E 365 46.40 -45.42 42.74
N SER E 366 47.53 -44.72 42.93
CA SER E 366 48.79 -45.30 43.40
C SER E 366 48.68 -46.42 44.44
N VAL E 367 48.23 -46.03 45.62
CA VAL E 367 48.07 -46.85 46.83
C VAL E 367 47.30 -48.15 46.65
N GLU E 368 46.23 -48.11 45.86
CA GLU E 368 45.44 -49.31 45.62
C GLU E 368 46.23 -50.33 44.80
N GLN E 369 47.11 -49.82 43.93
CA GLN E 369 48.12 -50.67 43.27
C GLN E 369 49.11 -51.37 44.22
N ARG E 370 49.41 -50.78 45.37
CA ARG E 370 50.40 -51.38 46.28
C ARG E 370 49.88 -52.61 47.03
N GLN E 371 50.81 -53.36 47.61
CA GLN E 371 50.48 -54.50 48.45
C GLN E 371 49.97 -54.00 49.78
N ASP E 372 50.82 -53.21 50.46
CA ASP E 372 50.45 -52.48 51.66
C ASP E 372 49.56 -51.27 51.31
N LYS E 373 48.25 -51.43 51.40
CA LYS E 373 47.34 -50.35 51.00
C LYS E 373 47.40 -49.05 51.86
N ARG E 374 48.20 -49.02 52.93
CA ARG E 374 48.37 -47.81 53.75
C ARG E 374 49.03 -46.73 52.91
N PRO E 375 48.48 -45.50 52.93
CA PRO E 375 49.00 -44.43 52.09
C PRO E 375 50.34 -43.93 52.55
N MET E 376 51.15 -43.45 51.61
CA MET E 376 52.34 -42.64 51.92
C MET E 376 52.20 -41.26 51.28
N MET E 377 53.03 -40.31 51.70
CA MET E 377 52.89 -38.89 51.28
C MET E 377 52.75 -38.68 49.78
N SER E 378 53.56 -39.41 49.01
CA SER E 378 53.57 -39.36 47.56
C SER E 378 52.14 -39.51 47.00
N ASP E 379 51.29 -40.28 47.67
CA ASP E 379 49.95 -40.64 47.16
C ASP E 379 48.96 -39.46 47.01
N ILE E 380 49.24 -38.36 47.69
CA ILE E 380 48.31 -37.22 47.70
C ILE E 380 48.08 -36.79 46.26
N ARG E 381 46.80 -36.69 45.89
CA ARG E 381 46.37 -36.55 44.48
C ARG E 381 46.65 -35.18 43.91
N GLU E 382 47.24 -35.17 42.71
CA GLU E 382 47.32 -34.00 41.82
C GLU E 382 48.52 -33.06 41.91
N SER E 383 49.08 -32.87 43.09
CA SER E 383 50.28 -32.08 43.22
C SER E 383 51.06 -32.37 44.50
N GLY E 384 52.35 -32.60 44.34
CA GLY E 384 53.20 -32.92 45.44
C GLY E 384 53.43 -31.78 46.36
N SER E 385 53.12 -30.56 45.91
CA SER E 385 53.39 -29.40 46.73
C SER E 385 52.58 -29.47 47.99
N ILE E 386 51.43 -30.16 47.95
CA ILE E 386 50.62 -30.35 49.16
C ILE E 386 51.36 -31.00 50.34
N GLU E 387 52.09 -32.11 50.13
CA GLU E 387 52.97 -32.73 51.17
C GLU E 387 53.88 -31.68 51.77
N GLN E 388 54.48 -30.88 50.91
CA GLN E 388 55.47 -29.93 51.28
C GLN E 388 54.85 -28.78 52.08
N ASP E 389 53.77 -28.19 51.57
CA ASP E 389 53.20 -27.00 52.19
C ASP E 389 52.65 -27.29 53.60
N ALA E 390 52.05 -28.47 53.74
CA ALA E 390 51.41 -28.89 54.97
C ALA E 390 52.32 -28.83 56.17
N ASP E 391 51.70 -28.48 57.31
CA ASP E 391 52.32 -28.55 58.60
C ASP E 391 52.19 -29.94 59.15
N ILE E 392 51.29 -30.72 58.58
CA ILE E 392 50.87 -31.97 59.19
C ILE E 392 49.92 -32.73 58.26
N VAL E 393 50.22 -34.00 58.05
CA VAL E 393 49.54 -34.80 57.04
C VAL E 393 49.02 -36.05 57.72
N ALA E 394 47.72 -36.24 57.67
CA ALA E 394 47.06 -37.34 58.34
C ALA E 394 46.38 -38.23 57.25
N PHE E 395 46.69 -39.52 57.25
CA PHE E 395 45.96 -40.44 56.40
C PHE E 395 44.98 -41.24 57.22
N LEU E 396 43.84 -41.61 56.61
CA LEU E 396 42.89 -42.53 57.21
C LEU E 396 43.03 -43.84 56.47
N TYR E 397 43.24 -44.93 57.21
CA TYR E 397 43.28 -46.29 56.66
C TYR E 397 42.35 -47.19 57.45
N ARG E 398 41.51 -47.89 56.72
CA ARG E 398 40.58 -48.80 57.33
C ARG E 398 40.85 -50.16 56.75
N ASP E 399 41.19 -51.14 57.57
CA ASP E 399 41.40 -52.45 56.97
C ASP E 399 40.10 -52.92 56.37
N ASP E 400 39.01 -52.65 57.07
CA ASP E 400 37.72 -53.15 56.64
C ASP E 400 37.20 -52.50 55.38
N TYR E 401 37.89 -51.47 54.90
CA TYR E 401 37.48 -50.79 53.66
C TYR E 401 37.81 -51.65 52.48
N TYR E 402 38.85 -52.48 52.65
CA TYR E 402 39.34 -53.37 51.60
C TYR E 402 38.95 -54.81 51.83
N ASN E 403 39.02 -55.28 53.07
CA ASN E 403 38.62 -56.67 53.38
C ASN E 403 37.17 -56.73 53.81
N LYS E 404 36.39 -57.54 53.12
CA LYS E 404 34.97 -57.69 53.44
C LYS E 404 34.84 -58.35 54.80
N ASP E 405 35.72 -59.30 55.07
CA ASP E 405 35.68 -60.14 56.26
C ASP E 405 36.52 -59.59 57.42
N SER E 406 37.34 -58.59 57.14
CA SER E 406 38.40 -58.13 58.06
C SER E 406 38.17 -58.36 59.54
N GLU E 407 39.15 -58.96 60.21
CA GLU E 407 39.16 -59.05 61.67
C GLU E 407 39.36 -57.67 62.25
N ASN E 408 38.87 -57.46 63.48
CA ASN E 408 38.66 -56.08 64.03
C ASN E 408 38.15 -54.99 63.07
N LYS E 409 36.83 -54.83 63.00
CA LYS E 409 36.22 -54.01 61.98
C LYS E 409 36.37 -52.52 62.24
N ASN E 410 35.49 -51.96 63.06
CA ASN E 410 35.36 -50.51 63.18
C ASN E 410 36.64 -49.68 63.47
N ILE E 411 37.78 -50.35 63.56
CA ILE E 411 39.06 -49.69 63.79
C ILE E 411 39.54 -48.96 62.56
N ILE E 412 40.11 -47.78 62.80
CA ILE E 412 40.61 -46.95 61.72
C ILE E 412 41.91 -46.29 62.14
N GLU E 413 42.95 -46.46 61.34
CA GLU E 413 44.24 -45.85 61.63
C GLU E 413 44.22 -44.38 61.24
N ILE E 414 44.79 -43.52 62.10
CA ILE E 414 45.07 -42.11 61.77
C ILE E 414 46.59 -42.05 61.68
N ILE E 415 47.09 -42.17 60.46
CA ILE E 415 48.52 -42.20 60.21
C ILE E 415 49.01 -40.77 60.11
N ILE E 416 49.85 -40.36 61.05
CA ILE E 416 50.37 -39.00 61.01
C ILE E 416 51.73 -39.05 60.37
N ALA E 417 51.70 -38.94 59.04
CA ALA E 417 52.88 -39.15 58.22
C ALA E 417 53.84 -37.95 58.24
N LYS E 418 53.33 -36.77 58.58
CA LYS E 418 54.16 -35.59 58.61
C LYS E 418 53.73 -34.65 59.72
N GLN E 419 54.69 -34.11 60.50
CA GLN E 419 54.47 -32.88 61.30
C GLN E 419 55.77 -32.24 61.69
N ARG E 420 55.91 -30.92 61.49
CA ARG E 420 57.14 -30.22 61.87
C ARG E 420 57.03 -29.46 63.24
N ASN E 421 55.99 -29.85 63.99
CA ASN E 421 55.90 -29.57 65.43
C ASN E 421 56.79 -30.65 66.01
N GLY E 422 56.48 -31.90 65.68
CA GLY E 422 57.11 -32.99 66.35
C GLY E 422 56.96 -34.38 65.78
N PRO E 423 56.41 -35.29 66.60
CA PRO E 423 56.46 -36.72 66.41
C PRO E 423 55.60 -37.20 65.29
N VAL E 424 56.08 -38.24 64.64
CA VAL E 424 55.37 -38.92 63.60
C VAL E 424 54.84 -40.19 64.22
N GLY E 425 53.72 -40.70 63.72
CA GLY E 425 53.21 -41.99 64.22
C GLY E 425 51.78 -42.33 63.85
N THR E 426 51.32 -43.52 64.23
CA THR E 426 49.95 -43.89 63.96
C THR E 426 49.08 -43.87 65.21
N VAL E 427 47.84 -43.44 65.06
CA VAL E 427 46.87 -43.47 66.17
C VAL E 427 45.65 -44.25 65.75
N GLN E 428 44.99 -44.89 66.71
CA GLN E 428 43.86 -45.74 66.39
C GLN E 428 42.58 -45.17 66.98
N LEU E 429 41.50 -45.20 66.19
CA LEU E 429 40.15 -44.79 66.62
C LEU E 429 39.13 -45.75 66.03
N ALA E 430 37.92 -45.68 66.56
CA ALA E 430 36.84 -46.48 66.00
C ALA E 430 35.92 -45.59 65.18
N PHE E 431 35.48 -46.11 64.04
CA PHE E 431 34.61 -45.38 63.17
C PHE E 431 33.33 -46.16 62.98
N ILE E 432 32.41 -45.95 63.92
CA ILE E 432 31.05 -46.51 63.88
C ILE E 432 30.27 -45.79 62.75
N LYS E 433 30.25 -46.40 61.57
CA LYS E 433 29.72 -45.75 60.35
C LYS E 433 28.21 -45.50 60.38
N GLU E 434 27.48 -46.42 61.04
CA GLU E 434 26.04 -46.32 61.26
C GLU E 434 25.67 -45.04 61.96
N TYR E 435 26.63 -44.46 62.69
CA TYR E 435 26.38 -43.25 63.46
C TYR E 435 27.19 -42.07 62.94
N ASN E 436 27.84 -42.25 61.79
CA ASN E 436 28.67 -41.18 61.20
C ASN E 436 29.71 -40.68 62.21
N LYS E 437 30.09 -41.59 63.11
CA LYS E 437 30.81 -41.24 64.34
C LYS E 437 32.19 -41.87 64.51
N PHE E 438 33.16 -41.05 64.86
CA PHE E 438 34.49 -41.52 65.28
C PHE E 438 34.50 -41.54 66.79
N VAL E 439 35.06 -42.58 67.38
CA VAL E 439 35.18 -42.60 68.85
C VAL E 439 36.55 -43.00 69.35
N ASN E 440 36.88 -42.52 70.54
CA ASN E 440 38.11 -42.90 71.21
C ASN E 440 38.05 -44.38 71.57
N LEU E 441 39.18 -44.97 71.93
CA LEU E 441 39.18 -46.39 72.22
C LEU E 441 39.17 -46.75 73.72
N ARG F 8 73.01 23.44 28.21
CA ARG F 8 71.86 22.94 27.41
C ARG F 8 72.23 22.61 25.95
N ILE F 9 73.51 22.73 25.61
CA ILE F 9 74.07 22.19 24.36
C ILE F 9 74.75 20.82 24.57
N PRO F 10 74.11 19.74 24.05
CA PRO F 10 74.52 18.34 24.13
C PRO F 10 76.02 18.10 23.96
N PRO F 11 76.63 17.35 24.90
CA PRO F 11 78.03 16.96 24.74
C PRO F 11 78.26 16.32 23.38
N GLN F 12 79.27 16.85 22.69
CA GLN F 12 79.64 16.46 21.32
C GLN F 12 81.07 16.93 21.10
N SER F 13 81.70 16.51 20.01
CA SER F 13 83.03 17.03 19.65
C SER F 13 83.29 17.01 18.14
N ILE F 14 82.48 17.74 17.39
CA ILE F 14 82.49 17.67 15.92
C ILE F 14 83.89 17.59 15.28
N GLU F 15 84.84 18.36 15.83
CA GLU F 15 86.23 18.36 15.39
C GLU F 15 86.75 16.94 15.34
N ALA F 16 86.56 16.24 16.46
CA ALA F 16 86.98 14.87 16.57
C ALA F 16 86.21 13.91 15.64
N GLU F 17 84.92 14.16 15.44
CA GLU F 17 84.14 13.40 14.46
C GLU F 17 84.74 13.51 13.08
N GLN F 18 85.06 14.74 12.68
CA GLN F 18 85.64 14.98 11.36
C GLN F 18 86.98 14.28 11.22
N ALA F 19 87.78 14.37 12.27
CA ALA F 19 89.11 13.75 12.30
C ALA F 19 89.06 12.23 12.03
N VAL F 20 88.00 11.56 12.53
CA VAL F 20 87.79 10.12 12.34
C VAL F 20 87.47 9.87 10.88
N LEU F 21 86.40 10.49 10.39
CA LEU F 21 85.98 10.36 9.00
C LEU F 21 87.14 10.72 8.04
N GLY F 22 87.85 11.78 8.38
CA GLY F 22 89.01 12.19 7.62
C GLY F 22 90.04 11.09 7.47
N ALA F 23 90.42 10.49 8.60
CA ALA F 23 91.43 9.44 8.61
C ALA F 23 91.05 8.24 7.74
N VAL F 24 89.74 7.97 7.65
CA VAL F 24 89.28 6.87 6.82
C VAL F 24 89.57 7.15 5.35
N PHE F 25 89.23 8.36 4.90
CA PHE F 25 89.52 8.75 3.52
C PHE F 25 91.01 8.81 3.24
N LEU F 26 91.80 8.96 4.30
CA LEU F 26 93.26 9.01 4.18
C LEU F 26 93.93 7.63 4.16
N ASP F 27 93.41 6.66 4.92
CA ASP F 27 94.18 5.43 5.11
C ASP F 27 94.03 4.25 4.15
N PRO F 28 92.89 3.52 4.17
CA PRO F 28 91.71 3.53 4.97
C PRO F 28 91.65 2.32 5.88
N ALA F 29 92.80 1.73 6.20
CA ALA F 29 92.83 0.63 7.15
C ALA F 29 92.44 1.15 8.51
N ALA F 30 92.25 2.46 8.59
CA ALA F 30 91.84 3.17 9.79
C ALA F 30 90.37 2.97 10.12
N LEU F 31 89.64 2.38 9.18
CA LEU F 31 88.24 2.08 9.40
C LEU F 31 88.05 0.93 10.41
N VAL F 32 89.02 0.02 10.46
CA VAL F 32 88.97 -1.11 11.39
C VAL F 32 88.94 -0.68 12.86
N PRO F 33 89.94 0.10 13.32
CA PRO F 33 89.88 0.57 14.70
C PRO F 33 88.63 1.39 14.91
N ALA F 34 88.33 2.27 13.96
CA ALA F 34 87.18 3.18 14.05
C ALA F 34 85.88 2.43 14.37
N SER F 35 85.62 1.35 13.63
CA SER F 35 84.35 0.61 13.79
C SER F 35 84.34 -0.34 14.99
N GLU F 36 85.51 -0.78 15.41
CA GLU F 36 85.65 -1.53 16.67
C GLU F 36 85.21 -0.68 17.84
N ILE F 37 85.43 0.63 17.73
CA ILE F 37 85.18 1.59 18.78
C ILE F 37 83.79 2.25 18.65
N LEU F 38 83.33 2.48 17.42
CA LEU F 38 82.11 3.25 17.17
C LEU F 38 81.09 2.55 16.29
N ILE F 39 79.82 2.85 16.54
CA ILE F 39 78.78 2.60 15.56
C ILE F 39 78.33 3.96 14.99
N PRO F 40 77.69 3.97 13.82
CA PRO F 40 77.27 5.24 13.21
C PRO F 40 76.54 6.19 14.16
N GLU F 41 75.74 5.62 15.07
CA GLU F 41 74.88 6.43 15.93
C GLU F 41 75.65 7.23 16.98
N ASP F 42 76.88 6.79 17.27
CA ASP F 42 77.75 7.50 18.20
C ASP F 42 78.06 8.94 17.74
N PHE F 43 78.07 9.16 16.43
CA PHE F 43 78.34 10.48 15.86
C PHE F 43 77.16 11.39 16.16
N TYR F 44 77.44 12.65 16.50
CA TYR F 44 76.36 13.58 16.85
C TYR F 44 75.69 14.17 15.62
N ARG F 45 76.50 14.66 14.68
CA ARG F 45 75.99 15.29 13.46
C ARG F 45 75.26 14.29 12.57
N ALA F 46 74.02 14.63 12.24
CA ALA F 46 73.17 13.78 11.41
C ALA F 46 73.93 13.30 10.18
N ALA F 47 74.62 14.24 9.54
CA ALA F 47 75.40 13.95 8.33
C ALA F 47 76.51 12.90 8.53
N HIS F 48 77.26 12.99 9.62
CA HIS F 48 78.34 12.06 9.88
C HIS F 48 77.81 10.65 10.09
N GLN F 49 76.74 10.55 10.85
CA GLN F 49 75.98 9.33 11.00
C GLN F 49 75.85 8.60 9.68
N LYS F 50 75.23 9.27 8.70
CA LYS F 50 75.01 8.73 7.35
C LYS F 50 76.31 8.37 6.60
N ILE F 51 77.32 9.22 6.71
CA ILE F 51 78.60 8.99 6.05
C ILE F 51 79.28 7.75 6.61
N PHE F 52 79.41 7.68 7.94
CA PHE F 52 80.07 6.54 8.59
C PHE F 52 79.29 5.24 8.37
N HIS F 53 77.97 5.37 8.19
CA HIS F 53 77.17 4.23 7.83
C HIS F 53 77.57 3.73 6.45
N ALA F 54 77.48 4.63 5.46
CA ALA F 54 77.91 4.32 4.09
C ALA F 54 79.29 3.65 4.04
N MET F 55 80.24 4.22 4.79
CA MET F 55 81.61 3.67 4.87
C MET F 55 81.62 2.17 5.23
N LEU F 56 80.81 1.82 6.23
CA LEU F 56 80.69 0.46 6.71
C LEU F 56 79.94 -0.40 5.71
N ARG F 57 78.93 0.21 5.09
CA ARG F 57 78.09 -0.43 4.09
C ARG F 57 78.94 -0.85 2.89
N VAL F 58 79.87 0.02 2.48
CA VAL F 58 80.81 -0.26 1.38
C VAL F 58 81.89 -1.27 1.77
N ALA F 59 82.21 -1.30 3.06
CA ALA F 59 83.24 -2.19 3.59
C ALA F 59 82.75 -3.64 3.60
N ASP F 60 81.44 -3.82 3.67
CA ASP F 60 80.83 -5.14 3.74
C ASP F 60 80.78 -5.85 2.40
N ARG F 61 81.29 -5.22 1.36
CA ARG F 61 81.28 -5.83 0.03
C ARG F 61 82.52 -6.67 -0.34
N GLY F 62 83.76 -6.25 -0.06
CA GLY F 62 84.14 -4.92 0.42
C GLY F 62 84.90 -4.26 -0.70
N GLU F 63 84.72 -2.96 -0.84
CA GLU F 63 84.99 -2.29 -2.11
C GLU F 63 86.45 -1.97 -2.50
N PRO F 64 87.25 -1.33 -1.63
CA PRO F 64 87.04 -0.90 -0.26
C PRO F 64 86.78 0.60 -0.20
N VAL F 65 87.11 1.18 0.95
CA VAL F 65 86.63 2.50 1.33
C VAL F 65 87.51 3.66 0.92
N ASP F 66 87.17 4.35 -0.15
CA ASP F 66 87.85 5.59 -0.47
C ASP F 66 86.86 6.66 -0.87
N LEU F 67 87.39 7.86 -1.11
CA LEU F 67 86.58 9.01 -1.42
C LEU F 67 85.62 8.76 -2.59
N VAL F 68 86.02 7.94 -3.56
CA VAL F 68 85.13 7.62 -4.67
C VAL F 68 84.01 6.67 -4.26
N THR F 69 84.36 5.44 -3.89
CA THR F 69 83.39 4.42 -3.52
C THR F 69 82.39 4.94 -2.49
N VAL F 70 82.84 5.80 -1.57
CA VAL F 70 81.97 6.35 -0.54
C VAL F 70 80.89 7.25 -1.13
N THR F 71 81.29 8.16 -2.02
CA THR F 71 80.30 9.03 -2.66
C THR F 71 79.39 8.22 -3.60
N ALA F 72 79.91 7.14 -4.18
CA ALA F 72 79.11 6.26 -5.01
C ALA F 72 78.01 5.61 -4.18
N GLU F 73 78.35 5.23 -2.95
CA GLU F 73 77.41 4.59 -2.05
C GLU F 73 76.40 5.59 -1.50
N LEU F 74 76.84 6.83 -1.27
CA LEU F 74 75.97 7.89 -0.75
C LEU F 74 74.96 8.37 -1.78
N ALA F 75 75.37 8.36 -3.05
CA ALA F 75 74.47 8.70 -4.15
C ALA F 75 73.52 7.54 -4.45
N ALA F 76 73.97 6.33 -4.18
CA ALA F 76 73.15 5.11 -4.34
C ALA F 76 71.92 5.13 -3.44
N SER F 77 72.01 5.85 -2.32
CA SER F 77 70.83 6.23 -1.56
C SER F 77 70.59 7.73 -1.78
N GLU F 78 69.49 8.26 -1.25
CA GLU F 78 69.14 9.66 -1.54
C GLU F 78 70.09 10.67 -0.88
N GLN F 79 71.20 10.16 -0.34
CA GLN F 79 71.92 10.83 0.74
C GLN F 79 73.06 11.77 0.38
N LEU F 80 73.63 11.64 -0.83
CA LEU F 80 74.81 12.43 -1.18
C LEU F 80 74.62 13.95 -1.07
N GLU F 81 73.42 14.42 -1.39
CA GLU F 81 73.14 15.85 -1.31
C GLU F 81 72.83 16.31 0.13
N GLU F 82 72.31 15.38 0.93
CA GLU F 82 71.93 15.67 2.32
C GLU F 82 73.12 15.94 3.25
N ILE F 83 74.29 15.40 2.92
CA ILE F 83 75.46 15.46 3.80
C ILE F 83 76.45 16.57 3.45
N GLY F 84 75.98 17.59 2.73
CA GLY F 84 76.87 18.53 2.05
C GLY F 84 77.21 17.87 0.73
N GLY F 85 78.03 18.51 -0.07
CA GLY F 85 78.35 17.96 -1.39
C GLY F 85 79.43 16.89 -1.34
N VAL F 86 79.96 16.55 -2.50
CA VAL F 86 81.25 15.89 -2.59
C VAL F 86 82.28 16.81 -1.96
N SER F 87 81.96 18.11 -1.97
CA SER F 87 82.82 19.16 -1.42
C SER F 87 82.97 19.08 0.11
N TYR F 88 81.96 18.54 0.79
CA TYR F 88 82.08 18.31 2.22
C TYR F 88 82.94 17.08 2.49
N LEU F 89 82.74 16.02 1.71
CA LEU F 89 83.58 14.82 1.83
C LEU F 89 85.05 15.16 1.55
N SER F 90 85.26 16.12 0.65
CA SER F 90 86.61 16.59 0.31
C SER F 90 87.25 17.31 1.48
N GLU F 91 86.47 18.11 2.20
CA GLU F 91 86.95 18.80 3.39
C GLU F 91 87.34 17.83 4.49
N LEU F 92 86.55 16.77 4.64
CA LEU F 92 86.83 15.77 5.66
C LEU F 92 88.22 15.16 5.47
N ALA F 93 88.57 14.85 4.22
CA ALA F 93 89.91 14.40 3.87
C ALA F 93 91.01 15.35 4.39
N ASP F 94 90.83 16.64 4.17
CA ASP F 94 91.85 17.64 4.51
C ASP F 94 91.84 18.06 5.99
N ALA F 95 90.87 17.57 6.75
CA ALA F 95 90.69 18.02 8.13
C ALA F 95 91.76 17.53 9.11
N VAL F 96 92.21 16.28 8.95
CA VAL F 96 93.27 15.70 9.81
C VAL F 96 94.56 15.50 9.00
N PRO F 97 95.74 15.87 9.60
CA PRO F 97 97.09 15.57 9.18
C PRO F 97 97.32 14.19 8.54
N THR F 98 97.55 13.16 9.34
CA THR F 98 97.51 11.77 8.83
C THR F 98 96.49 10.92 9.58
N ALA F 99 96.40 9.67 9.18
CA ALA F 99 95.42 8.75 9.73
C ALA F 99 95.93 8.12 11.01
N ALA F 100 97.25 8.20 11.21
CA ALA F 100 97.98 7.47 12.25
C ALA F 100 97.41 7.40 13.69
N ASN F 101 96.42 8.23 14.03
CA ASN F 101 95.70 8.10 15.31
C ASN F 101 94.20 8.38 15.27
N VAL F 102 93.48 7.58 14.46
CA VAL F 102 92.01 7.56 14.49
C VAL F 102 91.54 7.14 15.85
N GLU F 103 92.30 6.22 16.44
CA GLU F 103 91.97 5.65 17.72
C GLU F 103 91.62 6.73 18.72
N TYR F 104 92.41 7.80 18.76
CA TYR F 104 92.20 8.88 19.72
C TYR F 104 90.93 9.70 19.45
N TYR F 105 90.71 10.09 18.20
CA TYR F 105 89.51 10.86 17.88
C TYR F 105 88.26 10.01 18.09
N ALA F 106 88.34 8.74 17.68
CA ALA F 106 87.25 7.78 17.87
C ALA F 106 86.84 7.73 19.32
N ARG F 107 87.83 7.71 20.20
CA ARG F 107 87.59 7.61 21.63
C ARG F 107 86.98 8.90 22.22
N ILE F 108 87.20 10.02 21.53
CA ILE F 108 86.57 11.27 21.92
C ILE F 108 85.09 11.19 21.58
N VAL F 109 84.80 10.83 20.32
CA VAL F 109 83.42 10.67 19.83
C VAL F 109 82.64 9.72 20.73
N GLU F 110 83.32 8.63 21.12
CA GLU F 110 82.75 7.60 22.00
C GLU F 110 82.48 8.12 23.40
N GLU F 111 83.46 8.81 23.97
CA GLU F 111 83.30 9.40 25.29
C GLU F 111 82.17 10.42 25.32
N LYS F 112 82.07 11.25 24.29
CA LYS F 112 80.96 12.18 24.21
C LYS F 112 79.62 11.44 24.13
N SER F 113 79.58 10.39 23.31
CA SER F 113 78.38 9.54 23.21
C SER F 113 77.90 9.04 24.58
N VAL F 114 78.85 8.56 25.40
CA VAL F 114 78.53 8.04 26.71
C VAL F 114 77.96 9.16 27.59
N LEU F 115 78.59 10.34 27.50
CA LEU F 115 78.13 11.48 28.27
C LEU F 115 76.66 11.79 28.07
N ARG F 116 76.23 11.93 26.82
CA ARG F 116 74.83 12.25 26.58
C ARG F 116 73.89 11.05 26.84
N ARG F 117 74.41 9.83 26.72
CA ARG F 117 73.64 8.65 27.15
C ARG F 117 73.39 8.70 28.65
N LEU F 118 74.42 9.11 29.40
CA LEU F 118 74.27 9.30 30.84
C LEU F 118 73.23 10.38 31.12
N ILE F 119 73.39 11.56 30.52
CA ILE F 119 72.49 12.69 30.75
C ILE F 119 71.06 12.30 30.45
N ARG F 120 70.88 11.56 29.37
CA ARG F 120 69.57 11.13 28.92
C ARG F 120 68.90 10.15 29.89
N THR F 121 69.66 9.20 30.44
CA THR F 121 69.06 8.25 31.39
C THR F 121 68.83 8.89 32.74
N ALA F 122 69.66 9.86 33.10
CA ALA F 122 69.51 10.59 34.33
C ALA F 122 68.24 11.42 34.29
N THR F 123 68.01 12.09 33.15
CA THR F 123 66.84 12.98 33.02
C THR F 123 65.58 12.17 33.01
N SER F 124 65.65 10.97 32.43
CA SER F 124 64.48 10.10 32.38
C SER F 124 64.21 9.44 33.73
N ILE F 125 65.23 9.34 34.59
CA ILE F 125 65.02 8.90 35.96
C ILE F 125 64.26 9.98 36.76
N ALA F 126 64.72 11.22 36.65
CA ALA F 126 64.07 12.33 37.30
C ALA F 126 62.65 12.47 36.76
N GLN F 127 62.52 12.37 35.44
CA GLN F 127 61.22 12.36 34.77
C GLN F 127 60.26 11.37 35.42
N ASP F 128 60.73 10.14 35.60
CA ASP F 128 59.93 9.04 36.16
C ASP F 128 59.67 9.22 37.65
N GLY F 129 60.49 10.02 38.32
CA GLY F 129 60.31 10.33 39.74
C GLY F 129 58.97 10.96 40.07
N TYR F 130 58.49 11.85 39.21
CA TYR F 130 57.20 12.51 39.39
C TYR F 130 56.01 11.65 38.99
N THR F 131 56.23 10.77 38.01
CA THR F 131 55.15 9.95 37.43
C THR F 131 54.84 8.72 38.27
N ARG F 132 55.76 7.76 38.26
CA ARG F 132 55.50 6.45 38.85
C ARG F 132 55.66 6.45 40.38
N GLU F 133 54.94 7.35 41.06
CA GLU F 133 54.93 7.43 42.53
C GLU F 133 54.27 6.20 43.20
N ASP F 134 54.25 5.07 42.49
CA ASP F 134 53.44 3.91 42.86
C ASP F 134 54.23 2.88 43.65
N GLU F 135 55.38 2.52 43.09
CA GLU F 135 56.29 1.55 43.68
C GLU F 135 57.66 2.19 43.84
N ILE F 136 58.06 2.33 45.10
CA ILE F 136 59.30 3.00 45.46
C ILE F 136 60.55 2.12 45.34
N ASP F 137 60.47 0.88 45.81
CA ASP F 137 61.62 0.00 45.88
C ASP F 137 62.07 -0.48 44.50
N VAL F 138 61.11 -0.76 43.63
CA VAL F 138 61.40 -1.22 42.27
C VAL F 138 61.81 -0.05 41.38
N LEU F 139 61.47 1.18 41.81
CA LEU F 139 61.91 2.40 41.13
C LEU F 139 63.38 2.71 41.39
N LEU F 140 63.83 2.49 42.64
CA LEU F 140 65.26 2.57 42.97
C LEU F 140 66.09 1.60 42.15
N ASP F 141 65.77 0.30 42.22
CA ASP F 141 66.47 -0.77 41.51
C ASP F 141 66.68 -0.45 40.05
N GLU F 142 65.65 0.05 39.38
CA GLU F 142 65.75 0.46 37.98
C GLU F 142 66.81 1.52 37.77
N ALA F 143 66.84 2.51 38.66
CA ALA F 143 67.85 3.56 38.60
C ALA F 143 69.27 2.99 38.71
N ASP F 144 69.50 2.16 39.74
CA ASP F 144 70.73 1.40 39.90
C ASP F 144 71.12 0.75 38.57
N ARG F 145 70.20 -0.04 38.04
CA ARG F 145 70.42 -0.91 36.89
C ARG F 145 70.57 -0.14 35.57
N LYS F 146 69.81 0.94 35.43
CA LYS F 146 69.82 1.77 34.23
C LYS F 146 71.11 2.56 34.09
N ILE F 147 71.79 2.79 35.20
CA ILE F 147 72.99 3.62 35.19
C ILE F 147 74.24 2.78 34.92
N MET F 148 74.18 1.50 35.28
CA MET F 148 75.24 0.53 34.97
C MET F 148 75.25 0.25 33.47
N GLU F 149 74.06 0.08 32.90
CA GLU F 149 73.89 -0.20 31.48
C GLU F 149 74.45 0.90 30.57
N VAL F 150 75.09 1.90 31.18
CA VAL F 150 75.65 3.04 30.46
C VAL F 150 77.14 2.80 30.18
N SER F 151 77.44 1.68 29.53
CA SER F 151 78.81 1.31 29.19
C SER F 151 78.93 0.07 28.26
N GLN F 152 80.11 -0.07 27.67
CA GLN F 152 80.59 -1.38 27.24
C GLN F 152 80.97 -2.12 28.55
N ARG F 153 79.97 -2.27 29.43
CA ARG F 153 80.12 -2.89 30.76
C ARG F 153 80.10 -4.42 30.71
N LYS F 154 79.44 -4.96 29.69
CA LYS F 154 79.56 -6.37 29.32
C LYS F 154 80.79 -6.54 28.41
N HIS F 155 81.22 -5.44 27.79
CA HIS F 155 82.35 -5.37 26.84
C HIS F 155 82.30 -6.44 25.74
N ALA F 158 87.94 -6.91 27.36
CA ALA F 158 89.39 -7.08 27.38
C ALA F 158 89.73 -8.39 28.05
N PHE F 159 90.63 -9.16 27.45
CA PHE F 159 90.95 -10.50 27.98
C PHE F 159 91.87 -10.44 29.19
N LYS F 160 91.81 -11.46 30.04
CA LYS F 160 92.79 -11.61 31.12
C LYS F 160 93.92 -12.49 30.61
N ASN F 161 95.15 -11.99 30.66
CA ASN F 161 96.33 -12.74 30.20
C ASN F 161 96.78 -13.72 31.25
N ILE F 162 97.25 -14.89 30.82
CA ILE F 162 97.52 -15.97 31.76
C ILE F 162 98.73 -15.71 32.67
N LYS F 163 99.71 -15.00 32.14
CA LYS F 163 100.89 -14.62 32.92
C LYS F 163 100.42 -13.96 34.21
N ASP F 164 99.45 -13.07 34.08
CA ASP F 164 98.97 -12.29 35.21
C ASP F 164 98.18 -13.10 36.23
N ILE F 165 97.34 -14.01 35.75
CA ILE F 165 96.51 -14.85 36.61
C ILE F 165 97.40 -15.76 37.44
N LEU F 166 98.37 -16.40 36.78
CA LEU F 166 99.29 -17.31 37.43
C LEU F 166 99.90 -16.71 38.70
N VAL F 167 100.22 -15.41 38.63
CA VAL F 167 100.82 -14.67 39.75
C VAL F 167 99.83 -14.54 40.93
N GLN F 168 98.66 -13.97 40.69
CA GLN F 168 97.61 -13.81 41.72
C GLN F 168 97.15 -15.16 42.29
N THR F 169 97.33 -16.22 41.49
CA THR F 169 97.05 -17.60 41.91
C THR F 169 98.17 -18.10 42.82
N TYR F 170 99.42 -17.87 42.42
CA TYR F 170 100.56 -18.30 43.22
C TYR F 170 100.45 -17.63 44.55
N ASP F 171 100.32 -16.31 44.51
CA ASP F 171 100.23 -15.49 45.70
C ASP F 171 99.09 -15.91 46.62
N ASN F 172 98.01 -16.37 46.02
CA ASN F 172 96.89 -16.91 46.80
C ASN F 172 97.30 -18.21 47.50
N ILE F 173 97.99 -19.09 46.78
CA ILE F 173 98.39 -20.38 47.31
C ILE F 173 99.38 -20.18 48.47
N GLU F 174 100.25 -19.18 48.28
CA GLU F 174 101.19 -18.70 49.28
C GLU F 174 100.47 -18.35 50.56
N MET F 175 99.47 -17.47 50.47
CA MET F 175 98.74 -16.98 51.65
C MET F 175 97.99 -18.11 52.36
N LEU F 176 97.38 -18.98 51.56
CA LEU F 176 96.66 -20.16 52.05
C LEU F 176 97.57 -21.02 52.90
N HIS F 177 98.79 -21.18 52.42
CA HIS F 177 99.83 -21.95 53.07
C HIS F 177 100.30 -21.33 54.40
N ASN F 178 100.53 -20.01 54.39
CA ASN F 178 100.89 -19.23 55.59
C ASN F 178 99.81 -19.30 56.69
N ARG F 179 98.59 -19.66 56.30
CA ARG F 179 97.53 -20.09 57.21
C ARG F 179 97.94 -21.48 57.79
N ASP F 180 97.16 -22.18 58.64
CA ASP F 180 95.72 -22.00 59.02
C ASP F 180 94.76 -22.95 58.25
N GLY F 181 95.33 -24.03 57.68
CA GLY F 181 94.59 -25.00 56.88
C GLY F 181 93.60 -25.80 57.69
N ILE F 183 90.53 -25.93 56.65
CA ILE F 183 89.25 -25.41 56.18
C ILE F 183 89.50 -24.01 55.62
N THR F 184 88.98 -23.73 54.42
CA THR F 184 89.35 -22.49 53.70
C THR F 184 88.43 -21.24 53.58
N GLY F 185 87.10 -21.28 53.53
CA GLY F 185 86.17 -22.21 54.16
C GLY F 185 85.50 -21.58 55.38
N ILE F 186 84.19 -21.39 55.33
CA ILE F 186 83.44 -21.10 56.54
C ILE F 186 83.06 -22.45 57.11
N PRO F 187 83.49 -22.75 58.33
CA PRO F 187 83.31 -24.08 58.88
C PRO F 187 81.92 -24.36 59.47
N THR F 188 81.30 -25.44 59.00
CA THR F 188 79.97 -25.84 59.42
C THR F 188 79.95 -26.36 60.86
N GLY F 189 81.08 -26.83 61.35
CA GLY F 189 81.12 -27.52 62.63
C GLY F 189 80.77 -29.01 62.54
N PHE F 190 80.50 -29.51 61.33
CA PHE F 190 80.38 -30.95 61.13
C PHE F 190 81.64 -31.44 60.47
N THR F 191 82.50 -32.06 61.29
CA THR F 191 83.87 -32.38 60.93
C THR F 191 83.99 -33.05 59.58
N GLU F 192 83.21 -34.12 59.38
CA GLU F 192 83.38 -35.00 58.23
C GLU F 192 82.98 -34.27 56.96
N LEU F 193 81.92 -33.48 57.07
CA LEU F 193 81.48 -32.63 55.96
C LEU F 193 82.52 -31.54 55.66
N ASP F 194 83.01 -30.87 56.70
CA ASP F 194 84.03 -29.87 56.53
C ASP F 194 85.30 -30.40 55.90
N ARG F 195 85.66 -31.66 56.20
CA ARG F 195 86.85 -32.29 55.61
C ARG F 195 86.69 -32.41 54.10
N MET F 196 85.47 -32.74 53.71
CA MET F 196 85.16 -33.03 52.32
C MET F 196 84.98 -31.76 51.51
N THR F 197 84.73 -30.67 52.21
CA THR F 197 84.20 -29.51 51.56
C THR F 197 85.10 -28.29 51.84
N SER F 198 85.56 -28.20 53.10
CA SER F 198 86.37 -27.11 53.70
C SER F 198 85.67 -25.77 53.66
N GLY F 199 84.49 -25.68 54.28
CA GLY F 199 83.52 -24.61 53.98
C GLY F 199 83.03 -25.03 52.60
N PHE F 200 81.93 -24.49 52.05
CA PHE F 200 81.25 -23.26 52.39
C PHE F 200 82.22 -22.15 52.17
N GLN F 201 82.38 -21.95 50.87
CA GLN F 201 83.36 -21.10 50.25
C GLN F 201 82.64 -19.85 49.76
N ARG F 202 83.36 -18.74 49.71
CA ARG F 202 82.79 -17.50 49.19
C ARG F 202 82.41 -17.63 47.71
N SER F 203 81.19 -17.23 47.38
CA SER F 203 80.70 -17.21 45.98
C SER F 203 80.06 -18.51 45.50
N ASP F 204 80.03 -19.52 46.36
CA ASP F 204 79.39 -20.80 46.01
C ASP F 204 77.89 -20.80 46.21
N LEU F 205 77.21 -21.56 45.38
CA LEU F 205 75.80 -21.83 45.57
C LEU F 205 75.70 -23.28 46.07
N ILE F 206 75.24 -23.44 47.30
CA ILE F 206 75.09 -24.78 47.87
C ILE F 206 73.61 -25.18 47.90
N ILE F 207 73.27 -26.25 47.18
CA ILE F 207 71.92 -26.74 47.21
C ILE F 207 71.79 -27.90 48.19
N VAL F 208 70.85 -27.76 49.13
CA VAL F 208 70.53 -28.84 50.05
C VAL F 208 69.10 -29.26 49.77
N ALA F 209 68.93 -30.44 49.18
CA ALA F 209 67.60 -30.94 48.81
C ALA F 209 67.31 -32.28 49.46
N ALA F 210 66.03 -32.54 49.73
CA ALA F 210 65.60 -33.82 50.33
C ALA F 210 64.09 -33.86 50.36
N ARG F 211 63.50 -35.05 50.44
CA ARG F 211 62.03 -35.17 50.61
C ARG F 211 61.45 -34.37 51.80
N PRO F 212 60.13 -34.15 51.83
CA PRO F 212 59.48 -33.37 52.88
C PRO F 212 59.60 -34.00 54.26
N SER F 213 59.78 -33.14 55.26
CA SER F 213 59.96 -33.56 56.64
C SER F 213 61.17 -34.50 56.83
N VAL F 214 62.15 -34.45 55.94
CA VAL F 214 63.34 -35.29 56.10
C VAL F 214 64.35 -34.66 57.04
N GLY F 215 64.47 -33.34 56.97
CA GLY F 215 65.41 -32.56 57.79
C GLY F 215 66.11 -31.36 57.14
N LYS F 216 65.59 -30.89 55.99
CA LYS F 216 66.21 -29.75 55.27
C LYS F 216 66.45 -28.55 56.19
N THR F 217 65.38 -27.91 56.64
CA THR F 217 65.49 -26.73 57.51
C THR F 217 66.36 -27.00 58.72
N ALA F 218 65.99 -28.03 59.49
CA ALA F 218 66.81 -28.48 60.62
C ALA F 218 68.33 -28.43 60.35
N PHE F 219 68.74 -29.00 59.24
CA PHE F 219 70.14 -29.06 58.85
C PHE F 219 70.71 -27.66 58.60
N ALA F 220 69.93 -26.85 57.87
CA ALA F 220 70.36 -25.51 57.51
C ALA F 220 70.47 -24.66 58.77
N LEU F 221 69.47 -24.76 59.63
CA LEU F 221 69.50 -24.02 60.89
C LEU F 221 70.73 -24.39 61.76
N ASN F 222 70.95 -25.69 61.91
CA ASN F 222 72.10 -26.18 62.65
C ASN F 222 73.38 -25.58 62.10
N ILE F 223 73.55 -25.59 60.78
CA ILE F 223 74.70 -24.94 60.17
C ILE F 223 74.77 -23.44 60.55
N ALA F 224 73.64 -22.75 60.45
CA ALA F 224 73.62 -21.32 60.73
C ALA F 224 74.08 -21.02 62.17
N GLN F 225 73.60 -21.80 63.13
CA GLN F 225 74.04 -21.62 64.52
C GLN F 225 75.54 -21.77 64.66
N ASN F 226 76.07 -22.92 64.26
CA ASN F 226 77.47 -23.21 64.42
C ASN F 226 78.35 -22.19 63.74
N VAL F 227 77.84 -21.57 62.68
CA VAL F 227 78.57 -20.51 62.02
C VAL F 227 78.45 -19.27 62.87
N ALA F 228 77.24 -18.88 63.20
CA ALA F 228 77.02 -17.63 63.93
C ALA F 228 77.56 -17.58 65.35
N THR F 229 77.64 -18.74 66.01
CA THR F 229 78.10 -18.80 67.38
C THR F 229 79.57 -19.20 67.47
N LYS F 230 80.01 -20.16 66.67
CA LYS F 230 81.39 -20.61 66.74
C LYS F 230 82.33 -19.63 66.05
N THR F 231 81.94 -19.14 64.88
CA THR F 231 82.70 -18.10 64.20
C THR F 231 82.17 -16.71 64.60
N ASN F 232 82.71 -15.67 63.98
CA ASN F 232 82.29 -14.33 64.30
C ASN F 232 81.51 -13.67 63.17
N GLU F 233 81.16 -14.48 62.17
CA GLU F 233 80.55 -14.01 60.95
C GLU F 233 79.04 -13.87 61.10
N ASN F 234 78.43 -12.91 60.38
CA ASN F 234 76.98 -12.71 60.39
C ASN F 234 76.33 -13.61 59.36
N VAL F 235 75.18 -14.20 59.69
CA VAL F 235 74.44 -14.98 58.71
C VAL F 235 72.99 -14.52 58.58
N ALA F 236 72.53 -14.36 57.34
CA ALA F 236 71.17 -13.96 57.05
C ALA F 236 70.34 -15.20 56.70
N ILE F 237 69.16 -15.31 57.31
CA ILE F 237 68.29 -16.42 56.99
C ILE F 237 66.98 -15.89 56.43
N PHE F 238 66.58 -16.34 55.26
CA PHE F 238 65.29 -15.97 54.72
C PHE F 238 64.40 -17.17 54.88
N SER F 239 63.40 -17.09 55.76
CA SER F 239 62.46 -18.19 55.95
C SER F 239 61.15 -17.90 55.28
N LEU F 240 60.83 -18.65 54.23
CA LEU F 240 59.58 -18.32 53.52
C LEU F 240 58.38 -19.18 53.96
N GLU F 241 58.66 -20.24 54.74
CA GLU F 241 57.63 -21.18 55.18
C GLU F 241 57.33 -21.09 56.69
N MET F 242 58.38 -21.03 57.51
CA MET F 242 58.20 -20.90 58.95
C MET F 242 58.45 -19.47 59.41
N SER F 243 57.88 -19.14 60.58
CA SER F 243 58.05 -17.85 61.24
C SER F 243 59.40 -17.76 61.91
N ALA F 244 59.81 -16.53 62.21
CA ALA F 244 61.06 -16.28 62.93
C ALA F 244 61.04 -16.96 64.27
N GLN F 245 59.93 -16.81 64.99
CA GLN F 245 59.78 -17.49 66.26
C GLN F 245 60.07 -18.99 66.16
N GLN F 246 59.37 -19.71 65.27
CA GLN F 246 59.57 -21.16 65.14
C GLN F 246 61.04 -21.53 64.88
N LEU F 247 61.72 -20.66 64.16
CA LEU F 247 63.12 -20.89 63.85
C LEU F 247 63.98 -20.79 65.10
N VAL F 248 63.76 -19.72 65.86
CA VAL F 248 64.51 -19.49 67.08
C VAL F 248 64.26 -20.61 68.07
N MET F 249 63.01 -21.06 68.14
CA MET F 249 62.68 -22.16 69.02
C MET F 249 63.40 -23.45 68.64
N ARG F 250 63.64 -23.64 67.36
CA ARG F 250 64.42 -24.80 66.94
C ARG F 250 65.86 -24.67 67.39
N MET F 251 66.43 -23.49 67.24
CA MET F 251 67.82 -23.27 67.61
C MET F 251 68.07 -23.37 69.10
N LEU F 252 67.16 -22.82 69.91
CA LEU F 252 67.25 -22.91 71.37
C LEU F 252 67.32 -24.37 71.78
N CYS F 253 66.37 -25.19 71.30
CA CYS F 253 66.35 -26.61 71.59
C CYS F 253 67.66 -27.29 71.21
N ALA F 254 68.20 -26.93 70.06
CA ALA F 254 69.43 -27.54 69.58
C ALA F 254 70.61 -27.03 70.39
N GLU F 255 70.61 -25.74 70.72
CA GLU F 255 71.74 -25.18 71.47
C GLU F 255 71.89 -25.80 72.86
N GLY F 256 70.76 -26.05 73.52
CA GLY F 256 70.79 -26.47 74.90
C GLY F 256 70.36 -27.89 75.19
N ASN F 257 70.10 -28.66 74.14
CA ASN F 257 69.50 -30.00 74.27
C ASN F 257 68.25 -30.05 75.14
N ILE F 258 67.29 -29.18 74.82
CA ILE F 258 66.00 -29.17 75.47
C ILE F 258 65.01 -29.87 74.55
N ASN F 259 64.26 -30.82 75.10
CA ASN F 259 63.29 -31.54 74.29
C ASN F 259 62.21 -30.61 73.75
N ALA F 260 62.02 -30.66 72.43
CA ALA F 260 61.18 -29.71 71.73
C ALA F 260 59.75 -29.73 72.24
N GLN F 261 59.21 -30.92 72.48
CA GLN F 261 57.84 -31.02 72.97
C GLN F 261 57.68 -30.29 74.29
N ASN F 262 58.59 -30.54 75.21
CA ASN F 262 58.59 -29.84 76.49
C ASN F 262 58.61 -28.32 76.27
N LEU F 263 59.54 -27.88 75.44
CA LEU F 263 59.75 -26.46 75.18
C LEU F 263 58.50 -25.78 74.61
N ARG F 264 57.78 -26.45 73.71
CA ARG F 264 56.64 -25.80 73.09
C ARG F 264 55.32 -26.02 73.85
N THR F 265 55.41 -26.65 75.02
CA THR F 265 54.28 -26.72 75.97
C THR F 265 54.52 -25.78 77.15
N GLY F 266 55.79 -25.53 77.46
CA GLY F 266 56.17 -24.81 78.67
C GLY F 266 56.33 -25.78 79.82
N LYS F 267 56.20 -27.07 79.50
CA LYS F 267 56.34 -28.14 80.46
C LYS F 267 57.83 -28.49 80.63
N LEU F 268 58.58 -27.57 81.25
CA LEU F 268 60.04 -27.70 81.39
C LEU F 268 60.47 -28.17 82.76
N THR F 269 61.38 -29.14 82.78
CA THR F 269 62.00 -29.62 84.02
C THR F 269 62.86 -28.51 84.65
N PRO F 270 63.18 -28.62 85.95
CA PRO F 270 64.03 -27.62 86.61
C PRO F 270 65.40 -27.42 85.96
N GLU F 271 66.00 -28.50 85.43
CA GLU F 271 67.27 -28.38 84.72
C GLU F 271 67.09 -27.88 83.29
N ASP F 272 65.89 -28.09 82.74
CA ASP F 272 65.55 -27.55 81.42
C ASP F 272 65.67 -26.02 81.42
N TRP F 273 65.10 -25.33 82.41
CA TRP F 273 65.18 -23.88 82.45
C TRP F 273 66.62 -23.42 82.50
N GLY F 274 67.47 -24.22 83.16
CA GLY F 274 68.91 -23.98 83.19
C GLY F 274 69.44 -24.01 81.77
N LYS F 275 69.21 -25.14 81.10
CA LYS F 275 69.60 -25.30 79.71
C LYS F 275 69.12 -24.15 78.82
N LEU F 276 67.87 -23.72 79.03
CA LEU F 276 67.28 -22.61 78.27
C LEU F 276 67.95 -21.29 78.56
N THR F 277 68.22 -21.02 79.84
CA THR F 277 68.90 -19.79 80.25
C THR F 277 70.21 -19.56 79.52
N MET F 278 71.01 -20.59 79.29
CA MET F 278 72.31 -20.38 78.65
C MET F 278 72.29 -20.61 77.15
N ALA F 279 71.26 -21.31 76.66
CA ALA F 279 70.94 -21.33 75.24
C ALA F 279 70.65 -19.90 74.78
N MET F 280 69.78 -19.22 75.51
CA MET F 280 69.44 -17.83 75.23
C MET F 280 70.65 -16.92 75.30
N GLY F 281 71.44 -17.09 76.36
CA GLY F 281 72.68 -16.37 76.53
C GLY F 281 73.54 -16.38 75.28
N SER F 282 73.94 -17.57 74.83
CA SER F 282 74.90 -17.68 73.71
C SER F 282 74.29 -17.23 72.38
N LEU F 283 73.01 -17.47 72.20
CA LEU F 283 72.31 -17.07 70.98
C LEU F 283 72.11 -15.57 70.83
N SER F 284 72.29 -14.80 71.90
CA SER F 284 72.15 -13.33 71.85
C SER F 284 73.31 -12.71 71.08
N ASN F 285 74.53 -13.04 71.48
CA ASN F 285 75.72 -12.51 70.85
C ASN F 285 75.98 -13.22 69.54
N ALA F 286 74.96 -13.94 69.06
CA ALA F 286 75.09 -14.81 67.88
C ALA F 286 75.07 -14.07 66.56
N GLY F 287 74.29 -12.99 66.49
CA GLY F 287 74.22 -12.21 65.26
C GLY F 287 73.72 -12.99 64.06
N ILE F 288 72.46 -13.37 64.12
CA ILE F 288 71.84 -14.04 63.00
C ILE F 288 70.60 -13.21 62.63
N TYR F 289 70.54 -12.79 61.39
CA TYR F 289 69.46 -11.92 60.89
C TYR F 289 68.39 -12.70 60.10
N ILE F 290 67.16 -12.67 60.58
CA ILE F 290 66.10 -13.53 60.08
C ILE F 290 65.02 -12.72 59.37
N ASP F 291 64.77 -13.03 58.11
CA ASP F 291 63.67 -12.39 57.41
C ASP F 291 62.58 -13.39 57.01
N ASP F 292 61.44 -13.32 57.68
CA ASP F 292 60.37 -14.29 57.43
C ASP F 292 59.20 -13.79 56.58
N THR F 293 59.45 -12.84 55.67
CA THR F 293 58.40 -12.38 54.76
C THR F 293 58.16 -13.52 53.79
N PRO F 294 56.88 -13.96 53.66
CA PRO F 294 56.55 -15.21 52.97
C PRO F 294 56.66 -15.12 51.45
N SER F 295 56.56 -13.91 50.91
CA SER F 295 56.88 -13.75 49.47
C SER F 295 57.91 -12.65 49.16
N ILE F 296 59.10 -13.08 48.74
CA ILE F 296 60.10 -12.17 48.23
C ILE F 296 60.54 -12.57 46.85
N ARG F 297 61.05 -11.60 46.11
CA ARG F 297 61.73 -11.88 44.84
C ARG F 297 63.23 -11.95 45.17
N VAL F 298 64.03 -12.47 44.24
CA VAL F 298 65.46 -12.55 44.54
C VAL F 298 66.03 -11.15 44.70
N SER F 299 65.62 -10.25 43.80
CA SER F 299 65.98 -8.83 43.90
C SER F 299 65.83 -8.27 45.31
N ASP F 300 64.70 -8.56 45.95
CA ASP F 300 64.49 -8.16 47.34
C ASP F 300 65.53 -8.77 48.27
N ILE F 301 65.79 -10.08 48.10
CA ILE F 301 66.79 -10.73 48.93
C ILE F 301 68.09 -9.99 48.75
N ARG F 302 68.47 -9.79 47.49
CA ARG F 302 69.71 -9.11 47.15
C ARG F 302 69.87 -7.77 47.86
N ALA F 303 68.85 -6.95 47.70
CA ALA F 303 68.79 -5.64 48.34
C ALA F 303 69.02 -5.71 49.84
N LYS F 304 68.32 -6.61 50.53
CA LYS F 304 68.42 -6.71 51.98
C LYS F 304 69.82 -7.11 52.43
N CYS F 305 70.41 -8.08 51.74
CA CYS F 305 71.75 -8.56 52.05
C CYS F 305 72.80 -7.51 51.76
N ARG F 306 72.72 -6.92 50.56
CA ARG F 306 73.59 -5.82 50.18
C ARG F 306 73.70 -4.80 51.32
N ARG F 307 72.57 -4.44 51.90
CA ARG F 307 72.54 -3.48 52.99
C ARG F 307 73.11 -4.03 54.30
N LEU F 308 72.80 -5.26 54.65
CA LEU F 308 73.34 -5.83 55.89
C LEU F 308 74.84 -6.01 55.81
N LYS F 309 75.35 -6.32 54.62
CA LYS F 309 76.79 -6.43 54.42
C LYS F 309 77.44 -5.04 54.52
N GLN F 310 76.73 -4.05 53.97
CA GLN F 310 77.16 -2.65 54.03
C GLN F 310 77.62 -2.23 55.41
N GLU F 311 76.75 -2.45 56.39
CA GLU F 311 76.94 -1.90 57.72
C GLU F 311 77.38 -2.89 58.78
N SER F 312 77.36 -4.18 58.49
CA SER F 312 77.78 -5.15 59.49
C SER F 312 78.66 -6.26 58.93
N GLY F 313 78.65 -6.42 57.61
CA GLY F 313 79.40 -7.49 56.98
C GLY F 313 78.60 -8.77 57.01
N LEU F 314 78.63 -9.51 55.92
CA LEU F 314 77.89 -10.74 55.81
C LEU F 314 78.83 -11.93 55.61
N GLY F 315 78.41 -13.11 56.04
CA GLY F 315 79.20 -14.30 55.85
C GLY F 315 78.47 -15.38 55.07
N MET F 316 77.23 -15.64 55.46
CA MET F 316 76.41 -16.62 54.79
C MET F 316 75.01 -16.08 54.52
N ILE F 317 74.39 -16.60 53.47
CA ILE F 317 72.97 -16.42 53.26
C ILE F 317 72.33 -17.80 53.17
N VAL F 318 71.30 -18.02 53.99
CA VAL F 318 70.50 -19.25 53.92
C VAL F 318 69.11 -18.91 53.39
N ILE F 319 68.60 -19.71 52.44
CA ILE F 319 67.25 -19.49 51.93
C ILE F 319 66.34 -20.69 52.14
N ASP F 320 65.38 -20.56 53.08
CA ASP F 320 64.35 -21.58 53.29
C ASP F 320 63.35 -21.60 52.14
N TYR F 321 63.96 -21.62 50.98
CA TYR F 321 63.70 -22.57 49.92
C TYR F 321 63.30 -22.08 48.58
N LEU F 322 64.10 -22.54 47.64
CA LEU F 322 64.30 -21.88 46.38
C LEU F 322 63.01 -21.78 45.57
N GLN F 323 62.26 -22.87 45.45
CA GLN F 323 61.05 -22.82 44.66
C GLN F 323 59.91 -22.01 45.32
N LEU F 324 60.09 -21.62 46.57
CA LEU F 324 59.13 -20.74 47.22
C LEU F 324 59.36 -19.29 46.91
N ILE F 325 60.61 -18.95 46.57
CA ILE F 325 60.97 -17.59 46.11
C ILE F 325 60.05 -17.22 44.96
N GLN F 326 59.82 -15.95 44.71
CA GLN F 326 58.98 -15.68 43.56
C GLN F 326 59.59 -14.91 42.38
N GLY F 327 59.03 -15.13 41.20
CA GLY F 327 59.67 -14.69 39.97
C GLY F 327 59.70 -13.20 39.76
N SER F 328 60.70 -12.75 39.02
CA SER F 328 60.72 -11.43 38.40
C SER F 328 59.72 -11.44 37.27
N GLY F 329 59.11 -10.29 36.99
CA GLY F 329 58.18 -10.18 35.86
C GLY F 329 58.77 -10.66 34.55
N ARG F 330 58.12 -11.66 33.97
CA ARG F 330 58.43 -12.16 32.64
C ARG F 330 57.13 -12.78 32.14
N SER F 331 56.04 -12.31 32.75
CA SER F 331 54.76 -13.04 32.90
C SER F 331 54.93 -14.45 33.52
N LYS F 332 53.86 -14.96 34.16
CA LYS F 332 53.84 -16.33 34.68
C LYS F 332 54.27 -17.30 33.59
N GLU F 333 55.59 -17.35 33.41
CA GLU F 333 56.21 -18.04 32.28
C GLU F 333 56.23 -19.57 32.50
N ASN F 334 56.51 -20.33 31.43
CA ASN F 334 56.87 -21.74 31.58
C ASN F 334 57.60 -21.87 32.92
N ARG F 335 56.89 -22.37 33.92
CA ARG F 335 57.38 -22.38 35.30
C ARG F 335 58.80 -22.91 35.42
N GLN F 336 59.17 -23.90 34.61
CA GLN F 336 60.54 -24.41 34.57
C GLN F 336 61.56 -23.29 34.29
N GLN F 337 61.22 -22.37 33.38
CA GLN F 337 62.05 -21.19 33.13
C GLN F 337 62.02 -20.19 34.27
N GLU F 338 60.85 -20.00 34.89
CA GLU F 338 60.74 -19.13 36.04
C GLU F 338 61.73 -19.52 37.11
N VAL F 339 61.78 -20.81 37.48
CA VAL F 339 62.76 -21.21 38.48
C VAL F 339 64.16 -21.30 37.89
N SER F 340 64.28 -21.64 36.62
CA SER F 340 65.58 -21.59 35.93
C SER F 340 66.24 -20.25 36.18
N GLU F 341 65.40 -19.21 36.18
CA GLU F 341 65.84 -17.83 36.34
C GLU F 341 66.23 -17.53 37.77
N ILE F 342 65.37 -17.91 38.73
CA ILE F 342 65.66 -17.73 40.15
C ILE F 342 67.00 -18.37 40.49
N SER F 343 67.23 -19.55 39.93
CA SER F 343 68.45 -20.29 40.12
C SER F 343 69.66 -19.45 39.70
N ARG F 344 69.62 -18.96 38.45
CA ARG F 344 70.67 -18.08 37.96
C ARG F 344 70.93 -16.90 38.92
N SER F 345 69.86 -16.15 39.22
CA SER F 345 69.90 -14.99 40.11
C SER F 345 70.59 -15.26 41.46
N LEU F 346 70.29 -16.42 42.04
CA LEU F 346 70.88 -16.79 43.29
C LEU F 346 72.38 -16.98 43.15
N LYS F 347 72.81 -17.81 42.17
CA LYS F 347 74.26 -17.96 41.94
C LYS F 347 74.97 -16.62 41.74
N ALA F 348 74.39 -15.79 40.86
CA ALA F 348 74.86 -14.42 40.63
C ALA F 348 74.89 -13.51 41.88
N LEU F 349 73.95 -13.72 42.82
CA LEU F 349 73.96 -13.03 44.10
C LEU F 349 75.14 -13.52 44.96
N ALA F 350 75.36 -14.83 45.00
CA ALA F 350 76.46 -15.39 45.79
C ALA F 350 77.76 -14.87 45.24
N ARG F 351 77.81 -14.76 43.91
CA ARG F 351 78.99 -14.28 43.22
C ARG F 351 79.26 -12.79 43.56
N GLU F 352 78.21 -11.98 43.55
CA GLU F 352 78.33 -10.52 43.74
C GLU F 352 78.70 -10.14 45.17
N LEU F 353 78.08 -10.80 46.13
CA LEU F 353 78.37 -10.53 47.53
C LEU F 353 79.56 -11.32 48.08
N GLU F 354 80.18 -12.17 47.25
CA GLU F 354 81.31 -13.02 47.64
C GLU F 354 81.05 -13.68 48.98
N VAL F 355 80.02 -14.54 49.00
CA VAL F 355 79.49 -15.16 50.21
C VAL F 355 78.81 -16.45 49.80
N PRO F 356 79.02 -17.56 50.55
CA PRO F 356 78.27 -18.80 50.21
C PRO F 356 76.77 -18.60 50.37
N VAL F 357 76.01 -19.11 49.41
CA VAL F 357 74.55 -19.08 49.51
C VAL F 357 74.01 -20.51 49.53
N ILE F 358 73.40 -20.88 50.66
CA ILE F 358 72.78 -22.18 50.83
C ILE F 358 71.27 -22.10 50.50
N ALA F 359 70.88 -22.70 49.38
CA ALA F 359 69.47 -22.74 48.99
C ALA F 359 68.92 -24.13 49.25
N LEU F 360 67.92 -24.20 50.10
CA LEU F 360 67.18 -25.45 50.25
C LEU F 360 66.29 -25.73 49.01
N SER F 361 66.18 -26.99 48.66
CA SER F 361 65.33 -27.35 47.55
C SER F 361 64.50 -28.56 47.86
N GLN F 362 63.35 -28.65 47.18
CA GLN F 362 62.50 -29.78 47.27
C GLN F 362 62.88 -30.79 46.19
N LEU F 363 62.34 -32.01 46.25
CA LEU F 363 62.58 -33.01 45.20
C LEU F 363 61.27 -33.52 44.69
N SER F 364 61.20 -33.82 43.39
CA SER F 364 60.00 -34.39 42.76
C SER F 364 59.68 -35.75 43.32
N ARG F 365 58.46 -36.21 43.03
CA ARG F 365 58.04 -37.49 43.60
C ARG F 365 58.68 -38.66 42.87
N SER F 366 59.35 -38.37 41.75
CA SER F 366 60.17 -39.36 41.05
C SER F 366 60.82 -40.34 42.02
N VAL F 367 61.55 -39.83 43.02
CA VAL F 367 62.33 -40.68 43.91
C VAL F 367 61.50 -41.73 44.65
N GLU F 368 60.35 -41.35 45.16
CA GLU F 368 59.38 -42.30 45.78
C GLU F 368 59.04 -43.50 44.91
N GLN F 369 59.21 -43.37 43.60
CA GLN F 369 58.97 -44.49 42.69
C GLN F 369 60.11 -45.55 42.73
N ARG F 370 61.28 -45.17 43.23
CA ARG F 370 62.45 -46.02 43.10
C ARG F 370 62.57 -47.11 44.14
N GLN F 371 63.49 -48.04 43.86
CA GLN F 371 63.90 -49.07 44.79
C GLN F 371 64.75 -48.43 45.86
N ASP F 372 65.89 -47.90 45.42
CA ASP F 372 66.83 -47.18 46.27
C ASP F 372 66.38 -45.72 46.39
N LYS F 373 65.96 -45.33 47.59
CA LYS F 373 65.34 -44.03 47.81
C LYS F 373 66.36 -42.95 48.08
N ARG F 374 67.63 -43.25 47.78
CA ARG F 374 68.67 -42.23 47.79
C ARG F 374 68.53 -41.39 46.54
N PRO F 375 68.40 -40.07 46.71
CA PRO F 375 68.19 -39.13 45.60
C PRO F 375 69.39 -39.02 44.67
N MET F 376 69.11 -38.80 43.39
CA MET F 376 70.14 -38.40 42.44
C MET F 376 69.80 -37.02 41.93
N MET F 377 70.78 -36.34 41.30
CA MET F 377 70.63 -34.93 40.85
C MET F 377 69.34 -34.60 40.07
N SER F 378 68.98 -35.50 39.15
CA SER F 378 67.77 -35.43 38.35
C SER F 378 66.53 -35.16 39.21
N ASP F 379 66.49 -35.69 40.43
CA ASP F 379 65.32 -35.58 41.33
C ASP F 379 64.98 -34.17 41.84
N ILE F 380 65.93 -33.23 41.79
CA ILE F 380 65.68 -31.85 42.19
C ILE F 380 64.42 -31.28 41.50
N ARG F 381 63.49 -30.80 42.32
CA ARG F 381 62.12 -30.48 41.84
C ARG F 381 62.06 -29.26 40.96
N GLU F 382 61.34 -29.38 39.86
CA GLU F 382 60.90 -28.22 39.07
C GLU F 382 61.78 -27.64 37.97
N SER F 383 63.09 -27.74 38.09
CA SER F 383 63.94 -27.37 36.98
C SER F 383 65.34 -27.89 37.12
N GLY F 384 65.79 -28.55 36.06
CA GLY F 384 67.15 -29.11 35.97
C GLY F 384 68.29 -28.11 35.99
N SER F 385 68.00 -26.85 35.69
CA SER F 385 69.02 -25.81 35.77
C SER F 385 69.66 -25.68 37.18
N ILE F 386 68.90 -26.00 38.21
CA ILE F 386 69.45 -26.01 39.55
C ILE F 386 70.67 -26.93 39.71
N GLU F 387 70.62 -28.17 39.19
CA GLU F 387 71.79 -29.09 39.22
C GLU F 387 72.96 -28.42 38.56
N GLN F 388 72.68 -27.84 37.40
CA GLN F 388 73.67 -27.20 36.58
C GLN F 388 74.30 -25.93 37.19
N ASP F 389 73.48 -25.05 37.80
CA ASP F 389 73.96 -23.77 38.36
C ASP F 389 74.76 -23.95 39.66
N ALA F 390 74.32 -24.90 40.49
CA ALA F 390 74.91 -25.19 41.81
C ALA F 390 76.40 -25.47 41.74
N ASP F 391 77.13 -24.94 42.71
CA ASP F 391 78.53 -25.25 42.90
C ASP F 391 78.66 -26.55 43.65
N ILE F 392 77.56 -27.00 44.25
CA ILE F 392 77.59 -28.10 45.22
C ILE F 392 76.17 -28.51 45.60
N VAL F 393 75.89 -29.81 45.54
CA VAL F 393 74.54 -30.34 45.74
C VAL F 393 74.60 -31.43 46.81
N ALA F 394 73.83 -31.21 47.88
CA ALA F 394 73.84 -32.05 49.09
C ALA F 394 72.47 -32.66 49.27
N PHE F 395 72.37 -33.98 49.28
CA PHE F 395 71.08 -34.61 49.55
C PHE F 395 71.04 -35.14 50.95
N LEU F 396 69.88 -35.11 51.60
CA LEU F 396 69.73 -35.76 52.89
C LEU F 396 68.91 -37.01 52.72
N TYR F 397 69.44 -38.13 53.23
CA TYR F 397 68.74 -39.43 53.23
C TYR F 397 68.72 -40.04 54.64
N ARG F 398 67.56 -40.53 55.05
CA ARG F 398 67.38 -41.12 56.38
C ARG F 398 66.74 -42.47 56.18
N ASP F 399 67.37 -43.54 56.62
CA ASP F 399 66.74 -44.83 56.43
C ASP F 399 65.44 -44.86 57.23
N ASP F 400 65.50 -44.28 58.43
CA ASP F 400 64.37 -44.31 59.36
C ASP F 400 63.19 -43.44 58.92
N TYR F 401 63.38 -42.62 57.89
CA TYR F 401 62.27 -41.87 57.27
C TYR F 401 61.28 -42.78 56.54
N TYR F 402 61.79 -43.89 55.99
CA TYR F 402 60.98 -44.87 55.28
C TYR F 402 60.69 -46.15 56.08
N ASN F 403 61.66 -46.63 56.85
CA ASN F 403 61.45 -47.81 57.69
C ASN F 403 61.02 -47.42 59.07
N LYS F 404 59.89 -47.95 59.51
CA LYS F 404 59.36 -47.64 60.84
C LYS F 404 60.28 -48.26 61.88
N ASP F 405 60.74 -49.47 61.59
CA ASP F 405 61.56 -50.28 62.49
C ASP F 405 63.07 -50.05 62.35
N SER F 406 63.47 -49.33 61.31
CA SER F 406 64.88 -49.27 60.86
C SER F 406 65.94 -49.46 61.92
N GLU F 407 66.86 -50.39 61.68
CA GLU F 407 68.07 -50.52 62.50
C GLU F 407 68.96 -49.29 62.30
N ASN F 408 69.73 -48.96 63.33
CA ASN F 408 70.39 -47.63 63.48
C ASN F 408 69.56 -46.39 63.07
N LYS F 409 68.79 -45.87 64.02
CA LYS F 409 67.80 -44.84 63.72
C LYS F 409 68.47 -43.52 63.41
N ASN F 410 68.99 -42.85 64.43
CA ASN F 410 69.35 -41.46 64.29
C ASN F 410 70.36 -41.09 63.21
N ILE F 411 70.91 -42.10 62.53
CA ILE F 411 71.87 -41.90 61.46
C ILE F 411 71.22 -41.25 60.23
N ILE F 412 71.96 -40.33 59.62
CA ILE F 412 71.46 -39.62 58.43
C ILE F 412 72.59 -39.34 57.46
N GLU F 413 72.42 -39.77 56.21
CA GLU F 413 73.45 -39.58 55.19
C GLU F 413 73.41 -38.13 54.67
N ILE F 414 74.58 -37.52 54.49
CA ILE F 414 74.70 -36.28 53.74
C ILE F 414 75.41 -36.65 52.44
N ILE F 415 74.63 -36.96 51.43
CA ILE F 415 75.14 -37.39 50.12
C ILE F 415 75.59 -36.16 49.34
N ILE F 416 76.90 -36.02 49.17
CA ILE F 416 77.41 -34.92 48.37
C ILE F 416 77.53 -35.38 46.92
N ALA F 417 76.44 -35.19 46.19
CA ALA F 417 76.30 -35.68 44.83
C ALA F 417 77.06 -34.85 43.81
N LYS F 418 77.28 -33.58 44.11
CA LYS F 418 77.97 -32.66 43.20
C LYS F 418 78.87 -31.68 43.93
N GLN F 419 80.09 -31.49 43.44
CA GLN F 419 80.91 -30.30 43.77
C GLN F 419 82.07 -30.11 42.79
N ARG F 420 82.22 -28.90 42.27
CA ARG F 420 83.32 -28.58 41.34
C ARG F 420 84.52 -27.87 42.02
N ASN F 421 84.52 -27.90 43.35
CA ASN F 421 85.74 -27.72 44.13
C ASN F 421 86.47 -29.05 44.01
N GLY F 422 85.78 -30.12 44.37
CA GLY F 422 86.44 -31.39 44.45
C GLY F 422 85.60 -32.63 44.58
N PRO F 423 85.85 -33.39 45.66
CA PRO F 423 85.46 -34.77 45.85
C PRO F 423 84.00 -34.91 46.03
N VAL F 424 83.48 -36.00 45.51
CA VAL F 424 82.12 -36.38 45.70
C VAL F 424 82.12 -37.45 46.78
N GLY F 425 81.01 -37.63 47.49
CA GLY F 425 80.91 -38.74 48.44
C GLY F 425 79.81 -38.61 49.48
N THR F 426 79.70 -39.60 50.35
CA THR F 426 78.70 -39.55 51.43
C THR F 426 79.34 -39.34 52.80
N VAL F 427 78.64 -38.59 53.64
CA VAL F 427 79.07 -38.34 55.00
C VAL F 427 77.93 -38.70 55.94
N GLN F 428 78.27 -39.17 57.13
CA GLN F 428 77.26 -39.60 58.07
C GLN F 428 77.17 -38.66 59.26
N LEU F 429 75.94 -38.35 59.68
CA LEU F 429 75.71 -37.60 60.91
C LEU F 429 74.55 -38.21 61.67
N ALA F 430 74.37 -37.79 62.91
CA ALA F 430 73.20 -38.20 63.67
C ALA F 430 72.24 -37.04 63.77
N PHE F 431 70.96 -37.33 63.62
CA PHE F 431 69.93 -36.31 63.68
C PHE F 431 68.96 -36.66 64.80
N ILE F 432 69.32 -36.19 66.00
CA ILE F 432 68.50 -36.36 67.18
C ILE F 432 67.31 -35.42 67.03
N LYS F 433 66.17 -35.98 66.62
CA LYS F 433 64.99 -35.20 66.24
C LYS F 433 64.30 -34.52 67.40
N GLU F 434 64.27 -35.19 68.53
CA GLU F 434 63.74 -34.64 69.78
C GLU F 434 64.42 -33.34 70.17
N TYR F 435 65.63 -33.11 69.65
CA TYR F 435 66.37 -31.92 70.00
C TYR F 435 66.57 -31.00 68.81
N ASN F 436 65.87 -31.25 67.70
CA ASN F 436 66.06 -30.47 66.49
C ASN F 436 67.53 -30.37 66.05
N LYS F 437 68.31 -31.40 66.42
CA LYS F 437 69.75 -31.31 66.42
C LYS F 437 70.46 -32.37 65.58
N PHE F 438 71.39 -31.89 64.75
CA PHE F 438 72.38 -32.71 64.05
C PHE F 438 73.65 -32.75 64.87
N VAL F 439 74.23 -33.93 65.03
CA VAL F 439 75.52 -34.05 65.72
C VAL F 439 76.57 -34.87 64.97
N ASN F 440 77.84 -34.58 65.25
CA ASN F 440 78.93 -35.37 64.70
C ASN F 440 78.87 -36.79 65.28
N LEU F 441 79.60 -37.73 64.69
CA LEU F 441 79.57 -39.10 65.22
C LEU F 441 80.70 -39.47 66.17
N SER G 13 77.38 9.31 -12.65
CA SER G 13 78.27 9.50 -13.82
C SER G 13 79.79 9.71 -13.48
N ILE G 14 80.19 10.98 -13.28
CA ILE G 14 81.59 11.54 -13.30
C ILE G 14 82.51 11.13 -12.13
N GLU G 15 83.66 11.80 -11.97
CA GLU G 15 84.54 11.69 -10.80
C GLU G 15 85.14 10.33 -10.57
N ALA G 16 84.33 9.29 -10.65
CA ALA G 16 84.83 7.95 -10.86
C ALA G 16 85.52 7.85 -12.23
N GLU G 17 85.00 8.58 -13.22
CA GLU G 17 85.65 8.67 -14.53
C GLU G 17 87.07 9.21 -14.38
N GLN G 18 87.20 10.30 -13.65
CA GLN G 18 88.50 10.93 -13.42
C GLN G 18 89.43 9.97 -12.68
N ALA G 19 88.89 9.25 -11.70
CA ALA G 19 89.66 8.28 -10.94
C ALA G 19 90.28 7.21 -11.81
N VAL G 20 89.57 6.78 -12.85
CA VAL G 20 90.09 5.78 -13.80
C VAL G 20 91.24 6.36 -14.62
N LEU G 21 90.96 7.44 -15.34
CA LEU G 21 91.98 8.10 -16.15
C LEU G 21 93.18 8.43 -15.29
N GLY G 22 92.93 8.89 -14.06
CA GLY G 22 93.98 9.23 -13.12
C GLY G 22 94.90 8.07 -12.86
N ALA G 23 94.32 6.93 -12.48
CA ALA G 23 95.09 5.73 -12.20
C ALA G 23 96.00 5.31 -13.36
N VAL G 24 95.54 5.52 -14.59
CA VAL G 24 96.35 5.19 -15.77
C VAL G 24 97.63 6.04 -15.85
N PHE G 25 97.51 7.34 -15.61
CA PHE G 25 98.69 8.20 -15.57
C PHE G 25 99.57 7.89 -14.38
N LEU G 26 99.00 7.27 -13.35
CA LEU G 26 99.78 6.84 -12.20
C LEU G 26 100.49 5.50 -12.36
N ASP G 27 99.91 4.51 -13.06
CA ASP G 27 100.48 3.16 -12.98
C ASP G 27 101.55 2.69 -13.96
N PRO G 28 101.22 2.46 -15.24
CA PRO G 28 99.99 2.49 -15.98
C PRO G 28 99.48 1.10 -16.34
N ALA G 29 99.95 0.08 -15.62
CA ALA G 29 99.48 -1.27 -15.85
C ALA G 29 98.00 -1.36 -15.53
N ALA G 30 97.47 -0.27 -14.97
CA ALA G 30 96.06 -0.14 -14.63
C ALA G 30 95.17 0.03 -15.87
N LEU G 31 95.78 0.27 -17.05
CA LEU G 31 95.05 0.40 -18.30
C LEU G 31 94.45 -0.94 -18.74
N VAL G 32 95.12 -2.04 -18.40
CA VAL G 32 94.66 -3.40 -18.73
C VAL G 32 93.29 -3.73 -18.14
N PRO G 33 93.16 -3.64 -16.79
CA PRO G 33 91.82 -3.87 -16.21
C PRO G 33 90.81 -2.85 -16.74
N ALA G 34 91.22 -1.59 -16.78
CA ALA G 34 90.36 -0.52 -17.25
C ALA G 34 89.70 -0.87 -18.59
N SER G 35 90.50 -1.32 -19.57
CA SER G 35 89.99 -1.55 -20.92
C SER G 35 89.23 -2.87 -21.05
N GLU G 36 89.56 -3.84 -20.18
CA GLU G 36 88.80 -5.08 -20.12
C GLU G 36 87.36 -4.78 -19.72
N ILE G 37 87.21 -3.73 -18.92
CA ILE G 37 85.92 -3.33 -18.36
C ILE G 37 85.19 -2.26 -19.17
N LEU G 38 85.93 -1.37 -19.81
CA LEU G 38 85.34 -0.20 -20.48
C LEU G 38 85.81 0.01 -21.92
N ILE G 39 84.90 0.53 -22.74
CA ILE G 39 85.30 1.12 -24.02
C ILE G 39 85.17 2.64 -23.90
N PRO G 40 85.84 3.40 -24.80
CA PRO G 40 85.82 4.86 -24.65
C PRO G 40 84.43 5.46 -24.50
N GLU G 41 83.45 4.85 -25.16
CA GLU G 41 82.09 5.39 -25.21
C GLU G 41 81.36 5.33 -23.86
N ASP G 42 81.82 4.44 -22.97
CA ASP G 42 81.25 4.25 -21.64
C ASP G 42 81.37 5.51 -20.78
N PHE G 43 82.42 6.29 -21.03
CA PHE G 43 82.62 7.57 -20.36
C PHE G 43 81.53 8.56 -20.77
N TYR G 44 81.00 9.32 -19.82
CA TYR G 44 79.96 10.28 -20.14
C TYR G 44 80.52 11.57 -20.74
N ARG G 45 81.53 12.16 -20.10
CA ARG G 45 82.12 13.42 -20.59
C ARG G 45 82.81 13.24 -21.92
N ALA G 46 82.38 14.05 -22.90
CA ALA G 46 82.99 14.07 -24.22
C ALA G 46 84.52 13.98 -24.16
N ALA G 47 85.12 14.82 -23.32
CA ALA G 47 86.56 14.90 -23.18
C ALA G 47 87.22 13.58 -22.76
N HIS G 48 86.63 12.90 -21.77
CA HIS G 48 87.19 11.65 -21.26
C HIS G 48 87.19 10.58 -22.34
N GLN G 49 86.07 10.52 -23.06
CA GLN G 49 85.91 9.68 -24.24
C GLN G 49 87.17 9.76 -25.08
N LYS G 50 87.49 10.97 -25.53
CA LYS G 50 88.67 11.23 -26.38
C LYS G 50 90.01 10.82 -25.73
N ILE G 51 90.18 11.15 -24.45
CA ILE G 51 91.39 10.84 -23.69
C ILE G 51 91.61 9.33 -23.59
N PHE G 52 90.60 8.62 -23.11
CA PHE G 52 90.67 7.16 -22.96
C PHE G 52 90.92 6.49 -24.31
N HIS G 53 90.37 7.08 -25.37
CA HIS G 53 90.60 6.57 -26.72
C HIS G 53 92.08 6.68 -27.06
N ALA G 54 92.62 7.90 -26.91
CA ALA G 54 94.03 8.19 -27.10
C ALA G 54 94.94 7.24 -26.30
N MET G 55 94.55 6.97 -25.05
CA MET G 55 95.29 6.04 -24.20
C MET G 55 95.42 4.67 -24.83
N LEU G 56 94.31 4.17 -25.37
CA LEU G 56 94.25 2.87 -26.03
C LEU G 56 94.95 2.88 -27.38
N ARG G 57 94.82 4.00 -28.08
CA ARG G 57 95.47 4.23 -29.36
C ARG G 57 97.01 4.16 -29.23
N VAL G 58 97.54 4.76 -28.16
CA VAL G 58 98.98 4.72 -27.85
C VAL G 58 99.43 3.36 -27.36
N ALA G 59 98.52 2.63 -26.69
CA ALA G 59 98.81 1.30 -26.16
C ALA G 59 98.99 0.27 -27.28
N ASP G 60 98.36 0.52 -28.42
CA ASP G 60 98.41 -0.39 -29.57
C ASP G 60 99.72 -0.35 -30.34
N ARG G 61 100.64 0.50 -29.90
CA ARG G 61 101.93 0.63 -30.60
C ARG G 61 103.08 -0.28 -30.11
N GLY G 62 103.29 -0.50 -28.81
CA GLY G 62 102.67 0.22 -27.69
C GLY G 62 103.77 1.04 -27.03
N GLU G 63 103.43 2.24 -26.58
CA GLU G 63 104.42 3.30 -26.40
C GLU G 63 105.35 3.25 -25.15
N PRO G 64 104.81 3.09 -23.93
CA PRO G 64 103.43 2.87 -23.51
C PRO G 64 102.84 4.15 -22.95
N VAL G 65 101.86 3.97 -22.07
CA VAL G 65 100.94 5.04 -21.69
C VAL G 65 101.38 5.87 -20.48
N ASP G 66 101.92 7.07 -20.74
CA ASP G 66 102.14 8.02 -19.66
C ASP G 66 101.70 9.43 -20.06
N LEU G 67 101.81 10.35 -19.11
CA LEU G 67 101.35 11.72 -19.29
C LEU G 67 101.95 12.41 -20.51
N VAL G 68 103.16 12.04 -20.88
CA VAL G 68 103.77 12.57 -22.10
C VAL G 68 103.12 11.95 -23.34
N THR G 69 103.36 10.66 -23.56
CA THR G 69 102.91 9.98 -24.78
C THR G 69 101.44 10.23 -25.06
N VAL G 70 100.64 10.38 -24.01
CA VAL G 70 99.19 10.63 -24.17
C VAL G 70 98.92 12.02 -24.76
N THR G 71 99.61 13.04 -24.26
CA THR G 71 99.42 14.39 -24.80
C THR G 71 100.02 14.51 -26.21
N ALA G 72 101.06 13.72 -26.48
CA ALA G 72 101.62 13.64 -27.81
C ALA G 72 100.58 13.07 -28.77
N GLU G 73 99.84 12.06 -28.32
CA GLU G 73 98.83 11.43 -29.13
C GLU G 73 97.59 12.32 -29.31
N LEU G 74 97.24 13.06 -28.27
CA LEU G 74 96.10 13.96 -28.34
C LEU G 74 96.36 15.18 -29.20
N ALA G 75 97.62 15.64 -29.25
CA ALA G 75 98.03 16.73 -30.13
C ALA G 75 98.17 16.26 -31.57
N ALA G 76 98.52 14.98 -31.74
CA ALA G 76 98.63 14.35 -33.05
C ALA G 76 97.31 14.39 -33.82
N SER G 77 96.20 14.40 -33.09
CA SER G 77 94.89 14.75 -33.65
C SER G 77 94.53 16.15 -33.14
N GLU G 78 93.43 16.71 -33.61
CA GLU G 78 93.10 18.11 -33.28
C GLU G 78 92.70 18.31 -31.81
N GLN G 79 92.90 17.27 -31.00
CA GLN G 79 92.14 17.10 -29.77
C GLN G 79 92.73 17.65 -28.46
N LEU G 80 94.04 17.90 -28.41
CA LEU G 80 94.67 18.30 -27.15
C LEU G 80 94.04 19.54 -26.52
N GLU G 81 93.61 20.49 -27.35
CA GLU G 81 93.03 21.72 -26.84
C GLU G 81 91.57 21.51 -26.43
N GLU G 82 90.90 20.56 -27.09
CA GLU G 82 89.47 20.27 -26.87
C GLU G 82 89.16 19.66 -25.50
N ILE G 83 90.16 19.00 -24.92
CA ILE G 83 89.95 18.25 -23.69
C ILE G 83 90.40 19.00 -22.43
N GLY G 84 90.48 20.32 -22.53
CA GLY G 84 91.18 21.12 -21.53
C GLY G 84 92.63 21.07 -21.94
N GLY G 85 93.52 21.70 -21.18
CA GLY G 85 94.92 21.73 -21.60
C GLY G 85 95.67 20.47 -21.21
N VAL G 86 97.00 20.57 -21.27
CA VAL G 86 97.85 19.62 -20.56
C VAL G 86 97.51 19.73 -19.08
N SER G 87 96.99 20.89 -18.71
CA SER G 87 96.66 21.20 -17.34
C SER G 87 95.47 20.39 -16.80
N TYR G 88 94.58 19.97 -17.70
CA TYR G 88 93.51 19.09 -17.28
C TYR G 88 94.04 17.69 -17.12
N LEU G 89 94.91 17.26 -18.03
CA LEU G 89 95.56 15.95 -17.92
C LEU G 89 96.40 15.86 -16.64
N SER G 90 96.97 16.98 -16.23
CA SER G 90 97.73 17.05 -15.00
C SER G 90 96.84 16.84 -13.79
N GLU G 91 95.66 17.45 -13.80
CA GLU G 91 94.70 17.32 -12.70
C GLU G 91 94.24 15.87 -12.53
N LEU G 92 94.04 15.18 -13.65
CA LEU G 92 93.60 13.78 -13.66
C LEU G 92 94.57 12.92 -12.88
N ALA G 93 95.85 13.14 -13.11
CA ALA G 93 96.92 12.50 -12.35
C ALA G 93 96.66 12.62 -10.82
N ASP G 94 96.41 13.84 -10.37
CA ASP G 94 96.32 14.15 -8.93
C ASP G 94 94.98 13.77 -8.30
N ALA G 95 94.12 13.08 -9.04
CA ALA G 95 92.68 12.90 -8.69
C ALA G 95 92.14 11.47 -8.44
N VAL G 96 92.98 10.59 -7.90
CA VAL G 96 92.64 9.21 -7.67
C VAL G 96 93.09 8.87 -6.28
N PRO G 97 92.24 8.19 -5.48
CA PRO G 97 92.56 7.80 -4.09
C PRO G 97 93.74 6.83 -3.94
N THR G 98 93.70 5.77 -4.76
CA THR G 98 94.68 4.69 -4.75
C THR G 98 94.74 4.08 -6.16
N ALA G 99 95.92 4.02 -6.76
CA ALA G 99 96.06 3.41 -8.09
C ALA G 99 95.44 2.01 -8.16
N ALA G 100 95.58 1.26 -7.07
CA ALA G 100 95.27 -0.17 -6.97
C ALA G 100 93.84 -0.58 -7.35
N ASN G 101 92.84 0.16 -6.90
CA ASN G 101 91.48 -0.21 -7.25
C ASN G 101 90.80 0.60 -8.39
N VAL G 102 91.43 0.55 -9.58
CA VAL G 102 90.78 1.02 -10.82
C VAL G 102 89.53 0.23 -11.08
N GLU G 103 89.64 -1.07 -10.81
CA GLU G 103 88.56 -2.00 -11.06
C GLU G 103 87.23 -1.42 -10.58
N TYR G 104 87.27 -0.80 -9.41
CA TYR G 104 86.05 -0.40 -8.74
C TYR G 104 85.50 0.95 -9.24
N TYR G 105 86.39 1.83 -9.72
CA TYR G 105 85.94 3.03 -10.44
C TYR G 105 85.44 2.74 -11.85
N ALA G 106 86.17 1.87 -12.55
CA ALA G 106 85.79 1.40 -13.88
C ALA G 106 84.39 0.83 -13.86
N ARG G 107 84.07 0.07 -12.81
CA ARG G 107 82.77 -0.56 -12.70
C ARG G 107 81.64 0.41 -12.39
N ILE G 108 81.97 1.56 -11.82
CA ILE G 108 81.00 2.62 -11.68
C ILE G 108 80.70 3.23 -13.06
N VAL G 109 81.75 3.63 -13.76
CA VAL G 109 81.64 4.21 -15.09
C VAL G 109 80.84 3.28 -16.00
N GLU G 110 81.10 1.96 -15.87
CA GLU G 110 80.43 0.94 -16.66
C GLU G 110 78.93 0.85 -16.33
N GLU G 111 78.61 0.84 -15.03
CA GLU G 111 77.23 0.77 -14.55
C GLU G 111 76.40 1.99 -14.95
N LYS G 112 77.03 3.16 -14.91
CA LYS G 112 76.35 4.35 -15.39
C LYS G 112 76.10 4.27 -16.88
N SER G 113 77.09 3.81 -17.64
CA SER G 113 76.95 3.57 -19.07
C SER G 113 75.71 2.72 -19.38
N VAL G 114 75.59 1.58 -18.70
CA VAL G 114 74.45 0.65 -18.86
C VAL G 114 73.12 1.33 -18.53
N LEU G 115 73.09 2.12 -17.47
CA LEU G 115 71.88 2.89 -17.12
C LEU G 115 71.35 3.79 -18.24
N ARG G 116 72.22 4.64 -18.82
CA ARG G 116 71.75 5.51 -19.90
C ARG G 116 71.47 4.73 -21.19
N ARG G 117 72.19 3.64 -21.42
CA ARG G 117 71.83 2.73 -22.54
C ARG G 117 70.41 2.19 -22.36
N LEU G 118 70.07 1.84 -21.12
CA LEU G 118 68.73 1.39 -20.81
C LEU G 118 67.72 2.49 -21.06
N ILE G 119 68.01 3.67 -20.49
CA ILE G 119 67.11 4.82 -20.62
C ILE G 119 66.86 5.12 -22.09
N ARG G 120 67.94 5.10 -22.88
CA ARG G 120 67.90 5.42 -24.29
C ARG G 120 67.10 4.40 -25.10
N THR G 121 67.22 3.10 -24.81
CA THR G 121 66.42 2.12 -25.54
C THR G 121 64.94 2.08 -25.09
N ALA G 122 64.70 2.41 -23.82
CA ALA G 122 63.35 2.50 -23.31
C ALA G 122 62.61 3.69 -23.93
N THR G 123 63.28 4.83 -24.07
CA THR G 123 62.66 6.02 -24.66
C THR G 123 62.38 5.79 -26.13
N SER G 124 63.28 5.10 -26.82
CA SER G 124 63.08 4.80 -28.24
C SER G 124 61.98 3.76 -28.49
N ILE G 125 61.70 2.91 -27.50
CA ILE G 125 60.54 2.01 -27.55
C ILE G 125 59.25 2.81 -27.46
N ALA G 126 59.17 3.67 -26.45
CA ALA G 126 58.03 4.58 -26.27
C ALA G 126 57.84 5.44 -27.51
N GLN G 127 58.94 6.01 -28.00
CA GLN G 127 58.97 6.75 -29.26
C GLN G 127 58.31 5.97 -30.39
N ASP G 128 58.71 4.72 -30.57
CA ASP G 128 58.21 3.86 -31.63
C ASP G 128 56.77 3.43 -31.42
N GLY G 129 56.31 3.50 -30.17
CA GLY G 129 54.94 3.17 -29.81
C GLY G 129 53.91 4.00 -30.57
N TYR G 130 54.18 5.30 -30.70
CA TYR G 130 53.30 6.21 -31.42
C TYR G 130 53.41 6.10 -32.94
N THR G 131 54.60 5.77 -33.44
CA THR G 131 54.85 5.75 -34.87
C THR G 131 54.36 4.47 -35.56
N ARG G 132 55.04 3.35 -35.29
CA ARG G 132 54.80 2.11 -36.04
C ARG G 132 53.57 1.36 -35.53
N GLU G 133 52.43 2.04 -35.53
CA GLU G 133 51.13 1.44 -35.13
C GLU G 133 50.64 0.37 -36.13
N ASP G 134 51.57 -0.25 -36.84
CA ASP G 134 51.26 -1.07 -38.01
C ASP G 134 51.15 -2.58 -37.70
N GLU G 135 52.10 -3.11 -36.95
CA GLU G 135 52.19 -4.56 -36.76
C GLU G 135 52.60 -4.90 -35.33
N ILE G 136 51.58 -5.01 -34.48
CA ILE G 136 51.70 -5.10 -33.02
C ILE G 136 52.60 -6.21 -32.43
N ASP G 137 52.55 -7.40 -33.03
CA ASP G 137 53.25 -8.55 -32.46
C ASP G 137 54.75 -8.48 -32.65
N VAL G 138 55.17 -7.95 -33.80
CA VAL G 138 56.60 -7.80 -34.09
C VAL G 138 57.20 -6.58 -33.37
N LEU G 139 56.33 -5.66 -32.96
CA LEU G 139 56.72 -4.49 -32.16
C LEU G 139 56.98 -4.92 -30.72
N LEU G 140 56.09 -5.76 -30.20
CA LEU G 140 56.25 -6.38 -28.88
C LEU G 140 57.41 -7.35 -28.82
N ASP G 141 57.77 -7.96 -29.95
CA ASP G 141 59.01 -8.73 -30.04
C ASP G 141 60.22 -7.83 -29.94
N GLU G 142 60.21 -6.73 -30.68
CA GLU G 142 61.30 -5.75 -30.65
C GLU G 142 61.53 -5.21 -29.25
N ALA G 143 60.46 -4.84 -28.57
CA ALA G 143 60.52 -4.38 -27.19
C ALA G 143 61.17 -5.43 -26.27
N ASP G 144 60.69 -6.68 -26.33
CA ASP G 144 61.30 -7.82 -25.64
C ASP G 144 62.80 -7.84 -25.87
N ARG G 145 63.17 -7.82 -27.15
CA ARG G 145 64.52 -8.02 -27.63
C ARG G 145 65.42 -6.81 -27.35
N LYS G 146 64.86 -5.62 -27.47
CA LYS G 146 65.61 -4.38 -27.25
C LYS G 146 65.98 -4.17 -25.79
N ILE G 147 65.22 -4.76 -24.87
CA ILE G 147 65.43 -4.56 -23.44
C ILE G 147 66.43 -5.59 -22.88
N MET G 148 66.55 -6.75 -23.54
CA MET G 148 67.57 -7.74 -23.19
C MET G 148 68.95 -7.20 -23.58
N GLU G 149 69.02 -6.59 -24.78
CA GLU G 149 70.25 -6.04 -25.32
C GLU G 149 70.82 -4.95 -24.43
N GLY G 157 77.81 -14.51 -14.31
CA GLY G 157 77.52 -15.55 -13.32
C GLY G 157 77.61 -15.08 -11.87
N ALA G 158 76.69 -15.61 -11.05
CA ALA G 158 76.73 -15.44 -9.59
C ALA G 158 76.92 -16.83 -8.98
N PHE G 159 76.69 -17.86 -9.78
CA PHE G 159 77.02 -19.22 -9.42
C PHE G 159 78.49 -19.49 -9.67
N LYS G 160 79.09 -20.21 -8.74
CA LYS G 160 80.41 -20.83 -8.93
C LYS G 160 80.34 -21.97 -9.97
N ASN G 161 81.19 -21.87 -11.01
CA ASN G 161 81.29 -22.91 -12.04
C ASN G 161 82.16 -24.04 -11.56
N ILE G 162 81.74 -25.27 -11.88
CA ILE G 162 82.38 -26.45 -11.31
C ILE G 162 83.82 -26.66 -11.79
N LYS G 163 84.08 -26.33 -13.05
CA LYS G 163 85.43 -26.39 -13.60
C LYS G 163 86.40 -25.72 -12.64
N ASP G 164 86.01 -24.55 -12.14
CA ASP G 164 86.87 -23.73 -11.28
C ASP G 164 87.07 -24.31 -9.88
N ILE G 165 85.99 -24.85 -9.30
CA ILE G 165 86.05 -25.44 -7.95
C ILE G 165 86.97 -26.66 -7.97
N LEU G 166 86.78 -27.51 -8.97
CA LEU G 166 87.58 -28.73 -9.12
C LEU G 166 89.08 -28.45 -9.01
N VAL G 167 89.51 -27.35 -9.63
CA VAL G 167 90.90 -26.93 -9.59
C VAL G 167 91.34 -26.64 -8.15
N GLN G 168 90.56 -25.80 -7.46
CA GLN G 168 90.87 -25.41 -6.07
C GLN G 168 90.82 -26.59 -5.10
N THR G 169 89.93 -27.54 -5.39
CA THR G 169 89.74 -28.75 -4.61
C THR G 169 90.89 -29.71 -4.90
N TYR G 170 91.39 -29.68 -6.13
CA TYR G 170 92.56 -30.48 -6.50
C TYR G 170 93.80 -29.94 -5.79
N ASP G 171 94.12 -28.68 -6.09
CA ASP G 171 95.26 -28.00 -5.50
C ASP G 171 95.29 -28.08 -3.98
N ASN G 172 94.09 -28.13 -3.37
CA ASN G 172 93.99 -28.33 -1.92
C ASN G 172 94.41 -29.75 -1.49
N ILE G 173 94.00 -30.79 -2.24
CA ILE G 173 94.41 -32.18 -1.94
C ILE G 173 95.91 -32.34 -2.18
N GLU G 174 96.40 -31.62 -3.19
CA GLU G 174 97.82 -31.55 -3.46
C GLU G 174 98.59 -31.12 -2.23
N MET G 175 98.31 -29.93 -1.67
CA MET G 175 98.98 -29.50 -0.43
C MET G 175 98.72 -30.54 0.67
N LEU G 176 99.38 -31.69 0.51
CA LEU G 176 99.21 -32.90 1.32
C LEU G 176 100.43 -33.86 1.34
N HIS G 177 101.62 -33.28 1.40
CA HIS G 177 102.76 -33.98 1.97
C HIS G 177 102.66 -33.71 3.48
N ASN G 178 103.23 -34.59 4.31
CA ASN G 178 103.12 -34.53 5.80
C ASN G 178 101.68 -34.67 6.28
N ILE G 183 96.95 -35.51 10.83
CA ILE G 183 96.06 -34.54 11.46
C ILE G 183 96.06 -33.25 10.61
N THR G 184 94.86 -32.73 10.31
CA THR G 184 94.77 -31.65 9.30
C THR G 184 94.57 -30.16 9.65
N GLY G 185 93.86 -29.71 10.69
CA GLY G 185 93.61 -30.33 11.97
C GLY G 185 94.42 -29.59 13.03
N ILE G 186 93.75 -28.95 13.99
CA ILE G 186 94.43 -28.55 15.23
C ILE G 186 94.40 -29.75 16.20
N PRO G 187 95.58 -30.29 16.58
CA PRO G 187 95.61 -31.52 17.34
C PRO G 187 95.30 -31.33 18.82
N THR G 188 94.36 -32.12 19.33
CA THR G 188 93.92 -32.07 20.73
C THR G 188 94.94 -32.68 21.69
N GLY G 189 95.79 -33.58 21.18
CA GLY G 189 96.74 -34.28 22.02
C GLY G 189 96.13 -35.57 22.58
N PHE G 190 94.88 -35.85 22.22
CA PHE G 190 94.28 -37.14 22.56
C PHE G 190 94.26 -37.99 21.31
N THR G 191 95.25 -38.89 21.24
CA THR G 191 95.55 -39.64 20.03
C THR G 191 94.33 -40.22 19.33
N GLU G 192 93.51 -40.95 20.09
CA GLU G 192 92.40 -41.72 19.52
C GLU G 192 91.31 -40.82 18.93
N LEU G 193 91.04 -39.72 19.63
CA LEU G 193 90.10 -38.71 19.17
C LEU G 193 90.66 -38.03 17.95
N ASP G 194 91.93 -37.63 17.99
CA ASP G 194 92.58 -37.01 16.84
C ASP G 194 92.57 -37.91 15.59
N ARG G 195 92.72 -39.22 15.78
CA ARG G 195 92.68 -40.16 14.66
C ARG G 195 91.32 -40.09 13.98
N MET G 196 90.29 -39.99 14.82
CA MET G 196 88.90 -40.03 14.38
C MET G 196 88.42 -38.72 13.77
N THR G 197 89.14 -37.66 14.06
CA THR G 197 88.64 -36.33 13.81
C THR G 197 89.64 -35.53 12.97
N SER G 198 90.94 -35.71 13.29
CA SER G 198 92.10 -34.98 12.73
C SER G 198 92.02 -33.49 12.93
N GLY G 199 91.98 -33.08 14.20
CA GLY G 199 91.51 -31.74 14.60
C GLY G 199 90.03 -31.88 14.35
N PHE G 200 89.16 -30.97 14.79
CA PHE G 200 89.40 -29.59 15.19
C PHE G 200 89.98 -28.84 14.02
N GLN G 201 89.02 -28.54 13.15
CA GLN G 201 89.20 -28.04 11.79
C GLN G 201 88.74 -26.61 11.77
N ARG G 202 89.34 -25.80 10.90
CA ARG G 202 88.95 -24.42 10.81
C ARG G 202 87.53 -24.29 10.30
N SER G 203 86.70 -23.52 11.02
CA SER G 203 85.32 -23.23 10.62
C SER G 203 84.27 -24.22 11.12
N ASP G 204 84.71 -25.22 11.90
CA ASP G 204 83.77 -26.17 12.49
C ASP G 204 83.20 -25.66 13.82
N LEU G 205 81.94 -26.02 14.08
CA LEU G 205 81.34 -25.83 15.40
C LEU G 205 81.32 -27.19 16.08
N ILE G 206 82.06 -27.30 17.19
CA ILE G 206 82.14 -28.57 17.89
C ILE G 206 81.38 -28.49 19.20
N ILE G 207 80.34 -29.30 19.33
CA ILE G 207 79.54 -29.33 20.56
C ILE G 207 80.01 -30.45 21.47
N VAL G 208 80.27 -30.11 22.72
CA VAL G 208 80.68 -31.08 23.71
C VAL G 208 79.63 -31.00 24.81
N ALA G 209 78.77 -32.01 24.88
CA ALA G 209 77.68 -31.97 25.87
C ALA G 209 77.75 -33.16 26.78
N ALA G 210 77.29 -33.02 28.01
CA ALA G 210 77.23 -34.12 29.01
C ALA G 210 76.50 -33.67 30.27
N ARG G 211 75.93 -34.61 31.03
CA ARG G 211 75.24 -34.26 32.29
C ARG G 211 76.14 -33.43 33.25
N PRO G 212 75.54 -32.77 34.27
CA PRO G 212 76.30 -31.88 35.20
C PRO G 212 77.36 -32.58 36.00
N SER G 213 78.49 -31.90 36.18
CA SER G 213 79.62 -32.45 36.93
C SER G 213 80.17 -33.77 36.32
N VAL G 214 79.96 -33.98 35.02
CA VAL G 214 80.46 -35.19 34.38
C VAL G 214 81.89 -34.97 33.92
N GLY G 215 82.17 -33.75 33.45
CA GLY G 215 83.53 -33.39 33.01
C GLY G 215 83.66 -32.46 31.82
N LYS G 216 82.56 -31.80 31.44
CA LYS G 216 82.56 -30.87 30.31
C LYS G 216 83.73 -29.89 30.33
N THR G 217 83.75 -29.00 31.32
CA THR G 217 84.78 -27.97 31.42
C THR G 217 86.18 -28.60 31.49
N ALA G 218 86.34 -29.52 32.42
CA ALA G 218 87.59 -30.29 32.53
C ALA G 218 88.16 -30.71 31.16
N PHE G 219 87.29 -31.30 30.34
CA PHE G 219 87.66 -31.78 29.00
C PHE G 219 88.08 -30.63 28.07
N ALA G 220 87.25 -29.59 28.05
CA ALA G 220 87.52 -28.39 27.26
C ALA G 220 88.85 -27.74 27.68
N LEU G 221 89.04 -27.55 28.98
CA LEU G 221 90.29 -26.96 29.47
C LEU G 221 91.51 -27.77 29.10
N ASN G 222 91.42 -29.09 29.23
CA ASN G 222 92.51 -30.00 28.86
C ASN G 222 92.88 -29.85 27.39
N ILE G 223 91.87 -29.79 26.52
CA ILE G 223 92.09 -29.51 25.10
C ILE G 223 92.77 -28.15 24.88
N ALA G 224 92.25 -27.10 25.51
CA ALA G 224 92.88 -25.78 25.44
C ALA G 224 94.38 -25.78 25.79
N GLN G 225 94.74 -26.41 26.91
CA GLN G 225 96.15 -26.54 27.31
C GLN G 225 97.01 -27.20 26.23
N ASN G 226 96.62 -28.40 25.83
CA ASN G 226 97.41 -29.16 24.88
C ASN G 226 97.54 -28.43 23.56
N VAL G 227 96.54 -27.64 23.22
CA VAL G 227 96.62 -26.81 22.03
C VAL G 227 97.59 -25.64 22.29
N ALA G 228 97.35 -24.88 23.35
CA ALA G 228 98.16 -23.68 23.64
C ALA G 228 99.63 -23.97 23.98
N THR G 229 99.91 -25.13 24.57
CA THR G 229 101.28 -25.44 24.99
C THR G 229 102.02 -26.29 23.95
N LYS G 230 101.35 -27.28 23.38
CA LYS G 230 101.99 -28.18 22.42
C LYS G 230 102.13 -27.54 21.03
N THR G 231 101.09 -26.85 20.60
CA THR G 231 101.17 -26.06 19.37
C THR G 231 101.56 -24.62 19.68
N ASN G 232 101.59 -23.79 18.66
CA ASN G 232 101.96 -22.40 18.85
C ASN G 232 100.80 -21.44 18.67
N GLU G 233 99.60 -21.99 18.57
CA GLU G 233 98.38 -21.24 18.30
C GLU G 233 97.77 -20.61 19.56
N ASN G 234 97.10 -19.47 19.41
CA ASN G 234 96.43 -18.84 20.55
C ASN G 234 95.02 -19.40 20.69
N VAL G 235 94.56 -19.54 21.93
CA VAL G 235 93.17 -19.97 22.18
C VAL G 235 92.46 -19.07 23.17
N ALA G 236 91.25 -18.62 22.79
CA ALA G 236 90.39 -17.77 23.63
C ALA G 236 89.38 -18.62 24.35
N ILE G 237 89.26 -18.43 25.64
CA ILE G 237 88.29 -19.17 26.39
C ILE G 237 87.31 -18.18 27.01
N PHE G 238 86.02 -18.38 26.76
CA PHE G 238 84.99 -17.58 27.42
C PHE G 238 84.35 -18.39 28.52
N SER G 239 84.63 -18.04 29.78
CA SER G 239 84.05 -18.78 30.89
C SER G 239 82.90 -18.01 31.50
N LEU G 240 81.69 -18.53 31.41
CA LEU G 240 80.54 -17.78 31.92
C LEU G 240 80.09 -18.23 33.30
N GLU G 241 80.68 -19.33 33.78
CA GLU G 241 80.27 -19.92 35.04
C GLU G 241 81.38 -19.84 36.07
N MET G 242 82.59 -20.26 35.70
CA MET G 242 83.71 -20.17 36.64
C MET G 242 84.60 -18.93 36.37
N SER G 243 85.38 -18.57 37.39
CA SER G 243 86.28 -17.41 37.34
C SER G 243 87.53 -17.80 36.61
N ALA G 244 88.29 -16.80 36.13
CA ALA G 244 89.56 -17.06 35.48
C ALA G 244 90.50 -17.82 36.42
N GLN G 245 90.50 -17.39 37.68
CA GLN G 245 91.30 -18.02 38.75
C GLN G 245 91.11 -19.53 38.80
N GLN G 246 89.84 -19.95 38.89
CA GLN G 246 89.49 -21.36 39.02
C GLN G 246 89.92 -22.14 37.80
N LEU G 247 89.81 -21.50 36.64
CA LEU G 247 90.25 -22.12 35.40
C LEU G 247 91.74 -22.40 35.42
N VAL G 248 92.53 -21.39 35.76
CA VAL G 248 93.97 -21.52 35.76
C VAL G 248 94.41 -22.60 36.76
N MET G 249 93.73 -22.61 37.90
CA MET G 249 94.02 -23.58 38.94
C MET G 249 93.75 -25.00 38.50
N ARG G 250 92.73 -25.18 37.66
CA ARG G 250 92.52 -26.50 37.05
C ARG G 250 93.63 -26.89 36.07
N MET G 251 94.12 -25.93 35.30
CA MET G 251 95.19 -26.21 34.34
C MET G 251 96.53 -26.49 35.03
N LEU G 252 96.83 -25.74 36.09
CA LEU G 252 98.04 -25.99 36.88
C LEU G 252 98.07 -27.44 37.36
N CYS G 253 97.01 -27.87 38.03
CA CYS G 253 96.89 -29.23 38.55
C CYS G 253 97.07 -30.24 37.45
N ALA G 254 96.48 -29.99 36.30
CA ALA G 254 96.56 -30.94 35.20
C ALA G 254 97.94 -30.91 34.56
N GLU G 255 98.56 -29.73 34.50
CA GLU G 255 99.86 -29.62 33.86
C GLU G 255 100.92 -30.34 34.68
N GLY G 256 100.81 -30.23 36.00
CA GLY G 256 101.86 -30.73 36.87
C GLY G 256 101.54 -31.95 37.70
N ASN G 257 100.35 -32.51 37.49
CA ASN G 257 99.83 -33.61 38.34
C ASN G 257 99.92 -33.31 39.82
N ILE G 258 99.37 -32.17 40.21
CA ILE G 258 99.30 -31.77 41.61
C ILE G 258 97.88 -31.99 42.04
N ASN G 259 97.70 -32.72 43.14
CA ASN G 259 96.36 -33.00 43.67
C ASN G 259 95.58 -31.72 44.01
N ALA G 260 94.38 -31.61 43.45
CA ALA G 260 93.61 -30.38 43.48
C ALA G 260 93.27 -29.95 44.89
N GLN G 261 92.93 -30.90 45.76
CA GLN G 261 92.61 -30.58 47.15
C GLN G 261 93.81 -29.95 47.83
N ASN G 262 94.97 -30.57 47.70
CA ASN G 262 96.19 -29.98 48.22
C ASN G 262 96.35 -28.55 47.73
N LEU G 263 96.23 -28.36 46.42
CA LEU G 263 96.50 -27.08 45.78
C LEU G 263 95.59 -25.97 46.29
N ARG G 264 94.32 -26.29 46.47
CA ARG G 264 93.35 -25.30 46.93
C ARG G 264 93.39 -25.00 48.44
N THR G 265 94.15 -25.79 49.19
CA THR G 265 94.35 -25.57 50.61
C THR G 265 95.66 -24.86 50.85
N GLY G 266 96.62 -25.08 49.96
CA GLY G 266 97.99 -24.61 50.13
C GLY G 266 98.78 -25.68 50.87
N LYS G 267 98.15 -26.82 51.09
CA LYS G 267 98.75 -27.94 51.79
C LYS G 267 99.59 -28.77 50.78
N LEU G 268 100.71 -28.19 50.33
CA LEU G 268 101.53 -28.81 49.29
C LEU G 268 102.78 -29.52 49.83
N THR G 269 103.02 -30.74 49.35
CA THR G 269 104.23 -31.50 49.67
C THR G 269 105.45 -30.80 49.06
N PRO G 270 106.66 -31.10 49.56
CA PRO G 270 107.87 -30.47 49.02
C PRO G 270 108.07 -30.71 47.52
N GLU G 271 107.68 -31.87 47.01
CA GLU G 271 107.77 -32.13 45.57
C GLU G 271 106.62 -31.49 44.78
N ASP G 272 105.49 -31.25 45.46
CA ASP G 272 104.35 -30.53 44.87
C ASP G 272 104.76 -29.14 44.45
N TRP G 273 105.56 -28.49 45.30
CA TRP G 273 106.07 -27.15 45.05
C TRP G 273 106.96 -27.10 43.82
N GLY G 274 107.62 -28.23 43.55
CA GLY G 274 108.41 -28.42 42.35
C GLY G 274 107.50 -28.51 41.15
N LYS G 275 106.56 -29.46 41.21
CA LYS G 275 105.54 -29.63 40.18
C LYS G 275 104.83 -28.32 39.81
N LEU G 276 104.48 -27.52 40.82
CA LEU G 276 103.85 -26.22 40.60
C LEU G 276 104.76 -25.22 39.89
N THR G 277 106.02 -25.16 40.33
CA THR G 277 107.01 -24.28 39.72
C THR G 277 107.15 -24.54 38.23
N MET G 278 107.14 -25.83 37.86
CA MET G 278 107.23 -26.29 36.45
C MET G 278 105.97 -25.93 35.70
N ALA G 279 104.83 -26.25 36.31
CA ALA G 279 103.54 -26.00 35.72
C ALA G 279 103.38 -24.54 35.34
N MET G 280 103.73 -23.65 36.25
CA MET G 280 103.64 -22.22 36.02
C MET G 280 104.55 -21.78 34.88
N GLY G 281 105.76 -22.32 34.86
CA GLY G 281 106.71 -22.05 33.79
C GLY G 281 106.13 -22.22 32.40
N SER G 282 105.67 -23.43 32.12
CA SER G 282 105.17 -23.78 30.78
C SER G 282 103.85 -23.07 30.41
N LEU G 283 102.99 -22.86 31.39
CA LEU G 283 101.73 -22.14 31.18
C LEU G 283 101.88 -20.64 30.90
N SER G 284 103.06 -20.08 31.19
CA SER G 284 103.31 -18.66 30.93
C SER G 284 103.45 -18.35 29.45
N ASN G 285 104.31 -19.11 28.76
CA ASN G 285 104.50 -18.96 27.32
C ASN G 285 103.38 -19.63 26.52
N ALA G 286 102.30 -19.94 27.23
CA ALA G 286 101.19 -20.72 26.70
C ALA G 286 100.27 -19.91 25.79
N GLY G 287 100.06 -18.63 26.12
CA GLY G 287 99.19 -17.79 25.29
C GLY G 287 97.73 -18.26 25.18
N ILE G 288 97.05 -18.24 26.32
CA ILE G 288 95.64 -18.58 26.37
C ILE G 288 94.90 -17.38 26.99
N TYR G 289 93.94 -16.85 26.25
CA TYR G 289 93.27 -15.62 26.63
C TYR G 289 91.89 -15.93 27.20
N ILE G 290 91.67 -15.54 28.45
CA ILE G 290 90.49 -15.96 29.18
C ILE G 290 89.55 -14.77 29.42
N ASP G 291 88.27 -14.92 29.09
CA ASP G 291 87.30 -13.87 29.40
C ASP G 291 86.19 -14.39 30.27
N ASP G 292 86.22 -14.01 31.53
CA ASP G 292 85.22 -14.54 32.46
C ASP G 292 84.03 -13.62 32.80
N THR G 293 83.64 -12.75 31.86
CA THR G 293 82.44 -11.94 32.05
C THR G 293 81.21 -12.83 32.01
N PRO G 294 80.37 -12.78 33.06
CA PRO G 294 79.36 -13.81 33.21
C PRO G 294 78.21 -13.65 32.25
N SER G 295 77.97 -12.44 31.74
CA SER G 295 76.95 -12.29 30.70
C SER G 295 77.43 -11.55 29.45
N ILE G 296 77.59 -12.31 28.35
CA ILE G 296 77.93 -11.76 27.03
C ILE G 296 76.89 -12.21 26.03
N ARG G 297 76.75 -11.43 24.97
CA ARG G 297 76.00 -11.84 23.81
C ARG G 297 77.02 -12.43 22.84
N VAL G 298 76.57 -13.11 21.78
CA VAL G 298 77.53 -13.65 20.79
C VAL G 298 78.29 -12.53 20.09
N SER G 299 77.57 -11.48 19.70
CA SER G 299 78.18 -10.27 19.13
C SER G 299 79.40 -9.80 19.90
N ASP G 300 79.29 -9.73 21.22
CA ASP G 300 80.42 -9.41 22.10
C ASP G 300 81.56 -10.41 21.91
N ILE G 301 81.26 -11.70 21.97
CA ILE G 301 82.28 -12.71 21.77
C ILE G 301 82.98 -12.45 20.45
N ARG G 302 82.21 -12.34 19.38
CA ARG G 302 82.74 -12.09 18.05
C ARG G 302 83.73 -10.92 18.04
N ALA G 303 83.24 -9.78 18.54
CA ALA G 303 84.04 -8.56 18.62
C ALA G 303 85.41 -8.83 19.27
N LYS G 304 85.41 -9.46 20.45
CA LYS G 304 86.63 -9.69 21.19
C LYS G 304 87.58 -10.58 20.42
N CYS G 305 87.05 -11.63 19.79
CA CYS G 305 87.88 -12.56 19.03
C CYS G 305 88.43 -11.91 17.78
N ARG G 306 87.55 -11.23 17.05
CA ARG G 306 87.98 -10.45 15.89
C ARG G 306 89.23 -9.65 16.21
N ARG G 307 89.21 -8.95 17.34
CA ARG G 307 90.33 -8.11 17.75
C ARG G 307 91.57 -8.90 18.17
N LEU G 308 91.39 -10.00 18.88
CA LEU G 308 92.54 -10.82 19.28
C LEU G 308 93.22 -11.45 18.07
N LYS G 309 92.43 -11.87 17.08
CA LYS G 309 92.97 -12.43 15.85
C LYS G 309 93.69 -11.34 15.05
N GLN G 310 93.13 -10.14 15.07
CA GLN G 310 93.73 -8.96 14.43
C GLN G 310 95.22 -8.83 14.74
N GLU G 311 95.54 -8.80 16.03
CA GLU G 311 96.88 -8.44 16.48
C GLU G 311 97.76 -9.60 16.94
N SER G 312 97.18 -10.78 17.13
CA SER G 312 97.99 -11.92 17.56
C SER G 312 97.70 -13.22 16.82
N GLY G 313 96.57 -13.27 16.12
CA GLY G 313 96.15 -14.49 15.42
C GLY G 313 95.45 -15.44 16.39
N LEU G 314 94.35 -16.04 15.93
CA LEU G 314 93.56 -16.93 16.76
C LEU G 314 93.56 -18.33 16.17
N GLY G 315 93.39 -19.34 17.02
CA GLY G 315 93.39 -20.72 16.58
C GLY G 315 92.15 -21.45 16.98
N MET G 316 91.78 -21.32 18.24
CA MET G 316 90.55 -21.90 18.77
C MET G 316 89.76 -20.91 19.61
N ILE G 317 88.46 -21.15 19.68
CA ILE G 317 87.59 -20.50 20.63
C ILE G 317 86.89 -21.60 21.43
N VAL G 318 86.94 -21.48 22.74
CA VAL G 318 86.17 -22.33 23.65
C VAL G 318 85.12 -21.50 24.40
N ILE G 319 83.89 -22.02 24.46
CA ILE G 319 82.83 -21.33 25.22
C ILE G 319 82.21 -22.17 26.33
N ASP G 320 82.46 -21.82 27.61
CA ASP G 320 81.86 -22.56 28.71
C ASP G 320 80.47 -22.04 28.90
N TYR G 321 79.79 -22.25 27.81
CA TYR G 321 78.58 -23.01 27.72
C TYR G 321 77.47 -22.22 27.13
N LEU G 322 76.96 -22.85 26.07
CA LEU G 322 76.18 -22.22 25.04
C LEU G 322 74.90 -21.64 25.58
N GLN G 323 74.15 -22.41 26.37
CA GLN G 323 72.87 -21.89 26.91
C GLN G 323 72.99 -20.80 28.01
N LEU G 324 74.23 -20.55 28.46
CA LEU G 324 74.56 -19.41 29.33
C LEU G 324 74.78 -18.08 28.58
N ILE G 325 75.15 -18.20 27.31
CA ILE G 325 75.26 -17.04 26.43
C ILE G 325 73.92 -16.35 26.41
N GLN G 326 73.89 -15.06 26.13
CA GLN G 326 72.62 -14.41 26.16
C GLN G 326 72.18 -13.79 24.84
N GLY G 327 70.86 -13.72 24.65
CA GLY G 327 70.29 -13.38 23.37
C GLY G 327 70.54 -11.97 22.87
N SER G 328 70.54 -11.82 21.56
CA SER G 328 70.37 -10.54 20.90
C SER G 328 68.92 -10.14 21.06
N GLY G 329 68.64 -8.85 21.14
CA GLY G 329 67.27 -8.36 21.21
C GLY G 329 66.36 -8.90 20.12
N ARG G 330 65.30 -9.59 20.54
CA ARG G 330 64.21 -10.05 19.67
C ARG G 330 63.00 -10.15 20.58
N SER G 331 63.07 -9.39 21.69
CA SER G 331 62.37 -9.66 22.97
C SER G 331 62.66 -11.09 23.50
N LYS G 332 62.58 -11.31 24.81
CA LYS G 332 62.85 -12.66 25.39
C LYS G 332 61.89 -13.72 24.80
N GLU G 333 62.22 -14.07 23.56
CA GLU G 333 61.38 -14.81 22.63
C GLU G 333 61.19 -16.27 23.08
N ASN G 334 60.25 -16.99 22.46
CA ASN G 334 60.20 -18.45 22.61
C ASN G 334 61.64 -18.91 22.80
N ARG G 335 61.98 -19.28 24.04
CA ARG G 335 63.35 -19.56 24.45
C ARG G 335 64.07 -20.53 23.51
N GLN G 336 63.36 -21.56 23.03
CA GLN G 336 63.88 -22.45 21.99
C GLN G 336 64.44 -21.68 20.75
N GLN G 337 63.71 -20.64 20.32
CA GLN G 337 64.21 -19.78 19.25
C GLN G 337 65.44 -18.96 19.65
N GLU G 338 65.41 -18.44 20.87
CA GLU G 338 66.51 -17.64 21.39
C GLU G 338 67.81 -18.41 21.26
N VAL G 339 67.83 -19.65 21.77
CA VAL G 339 69.06 -20.45 21.63
C VAL G 339 69.26 -20.94 20.20
N SER G 340 68.15 -21.16 19.48
CA SER G 340 68.23 -21.51 18.06
C SER G 340 69.11 -20.51 17.36
N GLU G 341 68.97 -19.26 17.80
CA GLU G 341 69.65 -18.13 17.20
C GLU G 341 71.09 -18.07 17.63
N ILE G 342 71.34 -18.23 18.92
CA ILE G 342 72.70 -18.29 19.45
C ILE G 342 73.52 -19.34 18.70
N SER G 343 72.88 -20.50 18.51
CA SER G 343 73.46 -21.62 17.79
C SER G 343 73.97 -21.16 16.42
N ARG G 344 73.04 -20.60 15.64
CA ARG G 344 73.36 -20.00 14.33
C ARG G 344 74.59 -19.10 14.40
N SER G 345 74.50 -18.10 15.27
CA SER G 345 75.52 -17.08 15.46
C SER G 345 76.90 -17.65 15.69
N LEU G 346 76.97 -18.71 16.51
CA LEU G 346 78.24 -19.36 16.84
C LEU G 346 78.84 -20.01 15.60
N LYS G 347 78.04 -20.80 14.89
CA LYS G 347 78.53 -21.43 13.67
C LYS G 347 79.03 -20.37 12.69
N ALA G 348 78.25 -19.30 12.55
CA ALA G 348 78.61 -18.22 11.67
C ALA G 348 79.90 -17.52 12.11
N LEU G 349 80.12 -17.47 13.41
CA LEU G 349 81.34 -16.90 13.94
C LEU G 349 82.52 -17.79 13.60
N ALA G 350 82.38 -19.10 13.79
CA ALA G 350 83.42 -20.05 13.45
C ALA G 350 83.75 -19.99 11.98
N ARG G 351 82.73 -19.73 11.17
CA ARG G 351 82.86 -19.64 9.72
C ARG G 351 83.62 -18.38 9.33
N GLU G 352 83.24 -17.27 9.95
CA GLU G 352 83.85 -15.97 9.66
C GLU G 352 85.32 -15.87 10.05
N LEU G 353 85.66 -16.34 11.24
CA LEU G 353 87.03 -16.29 11.74
C LEU G 353 87.91 -17.47 11.28
N GLU G 354 87.32 -18.41 10.55
CA GLU G 354 88.04 -19.59 10.06
C GLU G 354 88.85 -20.20 11.19
N VAL G 355 88.12 -20.72 12.18
CA VAL G 355 88.66 -21.21 13.44
C VAL G 355 87.66 -22.18 14.08
N PRO G 356 88.15 -23.34 14.58
CA PRO G 356 87.19 -24.22 15.28
C PRO G 356 86.60 -23.54 16.51
N VAL G 357 85.29 -23.67 16.69
CA VAL G 357 84.64 -23.18 17.90
C VAL G 357 84.05 -24.34 18.70
N ILE G 358 84.63 -24.58 19.88
CA ILE G 358 84.09 -25.57 20.81
C ILE G 358 83.07 -24.94 21.79
N ALA G 359 81.82 -25.32 21.64
CA ALA G 359 80.77 -24.84 22.53
C ALA G 359 80.31 -25.97 23.43
N LEU G 360 80.52 -25.78 24.72
CA LEU G 360 80.00 -26.73 25.70
C LEU G 360 78.48 -26.62 25.81
N SER G 361 77.81 -27.76 25.92
CA SER G 361 76.36 -27.78 26.11
C SER G 361 75.84 -28.64 27.25
N GLN G 362 74.73 -28.22 27.83
CA GLN G 362 74.05 -29.06 28.81
C GLN G 362 73.13 -30.10 28.14
N LEU G 363 72.62 -31.06 28.92
CA LEU G 363 71.59 -31.99 28.39
C LEU G 363 70.37 -31.97 29.27
N SER G 364 69.22 -32.17 28.65
CA SER G 364 67.97 -32.27 29.38
C SER G 364 68.00 -33.54 30.23
N ARG G 365 67.07 -33.62 31.17
CA ARG G 365 67.03 -34.71 32.11
C ARG G 365 66.56 -35.97 31.42
N SER G 366 65.95 -35.82 30.24
CA SER G 366 65.45 -36.99 29.47
C SER G 366 66.36 -38.25 29.55
N VAL G 367 67.65 -38.09 29.24
CA VAL G 367 68.66 -39.15 29.34
C VAL G 367 68.65 -39.97 30.64
N GLU G 368 68.20 -39.36 31.74
CA GLU G 368 68.31 -39.97 33.07
C GLU G 368 67.18 -40.98 33.28
N GLN G 369 66.03 -40.68 32.67
CA GLN G 369 64.85 -41.54 32.69
C GLN G 369 65.08 -42.90 32.03
N ARG G 370 66.18 -43.03 31.31
CA ARG G 370 66.49 -44.23 30.54
C ARG G 370 67.17 -45.36 31.32
N GLN G 371 67.44 -46.45 30.60
CA GLN G 371 68.26 -47.54 31.09
C GLN G 371 69.68 -47.27 30.66
N ASP G 372 69.90 -47.17 29.34
CA ASP G 372 71.23 -46.88 28.80
C ASP G 372 71.53 -45.38 28.90
N LYS G 373 72.24 -45.00 29.97
CA LYS G 373 72.45 -43.59 30.26
C LYS G 373 73.37 -42.84 29.28
N ARG G 374 73.81 -43.52 28.23
CA ARG G 374 74.59 -42.88 27.17
C ARG G 374 73.70 -41.93 26.39
N PRO G 375 74.15 -40.67 26.23
CA PRO G 375 73.31 -39.67 25.57
C PRO G 375 73.20 -39.87 24.07
N MET G 376 72.04 -39.49 23.51
CA MET G 376 71.85 -39.36 22.06
C MET G 376 71.59 -37.88 21.72
N MET G 377 71.72 -37.53 20.43
CA MET G 377 71.64 -36.12 20.00
C MET G 377 70.42 -35.35 20.49
N SER G 378 69.25 -36.00 20.45
CA SER G 378 67.97 -35.48 20.94
C SER G 378 68.12 -34.87 22.33
N ASP G 379 68.97 -35.46 23.16
CA ASP G 379 69.14 -35.04 24.55
C ASP G 379 69.69 -33.63 24.77
N ILE G 380 70.34 -33.04 23.76
CA ILE G 380 70.94 -31.71 23.92
C ILE G 380 69.91 -30.68 24.40
N ARG G 381 70.24 -29.96 25.47
CA ARG G 381 69.22 -29.20 26.21
C ARG G 381 68.76 -27.97 25.46
N GLU G 382 67.44 -27.75 25.49
CA GLU G 382 66.83 -26.48 25.15
C GLU G 382 66.46 -26.16 23.70
N SER G 383 67.26 -26.65 22.75
CA SER G 383 66.92 -26.50 21.32
C SER G 383 67.60 -27.50 20.41
N GLY G 384 66.78 -28.19 19.63
CA GLY G 384 67.24 -29.14 18.64
C GLY G 384 68.12 -28.57 17.54
N SER G 385 68.04 -27.26 17.34
CA SER G 385 68.83 -26.66 16.28
C SER G 385 70.33 -26.86 16.51
N ILE G 386 70.72 -26.99 17.77
CA ILE G 386 72.12 -27.27 18.08
C ILE G 386 72.68 -28.55 17.41
N GLU G 387 71.92 -29.67 17.44
CA GLU G 387 72.30 -30.90 16.70
C GLU G 387 72.50 -30.59 15.23
N GLN G 388 71.54 -29.82 14.70
CA GLN G 388 71.47 -29.44 13.29
C GLN G 388 72.64 -28.53 12.85
N ASP G 389 73.01 -27.56 13.67
CA ASP G 389 74.00 -26.58 13.27
C ASP G 389 75.42 -27.13 13.40
N ALA G 390 75.67 -27.91 14.44
CA ALA G 390 76.98 -28.45 14.73
C ALA G 390 77.62 -29.17 13.57
N ASP G 391 78.94 -29.05 13.50
CA ASP G 391 79.75 -29.82 12.54
C ASP G 391 80.16 -31.13 13.18
N ILE G 392 79.92 -31.23 14.49
CA ILE G 392 80.44 -32.33 15.28
C ILE G 392 79.91 -32.24 16.73
N VAL G 393 79.39 -33.37 17.22
CA VAL G 393 78.76 -33.45 18.53
C VAL G 393 79.40 -34.56 19.32
N ALA G 394 80.01 -34.18 20.43
CA ALA G 394 80.71 -35.09 21.32
C ALA G 394 79.96 -35.18 22.68
N PHE G 395 79.63 -36.41 23.10
CA PHE G 395 79.10 -36.62 24.44
C PHE G 395 80.16 -37.25 25.34
N LEU G 396 80.16 -36.85 26.61
CA LEU G 396 80.95 -37.53 27.63
C LEU G 396 80.05 -38.44 28.50
N TYR G 397 80.47 -39.69 28.66
CA TYR G 397 79.78 -40.63 29.51
C TYR G 397 80.80 -41.31 30.44
N ARG G 398 80.50 -41.36 31.75
CA ARG G 398 81.36 -41.98 32.81
C ARG G 398 80.54 -43.03 33.52
N ASP G 399 80.96 -44.28 33.51
CA ASP G 399 80.19 -45.27 34.21
C ASP G 399 80.17 -44.97 35.70
N ASP G 400 81.31 -44.50 36.21
CA ASP G 400 81.48 -44.23 37.64
C ASP G 400 80.69 -43.00 38.12
N TYR G 401 80.15 -42.22 37.18
CA TYR G 401 79.26 -41.12 37.52
C TYR G 401 77.96 -41.63 38.11
N TYR G 402 77.52 -42.82 37.67
CA TYR G 402 76.25 -43.41 38.12
C TYR G 402 76.44 -44.57 39.09
N ASN G 403 77.47 -45.37 38.88
CA ASN G 403 77.78 -46.48 39.78
C ASN G 403 78.79 -46.06 40.82
N LYS G 404 78.43 -46.20 42.09
CA LYS G 404 79.32 -45.84 43.20
C LYS G 404 80.51 -46.78 43.23
N ASP G 405 80.23 -48.05 42.96
CA ASP G 405 81.21 -49.13 43.02
C ASP G 405 81.94 -49.38 41.70
N SER G 406 81.46 -48.79 40.60
CA SER G 406 81.83 -49.14 39.22
C SER G 406 83.23 -49.72 39.02
N GLU G 407 83.29 -50.90 38.38
CA GLU G 407 84.56 -51.45 37.93
C GLU G 407 85.16 -50.55 36.86
N ASN G 408 86.50 -50.56 36.75
CA ASN G 408 87.27 -49.52 36.03
C ASN G 408 86.75 -48.07 36.18
N LYS G 409 87.25 -47.38 37.19
CA LYS G 409 86.73 -46.06 37.53
C LYS G 409 87.12 -45.01 36.50
N ASN G 410 88.39 -44.67 36.41
CA ASN G 410 88.78 -43.43 35.69
C ASN G 410 88.50 -43.35 34.20
N ILE G 411 87.94 -44.41 33.62
CA ILE G 411 87.56 -44.49 32.22
C ILE G 411 86.38 -43.58 31.86
N ILE G 412 86.47 -42.92 30.72
CA ILE G 412 85.39 -42.01 30.28
C ILE G 412 85.24 -42.06 28.77
N GLU G 413 84.03 -42.37 28.31
CA GLU G 413 83.74 -42.45 26.87
C GLU G 413 83.62 -41.06 26.24
N ILE G 414 84.24 -40.88 25.08
CA ILE G 414 84.02 -39.69 24.28
C ILE G 414 83.20 -40.18 23.10
N ILE G 415 81.88 -40.09 23.24
CA ILE G 415 80.95 -40.55 22.21
C ILE G 415 80.86 -39.49 21.11
N ILE G 416 81.38 -39.80 19.92
CA ILE G 416 81.27 -38.89 18.80
C ILE G 416 80.03 -39.27 18.00
N ALA G 417 78.92 -38.64 18.41
CA ALA G 417 77.59 -38.94 17.90
C ALA G 417 77.34 -38.35 16.52
N LYS G 418 78.01 -37.26 16.20
CA LYS G 418 77.83 -36.62 14.90
C LYS G 418 79.14 -36.08 14.35
N GLN G 419 79.39 -36.27 13.07
CA GLN G 419 80.37 -35.44 12.33
C GLN G 419 80.20 -35.58 10.81
N ARG G 420 80.19 -34.45 10.11
CA ARG G 420 80.04 -34.45 8.65
C ARG G 420 81.39 -34.23 7.91
N ASN G 421 82.47 -34.41 8.65
CA ASN G 421 83.78 -34.69 8.06
C ASN G 421 83.68 -36.16 7.72
N GLY G 422 83.39 -36.95 8.75
CA GLY G 422 83.49 -38.38 8.58
C GLY G 422 82.87 -39.28 9.63
N PRO G 423 83.69 -40.15 10.18
CA PRO G 423 83.28 -41.31 10.94
C PRO G 423 82.60 -40.95 12.25
N VAL G 424 81.66 -41.78 12.65
CA VAL G 424 81.06 -41.69 13.95
C VAL G 424 81.68 -42.76 14.82
N GLY G 425 81.70 -42.59 16.15
CA GLY G 425 82.17 -43.66 17.01
C GLY G 425 82.53 -43.24 18.40
N THR G 426 82.95 -44.20 19.23
CA THR G 426 83.30 -43.91 20.63
C THR G 426 84.79 -44.02 20.87
N VAL G 427 85.33 -43.14 21.69
CA VAL G 427 86.74 -43.15 22.04
C VAL G 427 86.83 -43.18 23.55
N GLN G 428 87.89 -43.78 24.07
CA GLN G 428 88.06 -43.93 25.50
C GLN G 428 89.25 -43.15 26.03
N LEU G 429 89.05 -42.45 27.15
CA LEU G 429 90.13 -41.75 27.83
C LEU G 429 90.00 -41.97 29.33
N ALA G 430 91.04 -41.59 30.05
CA ALA G 430 91.02 -41.63 31.52
C ALA G 430 90.91 -40.22 32.06
N PHE G 431 90.04 -40.07 33.05
CA PHE G 431 89.79 -38.76 33.63
C PHE G 431 90.16 -38.80 35.11
N ILE G 432 91.45 -38.59 35.37
CA ILE G 432 91.97 -38.56 36.72
C ILE G 432 91.50 -37.25 37.34
N LYS G 433 90.41 -37.36 38.12
CA LYS G 433 89.67 -36.21 38.67
C LYS G 433 90.45 -35.38 39.69
N GLU G 434 91.22 -36.09 40.52
CA GLU G 434 92.14 -35.52 41.50
C GLU G 434 93.11 -34.56 40.85
N TYR G 435 93.38 -34.75 39.56
CA TYR G 435 94.32 -33.92 38.85
C TYR G 435 93.67 -33.02 37.82
N ASN G 436 92.34 -32.98 37.82
CA ASN G 436 91.60 -32.20 36.82
C ASN G 436 92.06 -32.57 35.42
N LYS G 437 92.52 -33.81 35.26
CA LYS G 437 93.23 -34.21 34.07
C LYS G 437 92.62 -35.37 33.30
N PHE G 438 92.55 -35.21 31.98
CA PHE G 438 92.24 -36.26 31.00
C PHE G 438 93.55 -36.80 30.42
N VAL G 439 93.65 -38.12 30.30
CA VAL G 439 94.84 -38.69 29.73
C VAL G 439 94.54 -39.75 28.71
N ASN G 440 95.48 -39.95 27.79
CA ASN G 440 95.41 -41.03 26.81
C ASN G 440 95.52 -42.37 27.52
N LEU G 441 95.22 -43.47 26.84
CA LEU G 441 95.28 -44.78 27.52
C LEU G 441 96.56 -45.61 27.28
N ILE H 9 50.48 12.89 -29.05
CA ILE H 9 49.20 12.48 -29.72
C ILE H 9 48.89 10.94 -29.55
N PRO H 10 48.52 10.52 -28.33
CA PRO H 10 48.37 9.09 -28.00
C PRO H 10 47.46 8.32 -28.98
N PRO H 11 47.73 7.01 -29.17
CA PRO H 11 47.07 6.07 -30.13
C PRO H 11 45.63 5.65 -29.78
N GLN H 12 44.69 5.95 -30.67
CA GLN H 12 43.25 5.88 -30.37
C GLN H 12 42.35 5.80 -31.61
N SER H 13 41.61 4.70 -31.77
CA SER H 13 40.63 4.63 -32.86
C SER H 13 39.24 5.06 -32.37
N ILE H 14 39.13 6.34 -32.03
CA ILE H 14 37.91 6.94 -31.49
C ILE H 14 36.68 6.72 -32.42
N GLU H 15 36.95 6.25 -33.63
CA GLU H 15 35.91 5.90 -34.59
C GLU H 15 35.36 4.52 -34.23
N ALA H 16 36.29 3.57 -34.12
CA ALA H 16 36.04 2.18 -33.75
C ALA H 16 35.45 2.03 -32.34
N GLU H 17 35.83 2.93 -31.43
CA GLU H 17 35.26 2.94 -30.08
C GLU H 17 33.76 3.13 -30.17
N GLN H 18 33.34 4.12 -30.95
CA GLN H 18 31.92 4.41 -31.13
C GLN H 18 31.18 3.22 -31.73
N ALA H 19 31.82 2.57 -32.71
CA ALA H 19 31.27 1.41 -33.39
C ALA H 19 30.92 0.28 -32.43
N VAL H 20 31.77 0.09 -31.41
CA VAL H 20 31.54 -0.94 -30.38
C VAL H 20 30.32 -0.57 -29.52
N LEU H 21 30.40 0.60 -28.89
CA LEU H 21 29.32 1.08 -28.04
C LEU H 21 27.99 1.08 -28.82
N GLY H 22 28.07 1.51 -30.07
CA GLY H 22 26.92 1.53 -30.96
C GLY H 22 26.28 0.17 -31.07
N ALA H 23 27.09 -0.82 -31.42
CA ALA H 23 26.62 -2.19 -31.61
C ALA H 23 25.89 -2.74 -30.39
N VAL H 24 26.33 -2.34 -29.19
CA VAL H 24 25.70 -2.78 -27.93
C VAL H 24 24.28 -2.23 -27.81
N PHE H 25 24.11 -0.94 -28.12
CA PHE H 25 22.78 -0.35 -28.14
C PHE H 25 21.89 -0.94 -29.21
N LEU H 26 22.51 -1.49 -30.25
CA LEU H 26 21.79 -2.13 -31.34
C LEU H 26 21.40 -3.59 -31.07
N ASP H 27 22.24 -4.37 -30.37
CA ASP H 27 21.99 -5.81 -30.35
C ASP H 27 21.10 -6.43 -29.26
N PRO H 28 21.55 -6.49 -27.99
CA PRO H 28 22.78 -6.15 -27.34
C PRO H 28 23.53 -7.39 -26.91
N ALA H 29 23.27 -8.52 -27.55
CA ALA H 29 24.06 -9.74 -27.29
C ALA H 29 25.53 -9.51 -27.69
N ALA H 30 25.77 -8.37 -28.34
CA ALA H 30 27.08 -7.93 -28.79
C ALA H 30 27.99 -7.48 -27.64
N LEU H 31 27.42 -7.32 -26.45
CA LEU H 31 28.17 -6.95 -25.27
C LEU H 31 29.09 -8.09 -24.81
N VAL H 32 28.68 -9.33 -25.12
CA VAL H 32 29.43 -10.53 -24.72
C VAL H 32 30.80 -10.62 -25.38
N PRO H 33 30.87 -10.59 -26.72
CA PRO H 33 32.17 -10.54 -27.37
C PRO H 33 32.93 -9.29 -26.93
N ALA H 34 32.27 -8.14 -26.98
CA ALA H 34 32.89 -6.88 -26.60
C ALA H 34 33.68 -6.98 -25.29
N SER H 35 33.05 -7.56 -24.25
CA SER H 35 33.66 -7.57 -22.91
C SER H 35 34.70 -8.68 -22.75
N GLU H 36 34.54 -9.76 -23.52
CA GLU H 36 35.56 -10.80 -23.58
C GLU H 36 36.87 -10.21 -24.09
N ILE H 37 36.76 -9.21 -24.95
CA ILE H 37 37.90 -8.59 -25.64
C ILE H 37 38.44 -7.34 -24.89
N LEU H 38 37.54 -6.58 -24.25
CA LEU H 38 37.89 -5.27 -23.70
C LEU H 38 37.46 -5.09 -22.24
N ILE H 39 38.25 -4.31 -21.51
CA ILE H 39 37.80 -3.72 -20.26
C ILE H 39 37.57 -2.22 -20.47
N PRO H 40 36.79 -1.56 -19.60
CA PRO H 40 36.48 -0.15 -19.80
C PRO H 40 37.70 0.73 -20.08
N GLU H 41 38.82 0.39 -19.47
CA GLU H 41 40.02 1.22 -19.53
C GLU H 41 40.66 1.22 -20.91
N ASP H 42 40.35 0.18 -21.70
CA ASP H 42 40.87 0.04 -23.07
C ASP H 42 40.43 1.20 -23.98
N PHE H 43 39.25 1.76 -23.70
CA PHE H 43 38.74 2.92 -24.44
C PHE H 43 39.58 4.15 -24.14
N TYR H 44 39.87 4.95 -25.17
CA TYR H 44 40.70 6.14 -24.98
C TYR H 44 39.93 7.32 -24.41
N ARG H 45 38.79 7.64 -25.01
CA ARG H 45 37.94 8.73 -24.54
C ARG H 45 37.37 8.48 -23.16
N ALA H 46 37.65 9.43 -22.26
CA ALA H 46 37.14 9.40 -20.88
C ALA H 46 35.68 8.99 -20.83
N ALA H 47 34.87 9.60 -21.69
CA ALA H 47 33.44 9.34 -21.74
C ALA H 47 33.08 7.88 -22.04
N HIS H 48 33.76 7.29 -23.03
CA HIS H 48 33.45 5.92 -23.45
C HIS H 48 33.73 4.93 -22.32
N GLN H 49 34.89 5.14 -21.69
CA GLN H 49 35.28 4.45 -20.46
C GLN H 49 34.07 4.32 -19.53
N LYS H 50 33.49 5.46 -19.16
CA LYS H 50 32.36 5.53 -18.24
C LYS H 50 31.11 4.80 -18.74
N ILE H 51 30.81 4.98 -20.04
CA ILE H 51 29.65 4.34 -20.69
C ILE H 51 29.79 2.81 -20.70
N PHE H 52 30.92 2.32 -21.20
CA PHE H 52 31.17 0.89 -21.29
C PHE H 52 31.17 0.27 -19.89
N HIS H 53 31.61 1.05 -18.90
CA HIS H 53 31.56 0.61 -17.51
C HIS H 53 30.11 0.40 -17.09
N ALA H 54 29.31 1.46 -17.20
CA ALA H 54 27.87 1.41 -16.93
C ALA H 54 27.20 0.24 -17.63
N MET H 55 27.53 0.01 -18.90
CA MET H 55 26.99 -1.12 -19.67
C MET H 55 27.19 -2.46 -18.96
N LEU H 56 28.41 -2.69 -18.49
CA LEU H 56 28.78 -3.90 -17.74
C LEU H 56 28.14 -3.93 -16.35
N ARG H 57 28.05 -2.76 -15.73
CA ARG H 57 27.47 -2.60 -14.41
C ARG H 57 26.00 -3.05 -14.43
N VAL H 58 25.29 -2.62 -15.46
CA VAL H 58 23.90 -2.99 -15.69
C VAL H 58 23.77 -4.44 -16.07
N ALA H 59 24.76 -4.96 -16.79
CA ALA H 59 24.74 -6.35 -17.23
C ALA H 59 24.85 -7.29 -16.05
N ASP H 60 25.50 -6.85 -14.97
CA ASP H 60 25.68 -7.68 -13.79
C ASP H 60 24.45 -7.86 -12.93
N ARG H 61 23.32 -7.31 -13.34
CA ARG H 61 22.10 -7.44 -12.57
C ARG H 61 21.18 -8.61 -12.92
N GLY H 62 20.95 -8.95 -14.19
CA GLY H 62 21.29 -8.19 -15.38
C GLY H 62 20.00 -7.68 -16.00
N GLU H 63 20.04 -6.48 -16.58
CA GLU H 63 18.84 -5.67 -16.74
C GLU H 63 17.86 -5.98 -17.89
N PRO H 64 18.34 -6.08 -19.15
CA PRO H 64 19.69 -6.04 -19.65
C PRO H 64 19.97 -4.71 -20.34
N VAL H 65 20.93 -4.72 -21.26
CA VAL H 65 21.57 -3.51 -21.73
C VAL H 65 20.90 -2.88 -22.94
N ASP H 66 20.11 -1.83 -22.70
CA ASP H 66 19.61 -1.03 -23.81
C ASP H 66 19.76 0.46 -23.53
N LEU H 67 19.41 1.26 -24.52
CA LEU H 67 19.56 2.71 -24.43
C LEU H 67 18.89 3.33 -23.19
N VAL H 68 17.77 2.75 -22.76
CA VAL H 68 17.11 3.21 -21.53
C VAL H 68 17.94 2.87 -20.28
N THR H 69 18.01 1.58 -19.92
CA THR H 69 18.72 1.08 -18.73
C THR H 69 20.13 1.65 -18.58
N VAL H 70 20.82 1.86 -19.69
CA VAL H 70 22.15 2.47 -19.66
C VAL H 70 22.09 3.91 -19.15
N THR H 71 21.16 4.71 -19.68
CA THR H 71 21.10 6.11 -19.25
C THR H 71 20.59 6.17 -17.80
N ALA H 72 19.76 5.20 -17.43
CA ALA H 72 19.29 5.08 -16.05
C ALA H 72 20.48 4.82 -15.12
N GLU H 73 21.42 4.01 -15.59
CA GLU H 73 22.60 3.67 -14.81
C GLU H 73 23.55 4.83 -14.73
N LEU H 74 23.69 5.56 -15.83
CA LEU H 74 24.62 6.68 -15.90
C LEU H 74 24.15 7.86 -15.06
N ALA H 75 22.83 8.01 -14.97
CA ALA H 75 22.22 9.04 -14.13
C ALA H 75 22.27 8.63 -12.67
N ALA H 76 22.24 7.33 -12.41
CA ALA H 76 22.34 6.79 -11.05
C ALA H 76 23.67 7.14 -10.38
N SER H 77 24.70 7.37 -11.20
CA SER H 77 25.92 8.04 -10.75
C SER H 77 25.93 9.44 -11.35
N GLU H 78 26.91 10.27 -10.98
CA GLU H 78 26.91 11.68 -11.40
C GLU H 78 27.18 11.86 -12.91
N GLN H 79 27.14 10.75 -13.65
CA GLN H 79 27.85 10.67 -14.93
C GLN H 79 27.10 10.97 -16.22
N LEU H 80 25.76 10.93 -16.19
CA LEU H 80 24.98 11.14 -17.42
C LEU H 80 25.26 12.46 -18.16
N GLU H 81 25.51 13.52 -17.41
CA GLU H 81 25.81 14.80 -18.01
C GLU H 81 27.26 14.89 -18.49
N GLU H 82 28.14 14.14 -17.82
CA GLU H 82 29.57 14.17 -18.12
C GLU H 82 29.93 13.58 -19.48
N ILE H 83 29.10 12.67 -19.96
CA ILE H 83 29.42 11.90 -21.18
C ILE H 83 28.77 12.46 -22.46
N GLY H 84 28.40 13.73 -22.42
CA GLY H 84 27.45 14.27 -23.40
C GLY H 84 26.07 13.95 -22.88
N GLY H 85 25.03 14.31 -23.63
CA GLY H 85 23.68 14.08 -23.14
C GLY H 85 23.20 12.67 -23.38
N VAL H 86 21.89 12.48 -23.23
CA VAL H 86 21.22 11.32 -23.84
C VAL H 86 21.42 11.42 -25.34
N SER H 87 21.65 12.64 -25.81
CA SER H 87 21.82 12.91 -27.22
C SER H 87 23.11 12.32 -27.79
N TYR H 88 24.13 12.18 -26.94
CA TYR H 88 25.37 11.51 -27.36
C TYR H 88 25.19 9.98 -27.43
N LEU H 89 24.50 9.42 -26.43
CA LEU H 89 24.17 7.99 -26.42
C LEU H 89 23.30 7.65 -27.63
N SER H 90 22.48 8.61 -28.07
CA SER H 90 21.63 8.45 -29.25
C SER H 90 22.46 8.41 -30.53
N GLU H 91 23.49 9.24 -30.60
CA GLU H 91 24.41 9.23 -31.73
C GLU H 91 25.16 7.91 -31.85
N LEU H 92 25.58 7.36 -30.71
CA LEU H 92 26.30 6.10 -30.68
C LEU H 92 25.50 4.99 -31.34
N ALA H 93 24.21 4.94 -31.04
CA ALA H 93 23.29 4.02 -31.69
C ALA H 93 23.38 4.12 -33.23
N ASP H 94 23.34 5.34 -33.76
CA ASP H 94 23.29 5.58 -35.21
C ASP H 94 24.64 5.55 -35.94
N ALA H 95 25.76 5.49 -35.21
CA ALA H 95 27.09 5.59 -35.84
C ALA H 95 27.42 4.48 -36.85
N VAL H 96 27.11 3.24 -36.50
CA VAL H 96 27.27 2.12 -37.43
C VAL H 96 25.90 1.54 -37.81
N PRO H 97 25.66 1.36 -39.12
CA PRO H 97 24.45 0.71 -39.62
C PRO H 97 24.11 -0.63 -38.93
N THR H 98 24.86 -1.69 -39.21
CA THR H 98 24.61 -3.00 -38.61
C THR H 98 25.61 -3.36 -37.48
N ALA H 99 25.28 -4.35 -36.65
CA ALA H 99 26.06 -4.69 -35.46
C ALA H 99 26.78 -6.05 -35.54
N ALA H 100 27.08 -6.50 -36.77
CA ALA H 100 27.73 -7.79 -37.00
C ALA H 100 29.19 -7.84 -36.51
N ASN H 101 30.14 -7.38 -37.33
CA ASN H 101 31.57 -7.44 -36.97
C ASN H 101 32.05 -6.43 -35.90
N VAL H 102 31.45 -6.47 -34.71
CA VAL H 102 31.98 -5.77 -33.53
C VAL H 102 33.35 -6.29 -33.20
N GLU H 103 33.52 -7.60 -33.36
CA GLU H 103 34.78 -8.27 -33.08
C GLU H 103 35.97 -7.50 -33.68
N TYR H 104 35.79 -7.13 -34.95
CA TYR H 104 36.68 -6.29 -35.71
C TYR H 104 37.07 -5.05 -34.89
N TYR H 105 36.12 -4.13 -34.73
CA TYR H 105 36.36 -2.83 -34.11
C TYR H 105 36.85 -2.95 -32.67
N ALA H 106 36.30 -3.91 -31.93
CA ALA H 106 36.74 -4.19 -30.56
C ALA H 106 38.24 -4.45 -30.52
N ARG H 107 38.73 -5.19 -31.51
CA ARG H 107 40.13 -5.57 -31.56
C ARG H 107 41.05 -4.41 -31.94
N ILE H 108 40.49 -3.39 -32.59
CA ILE H 108 41.21 -2.15 -32.86
C ILE H 108 41.38 -1.36 -31.56
N VAL H 109 40.26 -1.16 -30.86
CA VAL H 109 40.23 -0.49 -29.56
C VAL H 109 41.24 -1.14 -28.60
N GLU H 110 41.25 -2.48 -28.61
CA GLU H 110 42.11 -3.29 -27.76
C GLU H 110 43.57 -3.10 -28.13
N GLU H 111 43.85 -3.16 -29.42
CA GLU H 111 45.22 -3.01 -29.92
C GLU H 111 45.78 -1.62 -29.61
N LYS H 112 44.93 -0.60 -29.74
CA LYS H 112 45.36 0.74 -29.37
C LYS H 112 45.62 0.82 -27.85
N SER H 113 44.75 0.18 -27.07
CA SER H 113 44.94 0.11 -25.63
C SER H 113 46.32 -0.41 -25.28
N VAL H 114 46.69 -1.55 -25.88
CA VAL H 114 47.98 -2.19 -25.65
C VAL H 114 49.14 -1.25 -26.02
N LEU H 115 49.01 -0.55 -27.15
CA LEU H 115 50.04 0.40 -27.56
C LEU H 115 50.35 1.46 -26.53
N ARG H 116 49.33 2.13 -26.01
CA ARG H 116 49.61 3.15 -25.01
C ARG H 116 50.05 2.55 -23.67
N ARG H 117 49.59 1.32 -23.37
CA ARG H 117 50.10 0.62 -22.19
C ARG H 117 51.60 0.37 -22.33
N LEU H 118 52.02 -0.01 -23.53
CA LEU H 118 53.42 -0.20 -23.82
C LEU H 118 54.17 1.12 -23.66
N ILE H 119 53.70 2.17 -24.33
CA ILE H 119 54.34 3.48 -24.27
C ILE H 119 54.50 3.97 -22.83
N ARG H 120 53.43 3.83 -22.05
CA ARG H 120 53.38 4.22 -20.66
C ARG H 120 54.40 3.46 -19.79
N THR H 121 54.53 2.15 -19.97
CA THR H 121 55.51 1.38 -19.18
C THR H 121 56.94 1.61 -19.65
N ALA H 122 57.12 1.93 -20.92
CA ALA H 122 58.45 2.26 -21.47
C ALA H 122 58.94 3.60 -20.97
N THR H 123 58.03 4.58 -20.92
CA THR H 123 58.37 5.91 -20.40
C THR H 123 58.69 5.87 -18.91
N SER H 124 57.95 5.04 -18.16
CA SER H 124 58.19 4.92 -16.73
C SER H 124 59.47 4.13 -16.39
N ILE H 125 59.93 3.32 -17.34
CA ILE H 125 61.24 2.65 -17.23
C ILE H 125 62.34 3.69 -17.41
N ALA H 126 62.20 4.50 -18.45
CA ALA H 126 63.14 5.57 -18.71
C ALA H 126 63.17 6.52 -17.53
N GLN H 127 61.99 6.90 -17.08
CA GLN H 127 61.80 7.71 -15.88
C GLN H 127 62.61 7.20 -14.69
N ASP H 128 62.47 5.90 -14.42
CA ASP H 128 63.14 5.25 -13.28
C ASP H 128 64.64 5.10 -13.48
N GLY H 129 65.06 5.13 -14.74
CA GLY H 129 66.48 5.09 -15.07
C GLY H 129 67.29 6.18 -14.39
N TYR H 130 66.75 7.40 -14.38
CA TYR H 130 67.42 8.54 -13.74
C TYR H 130 67.35 8.51 -12.21
N THR H 131 66.26 7.97 -11.68
CA THR H 131 66.00 8.01 -10.24
C THR H 131 66.71 6.92 -9.45
N ARG H 132 66.30 5.67 -9.64
CA ARG H 132 66.79 4.58 -8.81
C ARG H 132 68.16 4.06 -9.26
N GLU H 133 69.15 4.95 -9.34
CA GLU H 133 70.53 4.60 -9.70
C GLU H 133 71.21 3.73 -8.63
N ASP H 134 70.41 3.00 -7.85
CA ASP H 134 70.88 2.34 -6.64
C ASP H 134 71.27 0.89 -6.82
N GLU H 135 70.38 0.14 -7.47
CA GLU H 135 70.52 -1.31 -7.63
C GLU H 135 70.26 -1.71 -9.09
N ILE H 136 71.36 -1.86 -9.85
CA ILE H 136 71.32 -2.05 -11.32
C ILE H 136 70.68 -3.36 -11.81
N ASP H 137 70.99 -4.47 -11.14
CA ASP H 137 70.54 -5.78 -11.59
C ASP H 137 69.04 -6.00 -11.39
N VAL H 138 68.51 -5.49 -10.28
CA VAL H 138 67.09 -5.62 -9.98
C VAL H 138 66.26 -4.61 -10.79
N LEU H 139 66.92 -3.56 -11.28
CA LEU H 139 66.31 -2.58 -12.17
C LEU H 139 66.15 -3.10 -13.61
N LEU H 140 67.25 -3.62 -14.16
CA LEU H 140 67.27 -4.20 -15.51
C LEU H 140 66.27 -5.36 -15.60
N ASP H 141 66.12 -6.07 -14.48
CA ASP H 141 65.14 -7.15 -14.34
C ASP H 141 63.73 -6.63 -14.49
N GLU H 142 63.44 -5.49 -13.87
CA GLU H 142 62.11 -4.86 -13.97
C GLU H 142 61.74 -4.54 -15.41
N ALA H 143 62.68 -3.96 -16.16
CA ALA H 143 62.48 -3.68 -17.58
C ALA H 143 62.13 -4.95 -18.36
N ASP H 144 62.96 -6.00 -18.20
CA ASP H 144 62.70 -7.32 -18.77
C ASP H 144 61.27 -7.74 -18.49
N ARG H 145 60.91 -7.69 -17.20
CA ARG H 145 59.66 -8.23 -16.68
C ARG H 145 58.45 -7.36 -17.05
N LYS H 146 58.65 -6.04 -17.07
CA LYS H 146 57.58 -5.09 -17.38
C LYS H 146 57.15 -5.13 -18.84
N ILE H 147 58.05 -5.57 -19.70
CA ILE H 147 57.79 -5.59 -21.14
C ILE H 147 57.11 -6.90 -21.59
N MET H 148 57.34 -7.96 -20.81
CA MET H 148 56.64 -9.23 -21.04
C MET H 148 55.20 -9.08 -20.64
N GLU H 149 54.96 -8.38 -19.52
CA GLU H 149 53.62 -8.15 -18.98
C GLU H 149 52.69 -7.35 -19.91
N VAL H 150 53.20 -6.94 -21.07
CA VAL H 150 52.35 -6.30 -22.09
C VAL H 150 51.93 -7.31 -23.19
N SER H 151 52.19 -8.61 -22.93
CA SER H 151 51.71 -9.77 -23.73
C SER H 151 50.76 -9.48 -24.89
N ALA H 158 38.06 -15.46 -18.75
CA ALA H 158 38.59 -15.51 -17.39
C ALA H 158 38.83 -16.96 -17.00
N PHE H 159 37.76 -17.76 -17.11
CA PHE H 159 37.80 -19.20 -16.87
C PHE H 159 38.31 -19.95 -18.10
N LYS H 160 39.12 -20.98 -17.89
CA LYS H 160 39.61 -21.84 -18.99
C LYS H 160 38.50 -22.76 -19.41
N ASN H 161 38.16 -22.78 -20.70
CA ASN H 161 37.07 -23.65 -21.12
C ASN H 161 37.56 -25.07 -21.25
N ILE H 162 36.76 -26.01 -20.76
CA ILE H 162 37.21 -27.40 -20.65
C ILE H 162 37.41 -28.09 -21.99
N LYS H 163 36.57 -27.75 -22.96
CA LYS H 163 36.71 -28.28 -24.32
C LYS H 163 38.16 -28.12 -24.77
N ASP H 164 38.73 -26.95 -24.52
CA ASP H 164 40.07 -26.58 -24.97
C ASP H 164 41.17 -27.33 -24.23
N ILE H 165 41.03 -27.45 -22.90
CA ILE H 165 42.01 -28.17 -22.08
C ILE H 165 42.07 -29.65 -22.49
N LEU H 166 40.90 -30.26 -22.66
CA LEU H 166 40.80 -31.67 -23.04
C LEU H 166 41.65 -31.96 -24.24
N VAL H 167 41.64 -31.04 -25.21
CA VAL H 167 42.45 -31.21 -26.42
C VAL H 167 43.94 -31.23 -26.10
N GLN H 168 44.43 -30.19 -25.43
CA GLN H 168 45.85 -30.10 -25.02
C GLN H 168 46.29 -31.35 -24.27
N THR H 169 45.39 -31.88 -23.43
CA THR H 169 45.67 -33.04 -22.59
C THR H 169 45.75 -34.33 -23.39
N TYR H 170 44.82 -34.51 -24.34
CA TYR H 170 44.85 -35.64 -25.26
C TYR H 170 46.12 -35.60 -26.08
N ASP H 171 46.40 -34.43 -26.66
CA ASP H 171 47.60 -34.23 -27.45
C ASP H 171 48.87 -34.48 -26.63
N ASN H 172 48.82 -34.11 -25.35
CA ASN H 172 49.91 -34.42 -24.45
C ASN H 172 50.04 -35.95 -24.21
N ILE H 173 48.94 -36.65 -23.89
CA ILE H 173 48.95 -38.13 -23.71
C ILE H 173 49.39 -38.86 -24.96
N GLU H 174 49.07 -38.27 -26.12
CA GLU H 174 49.57 -38.72 -27.42
C GLU H 174 51.10 -38.84 -27.37
N MET H 175 51.79 -38.05 -26.53
CA MET H 175 53.25 -38.19 -26.22
C MET H 175 53.85 -39.63 -26.11
N LEU H 176 53.22 -40.56 -25.40
CA LEU H 176 53.76 -41.94 -25.44
C LEU H 176 53.30 -42.79 -26.64
N ILE H 183 59.86 -43.28 -17.55
CA ILE H 183 60.19 -42.10 -16.75
C ILE H 183 59.82 -40.85 -17.54
N THR H 184 59.09 -39.94 -16.90
CA THR H 184 58.49 -38.82 -17.65
C THR H 184 59.06 -37.37 -17.65
N GLY H 185 59.71 -36.82 -16.63
CA GLY H 185 60.47 -37.43 -15.55
C GLY H 185 61.94 -37.09 -15.75
N ILE H 186 62.55 -36.33 -14.84
CA ILE H 186 64.02 -36.25 -14.80
C ILE H 186 64.49 -37.41 -13.96
N PRO H 187 65.29 -38.32 -14.55
CA PRO H 187 65.61 -39.55 -13.84
C PRO H 187 66.74 -39.40 -12.81
N THR H 188 66.47 -39.85 -11.59
CA THR H 188 67.42 -39.78 -10.47
C THR H 188 68.58 -40.76 -10.60
N GLY H 189 68.35 -41.83 -11.36
CA GLY H 189 69.31 -42.92 -11.44
C GLY H 189 69.16 -43.94 -10.32
N PHE H 190 68.20 -43.72 -9.43
CA PHE H 190 67.83 -44.77 -8.50
C PHE H 190 66.56 -45.45 -8.98
N THR H 191 66.76 -46.64 -9.57
CA THR H 191 65.75 -47.37 -10.30
C THR H 191 64.41 -47.44 -9.58
N GLU H 192 64.42 -47.94 -8.34
CA GLU H 192 63.19 -48.24 -7.59
C GLU H 192 62.43 -46.96 -7.26
N LEU H 193 63.17 -45.90 -6.91
CA LEU H 193 62.57 -44.58 -6.71
C LEU H 193 61.99 -44.02 -8.00
N ASP H 194 62.75 -44.12 -9.10
CA ASP H 194 62.29 -43.66 -10.40
C ASP H 194 61.06 -44.41 -10.89
N ARG H 195 60.95 -45.69 -10.55
CA ARG H 195 59.75 -46.47 -10.91
C ARG H 195 58.54 -45.91 -10.21
N MET H 196 58.72 -45.53 -8.95
CA MET H 196 57.65 -45.06 -8.09
C MET H 196 57.19 -43.62 -8.42
N THR H 197 58.10 -42.89 -9.05
CA THR H 197 57.98 -41.46 -9.12
C THR H 197 57.98 -40.98 -10.56
N SER H 198 58.83 -41.64 -11.37
CA SER H 198 59.16 -41.31 -12.78
C SER H 198 59.68 -39.89 -12.96
N GLY H 199 60.82 -39.58 -12.32
CA GLY H 199 61.24 -38.20 -12.08
C GLY H 199 60.24 -37.79 -11.04
N PHE H 200 60.38 -36.66 -10.32
CA PHE H 200 61.18 -35.48 -10.61
C PHE H 200 60.69 -34.91 -11.91
N GLN H 201 59.54 -34.26 -11.70
CA GLN H 201 58.63 -33.73 -12.69
C GLN H 201 58.72 -32.22 -12.68
N ARG H 202 58.49 -31.60 -13.83
CA ARG H 202 58.60 -30.16 -13.94
C ARG H 202 57.49 -29.53 -13.12
N SER H 203 57.86 -28.56 -12.28
CA SER H 203 56.92 -27.77 -11.43
C SER H 203 56.60 -28.34 -10.06
N ASP H 204 57.15 -29.52 -9.75
CA ASP H 204 56.94 -30.15 -8.45
C ASP H 204 57.86 -29.59 -7.38
N LEU H 205 57.35 -29.53 -6.17
CA LEU H 205 58.15 -29.27 -4.98
C LEU H 205 58.40 -30.61 -4.26
N ILE H 206 59.66 -31.03 -4.21
CA ILE H 206 60.01 -32.28 -3.55
C ILE H 206 60.71 -32.01 -2.20
N ILE H 207 60.08 -32.45 -1.14
CA ILE H 207 60.68 -32.27 0.16
C ILE H 207 61.42 -33.56 0.55
N VAL H 208 62.70 -33.40 0.89
CA VAL H 208 63.46 -34.52 1.45
C VAL H 208 63.82 -34.16 2.90
N ALA H 209 63.16 -34.82 3.85
CA ALA H 209 63.38 -34.51 5.27
C ALA H 209 63.87 -35.73 6.06
N ALA H 210 64.73 -35.51 7.07
CA ALA H 210 65.27 -36.60 7.91
C ALA H 210 66.07 -36.02 9.06
N ARG H 211 66.21 -36.78 10.16
CA ARG H 211 66.98 -36.31 11.33
C ARG H 211 68.44 -35.90 10.95
N PRO H 212 69.11 -35.13 11.82
CA PRO H 212 70.48 -34.65 11.53
C PRO H 212 71.49 -35.75 11.36
N SER H 213 72.34 -35.57 10.34
CA SER H 213 73.44 -36.49 10.01
C SER H 213 72.89 -37.84 9.53
N VAL H 214 71.67 -37.86 9.04
CA VAL H 214 71.11 -39.09 8.57
C VAL H 214 71.49 -39.37 7.12
N GLY H 215 71.59 -38.31 6.32
CA GLY H 215 71.97 -38.44 4.92
C GLY H 215 71.29 -37.51 3.94
N LYS H 216 70.63 -36.45 4.44
CA LYS H 216 69.90 -35.49 3.60
C LYS H 216 70.73 -34.97 2.43
N THR H 217 71.79 -34.22 2.73
CA THR H 217 72.62 -33.58 1.71
C THR H 217 73.22 -34.63 0.79
N ALA H 218 73.82 -35.67 1.41
CA ALA H 218 74.38 -36.81 0.68
C ALA H 218 73.44 -37.28 -0.42
N PHE H 219 72.20 -37.56 -0.05
CA PHE H 219 71.19 -38.03 -0.96
C PHE H 219 70.96 -37.02 -2.08
N ALA H 220 70.80 -35.75 -1.71
CA ALA H 220 70.50 -34.69 -2.67
C ALA H 220 71.65 -34.50 -3.64
N LEU H 221 72.88 -34.54 -3.11
CA LEU H 221 74.08 -34.44 -3.94
C LEU H 221 74.19 -35.59 -4.94
N ASN H 222 73.92 -36.80 -4.45
CA ASN H 222 73.92 -37.98 -5.31
C ASN H 222 72.92 -37.84 -6.48
N ILE H 223 71.72 -37.36 -6.20
CA ILE H 223 70.72 -37.09 -7.23
C ILE H 223 71.22 -36.04 -8.22
N ALA H 224 71.77 -34.95 -7.71
CA ALA H 224 72.31 -33.88 -8.55
C ALA H 224 73.37 -34.40 -9.55
N GLN H 225 74.32 -35.19 -9.05
CA GLN H 225 75.33 -35.83 -9.91
C GLN H 225 74.71 -36.65 -11.04
N ASN H 226 73.91 -37.65 -10.67
CA ASN H 226 73.30 -38.56 -11.63
C ASN H 226 72.46 -37.83 -12.64
N VAL H 227 71.89 -36.71 -12.25
CA VAL H 227 71.16 -35.89 -13.19
C VAL H 227 72.15 -35.15 -14.09
N ALA H 228 73.07 -34.41 -13.49
CA ALA H 228 74.02 -33.61 -14.25
C ALA H 228 74.96 -34.39 -15.17
N THR H 229 75.32 -35.61 -14.78
CA THR H 229 76.28 -36.41 -15.54
C THR H 229 75.61 -37.41 -16.47
N LYS H 230 74.54 -38.05 -16.01
CA LYS H 230 73.83 -39.03 -16.84
C LYS H 230 72.94 -38.36 -17.89
N THR H 231 72.20 -37.34 -17.48
CA THR H 231 71.43 -36.53 -18.44
C THR H 231 72.24 -35.33 -18.93
N ASN H 232 71.60 -34.47 -19.71
CA ASN H 232 72.30 -33.31 -20.25
C ASN H 232 71.82 -32.00 -19.65
N GLU H 233 70.98 -32.10 -18.63
CA GLU H 233 70.33 -30.94 -18.03
C GLU H 233 71.24 -30.25 -17.03
N ASN H 234 71.05 -28.94 -16.84
CA ASN H 234 71.82 -28.23 -15.81
C ASN H 234 71.09 -28.27 -14.47
N VAL H 235 71.86 -28.35 -13.38
CA VAL H 235 71.27 -28.29 -12.03
C VAL H 235 71.92 -27.28 -11.10
N ALA H 236 71.07 -26.44 -10.49
CA ALA H 236 71.53 -25.43 -9.56
C ALA H 236 71.44 -25.94 -8.12
N ILE H 237 72.50 -25.78 -7.36
CA ILE H 237 72.49 -26.18 -5.97
C ILE H 237 72.77 -24.96 -5.11
N PHE H 238 71.88 -24.70 -4.17
CA PHE H 238 72.09 -23.66 -3.20
C PHE H 238 72.43 -24.35 -1.88
N SER H 239 73.69 -24.19 -1.46
CA SER H 239 74.13 -24.77 -0.18
C SER H 239 74.25 -23.69 0.86
N LEU H 240 73.44 -23.72 1.91
CA LEU H 240 73.49 -22.64 2.89
C LEU H 240 74.27 -23.03 4.13
N GLU H 241 74.66 -24.30 4.21
CA GLU H 241 75.37 -24.82 5.39
C GLU H 241 76.82 -25.18 5.06
N MET H 242 77.03 -25.92 3.97
CA MET H 242 78.36 -26.33 3.57
C MET H 242 78.86 -25.46 2.44
N SER H 243 80.20 -25.41 2.33
CA SER H 243 80.90 -24.67 1.28
C SER H 243 80.84 -25.42 -0.05
N ALA H 244 81.04 -24.71 -1.14
CA ALA H 244 81.15 -25.36 -2.42
C ALA H 244 82.24 -26.45 -2.40
N GLN H 245 83.41 -26.11 -1.84
CA GLN H 245 84.61 -27.01 -1.73
C GLN H 245 84.31 -28.36 -1.09
N GLN H 246 83.40 -28.36 -0.10
CA GLN H 246 83.01 -29.58 0.63
C GLN H 246 82.04 -30.38 -0.22
N LEU H 247 81.19 -29.65 -0.96
CA LEU H 247 80.20 -30.30 -1.80
C LEU H 247 80.88 -31.07 -2.89
N VAL H 248 81.79 -30.42 -3.60
CA VAL H 248 82.48 -31.04 -4.71
C VAL H 248 83.28 -32.25 -4.21
N MET H 249 83.88 -32.12 -3.03
CA MET H 249 84.63 -33.22 -2.45
C MET H 249 83.76 -34.42 -2.11
N ARG H 250 82.51 -34.18 -1.76
CA ARG H 250 81.59 -35.27 -1.58
C ARG H 250 81.31 -35.97 -2.91
N MET H 251 81.13 -35.20 -3.99
CA MET H 251 80.75 -35.75 -5.29
C MET H 251 81.90 -36.52 -5.90
N LEU H 252 83.11 -35.99 -5.73
CA LEU H 252 84.32 -36.67 -6.18
C LEU H 252 84.39 -38.07 -5.59
N CYS H 253 84.29 -38.16 -4.27
CA CYS H 253 84.33 -39.43 -3.57
C CYS H 253 83.27 -40.39 -4.07
N ALA H 254 82.10 -39.86 -4.37
CA ALA H 254 80.98 -40.69 -4.78
C ALA H 254 81.14 -41.08 -6.22
N GLU H 255 81.66 -40.17 -7.05
CA GLU H 255 81.87 -40.47 -8.47
C GLU H 255 82.89 -41.59 -8.69
N GLY H 256 83.99 -41.56 -7.93
CA GLY H 256 85.09 -42.48 -8.15
C GLY H 256 85.30 -43.58 -7.12
N ASN H 257 84.41 -43.68 -6.13
CA ASN H 257 84.60 -44.58 -4.97
C ASN H 257 85.95 -44.41 -4.27
N ILE H 258 86.25 -43.18 -3.89
CA ILE H 258 87.44 -42.85 -3.12
C ILE H 258 87.03 -42.62 -1.68
N ASN H 259 87.68 -43.30 -0.75
CA ASN H 259 87.32 -43.18 0.66
C ASN H 259 87.52 -41.76 1.13
N ALA H 260 86.48 -41.20 1.75
CA ALA H 260 86.45 -39.77 2.07
C ALA H 260 87.56 -39.34 3.01
N GLN H 261 87.86 -40.17 4.00
CA GLN H 261 88.94 -39.86 4.95
C GLN H 261 90.27 -39.74 4.23
N ASN H 262 90.59 -40.72 3.39
CA ASN H 262 91.79 -40.66 2.59
C ASN H 262 91.82 -39.34 1.82
N LEU H 263 90.71 -39.00 1.17
CA LEU H 263 90.64 -37.84 0.27
C LEU H 263 90.89 -36.51 0.98
N ARG H 264 90.31 -36.34 2.17
CA ARG H 264 90.49 -35.11 2.96
C ARG H 264 91.84 -34.98 3.68
N THR H 265 92.61 -36.06 3.70
CA THR H 265 93.95 -36.07 4.29
C THR H 265 94.98 -35.84 3.18
N GLY H 266 94.66 -36.33 1.99
CA GLY H 266 95.62 -36.38 0.90
C GLY H 266 96.35 -37.69 0.92
N LYS H 267 95.95 -38.56 1.85
CA LYS H 267 96.53 -39.88 2.03
C LYS H 267 95.92 -40.85 1.02
N LEU H 268 96.24 -40.66 -0.25
CA LEU H 268 95.66 -41.45 -1.34
C LEU H 268 96.56 -42.59 -1.84
N THR H 269 95.97 -43.78 -1.99
CA THR H 269 96.66 -44.93 -2.60
C THR H 269 96.96 -44.64 -4.09
N PRO H 270 97.91 -45.37 -4.71
CA PRO H 270 98.22 -45.16 -6.12
C PRO H 270 97.02 -45.32 -7.06
N GLU H 271 96.10 -46.24 -6.74
CA GLU H 271 94.89 -46.40 -7.55
C GLU H 271 93.83 -45.35 -7.25
N ASP H 272 93.88 -44.78 -6.05
CA ASP H 272 92.98 -43.67 -5.64
C ASP H 272 93.16 -42.45 -6.54
N TRP H 273 94.40 -42.04 -6.77
CA TRP H 273 94.70 -40.97 -7.71
C TRP H 273 94.12 -41.25 -9.09
N GLY H 274 94.15 -42.52 -9.51
CA GLY H 274 93.52 -42.97 -10.76
C GLY H 274 92.05 -42.66 -10.71
N LYS H 275 91.38 -43.15 -9.66
CA LYS H 275 89.96 -42.89 -9.36
C LYS H 275 89.60 -41.41 -9.34
N LEU H 276 90.45 -40.60 -8.70
CA LEU H 276 90.28 -39.14 -8.67
C LEU H 276 90.42 -38.45 -10.03
N THR H 277 91.43 -38.86 -10.80
CA THR H 277 91.64 -38.35 -12.17
C THR H 277 90.41 -38.52 -13.07
N MET H 278 89.76 -39.71 -13.05
CA MET H 278 88.51 -39.93 -13.82
C MET H 278 87.31 -39.18 -13.25
N ALA H 279 87.16 -39.23 -11.93
CA ALA H 279 86.09 -38.51 -11.25
C ALA H 279 86.06 -37.04 -11.67
N MET H 280 87.24 -36.41 -11.67
CA MET H 280 87.40 -35.02 -12.05
C MET H 280 87.03 -34.82 -13.50
N GLY H 281 87.53 -35.72 -14.35
CA GLY H 281 87.17 -35.72 -15.77
C GLY H 281 85.68 -35.60 -16.01
N SER H 282 84.91 -36.54 -15.48
CA SER H 282 83.46 -36.59 -15.77
C SER H 282 82.68 -35.44 -15.14
N LEU H 283 83.09 -35.03 -13.95
CA LEU H 283 82.44 -33.92 -13.26
C LEU H 283 82.66 -32.55 -13.90
N SER H 284 83.62 -32.44 -14.82
CA SER H 284 83.89 -31.17 -15.51
C SER H 284 82.82 -30.82 -16.50
N ASN H 285 82.51 -31.76 -17.39
CA ASN H 285 81.45 -31.60 -18.38
C ASN H 285 80.07 -31.80 -17.75
N ALA H 286 80.03 -31.76 -16.41
CA ALA H 286 78.82 -32.06 -15.64
C ALA H 286 77.82 -30.91 -15.59
N GLY H 287 78.32 -29.68 -15.54
CA GLY H 287 77.43 -28.53 -15.56
C GLY H 287 76.50 -28.51 -14.37
N ILE H 288 77.08 -28.34 -13.19
CA ILE H 288 76.32 -28.17 -11.97
C ILE H 288 76.72 -26.85 -11.32
N TYR H 289 75.75 -25.97 -11.11
CA TYR H 289 76.01 -24.62 -10.65
C TYR H 289 75.71 -24.48 -9.16
N ILE H 290 76.72 -24.07 -8.39
CA ILE H 290 76.66 -24.13 -6.95
C ILE H 290 76.68 -22.72 -6.37
N ASP H 291 75.71 -22.37 -5.55
CA ASP H 291 75.76 -21.12 -4.81
C ASP H 291 75.78 -21.32 -3.30
N ASP H 292 76.91 -21.05 -2.68
CA ASP H 292 77.05 -21.27 -1.26
C ASP H 292 76.97 -20.00 -0.37
N THR H 293 76.26 -18.97 -0.81
CA THR H 293 76.00 -17.82 0.04
C THR H 293 75.12 -18.27 1.20
N PRO H 294 75.59 -18.07 2.43
CA PRO H 294 74.95 -18.64 3.62
C PRO H 294 73.65 -18.01 4.00
N SER H 295 73.39 -16.76 3.56
CA SER H 295 72.02 -16.21 3.70
C SER H 295 71.40 -15.62 2.42
N ILE H 296 70.40 -16.32 1.88
CA ILE H 296 69.61 -15.81 0.76
C ILE H 296 68.14 -15.77 1.12
N ARG H 297 67.41 -14.92 0.41
CA ARG H 297 65.97 -14.92 0.44
C ARG H 297 65.52 -15.75 -0.77
N VAL H 298 64.25 -16.18 -0.79
CA VAL H 298 63.77 -16.95 -1.95
C VAL H 298 63.85 -16.13 -3.22
N SER H 299 63.41 -14.87 -3.13
CA SER H 299 63.57 -13.89 -4.22
C SER H 299 64.96 -13.93 -4.87
N ASP H 300 66.00 -13.95 -4.05
CA ASP H 300 67.34 -14.04 -4.54
C ASP H 300 67.52 -15.34 -5.31
N ILE H 301 67.11 -16.46 -4.72
CA ILE H 301 67.25 -17.74 -5.40
C ILE H 301 66.58 -17.66 -6.78
N ARG H 302 65.32 -17.23 -6.77
CA ARG H 302 64.55 -17.05 -7.99
C ARG H 302 65.34 -16.26 -9.04
N ALA H 303 65.79 -15.07 -8.66
CA ALA H 303 66.55 -14.20 -9.55
C ALA H 303 67.72 -14.95 -10.21
N LYS H 304 68.50 -15.66 -9.40
CA LYS H 304 69.70 -16.34 -9.90
C LYS H 304 69.32 -17.44 -10.88
N CYS H 305 68.30 -18.21 -10.53
CA CYS H 305 67.83 -19.30 -11.40
C CYS H 305 67.23 -18.80 -12.70
N ARG H 306 66.35 -17.82 -12.59
CA ARG H 306 65.80 -17.16 -13.75
C ARG H 306 66.91 -16.85 -14.76
N ARG H 307 68.01 -16.28 -14.26
CA ARG H 307 69.11 -15.87 -15.13
C ARG H 307 69.87 -17.07 -15.69
N LEU H 308 70.11 -18.09 -14.87
CA LEU H 308 70.83 -19.27 -15.37
C LEU H 308 70.01 -20.02 -16.41
N LYS H 309 68.69 -20.05 -16.25
CA LYS H 309 67.80 -20.68 -17.22
C LYS H 309 67.79 -19.86 -18.51
N GLN H 310 67.80 -18.55 -18.36
CA GLN H 310 67.89 -17.61 -19.48
C GLN H 310 68.92 -18.02 -20.52
N GLU H 311 70.15 -18.21 -20.07
CA GLU H 311 71.28 -18.34 -20.96
C GLU H 311 71.82 -19.76 -21.11
N SER H 312 71.37 -20.69 -20.28
CA SER H 312 71.85 -22.06 -20.37
C SER H 312 70.76 -23.11 -20.21
N GLY H 313 69.62 -22.72 -19.69
CA GLY H 313 68.54 -23.66 -19.47
C GLY H 313 68.77 -24.38 -18.15
N LEU H 314 67.69 -24.56 -17.39
CA LEU H 314 67.78 -25.18 -16.08
C LEU H 314 66.94 -26.46 -16.08
N GLY H 315 67.34 -27.42 -15.26
CA GLY H 315 66.60 -28.66 -15.12
C GLY H 315 66.07 -28.90 -13.73
N MET H 316 66.96 -28.76 -12.75
CA MET H 316 66.63 -28.95 -11.35
C MET H 316 67.18 -27.84 -10.48
N ILE H 317 66.48 -27.57 -9.39
CA ILE H 317 66.98 -26.74 -8.31
C ILE H 317 67.01 -27.55 -7.02
N VAL H 318 68.17 -27.55 -6.36
CA VAL H 318 68.32 -28.21 -5.06
C VAL H 318 68.64 -27.15 -4.03
N ILE H 319 67.95 -27.19 -2.90
CA ILE H 319 68.20 -26.23 -1.83
C ILE H 319 68.54 -26.95 -0.52
N ASP H 320 69.81 -26.89 -0.11
CA ASP H 320 70.17 -27.52 1.15
C ASP H 320 69.65 -26.62 2.21
N TYR H 321 68.36 -26.80 2.42
CA TYR H 321 67.77 -26.77 3.73
C TYR H 321 66.90 -25.52 3.93
N LEU H 322 65.58 -25.79 3.81
CA LEU H 322 64.51 -24.83 3.63
C LEU H 322 64.44 -23.87 4.79
N GLN H 323 64.51 -24.40 6.01
CA GLN H 323 64.40 -23.51 7.18
C GLN H 323 65.64 -22.61 7.38
N LEU H 324 66.67 -22.83 6.58
CA LEU H 324 67.86 -21.97 6.55
C LEU H 324 67.72 -20.76 5.66
N ILE H 325 66.84 -20.87 4.66
CA ILE H 325 66.46 -19.74 3.79
C ILE H 325 65.90 -18.64 4.68
N GLN H 326 66.00 -17.40 4.26
CA GLN H 326 65.49 -16.37 5.14
C GLN H 326 64.32 -15.56 4.59
N GLY H 327 63.52 -15.05 5.51
CA GLY H 327 62.26 -14.41 5.14
C GLY H 327 62.34 -13.12 4.34
N SER H 328 61.30 -12.88 3.56
CA SER H 328 61.02 -11.57 3.01
C SER H 328 60.52 -10.72 4.16
N GLY H 329 60.74 -9.41 4.09
CA GLY H 329 60.25 -8.48 5.12
C GLY H 329 58.75 -8.60 5.37
N ARG H 330 58.39 -8.91 6.61
CA ARG H 330 57.01 -8.92 7.11
C ARG H 330 57.12 -8.68 8.62
N SER H 331 58.25 -8.07 8.99
CA SER H 331 58.89 -8.16 10.32
C SER H 331 59.12 -9.60 10.79
N LYS H 332 60.06 -9.78 11.75
CA LYS H 332 60.38 -11.10 12.32
C LYS H 332 59.13 -11.84 12.86
N GLU H 333 58.25 -12.22 11.93
CA GLU H 333 56.85 -12.63 12.19
C GLU H 333 56.76 -13.97 12.94
N ASN H 334 55.58 -14.30 13.47
CA ASN H 334 55.32 -15.64 13.96
C ASN H 334 56.11 -16.60 13.06
N ARG H 335 57.19 -17.15 13.60
CA ARG H 335 58.15 -17.91 12.80
C ARG H 335 57.47 -18.97 11.94
N GLN H 336 56.48 -19.65 12.48
CA GLN H 336 55.67 -20.59 11.69
C GLN H 336 55.12 -19.98 10.36
N GLN H 337 54.63 -18.75 10.42
CA GLN H 337 54.20 -18.02 9.22
C GLN H 337 55.37 -17.68 8.31
N GLU H 338 56.51 -17.28 8.89
CA GLU H 338 57.68 -16.93 8.10
C GLU H 338 58.09 -18.09 7.22
N VAL H 339 58.13 -19.30 7.77
CA VAL H 339 58.48 -20.45 6.93
C VAL H 339 57.28 -20.87 6.07
N SER H 340 56.08 -20.74 6.64
CA SER H 340 54.85 -20.95 5.83
C SER H 340 55.00 -20.26 4.47
N GLU H 341 55.62 -19.08 4.52
CA GLU H 341 55.71 -18.18 3.40
C GLU H 341 56.79 -18.64 2.45
N ILE H 342 57.97 -18.92 3.00
CA ILE H 342 59.10 -19.51 2.26
C ILE H 342 58.64 -20.75 1.48
N SER H 343 57.89 -21.63 2.16
CA SER H 343 57.29 -22.81 1.55
C SER H 343 56.55 -22.41 0.27
N ARG H 344 55.55 -21.53 0.40
CA ARG H 344 54.74 -21.10 -0.76
C ARG H 344 55.63 -20.59 -1.87
N SER H 345 56.54 -19.67 -1.53
CA SER H 345 57.48 -19.06 -2.49
C SER H 345 58.26 -20.08 -3.33
N LEU H 346 58.71 -21.15 -2.68
CA LEU H 346 59.45 -22.21 -3.32
C LEU H 346 58.56 -22.93 -4.31
N LYS H 347 57.38 -23.37 -3.88
CA LYS H 347 56.43 -24.06 -4.79
C LYS H 347 56.17 -23.17 -6.01
N ALA H 348 55.91 -21.90 -5.74
CA ALA H 348 55.64 -20.90 -6.78
C ALA H 348 56.84 -20.68 -7.70
N LEU H 349 58.04 -20.84 -7.16
CA LEU H 349 59.26 -20.79 -7.98
C LEU H 349 59.34 -21.99 -8.92
N ALA H 350 59.07 -23.18 -8.36
CA ALA H 350 59.09 -24.40 -9.14
C ALA H 350 58.07 -24.31 -10.26
N ARG H 351 56.94 -23.69 -9.92
CA ARG H 351 55.84 -23.52 -10.86
C ARG H 351 56.22 -22.58 -12.00
N GLU H 352 56.85 -21.47 -11.64
CA GLU H 352 57.22 -20.45 -12.60
C GLU H 352 58.32 -20.88 -13.55
N LEU H 353 59.34 -21.55 -13.02
CA LEU H 353 60.46 -22.00 -13.85
C LEU H 353 60.22 -23.33 -14.55
N GLU H 354 59.08 -23.97 -14.27
CA GLU H 354 58.76 -25.28 -14.84
C GLU H 354 59.94 -26.24 -14.71
N VAL H 355 60.25 -26.57 -13.45
CA VAL H 355 61.46 -27.29 -13.07
C VAL H 355 61.25 -27.87 -11.66
N PRO H 356 61.61 -29.15 -11.45
CA PRO H 356 61.46 -29.70 -10.10
C PRO H 356 62.37 -29.00 -9.09
N VAL H 357 61.82 -28.64 -7.93
CA VAL H 357 62.62 -28.06 -6.87
C VAL H 357 62.66 -29.00 -5.69
N ILE H 358 63.87 -29.48 -5.37
CA ILE H 358 64.12 -30.34 -4.21
C ILE H 358 64.57 -29.50 -3.01
N ALA H 359 63.71 -29.37 -2.02
CA ALA H 359 64.05 -28.65 -0.80
C ALA H 359 64.31 -29.64 0.33
N LEU H 360 65.53 -29.61 0.87
CA LEU H 360 65.83 -30.42 2.07
C LEU H 360 65.16 -29.79 3.28
N SER H 361 64.66 -30.64 4.18
CA SER H 361 64.05 -30.14 5.41
C SER H 361 64.52 -30.86 6.65
N GLN H 362 64.57 -30.14 7.77
CA GLN H 362 64.82 -30.77 9.04
C GLN H 362 63.53 -31.38 9.64
N LEU H 363 63.67 -32.16 10.73
CA LEU H 363 62.50 -32.64 11.50
C LEU H 363 62.62 -32.27 12.97
N SER H 364 61.48 -31.98 13.58
CA SER H 364 61.43 -31.73 15.02
C SER H 364 61.80 -33.01 15.74
N ARG H 365 62.22 -32.91 17.00
CA ARG H 365 62.59 -34.10 17.79
C ARG H 365 61.43 -35.04 18.20
N SER H 366 60.19 -34.67 17.87
CA SER H 366 59.02 -35.45 18.23
C SER H 366 59.17 -36.93 17.86
N VAL H 367 59.75 -37.16 16.69
CA VAL H 367 59.98 -38.54 16.25
C VAL H 367 60.87 -39.30 17.22
N GLU H 368 61.93 -38.66 17.70
CA GLU H 368 62.84 -39.30 18.64
C GLU H 368 62.06 -39.90 19.82
N GLN H 369 61.09 -39.14 20.34
CA GLN H 369 60.25 -39.61 21.47
C GLN H 369 59.54 -40.96 21.24
N ARG H 370 59.27 -41.27 19.97
CA ARG H 370 58.47 -42.43 19.60
C ARG H 370 59.16 -43.77 19.76
N GLN H 371 58.36 -44.82 19.69
CA GLN H 371 58.86 -46.17 19.74
C GLN H 371 59.61 -46.43 18.43
N ASP H 372 58.88 -46.61 17.33
CA ASP H 372 59.53 -46.73 16.02
C ASP H 372 59.83 -45.35 15.43
N LYS H 373 61.08 -45.16 15.02
CA LYS H 373 61.52 -43.82 14.67
C LYS H 373 61.58 -43.53 13.16
N ARG H 374 60.67 -44.19 12.43
CA ARG H 374 60.32 -43.78 11.08
C ARG H 374 59.42 -42.54 11.16
N PRO H 375 59.82 -41.48 10.44
CA PRO H 375 59.10 -40.20 10.46
C PRO H 375 57.71 -40.25 9.81
N MET H 376 56.78 -39.44 10.30
CA MET H 376 55.54 -39.18 9.58
C MET H 376 55.47 -37.70 9.25
N MET H 377 54.56 -37.32 8.35
CA MET H 377 54.47 -35.94 7.82
C MET H 377 54.46 -34.82 8.88
N SER H 378 53.69 -35.05 9.94
CA SER H 378 53.63 -34.16 11.09
C SER H 378 55.06 -33.75 11.59
N ASP H 379 56.03 -34.64 11.50
CA ASP H 379 57.36 -34.39 12.04
C ASP H 379 58.18 -33.28 11.38
N ILE H 380 57.76 -32.82 10.20
CA ILE H 380 58.55 -31.81 9.47
C ILE H 380 58.65 -30.54 10.31
N ARG H 381 59.88 -30.07 10.48
CA ARG H 381 60.19 -29.06 11.51
C ARG H 381 59.70 -27.68 11.13
N GLU H 382 59.05 -27.02 12.09
CA GLU H 382 58.78 -25.59 12.07
C GLU H 382 57.48 -25.06 11.49
N SER H 383 56.94 -25.72 10.47
CA SER H 383 55.63 -25.36 9.95
C SER H 383 54.97 -26.47 9.15
N GLY H 384 53.72 -26.74 9.51
CA GLY H 384 52.88 -27.73 8.87
C GLY H 384 52.52 -27.45 7.42
N SER H 385 52.62 -26.18 7.02
CA SER H 385 52.37 -25.80 5.63
C SER H 385 53.31 -26.51 4.64
N ILE H 386 54.49 -26.92 5.09
CA ILE H 386 55.39 -27.65 4.22
C ILE H 386 54.80 -28.97 3.74
N GLU H 387 54.17 -29.76 4.63
CA GLU H 387 53.46 -31.00 4.20
C GLU H 387 52.47 -30.68 3.13
N GLN H 388 51.68 -29.65 3.43
CA GLN H 388 50.62 -29.16 2.58
C GLN H 388 51.14 -28.74 1.19
N ASP H 389 52.19 -27.92 1.13
CA ASP H 389 52.55 -27.29 -0.11
C ASP H 389 53.20 -28.29 -1.03
N ALA H 390 53.92 -29.24 -0.43
CA ALA H 390 54.75 -30.20 -1.19
C ALA H 390 53.95 -31.02 -2.19
N ASP H 391 54.56 -31.27 -3.35
CA ASP H 391 54.02 -32.20 -4.31
C ASP H 391 54.36 -33.62 -3.90
N ILE H 392 55.35 -33.75 -3.00
CA ILE H 392 55.98 -35.04 -2.73
C ILE H 392 56.94 -34.86 -1.56
N VAL H 393 56.83 -35.78 -0.61
CA VAL H 393 57.58 -35.73 0.65
C VAL H 393 58.30 -37.06 0.83
N ALA H 394 59.61 -36.98 0.98
CA ALA H 394 60.46 -38.17 1.08
C ALA H 394 61.21 -38.13 2.40
N PHE H 395 61.07 -39.18 3.21
CA PHE H 395 61.82 -39.27 4.47
C PHE H 395 62.94 -40.24 4.32
N LEU H 396 64.08 -39.95 4.97
CA LEU H 396 65.15 -40.92 5.04
C LEU H 396 65.21 -41.53 6.42
N TYR H 397 65.28 -42.86 6.50
CA TYR H 397 65.38 -43.60 7.76
C TYR H 397 66.48 -44.68 7.65
N ARG H 398 67.33 -44.85 8.67
CA ARG H 398 68.49 -45.79 8.68
C ARG H 398 68.41 -46.60 9.96
N ASP H 399 68.35 -47.92 9.89
CA ASP H 399 68.31 -48.66 11.17
C ASP H 399 69.63 -48.47 11.95
N ASP H 400 70.73 -48.38 11.23
CA ASP H 400 72.05 -48.29 11.83
C ASP H 400 72.33 -46.91 12.43
N TYR H 401 71.44 -45.96 12.20
CA TYR H 401 71.56 -44.64 12.83
C TYR H 401 71.24 -44.71 14.32
N TYR H 402 70.39 -45.67 14.69
CA TYR H 402 69.98 -45.86 16.08
C TYR H 402 70.62 -47.10 16.73
N ASN H 403 70.74 -48.20 15.99
CA ASN H 403 71.42 -49.38 16.50
C ASN H 403 72.90 -49.37 16.17
N LYS H 404 73.74 -49.46 17.19
CA LYS H 404 75.19 -49.47 17.00
C LYS H 404 75.59 -50.74 16.27
N ASP H 405 74.95 -51.84 16.67
CA ASP H 405 75.25 -53.18 16.17
C ASP H 405 74.47 -53.57 14.91
N SER H 406 73.46 -52.78 14.55
CA SER H 406 72.40 -53.15 13.58
C SER H 406 72.79 -54.14 12.49
N GLU H 407 72.01 -55.22 12.36
CA GLU H 407 72.16 -56.14 11.23
C GLU H 407 71.78 -55.42 9.93
N ASN H 408 72.35 -55.87 8.81
CA ASN H 408 72.42 -55.12 7.52
C ASN H 408 72.62 -53.60 7.67
N LYS H 409 73.88 -53.18 7.70
CA LYS H 409 74.18 -51.79 8.01
C LYS H 409 73.73 -50.87 6.88
N ASN H 410 74.38 -50.95 5.73
CA ASN H 410 74.27 -49.88 4.74
C ASN H 410 72.90 -49.57 4.13
N ILE H 411 71.86 -50.30 4.55
CA ILE H 411 70.50 -50.11 4.06
C ILE H 411 69.87 -48.82 4.59
N ILE H 412 69.16 -48.12 3.70
CA ILE H 412 68.48 -46.89 4.05
C ILE H 412 67.11 -46.76 3.36
N GLU H 413 66.06 -46.57 4.14
CA GLU H 413 64.71 -46.45 3.59
C GLU H 413 64.50 -45.06 3.00
N ILE H 414 63.87 -44.99 1.83
CA ILE H 414 63.41 -43.72 1.29
C ILE H 414 61.92 -43.78 1.38
N ILE H 415 61.39 -43.28 2.47
CA ILE H 415 59.96 -43.35 2.71
C ILE H 415 59.27 -42.23 1.94
N ILE H 416 58.46 -42.59 0.95
CA ILE H 416 57.71 -41.59 0.21
C ILE H 416 56.32 -41.47 0.85
N ALA H 417 56.27 -40.59 1.82
CA ALA H 417 55.08 -40.37 2.63
C ALA H 417 53.96 -39.62 1.90
N LYS H 418 54.34 -38.82 0.92
CA LYS H 418 53.39 -38.00 0.17
C LYS H 418 53.76 -37.88 -1.32
N GLN H 419 52.76 -38.07 -2.20
CA GLN H 419 52.83 -37.56 -3.60
C GLN H 419 51.48 -37.48 -4.28
N ARG H 420 51.17 -36.35 -4.89
CA ARG H 420 49.88 -36.20 -5.59
C ARG H 420 49.95 -36.43 -7.13
N ASN H 421 51.06 -37.01 -7.57
CA ASN H 421 51.18 -37.66 -8.86
C ASN H 421 50.49 -38.98 -8.64
N GLY H 422 50.90 -39.67 -7.58
CA GLY H 422 50.49 -41.05 -7.41
C GLY H 422 50.80 -41.76 -6.12
N PRO H 423 51.48 -42.92 -6.25
CA PRO H 423 51.61 -43.91 -5.22
C PRO H 423 52.49 -43.44 -4.09
N VAL H 424 52.13 -43.92 -2.92
CA VAL H 424 52.88 -43.76 -1.71
C VAL H 424 53.64 -45.07 -1.43
N GLY H 425 54.78 -45.01 -0.77
CA GLY H 425 55.46 -46.25 -0.37
C GLY H 425 56.90 -46.09 0.01
N THR H 426 57.52 -47.19 0.42
CA THR H 426 58.93 -47.15 0.81
C THR H 426 59.84 -47.82 -0.25
N VAL H 427 61.01 -47.22 -0.44
CA VAL H 427 62.03 -47.73 -1.34
C VAL H 427 63.33 -47.90 -0.54
N GLN H 428 64.10 -48.92 -0.90
CA GLN H 428 65.35 -49.19 -0.20
C GLN H 428 66.58 -48.91 -1.07
N LEU H 429 67.56 -48.26 -0.47
CA LEU H 429 68.86 -48.07 -1.11
C LEU H 429 70.00 -48.36 -0.13
N ALA H 430 71.22 -48.47 -0.65
CA ALA H 430 72.37 -48.63 0.21
C ALA H 430 73.10 -47.30 0.27
N PHE H 431 73.57 -46.95 1.46
CA PHE H 431 74.27 -45.70 1.67
C PHE H 431 75.66 -46.00 2.24
N ILE H 432 76.58 -46.29 1.33
CA ILE H 432 77.96 -46.53 1.66
C ILE H 432 78.57 -45.19 2.08
N LYS H 433 78.64 -44.96 3.39
CA LYS H 433 79.03 -43.66 3.95
C LYS H 433 80.50 -43.28 3.71
N GLU H 434 81.37 -44.27 3.76
CA GLU H 434 82.77 -44.12 3.43
C GLU H 434 82.99 -43.49 2.05
N TYR H 435 82.00 -43.62 1.18
CA TYR H 435 82.13 -43.09 -0.17
C TYR H 435 81.16 -41.94 -0.45
N ASN H 436 80.49 -41.44 0.59
CA ASN H 436 79.51 -40.36 0.42
C ASN H 436 78.46 -40.74 -0.62
N LYS H 437 78.25 -42.06 -0.78
CA LYS H 437 77.53 -42.60 -1.92
C LYS H 437 76.26 -43.42 -1.58
N PHE H 438 75.18 -43.10 -2.28
CA PHE H 438 73.96 -43.92 -2.35
C PHE H 438 74.02 -44.82 -3.56
N VAL H 439 73.66 -46.09 -3.40
CA VAL H 439 73.64 -47.01 -4.54
C VAL H 439 72.38 -47.82 -4.60
N ASN H 440 72.08 -48.30 -5.82
CA ASN H 440 70.94 -49.17 -6.05
C ASN H 440 71.24 -50.53 -5.44
N LEU H 441 70.22 -51.37 -5.28
CA LEU H 441 70.45 -52.67 -4.64
C LEU H 441 70.63 -53.86 -5.60
N ARG I 8 -16.33 6.35 -0.74
CA ARG I 8 -15.93 7.67 -1.31
C ARG I 8 -14.54 7.64 -1.93
N ILE I 9 -14.47 7.02 -3.10
CA ILE I 9 -13.27 7.02 -3.96
C ILE I 9 -13.39 8.17 -4.96
N PRO I 10 -12.44 9.13 -4.91
CA PRO I 10 -12.51 10.27 -5.83
C PRO I 10 -12.50 9.78 -7.28
N PRO I 11 -13.32 10.39 -8.16
CA PRO I 11 -13.55 9.82 -9.49
C PRO I 11 -12.29 9.80 -10.34
N GLN I 12 -11.96 8.63 -10.89
CA GLN I 12 -10.67 8.43 -11.56
C GLN I 12 -10.77 7.42 -12.69
N SER I 13 -9.87 7.53 -13.67
CA SER I 13 -9.69 6.45 -14.65
C SER I 13 -8.22 5.98 -14.72
N ILE I 14 -7.90 4.99 -13.88
CA ILE I 14 -6.53 4.49 -13.76
C ILE I 14 -6.02 3.94 -15.10
N GLU I 15 -6.90 3.27 -15.85
CA GLU I 15 -6.49 2.77 -17.17
C GLU I 15 -6.29 3.90 -18.18
N ALA I 16 -7.23 4.83 -18.23
CA ALA I 16 -7.16 5.96 -19.16
C ALA I 16 -5.88 6.74 -19.02
N GLU I 17 -5.47 6.97 -17.77
CA GLU I 17 -4.21 7.66 -17.51
C GLU I 17 -3.02 6.95 -18.15
N GLN I 18 -2.89 5.65 -17.87
CA GLN I 18 -1.83 4.83 -18.44
C GLN I 18 -1.86 4.82 -19.95
N ALA I 19 -3.07 4.82 -20.50
CA ALA I 19 -3.28 4.79 -21.94
C ALA I 19 -2.80 6.06 -22.65
N VAL I 20 -3.03 7.21 -22.01
CA VAL I 20 -2.49 8.48 -22.51
C VAL I 20 -0.97 8.43 -22.47
N LEU I 21 -0.42 8.28 -21.26
CA LEU I 21 1.02 8.25 -21.06
C LEU I 21 1.77 7.31 -22.01
N GLY I 22 1.25 6.11 -22.19
CA GLY I 22 1.88 5.12 -23.07
C GLY I 22 1.79 5.50 -24.52
N ALA I 23 0.70 6.14 -24.92
CA ALA I 23 0.52 6.54 -26.31
C ALA I 23 1.55 7.59 -26.68
N VAL I 24 1.91 8.43 -25.71
CA VAL I 24 3.01 9.36 -25.90
C VAL I 24 4.27 8.55 -26.14
N PHE I 25 4.61 7.64 -25.23
CA PHE I 25 5.77 6.76 -25.41
C PHE I 25 5.78 6.05 -26.76
N LEU I 26 4.58 5.80 -27.30
CA LEU I 26 4.45 5.14 -28.60
C LEU I 26 4.62 6.04 -29.83
N ASP I 27 4.11 7.28 -29.82
CA ASP I 27 4.08 8.05 -31.10
C ASP I 27 5.24 8.95 -31.59
N PRO I 28 5.60 10.03 -30.88
CA PRO I 28 5.09 10.62 -29.67
C PRO I 28 4.52 11.99 -29.97
N ALA I 29 4.11 12.23 -31.22
CA ALA I 29 3.37 13.46 -31.54
C ALA I 29 1.97 13.38 -30.93
N ALA I 30 1.71 12.24 -30.28
CA ALA I 30 0.51 12.04 -29.48
C ALA I 30 0.54 12.95 -28.25
N LEU I 31 1.69 13.53 -27.96
CA LEU I 31 1.82 14.48 -26.84
C LEU I 31 1.19 15.84 -27.17
N VAL I 32 1.10 16.18 -28.46
CA VAL I 32 0.51 17.45 -28.90
C VAL I 32 -0.96 17.55 -28.50
N PRO I 33 -1.82 16.58 -28.91
CA PRO I 33 -3.22 16.68 -28.52
C PRO I 33 -3.46 16.39 -27.04
N ALA I 34 -2.58 15.57 -26.45
CA ALA I 34 -2.68 15.24 -25.04
C ALA I 34 -2.39 16.45 -24.16
N SER I 35 -1.47 17.29 -24.61
CA SER I 35 -1.04 18.45 -23.86
C SER I 35 -2.05 19.57 -23.93
N GLU I 36 -2.89 19.56 -24.95
CA GLU I 36 -3.93 20.59 -25.11
C GLU I 36 -5.11 20.36 -24.18
N ILE I 37 -5.46 19.08 -24.03
CA ILE I 37 -6.59 18.67 -23.21
C ILE I 37 -6.22 18.56 -21.71
N LEU I 38 -4.95 18.22 -21.44
CA LEU I 38 -4.50 17.95 -20.07
C LEU I 38 -3.38 18.83 -19.57
N ILE I 39 -3.26 18.93 -18.26
CA ILE I 39 -2.05 19.42 -17.59
C ILE I 39 -1.71 18.42 -16.49
N PRO I 40 -0.43 18.35 -16.09
CA PRO I 40 -0.05 17.28 -15.16
C PRO I 40 -1.09 17.04 -14.05
N GLU I 41 -1.55 18.13 -13.44
CA GLU I 41 -2.44 18.10 -12.26
C GLU I 41 -3.75 17.34 -12.50
N ASP I 42 -4.14 17.18 -13.76
CA ASP I 42 -5.37 16.46 -14.11
C ASP I 42 -5.30 14.96 -13.81
N PHE I 43 -4.08 14.44 -13.74
CA PHE I 43 -3.85 13.05 -13.45
C PHE I 43 -4.03 12.80 -11.97
N TYR I 44 -4.71 11.72 -11.61
CA TYR I 44 -4.96 11.37 -10.21
C TYR I 44 -3.72 10.82 -9.50
N ARG I 45 -3.04 9.87 -10.11
CA ARG I 45 -1.83 9.31 -9.52
C ARG I 45 -0.69 10.30 -9.54
N ALA I 46 -0.03 10.41 -8.39
CA ALA I 46 1.16 11.23 -8.25
C ALA I 46 2.20 10.88 -9.31
N ALA I 47 2.53 9.61 -9.42
CA ALA I 47 3.44 9.13 -10.45
C ALA I 47 3.11 9.70 -11.84
N HIS I 48 1.83 9.66 -12.19
CA HIS I 48 1.41 10.10 -13.51
C HIS I 48 1.57 11.60 -13.74
N GLN I 49 1.30 12.39 -12.70
CA GLN I 49 1.57 13.83 -12.78
C GLN I 49 3.05 14.03 -13.09
N LYS I 50 3.90 13.38 -12.30
CA LYS I 50 5.34 13.55 -12.39
C LYS I 50 5.85 13.20 -13.79
N ILE I 51 5.29 12.16 -14.38
CA ILE I 51 5.72 11.68 -15.68
C ILE I 51 5.28 12.65 -16.77
N PHE I 52 4.01 13.01 -16.75
CA PHE I 52 3.49 13.96 -17.70
C PHE I 52 4.27 15.27 -17.57
N HIS I 53 4.57 15.67 -16.33
CA HIS I 53 5.33 16.90 -16.10
C HIS I 53 6.63 16.85 -16.86
N ALA I 54 7.40 15.81 -16.59
CA ALA I 54 8.69 15.59 -17.25
C ALA I 54 8.54 15.57 -18.77
N MET I 55 7.45 14.95 -19.23
CA MET I 55 7.18 14.80 -20.65
C MET I 55 7.17 16.19 -21.31
N LEU I 56 6.46 17.14 -20.70
CA LEU I 56 6.33 18.52 -21.18
C LEU I 56 7.62 19.29 -21.01
N ARG I 57 8.25 19.10 -19.85
CA ARG I 57 9.54 19.70 -19.52
C ARG I 57 10.59 19.36 -20.58
N VAL I 58 10.55 18.12 -21.06
CA VAL I 58 11.45 17.64 -22.13
C VAL I 58 11.05 18.27 -23.46
N ALA I 59 9.75 18.41 -23.68
CA ALA I 59 9.25 19.00 -24.92
C ALA I 59 9.62 20.47 -25.09
N ASP I 60 9.93 21.16 -24.00
CA ASP I 60 10.26 22.58 -24.05
C ASP I 60 11.66 22.89 -24.56
N ARG I 61 12.47 21.86 -24.73
CA ARG I 61 13.81 22.08 -25.24
C ARG I 61 13.92 22.16 -26.78
N GLY I 62 13.19 21.36 -27.57
CA GLY I 62 12.51 20.13 -27.18
C GLY I 62 13.35 18.99 -27.74
N GLU I 63 13.23 17.80 -27.16
CA GLU I 63 14.30 16.81 -27.24
C GLU I 63 14.34 15.77 -28.38
N PRO I 64 13.20 15.15 -28.75
CA PRO I 64 11.85 15.27 -28.23
C PRO I 64 11.59 14.11 -27.29
N VAL I 65 10.31 13.80 -27.12
CA VAL I 65 9.87 12.95 -26.05
C VAL I 65 9.85 11.46 -26.42
N ASP I 66 10.70 10.69 -25.76
CA ASP I 66 10.62 9.23 -25.81
C ASP I 66 11.07 8.60 -24.48
N LEU I 67 11.04 7.27 -24.42
CA LEU I 67 11.48 6.52 -23.24
C LEU I 67 12.80 6.98 -22.66
N VAL I 68 13.79 7.21 -23.52
CA VAL I 68 15.11 7.62 -23.05
C VAL I 68 15.08 9.03 -22.43
N THR I 69 14.69 10.02 -23.22
CA THR I 69 14.72 11.41 -22.78
C THR I 69 13.85 11.66 -21.54
N VAL I 70 12.78 10.88 -21.40
CA VAL I 70 11.89 11.03 -20.26
C VAL I 70 12.42 10.34 -18.99
N THR I 71 13.20 9.27 -19.13
CA THR I 71 13.86 8.70 -17.94
C THR I 71 15.03 9.59 -17.56
N ALA I 72 15.75 10.08 -18.56
CA ALA I 72 16.86 11.01 -18.34
C ALA I 72 16.39 12.23 -17.51
N GLU I 73 15.21 12.73 -17.83
CA GLU I 73 14.65 13.87 -17.12
C GLU I 73 14.16 13.48 -15.73
N LEU I 74 13.53 12.31 -15.62
CA LEU I 74 13.03 11.81 -14.34
C LEU I 74 14.14 11.41 -13.37
N ALA I 75 15.36 11.23 -13.89
CA ALA I 75 16.52 10.95 -13.06
C ALA I 75 17.24 12.25 -12.72
N ALA I 76 17.10 13.25 -13.59
CA ALA I 76 17.67 14.59 -13.35
C ALA I 76 16.99 15.26 -12.15
N SER I 77 15.64 15.31 -12.19
CA SER I 77 14.86 15.57 -10.99
C SER I 77 14.95 14.28 -10.21
N GLU I 78 15.19 14.40 -8.91
CA GLU I 78 15.43 13.23 -8.07
C GLU I 78 14.11 12.48 -7.82
N GLN I 79 13.59 11.85 -8.86
CA GLN I 79 12.27 11.20 -8.77
C GLN I 79 11.95 10.05 -9.74
N LEU I 80 12.95 9.38 -10.30
CA LEU I 80 12.69 8.22 -11.16
C LEU I 80 12.23 7.02 -10.33
N GLU I 81 12.87 6.79 -9.20
CA GLU I 81 12.54 5.67 -8.35
C GLU I 81 11.17 5.86 -7.71
N GLU I 82 10.85 7.11 -7.38
CA GLU I 82 9.54 7.48 -6.81
C GLU I 82 8.33 7.00 -7.64
N ILE I 83 8.53 6.89 -8.95
CA ILE I 83 7.48 6.65 -9.91
C ILE I 83 7.13 5.18 -10.05
N GLY I 84 8.13 4.35 -9.82
CA GLY I 84 8.15 2.96 -10.24
C GLY I 84 9.56 2.83 -10.73
N GLY I 85 9.84 1.89 -11.61
CA GLY I 85 11.18 1.79 -12.15
C GLY I 85 11.26 2.40 -13.53
N VAL I 86 12.24 1.95 -14.30
CA VAL I 86 12.14 2.06 -15.73
C VAL I 86 11.13 1.02 -16.20
N SER I 87 10.98 -0.04 -15.40
CA SER I 87 10.05 -1.13 -15.70
C SER I 87 8.59 -0.67 -15.60
N TYR I 88 8.34 0.33 -14.77
CA TYR I 88 7.01 0.93 -14.76
C TYR I 88 6.80 1.78 -16.02
N LEU I 89 7.85 2.45 -16.49
CA LEU I 89 7.76 3.18 -17.76
C LEU I 89 7.56 2.24 -18.94
N SER I 90 8.21 1.08 -18.86
CA SER I 90 8.00 0.05 -19.86
C SER I 90 6.63 -0.55 -19.78
N GLU I 91 6.15 -0.79 -18.56
CA GLU I 91 4.74 -1.15 -18.36
C GLU I 91 3.81 -0.23 -19.17
N LEU I 92 3.99 1.08 -19.02
CA LEU I 92 3.14 2.08 -19.64
C LEU I 92 3.08 1.95 -21.15
N ALA I 93 4.25 1.77 -21.79
CA ALA I 93 4.32 1.64 -23.24
C ALA I 93 3.48 0.47 -23.77
N ASP I 94 3.31 -0.55 -22.94
CA ASP I 94 2.51 -1.74 -23.30
C ASP I 94 1.04 -1.65 -22.89
N ALA I 95 0.68 -0.56 -22.20
CA ALA I 95 -0.68 -0.35 -21.67
C ALA I 95 -1.76 -0.09 -22.74
N VAL I 96 -1.31 -0.05 -23.99
CA VAL I 96 -2.21 0.00 -25.14
C VAL I 96 -1.36 -0.28 -26.40
N PRO I 97 -1.87 -1.13 -27.32
CA PRO I 97 -1.15 -1.56 -28.53
C PRO I 97 -0.80 -0.42 -29.50
N THR I 98 -1.74 0.51 -29.69
CA THR I 98 -1.57 1.65 -30.61
C THR I 98 -1.77 3.01 -29.91
N ALA I 99 -1.52 4.10 -30.65
CA ALA I 99 -1.67 5.46 -30.14
C ALA I 99 -2.80 6.24 -30.83
N ALA I 100 -3.58 5.52 -31.64
CA ALA I 100 -4.60 6.11 -32.52
C ALA I 100 -5.43 7.23 -31.89
N ASN I 101 -5.92 6.99 -30.68
CA ASN I 101 -6.86 7.91 -30.07
C ASN I 101 -6.49 8.34 -28.65
N VAL I 102 -5.38 9.07 -28.54
CA VAL I 102 -5.04 9.75 -27.29
C VAL I 102 -6.15 10.70 -26.92
N GLU I 103 -6.55 11.53 -27.89
CA GLU I 103 -7.61 12.51 -27.66
C GLU I 103 -8.76 11.94 -26.82
N TYR I 104 -9.32 10.82 -27.28
CA TYR I 104 -10.39 10.11 -26.55
C TYR I 104 -10.04 9.92 -25.08
N TYR I 105 -8.93 9.27 -24.82
CA TYR I 105 -8.54 8.96 -23.45
C TYR I 105 -8.22 10.20 -22.68
N ALA I 106 -7.42 11.07 -23.27
CA ALA I 106 -7.05 12.35 -22.65
C ALA I 106 -8.28 13.08 -22.19
N ARG I 107 -9.29 13.15 -23.07
CA ARG I 107 -10.56 13.83 -22.75
C ARG I 107 -11.27 13.22 -21.53
N ILE I 108 -11.22 11.89 -21.41
CA ILE I 108 -11.76 11.22 -20.24
C ILE I 108 -11.04 11.64 -18.97
N VAL I 109 -9.71 11.54 -18.98
CA VAL I 109 -8.91 11.91 -17.82
C VAL I 109 -9.24 13.32 -17.36
N GLU I 110 -9.49 14.19 -18.33
CA GLU I 110 -9.81 15.59 -18.10
C GLU I 110 -11.20 15.77 -17.52
N GLU I 111 -12.14 14.97 -18.01
CA GLU I 111 -13.52 15.02 -17.54
C GLU I 111 -13.62 14.58 -16.08
N LYS I 112 -12.88 13.53 -15.72
CA LYS I 112 -12.83 13.11 -14.31
C LYS I 112 -12.15 14.22 -13.48
N SER I 113 -11.07 14.78 -14.05
CA SER I 113 -10.32 15.85 -13.39
C SER I 113 -11.24 17.00 -12.97
N VAL I 114 -12.12 17.41 -13.89
CA VAL I 114 -13.04 18.49 -13.62
C VAL I 114 -14.05 18.10 -12.54
N LEU I 115 -14.53 16.86 -12.59
CA LEU I 115 -15.51 16.38 -11.60
C LEU I 115 -15.00 16.55 -10.19
N ARG I 116 -13.83 16.01 -9.88
CA ARG I 116 -13.36 16.13 -8.50
C ARG I 116 -13.01 17.57 -8.11
N ARG I 117 -12.61 18.40 -9.08
CA ARG I 117 -12.41 19.82 -8.79
C ARG I 117 -13.74 20.48 -8.43
N LEU I 118 -14.81 20.04 -9.08
CA LEU I 118 -16.17 20.43 -8.74
C LEU I 118 -16.56 19.96 -7.35
N ILE I 119 -16.38 18.68 -7.06
CA ILE I 119 -16.69 18.11 -5.73
C ILE I 119 -15.96 18.87 -4.63
N ARG I 120 -14.68 19.14 -4.87
CA ARG I 120 -13.80 19.82 -3.91
C ARG I 120 -14.25 21.26 -3.60
N THR I 121 -14.69 21.99 -4.63
CA THR I 121 -15.14 23.36 -4.42
C THR I 121 -16.54 23.43 -3.87
N ALA I 122 -17.33 22.37 -4.09
CA ALA I 122 -18.67 22.30 -3.50
C ALA I 122 -18.57 22.00 -2.01
N THR I 123 -17.77 20.99 -1.66
CA THR I 123 -17.56 20.60 -0.25
C THR I 123 -16.89 21.71 0.55
N SER I 124 -15.98 22.47 -0.09
CA SER I 124 -15.33 23.59 0.59
C SER I 124 -16.29 24.77 0.80
N ILE I 125 -17.36 24.81 0.02
CA ILE I 125 -18.42 25.81 0.19
C ILE I 125 -19.34 25.40 1.33
N ALA I 126 -19.77 24.14 1.28
CA ALA I 126 -20.54 23.53 2.35
C ALA I 126 -19.84 23.73 3.69
N GLN I 127 -18.52 23.54 3.70
CA GLN I 127 -17.70 23.75 4.88
C GLN I 127 -17.70 25.23 5.30
N ASP I 128 -17.61 26.12 4.33
CA ASP I 128 -17.56 27.56 4.58
C ASP I 128 -18.86 28.10 5.12
N GLY I 129 -19.94 27.36 4.87
CA GLY I 129 -21.27 27.74 5.36
C GLY I 129 -21.40 27.69 6.87
N TYR I 130 -20.40 27.13 7.55
CA TYR I 130 -20.42 27.03 9.00
C TYR I 130 -19.46 27.99 9.69
N THR I 131 -18.37 28.34 9.01
CA THR I 131 -17.30 29.14 9.62
C THR I 131 -17.47 30.65 9.40
N ARG I 132 -17.91 31.03 8.20
CA ARG I 132 -17.92 32.43 7.80
C ARG I 132 -19.31 33.07 7.91
N GLU I 133 -19.91 32.95 9.09
CA GLU I 133 -21.22 33.55 9.39
C GLU I 133 -21.16 35.07 9.58
N ASP I 134 -19.95 35.61 9.69
CA ASP I 134 -19.74 37.05 9.89
C ASP I 134 -20.23 37.88 8.69
N GLU I 135 -19.97 37.37 7.49
CA GLU I 135 -20.10 38.14 6.27
C GLU I 135 -20.75 37.25 5.19
N ILE I 136 -22.05 37.43 5.00
CA ILE I 136 -22.85 36.50 4.18
C ILE I 136 -22.99 36.89 2.70
N ASP I 137 -23.08 38.20 2.43
CA ASP I 137 -23.14 38.69 1.06
C ASP I 137 -21.87 38.33 0.30
N VAL I 138 -20.74 38.36 1.01
CA VAL I 138 -19.44 37.99 0.45
C VAL I 138 -19.33 36.49 0.21
N LEU I 139 -20.06 35.71 1.01
CA LEU I 139 -20.01 34.25 0.89
C LEU I 139 -20.84 33.76 -0.29
N LEU I 140 -22.05 34.31 -0.42
CA LEU I 140 -22.94 34.01 -1.54
C LEU I 140 -22.31 34.53 -2.82
N ASP I 141 -21.45 35.53 -2.66
CA ASP I 141 -20.71 36.13 -3.77
C ASP I 141 -19.53 35.25 -4.17
N GLU I 142 -18.79 34.75 -3.18
CA GLU I 142 -17.65 33.87 -3.44
C GLU I 142 -18.09 32.55 -4.04
N ALA I 143 -19.08 31.91 -3.41
CA ALA I 143 -19.58 30.61 -3.88
C ALA I 143 -20.00 30.66 -5.34
N ASP I 144 -20.33 31.85 -5.81
CA ASP I 144 -20.71 32.08 -7.19
C ASP I 144 -19.47 32.03 -8.07
N ARG I 145 -18.48 32.87 -7.73
CA ARG I 145 -17.22 32.93 -8.46
C ARG I 145 -16.50 31.59 -8.44
N LYS I 146 -16.38 31.02 -7.24
CA LYS I 146 -15.70 29.74 -7.03
C LYS I 146 -16.22 28.62 -7.91
N ILE I 147 -17.50 28.70 -8.29
CA ILE I 147 -18.12 27.63 -9.05
C ILE I 147 -18.14 27.88 -10.56
N MET I 148 -17.60 29.01 -11.00
CA MET I 148 -17.51 29.31 -12.43
C MET I 148 -16.43 28.48 -13.11
N GLU I 149 -15.54 27.88 -12.30
CA GLU I 149 -14.37 27.19 -12.80
C GLU I 149 -14.71 25.94 -13.60
N VAL I 150 -14.86 26.22 -14.90
CA VAL I 150 -15.23 25.31 -15.99
C VAL I 150 -14.11 25.31 -17.04
N SER I 151 -13.69 26.52 -17.46
CA SER I 151 -12.44 26.74 -18.22
C SER I 151 -11.96 25.56 -19.12
N PHE I 159 -16.35 30.68 -28.33
CA PHE I 159 -15.43 31.82 -28.35
C PHE I 159 -14.04 31.46 -28.86
N LYS I 160 -13.30 32.48 -29.29
CA LYS I 160 -11.91 32.34 -29.74
C LYS I 160 -11.26 33.72 -29.97
N ASN I 161 -10.02 33.91 -29.49
CA ASN I 161 -9.27 35.16 -29.75
C ASN I 161 -8.97 35.32 -31.24
N ILE I 162 -8.89 36.56 -31.69
CA ILE I 162 -8.59 36.83 -33.11
C ILE I 162 -7.17 36.36 -33.49
N LYS I 163 -6.23 36.47 -32.56
CA LYS I 163 -4.86 36.00 -32.76
C LYS I 163 -4.85 34.55 -33.22
N ASP I 164 -5.70 33.73 -32.59
CA ASP I 164 -5.86 32.32 -32.95
C ASP I 164 -6.34 32.16 -34.39
N ILE I 165 -7.37 32.93 -34.75
CA ILE I 165 -8.01 32.79 -36.07
C ILE I 165 -7.17 33.42 -37.19
N LEU I 166 -6.43 34.48 -36.87
CA LEU I 166 -5.57 35.15 -37.85
C LEU I 166 -4.53 34.22 -38.49
N VAL I 167 -3.94 33.36 -37.67
CA VAL I 167 -2.99 32.36 -38.15
C VAL I 167 -3.69 31.33 -39.03
N GLN I 168 -4.94 31.00 -38.68
CA GLN I 168 -5.75 30.04 -39.43
C GLN I 168 -6.13 30.57 -40.81
N THR I 169 -6.44 31.86 -40.89
CA THR I 169 -6.84 32.51 -42.15
C THR I 169 -5.63 32.65 -43.08
N TYR I 170 -4.45 32.80 -42.46
CA TYR I 170 -3.17 32.99 -43.16
C TYR I 170 -2.71 31.77 -43.96
N ASP I 171 -3.04 30.57 -43.49
CA ASP I 171 -2.70 29.29 -44.16
C ASP I 171 -3.68 28.99 -45.28
N ASN I 172 -4.96 29.21 -44.99
CA ASN I 172 -6.05 28.94 -45.92
C ASN I 172 -6.02 29.84 -47.16
N ILE I 173 -5.41 31.01 -47.02
CA ILE I 173 -5.29 31.99 -48.09
C ILE I 173 -4.36 31.51 -49.22
N GLU I 174 -3.71 30.38 -49.00
CA GLU I 174 -2.76 29.85 -49.95
C GLU I 174 -3.20 28.72 -50.88
N MET I 175 -3.83 29.08 -52.01
CA MET I 175 -4.19 28.11 -53.06
C MET I 175 -3.24 28.11 -54.29
N LEU I 176 -3.19 29.25 -54.99
CA LEU I 176 -2.33 29.42 -56.17
C LEU I 176 -1.64 30.77 -56.19
N ILE I 183 -10.78 12.79 -38.64
CA ILE I 183 -10.97 11.35 -38.46
C ILE I 183 -10.23 10.91 -37.19
N THR I 184 -10.98 10.43 -36.20
CA THR I 184 -10.40 10.07 -34.89
C THR I 184 -10.66 8.66 -34.31
N GLY I 185 -11.87 8.10 -34.37
CA GLY I 185 -13.04 8.62 -35.08
C GLY I 185 -13.41 7.68 -36.22
N ILE I 186 -14.55 7.01 -36.11
CA ILE I 186 -15.02 6.10 -37.16
C ILE I 186 -15.45 6.94 -38.37
N PRO I 187 -14.87 6.64 -39.56
CA PRO I 187 -15.22 7.40 -40.77
C PRO I 187 -16.52 6.92 -41.43
N THR I 188 -17.43 7.86 -41.67
CA THR I 188 -18.72 7.56 -42.30
C THR I 188 -18.60 7.43 -43.81
N GLY I 189 -17.60 8.10 -44.39
CA GLY I 189 -17.42 8.15 -45.84
C GLY I 189 -18.03 9.38 -46.50
N PHE I 190 -18.39 10.37 -45.69
CA PHE I 190 -18.93 11.63 -46.17
C PHE I 190 -18.00 12.77 -45.79
N THR I 191 -17.12 13.14 -46.72
CA THR I 191 -16.06 14.14 -46.50
C THR I 191 -16.47 15.25 -45.54
N GLU I 192 -17.47 16.06 -45.91
CA GLU I 192 -17.89 17.24 -45.13
C GLU I 192 -18.41 16.89 -43.74
N LEU I 193 -19.07 15.75 -43.62
CA LEU I 193 -19.61 15.31 -42.35
C LEU I 193 -18.49 14.92 -41.39
N ASP I 194 -17.56 14.09 -41.87
CA ASP I 194 -16.40 13.68 -41.07
C ASP I 194 -15.48 14.85 -40.72
N ARG I 195 -15.59 15.95 -41.47
CA ARG I 195 -14.80 17.14 -41.20
C ARG I 195 -15.33 17.82 -39.93
N MET I 196 -16.63 18.04 -39.89
CA MET I 196 -17.28 18.73 -38.78
C MET I 196 -17.34 17.87 -37.52
N THR I 197 -17.21 16.56 -37.69
CA THR I 197 -17.42 15.65 -36.60
C THR I 197 -16.18 14.83 -36.29
N SER I 198 -15.53 14.33 -37.34
CA SER I 198 -14.36 13.41 -37.25
C SER I 198 -14.67 12.08 -36.54
N GLY I 199 -15.70 11.38 -37.02
CA GLY I 199 -16.37 10.36 -36.20
C GLY I 199 -17.24 11.12 -35.19
N PHE I 200 -18.28 10.51 -34.62
CA PHE I 200 -18.50 9.07 -34.55
C PHE I 200 -17.36 8.42 -33.81
N GLN I 201 -17.15 8.94 -32.60
CA GLN I 201 -16.16 8.42 -31.67
C GLN I 201 -16.86 7.48 -30.71
N ARG I 202 -16.06 6.67 -30.05
CA ARG I 202 -16.59 5.67 -29.17
C ARG I 202 -17.13 6.33 -27.89
N SER I 203 -18.23 5.76 -27.38
CA SER I 203 -18.98 6.26 -26.20
C SER I 203 -19.85 7.48 -26.50
N ASP I 204 -20.18 7.66 -27.78
CA ASP I 204 -21.09 8.70 -28.21
C ASP I 204 -22.45 8.14 -28.67
N LEU I 205 -23.52 8.82 -28.28
CA LEU I 205 -24.87 8.53 -28.74
C LEU I 205 -25.26 9.55 -29.81
N ILE I 206 -25.25 9.10 -31.07
CA ILE I 206 -25.66 9.94 -32.20
C ILE I 206 -27.15 9.76 -32.51
N ILE I 207 -27.88 10.87 -32.57
CA ILE I 207 -29.30 10.81 -32.88
C ILE I 207 -29.62 11.51 -34.20
N VAL I 208 -30.09 10.73 -35.16
CA VAL I 208 -30.44 11.19 -36.51
C VAL I 208 -31.96 11.19 -36.66
N ALA I 209 -32.55 12.37 -36.58
CA ALA I 209 -34.01 12.51 -36.60
C ALA I 209 -34.47 13.25 -37.83
N ALA I 210 -35.65 12.89 -38.34
CA ALA I 210 -36.27 13.58 -39.47
C ALA I 210 -37.74 13.16 -39.57
N ARG I 211 -38.51 13.88 -40.37
CA ARG I 211 -39.91 13.54 -40.62
C ARG I 211 -40.02 12.21 -41.38
N PRO I 212 -41.20 11.53 -41.32
CA PRO I 212 -41.33 10.22 -41.97
C PRO I 212 -41.08 10.26 -43.47
N SER I 213 -40.36 9.27 -43.96
CA SER I 213 -40.03 9.13 -45.38
C SER I 213 -38.97 10.14 -45.91
N VAL I 214 -38.48 11.03 -45.03
CA VAL I 214 -37.41 11.97 -45.40
C VAL I 214 -36.12 11.19 -45.74
N GLY I 215 -35.84 10.15 -44.96
CA GLY I 215 -34.72 9.27 -45.24
C GLY I 215 -33.84 8.85 -44.08
N LYS I 216 -34.40 8.76 -42.87
CA LYS I 216 -33.62 8.30 -41.71
C LYS I 216 -32.98 6.95 -42.00
N THR I 217 -33.82 5.93 -42.21
CA THR I 217 -33.37 4.55 -42.48
C THR I 217 -32.31 4.52 -43.60
N ALA I 218 -32.62 5.13 -44.74
CA ALA I 218 -31.72 5.12 -45.89
C ALA I 218 -30.38 5.79 -45.63
N PHE I 219 -30.39 6.81 -44.77
CA PHE I 219 -29.17 7.53 -44.38
C PHE I 219 -28.29 6.66 -43.50
N ALA I 220 -28.88 6.10 -42.45
CA ALA I 220 -28.16 5.23 -41.52
C ALA I 220 -27.54 4.04 -42.26
N LEU I 221 -28.32 3.37 -43.11
CA LEU I 221 -27.85 2.24 -43.90
C LEU I 221 -26.63 2.59 -44.76
N ASN I 222 -26.64 3.78 -45.35
CA ASN I 222 -25.49 4.27 -46.11
C ASN I 222 -24.24 4.47 -45.26
N ILE I 223 -24.42 4.89 -44.02
CA ILE I 223 -23.31 5.05 -43.09
C ILE I 223 -22.77 3.70 -42.67
N ALA I 224 -23.68 2.78 -42.32
CA ALA I 224 -23.31 1.42 -41.91
C ALA I 224 -22.58 0.68 -43.05
N GLN I 225 -23.11 0.82 -44.26
CA GLN I 225 -22.53 0.27 -45.48
C GLN I 225 -21.09 0.76 -45.68
N ASN I 226 -20.91 2.09 -45.64
CA ASN I 226 -19.61 2.71 -45.88
C ASN I 226 -18.61 2.46 -44.76
N VAL I 227 -19.08 1.98 -43.62
CA VAL I 227 -18.17 1.62 -42.54
C VAL I 227 -17.61 0.22 -42.76
N ALA I 228 -18.48 -0.79 -42.80
CA ALA I 228 -18.05 -2.19 -42.88
C ALA I 228 -17.31 -2.59 -44.16
N THR I 229 -17.53 -1.87 -45.26
CA THR I 229 -16.86 -2.16 -46.54
C THR I 229 -15.55 -1.38 -46.71
N LYS I 230 -15.55 -0.12 -46.29
CA LYS I 230 -14.37 0.74 -46.43
C LYS I 230 -13.57 0.82 -45.13
N THR I 231 -13.88 -0.06 -44.18
CA THR I 231 -13.08 -0.22 -42.96
C THR I 231 -13.19 -1.66 -42.44
N ASN I 232 -12.34 -2.03 -41.49
CA ASN I 232 -12.26 -3.41 -41.03
C ASN I 232 -13.19 -3.74 -39.87
N GLU I 233 -13.95 -2.73 -39.45
CA GLU I 233 -14.82 -2.81 -38.27
C GLU I 233 -16.14 -3.53 -38.57
N ASN I 234 -16.76 -4.08 -37.52
CA ASN I 234 -18.08 -4.70 -37.62
C ASN I 234 -19.17 -3.75 -37.11
N VAL I 235 -20.35 -3.78 -37.72
CA VAL I 235 -21.49 -3.00 -37.19
C VAL I 235 -22.79 -3.82 -37.03
N ALA I 236 -23.45 -3.64 -35.89
CA ALA I 236 -24.70 -4.32 -35.60
C ALA I 236 -25.88 -3.40 -35.85
N ILE I 237 -26.83 -3.86 -36.65
CA ILE I 237 -28.02 -3.08 -37.00
C ILE I 237 -29.26 -3.71 -36.40
N PHE I 238 -30.12 -2.88 -35.80
CA PHE I 238 -31.38 -3.35 -35.24
C PHE I 238 -32.49 -2.69 -36.00
N SER I 239 -33.16 -3.45 -36.85
CA SER I 239 -34.22 -2.92 -37.68
C SER I 239 -35.57 -3.30 -37.10
N LEU I 240 -36.13 -2.41 -36.28
CA LEU I 240 -37.37 -2.73 -35.56
C LEU I 240 -38.62 -2.61 -36.43
N GLU I 241 -38.49 -1.90 -37.55
CA GLU I 241 -39.63 -1.64 -38.44
C GLU I 241 -39.69 -2.56 -39.66
N MET I 242 -38.64 -2.56 -40.48
CA MET I 242 -38.63 -3.37 -41.69
C MET I 242 -37.71 -4.57 -41.57
N SER I 243 -37.94 -5.61 -42.38
CA SER I 243 -37.23 -6.89 -42.28
C SER I 243 -35.80 -6.82 -42.80
N ALA I 244 -35.00 -7.83 -42.46
CA ALA I 244 -33.62 -7.92 -42.91
C ALA I 244 -33.53 -7.95 -44.44
N GLN I 245 -34.39 -8.75 -45.05
CA GLN I 245 -34.52 -8.84 -46.50
C GLN I 245 -34.46 -7.48 -47.19
N GLN I 246 -35.37 -6.59 -46.80
CA GLN I 246 -35.52 -5.28 -47.41
C GLN I 246 -34.30 -4.39 -47.18
N LEU I 247 -33.71 -4.50 -45.99
CA LEU I 247 -32.51 -3.76 -45.64
C LEU I 247 -31.34 -4.07 -46.57
N VAL I 248 -31.16 -5.35 -46.85
CA VAL I 248 -30.09 -5.80 -47.74
C VAL I 248 -30.30 -5.25 -49.16
N MET I 249 -31.53 -5.39 -49.66
CA MET I 249 -31.89 -4.89 -50.99
C MET I 249 -31.68 -3.38 -51.10
N ARG I 250 -31.87 -2.66 -50.00
CA ARG I 250 -31.66 -1.22 -49.95
C ARG I 250 -30.17 -0.89 -49.97
N MET I 251 -29.36 -1.84 -49.50
CA MET I 251 -27.91 -1.68 -49.47
C MET I 251 -27.26 -2.10 -50.79
N LEU I 252 -27.89 -3.04 -51.48
CA LEU I 252 -27.41 -3.50 -52.80
C LEU I 252 -27.54 -2.39 -53.85
N CYS I 253 -28.71 -1.78 -53.91
CA CYS I 253 -28.98 -0.64 -54.78
C CYS I 253 -28.02 0.52 -54.51
N ALA I 254 -27.65 0.71 -53.25
CA ALA I 254 -26.76 1.78 -52.85
C ALA I 254 -25.30 1.49 -53.23
N GLU I 255 -25.01 0.22 -53.54
CA GLU I 255 -23.65 -0.18 -53.86
C GLU I 255 -23.43 -0.28 -55.37
N GLY I 256 -24.37 -0.92 -56.07
CA GLY I 256 -24.25 -1.16 -57.50
C GLY I 256 -25.08 -0.26 -58.39
N ASN I 257 -25.60 0.83 -57.82
CA ASN I 257 -26.42 1.83 -58.55
C ASN I 257 -27.57 1.24 -59.35
N ILE I 258 -28.34 0.35 -58.72
CA ILE I 258 -29.46 -0.31 -59.37
C ILE I 258 -30.77 0.39 -59.01
N ASN I 259 -31.60 0.64 -60.01
CA ASN I 259 -32.92 1.21 -59.81
C ASN I 259 -33.75 0.31 -58.90
N ALA I 260 -34.25 0.87 -57.80
CA ALA I 260 -34.93 0.10 -56.75
C ALA I 260 -36.17 -0.62 -57.27
N GLN I 261 -37.00 0.08 -58.04
CA GLN I 261 -38.20 -0.52 -58.63
C GLN I 261 -37.85 -1.69 -59.54
N ASN I 262 -36.60 -1.72 -60.01
CA ASN I 262 -36.12 -2.81 -60.86
C ASN I 262 -35.81 -4.10 -60.09
N LEU I 263 -35.28 -3.96 -58.87
CA LEU I 263 -34.95 -5.12 -58.05
C LEU I 263 -36.15 -5.89 -57.53
N ARG I 264 -37.24 -5.19 -57.25
CA ARG I 264 -38.45 -5.81 -56.70
C ARG I 264 -39.41 -6.33 -57.77
N THR I 265 -39.21 -5.90 -59.02
CA THR I 265 -39.95 -6.45 -60.16
C THR I 265 -39.21 -7.67 -60.71
N GLY I 266 -37.90 -7.52 -60.92
CA GLY I 266 -37.06 -8.59 -61.45
C GLY I 266 -36.40 -8.23 -62.76
N LYS I 267 -37.06 -7.36 -63.53
CA LYS I 267 -36.60 -7.01 -64.87
C LYS I 267 -35.36 -6.13 -64.83
N LEU I 268 -34.25 -6.68 -65.31
CA LEU I 268 -32.94 -6.02 -65.32
C LEU I 268 -32.20 -6.29 -66.62
N THR I 269 -31.56 -5.25 -67.16
CA THR I 269 -30.74 -5.38 -68.37
C THR I 269 -29.37 -5.98 -68.04
N PRO I 270 -28.68 -6.57 -69.04
CA PRO I 270 -27.32 -7.11 -68.87
C PRO I 270 -26.36 -6.21 -68.08
N GLU I 271 -26.55 -4.90 -68.16
CA GLU I 271 -25.74 -3.94 -67.40
C GLU I 271 -26.02 -3.99 -65.90
N ASP I 272 -27.29 -4.22 -65.54
CA ASP I 272 -27.71 -4.30 -64.15
C ASP I 272 -27.22 -5.57 -63.47
N TRP I 273 -27.38 -6.71 -64.16
CA TRP I 273 -26.88 -8.00 -63.67
C TRP I 273 -25.39 -7.96 -63.37
N GLY I 274 -24.64 -7.23 -64.20
CA GLY I 274 -23.20 -7.05 -64.04
C GLY I 274 -22.85 -6.20 -62.83
N LYS I 275 -23.68 -5.18 -62.58
CA LYS I 275 -23.51 -4.32 -61.40
C LYS I 275 -23.90 -5.06 -60.12
N LEU I 276 -24.94 -5.89 -60.21
CA LEU I 276 -25.45 -6.68 -59.09
C LEU I 276 -24.43 -7.69 -58.57
N THR I 277 -23.77 -8.37 -59.50
CA THR I 277 -22.82 -9.43 -59.15
C THR I 277 -21.52 -8.94 -58.52
N MET I 278 -21.12 -7.72 -58.82
CA MET I 278 -19.93 -7.21 -58.16
C MET I 278 -20.23 -6.40 -56.91
N ALA I 279 -21.50 -6.05 -56.73
CA ALA I 279 -21.97 -5.44 -55.49
C ALA I 279 -21.91 -6.49 -54.37
N MET I 280 -22.38 -7.70 -54.68
CA MET I 280 -22.29 -8.83 -53.76
C MET I 280 -20.84 -9.22 -53.47
N GLY I 281 -19.94 -8.85 -54.39
CA GLY I 281 -18.51 -9.11 -54.24
C GLY I 281 -17.93 -8.43 -53.00
N SER I 282 -18.06 -7.10 -52.95
CA SER I 282 -17.53 -6.32 -51.83
C SER I 282 -18.39 -6.42 -50.56
N LEU I 283 -19.61 -6.97 -50.69
CA LEU I 283 -20.52 -7.09 -49.56
C LEU I 283 -20.49 -8.46 -48.85
N SER I 284 -19.39 -9.19 -49.00
CA SER I 284 -19.21 -10.44 -48.25
C SER I 284 -18.17 -10.26 -47.15
N ASN I 285 -17.04 -9.65 -47.50
CA ASN I 285 -15.98 -9.33 -46.54
C ASN I 285 -16.37 -8.14 -45.67
N ALA I 286 -17.67 -7.81 -45.71
CA ALA I 286 -18.25 -6.65 -45.05
C ALA I 286 -18.37 -6.84 -43.54
N GLY I 287 -19.17 -7.81 -43.13
CA GLY I 287 -19.36 -8.07 -41.71
C GLY I 287 -20.31 -7.07 -41.08
N ILE I 288 -21.53 -7.00 -41.61
CA ILE I 288 -22.63 -6.38 -40.89
C ILE I 288 -23.55 -7.48 -40.37
N TYR I 289 -24.10 -7.27 -39.18
CA TYR I 289 -24.98 -8.24 -38.55
C TYR I 289 -26.32 -7.55 -38.29
N ILE I 290 -27.40 -8.15 -38.79
CA ILE I 290 -28.73 -7.54 -38.70
C ILE I 290 -29.60 -8.30 -37.73
N ASP I 291 -30.42 -7.57 -36.98
CA ASP I 291 -31.41 -8.18 -36.10
C ASP I 291 -32.77 -7.49 -36.26
N ASP I 292 -33.70 -8.16 -36.93
CA ASP I 292 -34.98 -7.55 -37.25
C ASP I 292 -36.13 -8.03 -36.37
N THR I 293 -35.90 -8.10 -35.06
CA THR I 293 -36.95 -8.50 -34.12
C THR I 293 -37.94 -7.36 -33.99
N PRO I 294 -39.25 -7.64 -34.22
CA PRO I 294 -40.27 -6.59 -34.21
C PRO I 294 -40.21 -5.71 -32.96
N SER I 295 -40.06 -6.35 -31.80
CA SER I 295 -40.07 -5.63 -30.54
C SER I 295 -39.07 -6.22 -29.57
N ILE I 296 -37.97 -5.49 -29.37
CA ILE I 296 -37.01 -5.80 -28.30
C ILE I 296 -36.92 -4.63 -27.34
N ARG I 297 -36.38 -4.90 -26.16
CA ARG I 297 -36.05 -3.84 -25.21
C ARG I 297 -34.57 -3.54 -25.24
N VAL I 298 -34.12 -2.64 -24.37
CA VAL I 298 -32.73 -2.19 -24.40
C VAL I 298 -31.80 -3.28 -23.87
N SER I 299 -32.28 -4.02 -22.87
CA SER I 299 -31.53 -5.14 -22.27
C SER I 299 -31.38 -6.36 -23.19
N ASP I 300 -32.30 -6.52 -24.15
CA ASP I 300 -32.19 -7.52 -25.21
C ASP I 300 -31.08 -7.14 -26.17
N ILE I 301 -30.94 -5.83 -26.43
CA ILE I 301 -29.93 -5.29 -27.33
C ILE I 301 -28.54 -5.34 -26.73
N ARG I 302 -28.39 -4.79 -25.53
CA ARG I 302 -27.13 -4.85 -24.78
C ARG I 302 -26.56 -6.27 -24.77
N ALA I 303 -27.42 -7.25 -24.48
CA ALA I 303 -27.04 -8.65 -24.43
C ALA I 303 -26.46 -9.15 -25.75
N LYS I 304 -27.25 -9.05 -26.82
CA LYS I 304 -26.81 -9.47 -28.15
C LYS I 304 -25.52 -8.78 -28.57
N CYS I 305 -25.35 -7.53 -28.14
CA CYS I 305 -24.22 -6.71 -28.54
C CYS I 305 -22.92 -7.10 -27.87
N ARG I 306 -22.92 -7.19 -26.54
CA ARG I 306 -21.68 -7.53 -25.82
C ARG I 306 -21.18 -8.94 -26.16
N ARG I 307 -22.09 -9.81 -26.59
CA ARG I 307 -21.72 -11.16 -26.98
C ARG I 307 -21.14 -11.21 -28.39
N LEU I 308 -21.52 -10.27 -29.25
CA LEU I 308 -20.96 -10.20 -30.59
C LEU I 308 -19.56 -9.57 -30.56
N LYS I 309 -19.30 -8.74 -29.57
CA LYS I 309 -17.98 -8.11 -29.42
C LYS I 309 -16.97 -9.04 -28.75
N GLN I 310 -17.46 -10.17 -28.25
CA GLN I 310 -16.62 -11.20 -27.65
C GLN I 310 -15.85 -11.97 -28.72
N GLU I 311 -16.58 -12.45 -29.72
CA GLU I 311 -16.04 -13.40 -30.69
C GLU I 311 -15.61 -12.76 -32.01
N SER I 312 -16.01 -11.51 -32.22
CA SER I 312 -15.72 -10.83 -33.48
C SER I 312 -15.22 -9.41 -33.29
N GLY I 313 -15.64 -8.78 -32.19
CA GLY I 313 -15.31 -7.38 -31.91
C GLY I 313 -16.30 -6.43 -32.56
N LEU I 314 -16.77 -5.45 -31.79
CA LEU I 314 -17.75 -4.47 -32.29
C LEU I 314 -17.11 -3.10 -32.40
N GLY I 315 -17.68 -2.27 -33.28
CA GLY I 315 -17.23 -0.90 -33.44
C GLY I 315 -18.33 0.14 -33.70
N MET I 316 -19.57 -0.33 -33.91
CA MET I 316 -20.69 0.57 -34.23
C MET I 316 -22.06 -0.10 -34.11
N ILE I 317 -23.01 0.56 -33.45
CA ILE I 317 -24.38 0.05 -33.33
C ILE I 317 -25.40 1.04 -33.90
N VAL I 318 -26.37 0.53 -34.65
CA VAL I 318 -27.45 1.33 -35.23
C VAL I 318 -28.81 0.78 -34.79
N ILE I 319 -29.72 1.65 -34.39
CA ILE I 319 -31.09 1.22 -34.04
C ILE I 319 -32.13 1.94 -34.91
N ASP I 320 -32.96 1.18 -35.62
CA ASP I 320 -33.77 1.78 -36.66
C ASP I 320 -34.80 2.75 -36.12
N TYR I 321 -35.27 2.54 -34.91
CA TYR I 321 -36.33 3.39 -34.40
C TYR I 321 -36.30 3.51 -32.87
N LEU I 322 -35.80 4.63 -32.34
CA LEU I 322 -35.69 4.79 -30.90
C LEU I 322 -37.02 4.60 -30.18
N GLN I 323 -38.05 5.34 -30.57
CA GLN I 323 -39.34 5.21 -29.88
C GLN I 323 -40.12 3.92 -30.21
N LEU I 324 -39.47 3.01 -30.92
CA LEU I 324 -40.06 1.71 -31.25
C LEU I 324 -39.51 0.58 -30.36
N ILE I 325 -38.37 0.84 -29.73
CA ILE I 325 -37.87 0.00 -28.63
C ILE I 325 -38.92 0.11 -27.53
N GLN I 326 -39.05 -0.94 -26.73
CA GLN I 326 -40.12 -0.96 -25.76
C GLN I 326 -39.70 -1.28 -24.33
N GLY I 327 -40.69 -1.34 -23.45
CA GLY I 327 -40.57 -1.92 -22.12
C GLY I 327 -39.28 -1.74 -21.34
N SER I 328 -39.28 -0.75 -20.45
CA SER I 328 -38.18 -0.57 -19.53
C SER I 328 -38.42 -1.53 -18.35
N GLY I 329 -37.70 -1.31 -17.24
CA GLY I 329 -38.01 -1.97 -15.98
C GLY I 329 -39.32 -1.38 -15.51
N ARG I 330 -39.39 -0.06 -15.67
CA ARG I 330 -40.48 0.82 -15.26
C ARG I 330 -41.81 0.11 -15.03
N SER I 331 -42.26 0.21 -13.78
CA SER I 331 -43.63 -0.03 -13.33
C SER I 331 -44.68 0.61 -14.24
N LYS I 332 -44.43 0.58 -15.56
CA LYS I 332 -45.34 1.06 -16.62
C LYS I 332 -45.81 2.51 -16.47
N GLU I 333 -44.86 3.42 -16.31
CA GLU I 333 -45.17 4.84 -16.04
C GLU I 333 -45.67 5.63 -17.25
N ASN I 334 -45.64 6.96 -17.11
CA ASN I 334 -45.89 7.91 -18.19
C ASN I 334 -45.05 7.59 -19.43
N ARG I 335 -45.66 7.72 -20.61
CA ARG I 335 -44.94 7.43 -21.85
C ARG I 335 -43.65 8.25 -21.99
N GLN I 336 -43.70 9.53 -21.62
CA GLN I 336 -42.51 10.40 -21.67
C GLN I 336 -41.33 9.85 -20.86
N GLN I 337 -41.62 9.23 -19.71
CA GLN I 337 -40.58 8.64 -18.85
C GLN I 337 -40.07 7.28 -19.36
N GLU I 338 -40.93 6.56 -20.07
CA GLU I 338 -40.56 5.29 -20.67
C GLU I 338 -39.45 5.48 -21.70
N VAL I 339 -39.64 6.47 -22.58
CA VAL I 339 -38.63 6.82 -23.59
C VAL I 339 -37.44 7.55 -22.99
N SER I 340 -37.68 8.20 -21.86
CA SER I 340 -36.64 8.92 -21.14
C SER I 340 -35.58 7.97 -20.58
N GLU I 341 -35.97 6.72 -20.32
CA GLU I 341 -35.06 5.68 -19.85
C GLU I 341 -34.39 4.94 -20.99
N ILE I 342 -35.11 4.73 -22.09
CA ILE I 342 -34.53 4.19 -23.33
C ILE I 342 -33.35 5.06 -23.79
N SER I 343 -33.49 6.37 -23.65
CA SER I 343 -32.39 7.29 -23.92
C SER I 343 -31.18 7.01 -23.05
N ARG I 344 -31.37 7.09 -21.72
CA ARG I 344 -30.29 6.85 -20.76
C ARG I 344 -29.66 5.48 -20.97
N SER I 345 -30.49 4.45 -21.14
CA SER I 345 -30.04 3.08 -21.38
C SER I 345 -29.19 2.96 -22.63
N LEU I 346 -29.53 3.72 -23.68
CA LEU I 346 -28.78 3.70 -24.93
C LEU I 346 -27.43 4.37 -24.77
N LYS I 347 -27.38 5.48 -24.04
CA LYS I 347 -26.13 6.18 -23.72
C LYS I 347 -25.25 5.29 -22.87
N ALA I 348 -25.84 4.62 -21.88
CA ALA I 348 -25.12 3.69 -21.02
C ALA I 348 -24.64 2.43 -21.76
N LEU I 349 -25.22 2.17 -22.93
CA LEU I 349 -24.79 1.06 -23.79
C LEU I 349 -23.58 1.48 -24.61
N ALA I 350 -23.60 2.70 -25.10
CA ALA I 350 -22.48 3.27 -25.85
C ALA I 350 -21.29 3.47 -24.91
N ARG I 351 -21.58 3.74 -23.64
CA ARG I 351 -20.56 4.01 -22.65
C ARG I 351 -19.87 2.73 -22.20
N GLU I 352 -20.66 1.70 -21.92
CA GLU I 352 -20.16 0.42 -21.42
C GLU I 352 -19.38 -0.35 -22.49
N LEU I 353 -19.93 -0.39 -23.71
CA LEU I 353 -19.30 -1.10 -24.82
C LEU I 353 -18.19 -0.32 -25.55
N GLU I 354 -18.03 0.96 -25.20
CA GLU I 354 -17.08 1.87 -25.87
C GLU I 354 -17.22 1.83 -27.39
N VAL I 355 -18.39 2.27 -27.87
CA VAL I 355 -18.79 2.19 -29.27
C VAL I 355 -19.80 3.31 -29.55
N PRO I 356 -19.73 3.95 -30.73
CA PRO I 356 -20.76 4.92 -31.12
C PRO I 356 -22.10 4.26 -31.44
N VAL I 357 -23.16 4.73 -30.77
CA VAL I 357 -24.52 4.22 -30.99
C VAL I 357 -25.35 5.26 -31.74
N ILE I 358 -25.86 4.87 -32.91
CA ILE I 358 -26.75 5.70 -33.71
C ILE I 358 -28.19 5.27 -33.53
N ALA I 359 -28.97 6.11 -32.87
CA ALA I 359 -30.39 5.89 -32.70
C ALA I 359 -31.15 6.80 -33.65
N LEU I 360 -31.99 6.20 -34.49
CA LEU I 360 -32.84 7.01 -35.35
C LEU I 360 -34.06 7.46 -34.57
N SER I 361 -34.42 8.72 -34.75
CA SER I 361 -35.60 9.26 -34.10
C SER I 361 -36.65 9.78 -35.08
N GLN I 362 -37.88 9.84 -34.59
CA GLN I 362 -38.97 10.42 -35.36
C GLN I 362 -39.15 11.86 -34.89
N LEU I 363 -39.89 12.67 -35.65
CA LEU I 363 -40.16 14.06 -35.28
C LEU I 363 -41.62 14.30 -34.99
N SER I 364 -41.87 15.26 -34.11
CA SER I 364 -43.24 15.63 -33.73
C SER I 364 -43.93 16.32 -34.89
N ARG I 365 -45.26 16.40 -34.81
CA ARG I 365 -46.05 16.99 -35.88
C ARG I 365 -46.12 18.52 -35.80
N SER I 366 -45.34 19.13 -34.90
CA SER I 366 -45.30 20.59 -34.75
C SER I 366 -44.41 21.29 -35.77
N VAL I 367 -43.48 20.54 -36.36
CA VAL I 367 -42.56 21.07 -37.36
C VAL I 367 -43.27 21.49 -38.65
N GLU I 368 -44.50 21.05 -38.82
CA GLU I 368 -45.26 21.33 -40.04
C GLU I 368 -45.93 22.70 -40.02
N GLN I 369 -46.45 23.10 -38.85
CA GLN I 369 -47.08 24.41 -38.66
C GLN I 369 -46.13 25.57 -38.96
N ARG I 370 -44.88 25.43 -38.51
CA ARG I 370 -43.86 26.44 -38.69
C ARG I 370 -43.66 26.77 -40.18
N GLN I 371 -43.41 28.04 -40.47
CA GLN I 371 -43.12 28.52 -41.83
C GLN I 371 -41.83 27.91 -42.36
N ASP I 372 -40.82 27.88 -41.50
CA ASP I 372 -39.54 27.25 -41.79
C ASP I 372 -39.59 25.77 -41.35
N LYS I 373 -39.88 24.88 -42.29
CA LYS I 373 -40.06 23.45 -41.99
C LYS I 373 -38.76 22.74 -41.67
N ARG I 374 -37.70 23.51 -41.40
CA ARG I 374 -36.47 22.97 -40.86
C ARG I 374 -36.67 22.67 -39.38
N PRO I 375 -36.31 21.47 -38.93
CA PRO I 375 -36.55 21.13 -37.54
C PRO I 375 -35.49 21.67 -36.58
N MET I 376 -35.91 22.01 -35.37
CA MET I 376 -35.00 22.32 -34.27
C MET I 376 -35.14 21.22 -33.21
N MET I 377 -34.36 21.31 -32.14
CA MET I 377 -34.29 20.23 -31.14
C MET I 377 -35.61 19.91 -30.44
N SER I 378 -36.37 20.95 -30.11
CA SER I 378 -37.71 20.80 -29.53
C SER I 378 -38.60 19.76 -30.25
N ASP I 379 -38.33 19.55 -31.54
CA ASP I 379 -39.18 18.75 -32.42
C ASP I 379 -39.12 17.24 -32.23
N ILE I 380 -38.10 16.73 -31.54
CA ILE I 380 -37.95 15.29 -31.39
C ILE I 380 -39.17 14.67 -30.70
N ARG I 381 -39.71 13.64 -31.35
CA ARG I 381 -40.91 12.93 -30.88
C ARG I 381 -40.80 12.36 -29.47
N GLU I 382 -41.92 12.45 -28.73
CA GLU I 382 -42.17 11.68 -27.50
C GLU I 382 -41.57 12.23 -26.21
N SER I 383 -40.30 12.60 -26.22
CA SER I 383 -39.59 13.03 -24.99
C SER I 383 -38.51 14.08 -25.22
N GLY I 384 -38.37 14.98 -24.23
CA GLY I 384 -37.34 16.01 -24.27
C GLY I 384 -35.94 15.54 -23.90
N SER I 385 -35.85 14.39 -23.24
CA SER I 385 -34.56 13.89 -22.78
C SER I 385 -33.71 13.31 -23.91
N ILE I 386 -34.35 12.90 -25.00
CA ILE I 386 -33.62 12.46 -26.19
C ILE I 386 -32.55 13.49 -26.56
N GLU I 387 -32.93 14.77 -26.52
CA GLU I 387 -32.03 15.89 -26.85
C GLU I 387 -30.88 16.02 -25.86
N GLN I 388 -31.19 16.00 -24.57
CA GLN I 388 -30.18 16.26 -23.53
C GLN I 388 -29.57 14.98 -22.93
N ASP I 389 -29.67 13.87 -23.65
CA ASP I 389 -28.86 12.67 -23.38
C ASP I 389 -27.89 12.39 -24.52
N ALA I 390 -28.30 12.76 -25.73
CA ALA I 390 -27.45 12.61 -26.91
C ALA I 390 -26.32 13.63 -26.89
N ASP I 391 -25.14 13.20 -27.36
CA ASP I 391 -24.00 14.09 -27.49
C ASP I 391 -23.76 14.55 -28.92
N ILE I 392 -24.74 14.29 -29.79
CA ILE I 392 -24.76 14.82 -31.17
C ILE I 392 -26.12 14.56 -31.82
N VAL I 393 -26.77 15.63 -32.28
CA VAL I 393 -28.10 15.53 -32.85
C VAL I 393 -28.05 16.04 -34.28
N ALA I 394 -28.41 15.17 -35.22
CA ALA I 394 -28.41 15.48 -36.66
C ALA I 394 -29.80 15.36 -37.29
N PHE I 395 -30.24 16.41 -37.96
CA PHE I 395 -31.52 16.40 -38.65
C PHE I 395 -31.35 16.24 -40.15
N LEU I 396 -32.38 15.69 -40.80
CA LEU I 396 -32.45 15.65 -42.24
C LEU I 396 -33.62 16.52 -42.71
N TYR I 397 -33.29 17.55 -43.47
CA TYR I 397 -34.29 18.40 -44.12
C TYR I 397 -34.14 18.31 -45.64
N ARG I 398 -35.26 18.13 -46.32
CA ARG I 398 -35.30 18.12 -47.77
C ARG I 398 -36.23 19.21 -48.30
N ASP I 399 -35.63 20.28 -48.84
CA ASP I 399 -36.39 21.31 -49.56
C ASP I 399 -37.19 20.62 -50.66
N ASP I 400 -36.68 19.46 -51.05
CA ASP I 400 -37.26 18.51 -51.98
C ASP I 400 -38.61 17.95 -51.49
N TYR I 401 -38.65 17.54 -50.22
CA TYR I 401 -39.76 16.82 -49.60
C TYR I 401 -41.07 17.62 -49.52
N TYR I 402 -40.97 18.94 -49.50
CA TYR I 402 -42.12 19.79 -49.22
C TYR I 402 -42.73 20.56 -50.40
N ASN I 403 -42.01 20.64 -51.53
CA ASN I 403 -42.45 21.48 -52.65
C ASN I 403 -43.58 20.90 -53.55
N LYS I 404 -43.31 19.94 -54.44
CA LYS I 404 -42.00 19.27 -54.63
C LYS I 404 -41.22 19.68 -55.88
N ASP I 405 -41.75 20.60 -56.69
CA ASP I 405 -41.01 21.00 -57.90
C ASP I 405 -39.89 22.00 -57.55
N SER I 406 -39.03 21.58 -56.63
CA SER I 406 -38.00 22.43 -56.08
C SER I 406 -36.83 22.64 -57.05
N GLU I 407 -36.40 23.89 -57.18
CA GLU I 407 -35.09 24.20 -57.74
C GLU I 407 -34.05 23.66 -56.77
N ASN I 408 -32.90 23.26 -57.28
CA ASN I 408 -31.97 22.35 -56.57
C ASN I 408 -32.70 21.12 -55.98
N LYS I 409 -33.03 20.18 -56.86
CA LYS I 409 -34.02 19.13 -56.57
C LYS I 409 -33.60 18.01 -55.62
N ASN I 410 -32.39 17.47 -55.79
CA ASN I 410 -31.97 16.31 -54.99
C ASN I 410 -31.08 16.57 -53.78
N ILE I 411 -31.00 17.84 -53.38
CA ILE I 411 -30.16 18.25 -52.25
C ILE I 411 -30.89 18.05 -50.91
N ILE I 412 -30.20 17.40 -49.98
CA ILE I 412 -30.69 17.18 -48.62
C ILE I 412 -29.74 17.77 -47.59
N GLU I 413 -30.28 18.54 -46.66
CA GLU I 413 -29.47 19.12 -45.61
C GLU I 413 -29.26 18.12 -44.45
N ILE I 414 -28.03 18.06 -43.93
CA ILE I 414 -27.74 17.32 -42.70
C ILE I 414 -27.46 18.33 -41.61
N ILE I 415 -28.53 18.79 -40.96
CA ILE I 415 -28.40 19.82 -39.95
C ILE I 415 -27.90 19.21 -38.66
N ILE I 416 -26.62 19.40 -38.37
CA ILE I 416 -26.07 19.06 -37.06
C ILE I 416 -26.40 20.19 -36.08
N ALA I 417 -27.36 19.93 -35.21
CA ALA I 417 -27.86 20.94 -34.29
C ALA I 417 -27.19 20.88 -32.92
N LYS I 418 -26.46 19.80 -32.64
CA LYS I 418 -25.81 19.64 -31.34
C LYS I 418 -24.51 18.82 -31.42
N GLN I 419 -23.52 19.21 -30.62
CA GLN I 419 -22.42 18.31 -30.21
C GLN I 419 -21.51 18.86 -29.11
N ARG I 420 -20.98 17.95 -28.27
CA ARG I 420 -20.06 18.29 -27.18
C ARG I 420 -18.58 18.20 -27.57
N ASN I 421 -18.32 17.58 -28.72
CA ASN I 421 -17.01 17.65 -29.38
C ASN I 421 -16.73 19.10 -29.80
N GLY I 422 -17.69 19.73 -30.47
CA GLY I 422 -17.52 21.09 -30.96
C GLY I 422 -18.63 21.66 -31.84
N PRO I 423 -18.33 21.90 -33.13
CA PRO I 423 -19.07 22.73 -34.09
C PRO I 423 -20.54 22.37 -34.33
N VAL I 424 -21.39 23.39 -34.28
CA VAL I 424 -22.76 23.28 -34.76
C VAL I 424 -22.73 23.75 -36.22
N GLY I 425 -23.69 23.31 -37.02
CA GLY I 425 -23.79 23.77 -38.41
C GLY I 425 -24.47 22.81 -39.37
N THR I 426 -24.72 23.29 -40.59
CA THR I 426 -25.36 22.50 -41.62
C THR I 426 -24.32 21.89 -42.55
N VAL I 427 -24.60 20.69 -43.05
CA VAL I 427 -23.79 20.07 -44.09
C VAL I 427 -24.71 19.63 -45.24
N GLN I 428 -24.16 19.62 -46.45
CA GLN I 428 -24.98 19.40 -47.64
C GLN I 428 -24.60 18.11 -48.38
N LEU I 429 -25.62 17.30 -48.69
CA LEU I 429 -25.45 16.04 -49.41
C LEU I 429 -26.55 15.82 -50.47
N ALA I 430 -26.33 14.83 -51.32
CA ALA I 430 -27.27 14.52 -52.39
C ALA I 430 -27.89 13.15 -52.16
N PHE I 431 -29.20 13.06 -52.36
CA PHE I 431 -29.98 11.85 -52.07
C PHE I 431 -30.69 11.32 -53.32
N ILE I 432 -29.99 10.46 -54.05
CA ILE I 432 -30.54 9.84 -55.26
C ILE I 432 -31.45 8.70 -54.82
N LYS I 433 -32.74 9.02 -54.69
CA LYS I 433 -33.72 8.11 -54.13
C LYS I 433 -33.86 6.79 -54.87
N GLU I 434 -33.73 6.83 -56.20
CA GLU I 434 -33.87 5.64 -57.04
C GLU I 434 -32.85 4.57 -56.69
N TYR I 435 -31.66 4.99 -56.24
CA TYR I 435 -30.60 4.06 -55.85
C TYR I 435 -30.40 3.97 -54.34
N ASN I 436 -31.39 4.49 -53.58
CA ASN I 436 -31.35 4.49 -52.11
C ASN I 436 -30.04 5.04 -51.51
N LYS I 437 -29.35 5.87 -52.29
CA LYS I 437 -27.98 6.28 -51.99
C LYS I 437 -27.86 7.77 -51.68
N PHE I 438 -27.03 8.08 -50.69
CA PHE I 438 -26.52 9.42 -50.46
C PHE I 438 -25.09 9.48 -51.04
N VAL I 439 -24.74 10.59 -51.68
CA VAL I 439 -23.37 10.79 -52.17
C VAL I 439 -22.82 12.13 -51.71
N ASN I 440 -21.50 12.27 -51.73
CA ASN I 440 -20.84 13.55 -51.49
C ASN I 440 -21.11 14.52 -52.62
N LEU I 441 -21.04 15.82 -52.32
CA LEU I 441 -21.39 16.85 -53.29
C LEU I 441 -20.25 17.14 -54.27
N ILE J 9 -23.94 20.37 13.33
CA ILE J 9 -25.10 21.21 13.79
C ILE J 9 -26.02 21.53 12.61
N PRO J 10 -26.60 22.74 12.62
CA PRO J 10 -27.37 23.29 11.48
C PRO J 10 -27.51 24.79 11.70
N PRO J 11 -26.93 25.59 10.80
CA PRO J 11 -26.81 27.06 10.97
C PRO J 11 -28.11 27.79 11.35
N GLN J 12 -28.24 28.23 12.60
CA GLN J 12 -29.54 28.74 13.16
C GLN J 12 -29.44 29.81 14.26
N SER J 13 -30.61 30.19 14.82
CA SER J 13 -30.73 31.06 16.02
C SER J 13 -32.16 31.12 16.56
N ILE J 14 -32.49 30.26 17.52
CA ILE J 14 -33.88 30.15 17.98
C ILE J 14 -34.36 31.35 18.81
N GLU J 15 -33.47 31.97 19.57
CA GLU J 15 -33.87 33.12 20.35
C GLU J 15 -34.15 34.30 19.44
N ALA J 16 -33.47 34.37 18.31
CA ALA J 16 -33.79 35.40 17.31
C ALA J 16 -35.17 35.17 16.73
N GLU J 17 -35.50 33.90 16.44
CA GLU J 17 -36.81 33.53 15.90
C GLU J 17 -37.93 33.97 16.83
N GLN J 18 -37.84 33.54 18.09
CA GLN J 18 -38.81 33.91 19.12
C GLN J 18 -38.95 35.42 19.32
N ALA J 19 -37.82 36.13 19.22
CA ALA J 19 -37.79 37.58 19.34
C ALA J 19 -38.51 38.28 18.19
N VAL J 20 -38.41 37.73 16.97
CA VAL J 20 -39.18 38.27 15.84
C VAL J 20 -40.66 38.04 16.11
N LEU J 21 -41.04 36.76 16.22
CA LEU J 21 -42.42 36.40 16.45
C LEU J 21 -43.09 37.18 17.60
N GLY J 22 -42.41 37.31 18.73
CA GLY J 22 -42.98 38.01 19.87
C GLY J 22 -43.17 39.49 19.63
N ALA J 23 -42.24 40.08 18.91
CA ALA J 23 -42.30 41.51 18.60
C ALA J 23 -43.51 41.81 17.73
N VAL J 24 -43.89 40.84 16.90
CA VAL J 24 -45.13 40.98 16.16
C VAL J 24 -46.26 40.99 17.15
N PHE J 25 -46.30 40.01 18.05
CA PHE J 25 -47.35 39.97 19.04
C PHE J 25 -47.41 41.23 19.88
N LEU J 26 -46.26 41.91 19.99
CA LEU J 26 -46.19 43.16 20.76
C LEU J 26 -46.61 44.42 20.02
N ASP J 27 -46.31 44.58 18.73
CA ASP J 27 -46.55 45.90 18.09
C ASP J 27 -47.91 46.29 17.48
N PRO J 28 -48.35 45.63 16.39
CA PRO J 28 -47.80 44.58 15.60
C PRO J 28 -47.48 45.06 14.20
N ALA J 29 -47.24 46.36 14.03
CA ALA J 29 -46.78 46.86 12.73
C ALA J 29 -45.33 46.43 12.54
N ALA J 30 -44.83 45.74 13.56
CA ALA J 30 -43.55 45.06 13.52
C ALA J 30 -43.56 43.94 12.49
N LEU J 31 -44.74 43.56 12.03
CA LEU J 31 -44.89 42.51 11.02
C LEU J 31 -44.51 43.02 9.62
N VAL J 32 -44.63 44.34 9.42
CA VAL J 32 -44.30 44.96 8.14
C VAL J 32 -42.84 44.74 7.77
N PRO J 33 -41.89 45.20 8.62
CA PRO J 33 -40.46 45.00 8.28
C PRO J 33 -40.02 43.54 8.37
N ALA J 34 -40.68 42.77 9.24
CA ALA J 34 -40.37 41.35 9.44
C ALA J 34 -40.75 40.55 8.20
N SER J 35 -41.85 40.96 7.55
CA SER J 35 -42.38 40.26 6.38
C SER J 35 -41.56 40.56 5.11
N GLU J 36 -40.85 41.68 5.11
CA GLU J 36 -40.00 42.04 3.97
C GLU J 36 -38.71 41.25 3.97
N ILE J 37 -38.16 41.04 5.16
CA ILE J 37 -36.90 40.34 5.32
C ILE J 37 -37.06 38.81 5.32
N LEU J 38 -38.22 38.33 5.77
CA LEU J 38 -38.43 36.90 5.98
C LEU J 38 -39.63 36.34 5.24
N ILE J 39 -39.61 35.02 5.05
CA ILE J 39 -40.80 34.25 4.67
C ILE J 39 -40.85 33.02 5.60
N PRO J 40 -42.05 32.45 5.82
CA PRO J 40 -42.15 31.40 6.84
C PRO J 40 -40.97 30.42 6.79
N GLU J 41 -40.64 29.96 5.58
CA GLU J 41 -39.61 28.93 5.38
C GLU J 41 -38.23 29.28 5.92
N ASP J 42 -37.99 30.57 6.20
CA ASP J 42 -36.70 31.01 6.74
C ASP J 42 -36.49 30.54 8.18
N PHE J 43 -37.60 30.30 8.87
CA PHE J 43 -37.56 29.87 10.25
C PHE J 43 -37.16 28.42 10.33
N TYR J 44 -36.28 28.09 11.28
CA TYR J 44 -35.82 26.71 11.46
C TYR J 44 -36.87 25.80 12.09
N ARG J 45 -37.49 26.26 13.18
CA ARG J 45 -38.48 25.45 13.85
C ARG J 45 -39.77 25.41 13.09
N ALA J 46 -40.30 24.19 12.98
CA ALA J 46 -41.57 23.93 12.30
C ALA J 46 -42.61 24.85 12.87
N ALA J 47 -42.79 24.78 14.19
CA ALA J 47 -43.74 25.65 14.90
C ALA J 47 -43.65 27.10 14.44
N HIS J 48 -42.42 27.61 14.31
CA HIS J 48 -42.20 29.00 13.93
C HIS J 48 -42.60 29.33 12.49
N GLN J 49 -42.35 28.41 11.56
CA GLN J 49 -42.90 28.53 10.20
C GLN J 49 -44.43 28.65 10.25
N LYS J 50 -45.06 27.72 10.95
CA LYS J 50 -46.51 27.67 11.04
C LYS J 50 -47.08 28.97 11.57
N ILE J 51 -46.43 29.55 12.58
CA ILE J 51 -46.97 30.71 13.25
C ILE J 51 -46.85 31.93 12.35
N PHE J 52 -45.66 32.09 11.75
CA PHE J 52 -45.38 33.21 10.86
C PHE J 52 -46.29 33.10 9.64
N HIS J 53 -46.52 31.86 9.19
CA HIS J 53 -47.43 31.62 8.08
C HIS J 53 -48.80 32.20 8.41
N ALA J 54 -49.36 31.77 9.54
CA ALA J 54 -50.67 32.22 10.01
C ALA J 54 -50.69 33.72 10.18
N MET J 55 -49.59 34.27 10.66
CA MET J 55 -49.46 35.70 10.88
C MET J 55 -49.73 36.47 9.57
N LEU J 56 -49.08 36.05 8.49
CA LEU J 56 -49.27 36.63 7.14
C LEU J 56 -50.66 36.37 6.54
N ARG J 57 -51.11 35.13 6.67
CA ARG J 57 -52.44 34.69 6.27
C ARG J 57 -53.52 35.59 6.88
N VAL J 58 -53.36 35.93 8.16
CA VAL J 58 -54.27 36.82 8.85
C VAL J 58 -54.13 38.22 8.28
N ALA J 59 -52.90 38.61 7.96
CA ALA J 59 -52.63 39.95 7.44
C ALA J 59 -53.25 40.22 6.06
N ASP J 60 -53.54 39.16 5.32
CA ASP J 60 -54.11 39.30 3.99
C ASP J 60 -55.58 39.65 3.96
N ARG J 61 -56.23 39.61 5.10
CA ARG J 61 -57.65 39.98 5.15
C ARG J 61 -57.92 41.50 5.22
N GLY J 62 -57.18 42.30 5.97
CA GLY J 62 -56.26 41.91 7.04
C GLY J 62 -56.95 42.25 8.33
N GLU J 63 -56.56 41.61 9.42
CA GLU J 63 -57.48 41.48 10.55
C GLU J 63 -57.48 42.51 11.69
N PRO J 64 -56.33 42.94 12.18
CA PRO J 64 -55.00 42.60 11.81
C PRO J 64 -54.46 41.60 12.81
N VAL J 65 -53.15 41.56 12.93
CA VAL J 65 -52.45 40.51 13.61
C VAL J 65 -52.23 40.76 15.10
N ASP J 66 -52.90 39.97 15.93
CA ASP J 66 -52.58 39.93 17.36
C ASP J 66 -52.79 38.52 17.93
N LEU J 67 -52.58 38.38 19.24
CA LEU J 67 -52.72 37.10 19.93
C LEU J 67 -54.00 36.36 19.62
N VAL J 68 -55.12 37.09 19.57
CA VAL J 68 -56.41 36.45 19.34
C VAL J 68 -56.59 36.02 17.89
N THR J 69 -56.44 36.94 16.95
CA THR J 69 -56.60 36.60 15.54
C THR J 69 -55.63 35.51 15.04
N VAL J 70 -54.43 35.47 15.61
CA VAL J 70 -53.43 34.46 15.24
C VAL J 70 -53.66 33.08 15.87
N THR J 71 -54.28 33.04 17.06
CA THR J 71 -54.72 31.74 17.60
C THR J 71 -55.97 31.28 16.86
N ALA J 72 -56.86 32.22 16.56
CA ALA J 72 -58.07 31.90 15.80
C ALA J 72 -57.73 31.24 14.48
N GLU J 73 -56.70 31.74 13.81
CA GLU J 73 -56.22 31.17 12.54
C GLU J 73 -55.52 29.84 12.73
N LEU J 74 -54.71 29.72 13.78
CA LEU J 74 -54.00 28.49 14.04
C LEU J 74 -54.92 27.37 14.51
N ALA J 75 -56.14 27.72 14.89
CA ALA J 75 -57.14 26.71 15.28
C ALA J 75 -58.01 26.35 14.08
N ALA J 76 -58.13 27.28 13.14
CA ALA J 76 -58.86 27.08 11.91
C ALA J 76 -58.16 26.05 11.03
N SER J 77 -56.87 26.27 10.79
CA SER J 77 -55.99 25.19 10.33
C SER J 77 -55.83 24.37 11.59
N GLU J 78 -56.02 23.06 11.57
CA GLU J 78 -56.08 22.35 12.85
C GLU J 78 -54.68 22.09 13.40
N GLN J 79 -53.92 23.16 13.58
CA GLN J 79 -52.53 23.06 14.00
C GLN J 79 -52.12 23.96 15.15
N LEU J 80 -53.04 24.32 16.03
CA LEU J 80 -52.68 25.12 17.22
C LEU J 80 -51.97 24.27 18.26
N GLU J 81 -52.45 23.05 18.48
CA GLU J 81 -51.83 22.16 19.45
C GLU J 81 -50.45 21.70 18.97
N GLU J 82 -50.30 21.53 17.66
CA GLU J 82 -49.02 21.15 17.05
C GLU J 82 -47.87 22.08 17.43
N ILE J 83 -48.19 23.34 17.68
CA ILE J 83 -47.22 24.41 17.87
C ILE J 83 -46.66 24.48 19.29
N GLY J 84 -47.49 24.10 20.24
CA GLY J 84 -47.33 24.42 21.65
C GLY J 84 -48.76 24.68 22.04
N GLY J 85 -49.00 25.41 23.11
CA GLY J 85 -50.38 25.73 23.45
C GLY J 85 -50.73 27.13 22.97
N VAL J 86 -51.69 27.73 23.65
CA VAL J 86 -51.77 29.16 23.67
C VAL J 86 -50.68 29.69 24.59
N SER J 87 -50.25 28.85 25.54
CA SER J 87 -49.19 29.20 26.50
C SER J 87 -47.82 29.34 25.82
N TYR J 88 -47.60 28.62 24.72
CA TYR J 88 -46.40 28.84 23.92
C TYR J 88 -46.47 30.16 23.15
N LEU J 89 -47.66 30.55 22.69
CA LEU J 89 -47.81 31.88 22.07
C LEU J 89 -47.60 33.00 23.10
N SER J 90 -48.03 32.75 24.33
CA SER J 90 -47.83 33.69 25.44
C SER J 90 -46.37 33.75 25.85
N GLU J 91 -45.71 32.59 25.84
CA GLU J 91 -44.27 32.53 25.99
C GLU J 91 -43.60 33.51 25.02
N LEU J 92 -43.99 33.44 23.74
CA LEU J 92 -43.37 34.24 22.69
C LEU J 92 -43.46 35.73 22.96
N ALA J 93 -44.64 36.19 23.33
CA ALA J 93 -44.84 37.62 23.63
C ALA J 93 -43.89 38.15 24.72
N ASP J 94 -43.45 37.27 25.63
CA ASP J 94 -42.57 37.67 26.73
C ASP J 94 -41.08 37.49 26.39
N ALA J 95 -40.80 37.07 25.17
CA ALA J 95 -39.44 36.69 24.76
C ALA J 95 -38.52 37.88 24.55
N VAL J 96 -39.10 39.03 24.24
CA VAL J 96 -38.33 40.28 24.12
C VAL J 96 -39.18 41.46 24.66
N PRO J 97 -38.59 42.32 25.52
CA PRO J 97 -39.28 43.41 26.21
C PRO J 97 -40.17 44.27 25.32
N THR J 98 -39.63 44.72 24.19
CA THR J 98 -40.36 45.57 23.24
C THR J 98 -40.13 45.12 21.79
N ALA J 99 -40.87 45.73 20.86
CA ALA J 99 -40.76 45.40 19.44
C ALA J 99 -39.85 46.37 18.69
N ALA J 100 -38.80 46.84 19.35
CA ALA J 100 -38.05 48.02 18.89
C ALA J 100 -37.16 47.79 17.67
N ASN J 101 -36.66 46.56 17.53
CA ASN J 101 -35.84 46.20 16.41
C ASN J 101 -36.08 44.77 15.94
N VAL J 102 -37.29 44.53 15.45
CA VAL J 102 -37.55 43.30 14.75
C VAL J 102 -36.59 43.17 13.58
N GLU J 103 -36.49 44.22 12.77
CA GLU J 103 -35.67 44.19 11.56
C GLU J 103 -34.35 43.51 11.85
N TYR J 104 -33.65 43.98 12.86
CA TYR J 104 -32.36 43.43 13.18
C TYR J 104 -32.38 41.92 13.44
N TYR J 105 -33.33 41.45 14.27
CA TYR J 105 -33.44 40.01 14.55
C TYR J 105 -33.92 39.21 13.37
N ALA J 106 -34.95 39.73 12.69
CA ALA J 106 -35.45 39.13 11.48
C ALA J 106 -34.32 38.89 10.49
N ARG J 107 -33.50 39.92 10.31
CA ARG J 107 -32.37 39.86 9.38
C ARG J 107 -31.40 38.74 9.74
N ILE J 108 -31.18 38.54 11.04
CA ILE J 108 -30.37 37.42 11.52
C ILE J 108 -30.97 36.09 11.11
N VAL J 109 -32.23 35.88 11.46
CA VAL J 109 -32.93 34.62 11.16
C VAL J 109 -32.81 34.30 9.68
N GLU J 110 -32.84 35.34 8.88
CA GLU J 110 -32.76 35.23 7.42
C GLU J 110 -31.36 34.89 6.95
N GLU J 111 -30.37 35.45 7.62
CA GLU J 111 -28.98 35.19 7.29
C GLU J 111 -28.61 33.74 7.60
N LYS J 112 -29.10 33.21 8.72
CA LYS J 112 -28.87 31.80 9.01
C LYS J 112 -29.64 30.93 8.01
N SER J 113 -30.84 31.38 7.67
CA SER J 113 -31.67 30.66 6.71
C SER J 113 -30.95 30.46 5.38
N VAL J 114 -30.29 31.50 4.92
CA VAL J 114 -29.53 31.44 3.66
C VAL J 114 -28.33 30.50 3.76
N LEU J 115 -27.62 30.57 4.88
CA LEU J 115 -26.46 29.71 5.07
C LEU J 115 -26.77 28.23 4.94
N ARG J 116 -27.79 27.75 5.63
CA ARG J 116 -28.11 26.32 5.50
C ARG J 116 -28.68 25.92 4.13
N ARG J 117 -29.35 26.85 3.45
CA ARG J 117 -29.76 26.59 2.07
C ARG J 117 -28.56 26.48 1.15
N LEU J 118 -27.52 27.26 1.44
CA LEU J 118 -26.23 27.16 0.78
C LEU J 118 -25.58 25.81 1.08
N ILE J 119 -25.46 25.46 2.37
CA ILE J 119 -24.86 24.17 2.75
C ILE J 119 -25.58 23.00 2.07
N ARG J 120 -26.90 23.07 2.04
CA ARG J 120 -27.75 22.02 1.47
C ARG J 120 -27.56 21.83 -0.05
N THR J 121 -27.40 22.94 -0.76
CA THR J 121 -27.18 22.87 -2.20
C THR J 121 -25.74 22.54 -2.56
N ALA J 122 -24.81 22.85 -1.67
CA ALA J 122 -23.43 22.49 -1.90
C ALA J 122 -23.23 20.99 -1.69
N THR J 123 -23.79 20.46 -0.60
CA THR J 123 -23.72 19.02 -0.28
C THR J 123 -24.49 18.15 -1.27
N SER J 124 -25.57 18.70 -1.83
CA SER J 124 -26.32 17.95 -2.84
C SER J 124 -25.58 17.95 -4.19
N ILE J 125 -24.66 18.91 -4.37
CA ILE J 125 -23.78 18.95 -5.57
C ILE J 125 -22.65 17.94 -5.41
N ALA J 126 -21.97 18.01 -4.27
CA ALA J 126 -20.98 17.01 -3.91
C ALA J 126 -21.54 15.59 -4.06
N GLN J 127 -22.77 15.39 -3.63
CA GLN J 127 -23.45 14.11 -3.78
C GLN J 127 -23.67 13.76 -5.24
N ASP J 128 -24.09 14.76 -6.02
CA ASP J 128 -24.38 14.58 -7.44
C ASP J 128 -23.12 14.26 -8.25
N GLY J 129 -21.96 14.62 -7.71
CA GLY J 129 -20.69 14.38 -8.38
C GLY J 129 -20.32 12.91 -8.47
N TYR J 130 -21.09 12.07 -7.78
CA TYR J 130 -20.86 10.63 -7.78
C TYR J 130 -21.91 9.85 -8.60
N THR J 131 -23.13 10.37 -8.69
CA THR J 131 -24.24 9.65 -9.35
C THR J 131 -24.38 9.94 -10.84
N ARG J 132 -24.23 11.21 -11.20
CA ARG J 132 -24.53 11.68 -12.55
C ARG J 132 -23.29 11.79 -13.44
N GLU J 133 -22.50 10.73 -13.51
CA GLU J 133 -21.29 10.68 -14.34
C GLU J 133 -21.60 10.56 -15.84
N ASP J 134 -22.87 10.29 -16.16
CA ASP J 134 -23.32 10.11 -17.56
C ASP J 134 -23.19 11.40 -18.38
N GLU J 135 -23.58 12.51 -17.76
CA GLU J 135 -23.55 13.81 -18.41
C GLU J 135 -22.88 14.79 -17.48
N ILE J 136 -21.77 15.36 -17.94
CA ILE J 136 -20.95 16.21 -17.11
C ILE J 136 -21.13 17.70 -17.42
N ASP J 137 -21.30 18.04 -18.70
CA ASP J 137 -21.55 19.42 -19.10
C ASP J 137 -22.83 19.96 -18.46
N VAL J 138 -23.82 19.08 -18.32
CA VAL J 138 -25.08 19.44 -17.70
C VAL J 138 -24.91 19.59 -16.18
N LEU J 139 -23.92 18.89 -15.62
CA LEU J 139 -23.72 18.93 -14.18
C LEU J 139 -23.08 20.23 -13.72
N LEU J 140 -22.17 20.79 -14.52
CA LEU J 140 -21.69 22.15 -14.28
C LEU J 140 -22.75 23.19 -14.60
N ASP J 141 -23.69 22.81 -15.46
CA ASP J 141 -24.81 23.67 -15.83
C ASP J 141 -25.78 23.81 -14.66
N GLU J 142 -26.10 22.68 -14.03
CA GLU J 142 -26.97 22.68 -12.85
C GLU J 142 -26.34 23.41 -11.66
N ALA J 143 -25.09 23.07 -11.34
CA ALA J 143 -24.37 23.69 -10.22
C ALA J 143 -24.31 25.22 -10.35
N ASP J 144 -24.47 25.70 -11.58
CA ASP J 144 -24.49 27.12 -11.87
C ASP J 144 -25.83 27.70 -11.46
N ARG J 145 -26.90 27.13 -12.00
CA ARG J 145 -28.28 27.52 -11.67
C ARG J 145 -28.56 27.37 -10.17
N LYS J 146 -28.25 26.19 -9.63
CA LYS J 146 -28.45 25.88 -8.22
C LYS J 146 -27.85 26.91 -7.25
N ILE J 147 -26.77 27.56 -7.67
CA ILE J 147 -26.06 28.49 -6.80
C ILE J 147 -26.50 29.95 -6.98
N MET J 148 -27.40 30.20 -7.94
CA MET J 148 -27.88 31.57 -8.15
C MET J 148 -28.80 32.03 -7.02
N GLU J 149 -29.26 31.07 -6.22
CA GLU J 149 -30.27 31.33 -5.21
C GLU J 149 -29.76 32.16 -4.03
N PHE J 159 -38.83 48.86 -2.44
CA PHE J 159 -39.32 50.25 -2.40
C PHE J 159 -38.28 51.23 -1.91
N LYS J 160 -37.76 52.07 -2.81
CA LYS J 160 -36.74 53.05 -2.48
C LYS J 160 -37.24 54.49 -2.66
N ASN J 161 -37.20 55.28 -1.59
CA ASN J 161 -37.70 56.66 -1.60
C ASN J 161 -36.89 57.57 -2.51
N ILE J 162 -37.54 58.61 -3.04
CA ILE J 162 -36.86 59.57 -3.93
C ILE J 162 -35.76 60.36 -3.20
N LYS J 163 -36.01 60.67 -1.92
CA LYS J 163 -35.03 61.36 -1.08
C LYS J 163 -33.69 60.63 -1.12
N ASP J 164 -33.73 59.31 -1.05
CA ASP J 164 -32.54 58.46 -1.13
C ASP J 164 -31.82 58.62 -2.47
N ILE J 165 -32.58 58.58 -3.57
CA ILE J 165 -32.01 58.61 -4.91
C ILE J 165 -31.55 60.01 -5.31
N LEU J 166 -32.25 61.03 -4.81
CA LEU J 166 -31.90 62.42 -5.11
C LEU J 166 -30.46 62.76 -4.71
N VAL J 167 -30.04 62.29 -3.54
CA VAL J 167 -28.68 62.49 -3.07
C VAL J 167 -27.68 61.74 -3.96
N GLN J 168 -28.10 60.58 -4.46
CA GLN J 168 -27.28 59.75 -5.33
C GLN J 168 -27.06 60.41 -6.69
N THR J 169 -28.10 61.06 -7.20
CA THR J 169 -28.04 61.70 -8.52
C THR J 169 -27.17 62.94 -8.49
N TYR J 170 -27.14 63.62 -7.37
CA TYR J 170 -26.35 64.84 -7.27
C TYR J 170 -24.86 64.56 -7.35
N ASP J 171 -24.40 63.54 -6.64
CA ASP J 171 -22.98 63.21 -6.63
C ASP J 171 -22.51 62.84 -8.03
N ASN J 172 -23.34 62.05 -8.72
CA ASN J 172 -23.03 61.54 -10.04
C ASN J 172 -23.00 62.64 -11.09
N ILE J 173 -23.73 63.71 -10.82
CA ILE J 173 -23.84 64.86 -11.72
C ILE J 173 -22.52 65.63 -11.81
N GLU J 174 -21.60 65.33 -10.89
CA GLU J 174 -20.28 65.95 -10.88
C GLU J 174 -19.28 65.03 -11.54
N MET J 175 -19.78 64.25 -12.48
CA MET J 175 -18.89 63.66 -13.45
C MET J 175 -18.94 64.70 -14.57
N LEU J 176 -19.40 65.90 -14.16
CA LEU J 176 -19.28 67.19 -14.85
C LEU J 176 -17.91 67.80 -14.62
N HIS J 177 -17.23 67.32 -13.57
CA HIS J 177 -15.85 67.64 -13.26
C HIS J 177 -14.93 66.60 -13.89
N ASN J 178 -15.21 66.23 -15.15
CA ASN J 178 -14.49 65.18 -15.90
C ASN J 178 -14.49 65.39 -17.42
N ARG J 179 -13.43 66.04 -17.95
CA ARG J 179 -13.19 66.16 -19.42
C ARG J 179 -11.78 66.68 -19.76
N ILE J 183 -19.48 61.80 -24.79
CA ILE J 183 -18.86 60.52 -24.46
C ILE J 183 -19.09 60.25 -22.98
N THR J 184 -19.82 59.17 -22.68
CA THR J 184 -20.20 58.84 -21.30
C THR J 184 -19.89 57.43 -20.75
N GLY J 185 -20.12 56.32 -21.47
CA GLY J 185 -20.53 56.23 -22.86
C GLY J 185 -19.39 55.61 -23.66
N ILE J 186 -19.62 54.42 -24.21
CA ILE J 186 -18.63 53.77 -25.06
C ILE J 186 -18.51 54.50 -26.42
N PRO J 187 -17.29 54.94 -26.79
CA PRO J 187 -17.12 55.67 -28.05
C PRO J 187 -17.03 54.76 -29.27
N THR J 188 -17.86 55.03 -30.28
CA THR J 188 -17.90 54.24 -31.51
C THR J 188 -16.79 54.62 -32.45
N GLY J 189 -16.36 55.88 -32.38
CA GLY J 189 -15.31 56.43 -33.24
C GLY J 189 -15.87 57.22 -34.40
N PHE J 190 -17.16 57.54 -34.31
CA PHE J 190 -17.83 58.37 -35.31
C PHE J 190 -18.27 59.70 -34.69
N THR J 191 -17.45 60.74 -34.84
CA THR J 191 -17.66 62.04 -34.20
C THR J 191 -19.14 62.43 -34.05
N GLU J 192 -19.86 62.57 -35.16
CA GLU J 192 -21.25 63.06 -35.16
C GLU J 192 -22.20 62.12 -34.46
N LEU J 193 -21.95 60.82 -34.55
CA LEU J 193 -22.79 59.81 -33.92
C LEU J 193 -22.67 59.85 -32.41
N ASP J 194 -21.43 59.85 -31.92
CA ASP J 194 -21.13 59.97 -30.49
C ASP J 194 -21.58 61.31 -29.91
N ARG J 195 -21.77 62.31 -30.76
CA ARG J 195 -22.28 63.60 -30.31
C ARG J 195 -23.77 63.48 -29.95
N MET J 196 -24.55 62.89 -30.85
CA MET J 196 -26.00 62.75 -30.67
C MET J 196 -26.35 61.71 -29.62
N THR J 197 -25.41 60.82 -29.36
CA THR J 197 -25.70 59.68 -28.51
C THR J 197 -24.84 59.63 -27.26
N SER J 198 -23.55 59.90 -27.44
CA SER J 198 -22.51 59.85 -26.39
C SER J 198 -22.38 58.45 -25.81
N GLY J 199 -22.17 57.48 -26.68
CA GLY J 199 -22.37 56.07 -26.34
C GLY J 199 -23.88 55.88 -26.36
N PHE J 200 -24.40 54.66 -26.46
CA PHE J 200 -23.73 53.38 -26.26
C PHE J 200 -23.29 53.33 -24.84
N GLN J 201 -24.29 53.52 -23.98
CA GLN J 201 -24.12 53.41 -22.55
C GLN J 201 -24.52 52.01 -22.11
N ARG J 202 -24.10 51.65 -20.91
CA ARG J 202 -24.33 50.31 -20.41
C ARG J 202 -25.80 50.14 -20.05
N SER J 203 -26.34 48.96 -20.37
CA SER J 203 -27.74 48.59 -20.10
C SER J 203 -28.67 49.05 -21.19
N ASP J 204 -28.11 49.44 -22.33
CA ASP J 204 -28.89 49.87 -23.49
C ASP J 204 -28.93 48.80 -24.56
N LEU J 205 -30.10 48.63 -25.17
CA LEU J 205 -30.27 47.77 -26.34
C LEU J 205 -30.35 48.61 -27.61
N ILE J 206 -29.29 48.59 -28.40
CA ILE J 206 -29.21 49.37 -29.64
C ILE J 206 -29.60 48.48 -30.81
N ILE J 207 -30.56 48.95 -31.61
CA ILE J 207 -31.02 48.19 -32.77
C ILE J 207 -30.69 48.92 -34.07
N VAL J 208 -29.82 48.30 -34.88
CA VAL J 208 -29.40 48.85 -36.15
C VAL J 208 -30.03 48.04 -37.28
N ALA J 209 -31.03 48.62 -37.93
CA ALA J 209 -31.78 47.91 -38.95
C ALA J 209 -31.63 48.58 -40.31
N ALA J 210 -31.61 47.77 -41.36
CA ALA J 210 -31.61 48.25 -42.74
C ALA J 210 -32.01 47.14 -43.71
N ARG J 211 -32.30 47.51 -44.95
CA ARG J 211 -32.63 46.53 -45.99
C ARG J 211 -31.42 45.64 -46.28
N PRO J 212 -31.64 44.43 -46.86
CA PRO J 212 -30.51 43.52 -47.10
C PRO J 212 -29.43 44.15 -48.01
N SER J 213 -28.17 43.90 -47.64
CA SER J 213 -27.01 44.38 -48.39
C SER J 213 -26.77 45.89 -48.30
N VAL J 214 -27.63 46.63 -47.61
CA VAL J 214 -27.38 48.06 -47.33
C VAL J 214 -26.09 48.29 -46.49
N GLY J 215 -25.86 47.40 -45.49
CA GLY J 215 -24.60 47.36 -44.74
C GLY J 215 -24.70 47.24 -43.23
N LYS J 216 -25.72 46.54 -42.74
CA LYS J 216 -25.85 46.30 -41.29
C LYS J 216 -24.55 45.71 -40.75
N THR J 217 -24.22 44.50 -41.22
CA THR J 217 -23.04 43.76 -40.78
C THR J 217 -21.75 44.60 -40.84
N ALA J 218 -21.51 45.23 -42.00
CA ALA J 218 -20.31 46.06 -42.21
C ALA J 218 -20.24 47.31 -41.29
N PHE J 219 -21.40 47.83 -40.93
CA PHE J 219 -21.48 48.95 -39.99
C PHE J 219 -21.11 48.52 -38.57
N ALA J 220 -21.76 47.46 -38.08
CA ALA J 220 -21.51 46.90 -36.76
C ALA J 220 -20.04 46.54 -36.58
N LEU J 221 -19.49 45.83 -37.56
CA LEU J 221 -18.10 45.43 -37.51
C LEU J 221 -17.20 46.64 -37.36
N ASN J 222 -17.51 47.72 -38.06
CA ASN J 222 -16.74 48.95 -37.97
C ASN J 222 -16.79 49.60 -36.59
N ILE J 223 -17.92 49.46 -35.91
CA ILE J 223 -18.09 49.95 -34.56
C ILE J 223 -17.31 49.07 -33.58
N ALA J 224 -17.46 47.74 -33.73
CA ALA J 224 -16.74 46.79 -32.89
C ALA J 224 -15.24 46.98 -33.02
N GLN J 225 -14.77 47.10 -34.26
CA GLN J 225 -13.36 47.32 -34.57
C GLN J 225 -12.84 48.56 -33.88
N ASN J 226 -13.56 49.67 -34.03
CA ASN J 226 -13.16 50.96 -33.47
C ASN J 226 -13.27 51.03 -31.96
N VAL J 227 -13.92 50.03 -31.36
CA VAL J 227 -13.99 49.97 -29.90
C VAL J 227 -12.75 49.27 -29.35
N ALA J 228 -12.56 48.02 -29.73
CA ALA J 228 -11.48 47.20 -29.19
C ALA J 228 -10.05 47.67 -29.49
N THR J 229 -9.86 48.41 -30.59
CA THR J 229 -8.53 48.91 -30.94
C THR J 229 -8.24 50.30 -30.37
N LYS J 230 -9.25 51.15 -30.37
CA LYS J 230 -9.10 52.51 -29.87
C LYS J 230 -9.62 52.69 -28.44
N THR J 231 -9.87 51.56 -27.78
CA THR J 231 -10.20 51.56 -26.35
C THR J 231 -9.75 50.22 -25.73
N ASN J 232 -9.77 50.15 -24.40
CA ASN J 232 -9.20 49.01 -23.71
C ASN J 232 -10.22 47.91 -23.44
N GLU J 233 -11.45 48.15 -23.88
CA GLU J 233 -12.59 47.27 -23.61
C GLU J 233 -12.62 46.03 -24.53
N ASN J 234 -13.28 44.97 -24.08
CA ASN J 234 -13.48 43.76 -24.89
C ASN J 234 -14.89 43.73 -25.49
N VAL J 235 -15.04 43.21 -26.70
CA VAL J 235 -16.38 43.05 -27.29
C VAL J 235 -16.63 41.64 -27.82
N ALA J 236 -17.82 41.10 -27.55
CA ALA J 236 -18.19 39.79 -28.05
C ALA J 236 -19.14 39.92 -29.23
N ILE J 237 -18.81 39.24 -30.33
CA ILE J 237 -19.60 39.27 -31.55
C ILE J 237 -20.22 37.90 -31.81
N PHE J 238 -21.49 37.88 -32.14
CA PHE J 238 -22.15 36.65 -32.50
C PHE J 238 -22.55 36.77 -33.95
N SER J 239 -21.86 36.05 -34.81
CA SER J 239 -22.16 36.07 -36.23
C SER J 239 -22.99 34.85 -36.64
N LEU J 240 -24.31 35.00 -36.65
CA LEU J 240 -25.20 33.87 -36.90
C LEU J 240 -25.30 33.51 -38.38
N GLU J 241 -24.95 34.44 -39.26
CA GLU J 241 -25.07 34.24 -40.70
C GLU J 241 -23.76 33.81 -41.38
N MET J 242 -22.72 34.62 -41.26
CA MET J 242 -21.45 34.35 -41.91
C MET J 242 -20.39 33.90 -40.92
N SER J 243 -19.38 33.19 -41.41
CA SER J 243 -18.36 32.57 -40.55
C SER J 243 -17.36 33.57 -39.97
N ALA J 244 -16.60 33.13 -38.97
CA ALA J 244 -15.58 33.95 -38.32
C ALA J 244 -14.52 34.45 -39.31
N GLN J 245 -14.04 33.51 -40.13
CA GLN J 245 -13.11 33.78 -41.23
C GLN J 245 -13.44 35.07 -41.98
N GLN J 246 -14.63 35.12 -42.56
CA GLN J 246 -15.09 36.23 -43.38
C GLN J 246 -15.16 37.54 -42.60
N LEU J 247 -15.57 37.43 -41.33
CA LEU J 247 -15.67 38.60 -40.44
C LEU J 247 -14.33 39.26 -40.22
N VAL J 248 -13.32 38.44 -40.03
CA VAL J 248 -11.97 38.95 -39.83
C VAL J 248 -11.47 39.66 -41.09
N MET J 249 -11.66 39.02 -42.24
CA MET J 249 -11.26 39.58 -43.53
C MET J 249 -11.94 40.91 -43.83
N ARG J 250 -13.19 41.04 -43.36
CA ARG J 250 -13.95 42.26 -43.51
C ARG J 250 -13.42 43.37 -42.57
N MET J 251 -12.78 42.95 -41.48
CA MET J 251 -12.18 43.88 -40.53
C MET J 251 -10.75 44.28 -40.92
N LEU J 252 -10.06 43.39 -41.62
CA LEU J 252 -8.71 43.68 -42.11
C LEU J 252 -8.74 44.75 -43.20
N CYS J 253 -9.64 44.57 -44.17
CA CYS J 253 -9.85 45.55 -45.22
C CYS J 253 -10.23 46.92 -44.66
N ALA J 254 -10.98 46.91 -43.57
CA ALA J 254 -11.44 48.15 -42.94
C ALA J 254 -10.32 48.87 -42.17
N GLU J 255 -9.24 48.15 -41.91
CA GLU J 255 -8.13 48.69 -41.13
C GLU J 255 -6.97 49.12 -42.02
N GLY J 256 -6.61 48.28 -42.98
CA GLY J 256 -5.46 48.55 -43.85
C GLY J 256 -5.80 49.04 -45.25
N ASN J 257 -7.05 49.45 -45.44
CA ASN J 257 -7.56 49.98 -46.72
C ASN J 257 -7.23 49.10 -47.92
N ILE J 258 -7.48 47.80 -47.78
CA ILE J 258 -7.24 46.83 -48.85
C ILE J 258 -8.51 46.52 -49.63
N ASN J 259 -8.39 46.53 -50.96
CA ASN J 259 -9.50 46.19 -51.85
C ASN J 259 -9.95 44.76 -51.54
N ALA J 260 -11.25 44.62 -51.25
CA ALA J 260 -11.82 43.35 -50.79
C ALA J 260 -11.67 42.22 -51.80
N GLN J 261 -11.97 42.52 -53.07
CA GLN J 261 -11.82 41.55 -54.17
C GLN J 261 -10.36 41.09 -54.30
N ASN J 262 -9.44 41.89 -53.78
CA ASN J 262 -8.01 41.57 -53.81
C ASN J 262 -7.63 40.52 -52.76
N LEU J 263 -8.24 40.60 -51.57
CA LEU J 263 -7.93 39.65 -50.49
C LEU J 263 -8.39 38.22 -50.76
N ARG J 264 -9.52 38.08 -51.44
CA ARG J 264 -10.10 36.76 -51.73
C ARG J 264 -9.55 36.11 -53.01
N THR J 265 -8.89 36.91 -53.85
CA THR J 265 -8.18 36.40 -55.02
C THR J 265 -6.76 36.01 -54.62
N GLY J 266 -6.08 36.92 -53.91
CA GLY J 266 -4.71 36.71 -53.49
C GLY J 266 -3.74 37.72 -54.06
N LYS J 267 -4.05 38.23 -55.25
CA LYS J 267 -3.17 39.14 -55.97
C LYS J 267 -3.10 40.52 -55.31
N LEU J 268 -1.93 40.83 -54.75
CA LEU J 268 -1.68 42.09 -54.04
C LEU J 268 -0.31 42.67 -54.39
N THR J 269 -0.26 43.99 -54.59
CA THR J 269 1.00 44.70 -54.84
C THR J 269 1.78 44.89 -53.54
N PRO J 270 3.12 45.11 -53.64
CA PRO J 270 3.96 45.40 -52.48
C PRO J 270 3.38 46.43 -51.50
N GLU J 271 2.59 47.37 -51.99
CA GLU J 271 1.92 48.36 -51.14
C GLU J 271 0.82 47.75 -50.27
N ASP J 272 0.13 46.76 -50.82
CA ASP J 272 -0.95 46.07 -50.10
C ASP J 272 -0.41 45.16 -48.99
N TRP J 273 0.63 44.38 -49.32
CA TRP J 273 1.30 43.53 -48.35
C TRP J 273 1.79 44.31 -47.13
N GLY J 274 2.29 45.52 -47.38
CA GLY J 274 2.75 46.42 -46.32
C GLY J 274 1.63 46.94 -45.45
N LYS J 275 0.47 47.19 -46.07
CA LYS J 275 -0.73 47.64 -45.35
C LYS J 275 -1.32 46.49 -44.55
N LEU J 276 -1.25 45.28 -45.11
CA LEU J 276 -1.79 44.07 -44.48
C LEU J 276 -1.05 43.70 -43.19
N THR J 277 0.27 43.81 -43.24
CA THR J 277 1.11 43.44 -42.09
C THR J 277 1.03 44.41 -40.91
N MET J 278 0.70 45.68 -41.19
CA MET J 278 0.53 46.69 -40.13
C MET J 278 -0.88 46.74 -39.58
N ALA J 279 -1.81 46.13 -40.31
CA ALA J 279 -3.21 45.99 -39.87
C ALA J 279 -3.29 44.90 -38.80
N MET J 280 -2.62 43.78 -39.06
CA MET J 280 -2.51 42.70 -38.10
C MET J 280 -1.79 43.15 -36.83
N GLY J 281 -0.97 44.18 -36.97
CA GLY J 281 -0.24 44.75 -35.84
C GLY J 281 -1.17 45.24 -34.75
N SER J 282 -2.03 46.19 -35.10
CA SER J 282 -2.96 46.79 -34.13
C SER J 282 -4.14 45.88 -33.81
N LEU J 283 -4.30 44.80 -34.57
CA LEU J 283 -5.41 43.86 -34.38
C LEU J 283 -5.07 42.63 -33.54
N SER J 284 -4.03 42.72 -32.73
CA SER J 284 -3.71 41.65 -31.78
C SER J 284 -4.03 42.05 -30.35
N ASN J 285 -3.61 43.25 -29.96
CA ASN J 285 -3.92 43.82 -28.65
C ASN J 285 -5.37 44.26 -28.58
N ALA J 286 -6.14 43.81 -29.56
CA ALA J 286 -7.53 44.22 -29.76
C ALA J 286 -8.46 43.60 -28.73
N GLY J 287 -8.56 42.28 -28.74
CA GLY J 287 -9.46 41.58 -27.84
C GLY J 287 -10.91 41.65 -28.26
N ILE J 288 -11.19 41.16 -29.47
CA ILE J 288 -12.55 40.83 -29.85
C ILE J 288 -12.68 39.32 -29.85
N TYR J 289 -13.84 38.85 -29.43
CA TYR J 289 -14.13 37.42 -29.37
C TYR J 289 -15.35 37.12 -30.24
N ILE J 290 -15.19 36.19 -31.17
CA ILE J 290 -16.23 35.86 -32.16
C ILE J 290 -16.83 34.49 -31.88
N ASP J 291 -18.14 34.40 -32.06
CA ASP J 291 -18.85 33.13 -31.97
C ASP J 291 -19.81 32.94 -33.16
N ASP J 292 -19.42 32.07 -34.09
CA ASP J 292 -20.17 31.90 -35.33
C ASP J 292 -21.01 30.62 -35.38
N THR J 293 -21.73 30.36 -34.30
CA THR J 293 -22.62 29.21 -34.24
C THR J 293 -23.85 29.50 -35.08
N PRO J 294 -24.16 28.63 -36.07
CA PRO J 294 -25.27 28.87 -37.00
C PRO J 294 -26.58 29.22 -36.29
N SER J 295 -26.88 28.53 -35.20
CA SER J 295 -28.14 28.73 -34.51
C SER J 295 -27.97 28.57 -33.02
N ILE J 296 -27.98 29.70 -32.32
CA ILE J 296 -28.04 29.68 -30.87
C ILE J 296 -29.29 30.38 -30.40
N ARG J 297 -29.63 30.19 -29.14
CA ARG J 297 -30.72 30.89 -28.53
C ARG J 297 -30.15 31.98 -27.63
N VAL J 298 -31.03 32.70 -26.92
CA VAL J 298 -30.60 33.81 -26.09
C VAL J 298 -29.89 33.31 -24.83
N SER J 299 -30.34 32.19 -24.28
CA SER J 299 -29.73 31.61 -23.08
C SER J 299 -28.35 31.00 -23.33
N ASP J 300 -28.08 30.63 -24.60
CA ASP J 300 -26.74 30.20 -25.02
C ASP J 300 -25.79 31.39 -25.04
N ILE J 301 -26.32 32.53 -25.45
CA ILE J 301 -25.55 33.79 -25.53
C ILE J 301 -25.23 34.33 -24.13
N ARG J 302 -26.28 34.50 -23.31
CA ARG J 302 -26.13 34.96 -21.94
C ARG J 302 -25.04 34.17 -21.23
N ALA J 303 -25.08 32.85 -21.40
CA ALA J 303 -24.12 31.95 -20.77
C ALA J 303 -22.69 32.29 -21.19
N LYS J 304 -22.43 32.22 -22.49
CA LYS J 304 -21.11 32.49 -23.02
C LYS J 304 -20.60 33.87 -22.60
N CYS J 305 -21.52 34.82 -22.51
CA CYS J 305 -21.18 36.22 -22.20
C CYS J 305 -20.78 36.47 -20.75
N ARG J 306 -21.59 36.01 -19.81
CA ARG J 306 -21.29 36.23 -18.38
C ARG J 306 -20.01 35.51 -17.95
N ARG J 307 -19.64 34.46 -18.68
CA ARG J 307 -18.41 33.73 -18.40
C ARG J 307 -17.19 34.43 -18.98
N LEU J 308 -17.37 35.18 -20.06
CA LEU J 308 -16.27 35.94 -20.63
C LEU J 308 -15.98 37.19 -19.82
N LYS J 309 -17.00 37.71 -19.15
CA LYS J 309 -16.82 38.89 -18.32
C LYS J 309 -16.21 38.55 -16.94
N GLN J 310 -16.10 37.25 -16.67
CA GLN J 310 -15.51 36.75 -15.42
C GLN J 310 -13.99 36.87 -15.47
N GLU J 311 -13.40 36.38 -16.56
CA GLU J 311 -11.97 36.22 -16.66
C GLU J 311 -11.27 37.32 -17.45
N SER J 312 -12.04 38.13 -18.15
CA SER J 312 -11.46 39.18 -18.97
C SER J 312 -12.20 40.52 -18.84
N GLY J 313 -13.48 40.45 -18.48
CA GLY J 313 -14.32 41.65 -18.40
C GLY J 313 -14.91 42.02 -19.75
N LEU J 314 -16.21 42.31 -19.77
CA LEU J 314 -16.93 42.65 -21.01
C LEU J 314 -17.35 44.10 -20.98
N GLY J 315 -17.52 44.68 -22.17
CA GLY J 315 -17.98 46.05 -22.30
C GLY J 315 -18.92 46.29 -23.46
N MET J 316 -19.09 45.30 -24.33
CA MET J 316 -19.96 45.44 -25.51
C MET J 316 -20.34 44.11 -26.20
N ILE J 317 -21.62 43.95 -26.55
CA ILE J 317 -22.08 42.75 -27.26
C ILE J 317 -22.77 43.09 -28.57
N VAL J 318 -22.44 42.35 -29.63
CA VAL J 318 -23.04 42.52 -30.95
C VAL J 318 -23.64 41.20 -31.42
N ILE J 319 -24.87 41.23 -31.94
CA ILE J 319 -25.49 40.03 -32.53
C ILE J 319 -25.80 40.28 -34.01
N ASP J 320 -25.38 39.36 -34.90
CA ASP J 320 -25.44 39.64 -36.35
C ASP J 320 -26.82 39.68 -36.99
N TYR J 321 -27.85 39.20 -36.29
CA TYR J 321 -29.16 39.15 -36.92
C TYR J 321 -30.16 38.72 -35.87
N LEU J 322 -30.91 39.67 -35.32
CA LEU J 322 -31.88 39.37 -34.26
C LEU J 322 -32.87 38.26 -34.58
N GLN J 323 -33.53 38.35 -35.73
CA GLN J 323 -34.53 37.33 -36.11
C GLN J 323 -33.92 36.02 -36.60
N LEU J 324 -32.61 35.88 -36.43
CA LEU J 324 -31.91 34.64 -36.75
C LEU J 324 -31.58 33.84 -35.49
N ILE J 325 -31.63 34.51 -34.34
CA ILE J 325 -31.66 33.83 -33.04
C ILE J 325 -32.93 33.00 -32.97
N GLN J 326 -32.89 31.88 -32.25
CA GLN J 326 -34.03 30.98 -32.28
C GLN J 326 -34.55 30.57 -30.91
N GLY J 327 -35.56 29.71 -30.95
CA GLY J 327 -36.04 28.94 -29.80
C GLY J 327 -36.03 29.59 -28.43
N SER J 328 -37.18 30.11 -28.03
CA SER J 328 -37.37 30.61 -26.68
C SER J 328 -37.70 29.42 -25.77
N GLY J 329 -38.22 29.69 -24.57
CA GLY J 329 -38.86 28.67 -23.75
C GLY J 329 -40.07 28.19 -24.51
N ARG J 330 -40.73 29.15 -25.15
CA ARG J 330 -41.80 28.93 -26.14
C ARG J 330 -42.34 27.50 -26.24
N SER J 331 -43.52 27.30 -25.69
CA SER J 331 -44.39 26.21 -26.13
C SER J 331 -44.68 26.38 -27.63
N LYS J 332 -43.68 26.88 -28.37
CA LYS J 332 -43.69 27.04 -29.83
C LYS J 332 -44.87 27.87 -30.39
N GLU J 333 -45.04 29.08 -29.87
CA GLU J 333 -46.19 29.92 -30.23
C GLU J 333 -46.09 30.59 -31.60
N ASN J 334 -46.94 31.61 -31.82
CA ASN J 334 -46.97 32.40 -33.05
C ASN J 334 -45.66 33.16 -33.25
N ARG J 335 -45.13 33.13 -34.46
CA ARG J 335 -43.81 33.68 -34.75
C ARG J 335 -43.57 35.08 -34.17
N GLN J 336 -44.58 35.95 -34.23
CA GLN J 336 -44.48 37.30 -33.69
C GLN J 336 -44.14 37.31 -32.19
N GLN J 337 -44.65 36.34 -31.44
CA GLN J 337 -44.36 36.25 -30.00
C GLN J 337 -43.00 35.62 -29.69
N GLU J 338 -42.52 34.78 -30.60
CA GLU J 338 -41.19 34.16 -30.47
C GLU J 338 -40.11 35.23 -30.49
N VAL J 339 -40.17 36.13 -31.48
CA VAL J 339 -39.23 37.25 -31.58
C VAL J 339 -39.51 38.31 -30.52
N SER J 340 -40.74 38.36 -30.04
CA SER J 340 -41.13 39.32 -29.00
C SER J 340 -40.41 39.04 -27.68
N GLU J 341 -40.03 37.78 -27.48
CA GLU J 341 -39.31 37.34 -26.28
C GLU J 341 -37.80 37.47 -26.45
N ILE J 342 -37.31 37.20 -27.66
CA ILE J 342 -35.91 37.43 -28.01
C ILE J 342 -35.55 38.89 -27.72
N SER J 343 -36.48 39.81 -28.02
CA SER J 343 -36.32 41.22 -27.71
C SER J 343 -36.16 41.45 -26.23
N ARG J 344 -37.15 41.03 -25.44
CA ARG J 344 -37.11 41.21 -23.99
C ARG J 344 -35.86 40.55 -23.38
N SER J 345 -35.55 39.34 -23.84
CA SER J 345 -34.39 38.59 -23.37
C SER J 345 -33.09 39.32 -23.63
N LEU J 346 -33.01 40.01 -24.78
CA LEU J 346 -31.82 40.75 -25.15
C LEU J 346 -31.69 42.02 -24.32
N LYS J 347 -32.80 42.70 -24.05
CA LYS J 347 -32.79 43.85 -23.16
C LYS J 347 -32.44 43.41 -21.74
N ALA J 348 -32.95 42.26 -21.33
CA ALA J 348 -32.63 41.71 -20.01
C ALA J 348 -31.18 41.22 -19.91
N LEU J 349 -30.55 40.96 -21.05
CA LEU J 349 -29.12 40.60 -21.10
C LEU J 349 -28.25 41.84 -20.93
N ALA J 350 -28.63 42.93 -21.59
CA ALA J 350 -27.94 44.21 -21.46
C ALA J 350 -28.08 44.76 -20.05
N ARG J 351 -29.21 44.45 -19.42
CA ARG J 351 -29.53 44.99 -18.11
C ARG J 351 -28.75 44.27 -17.03
N GLU J 352 -28.71 42.94 -17.13
CA GLU J 352 -28.05 42.07 -16.14
C GLU J 352 -26.53 42.21 -16.18
N LEU J 353 -25.96 42.20 -17.39
CA LEU J 353 -24.51 42.31 -17.58
C LEU J 353 -23.96 43.73 -17.54
N GLU J 354 -24.85 44.73 -17.49
CA GLU J 354 -24.47 46.15 -17.54
C GLU J 354 -23.51 46.45 -18.69
N VAL J 355 -24.02 46.28 -19.91
CA VAL J 355 -23.26 46.41 -21.15
C VAL J 355 -24.23 46.79 -22.29
N PRO J 356 -23.80 47.64 -23.24
CA PRO J 356 -24.61 47.92 -24.42
C PRO J 356 -24.67 46.72 -25.39
N VAL J 357 -25.90 46.29 -25.71
CA VAL J 357 -26.10 45.20 -26.67
C VAL J 357 -26.61 45.75 -28.01
N ILE J 358 -25.87 45.48 -29.07
CA ILE J 358 -26.26 45.90 -30.42
C ILE J 358 -26.85 44.71 -31.15
N ALA J 359 -28.14 44.77 -31.45
CA ALA J 359 -28.81 43.72 -32.21
C ALA J 359 -29.08 44.25 -33.60
N LEU J 360 -28.56 43.57 -34.61
CA LEU J 360 -28.88 43.97 -35.98
C LEU J 360 -30.23 43.42 -36.34
N SER J 361 -31.03 44.23 -37.03
CA SER J 361 -32.35 43.78 -37.49
C SER J 361 -32.50 43.85 -39.00
N GLN J 362 -33.43 43.06 -39.52
CA GLN J 362 -33.80 43.13 -40.93
C GLN J 362 -35.02 44.05 -41.07
N LEU J 363 -35.34 44.44 -42.30
CA LEU J 363 -36.52 45.27 -42.52
C LEU J 363 -37.56 44.56 -43.37
N SER J 364 -38.82 44.94 -43.14
CA SER J 364 -39.94 44.36 -43.87
C SER J 364 -39.97 44.80 -45.33
N ARG J 365 -40.73 44.03 -46.13
CA ARG J 365 -40.99 44.23 -47.56
C ARG J 365 -41.66 45.55 -47.91
N SER J 366 -42.29 46.18 -46.91
CA SER J 366 -43.19 47.32 -47.11
C SER J 366 -42.50 48.66 -47.39
N VAL J 367 -41.23 48.77 -47.00
CA VAL J 367 -40.41 49.97 -47.22
C VAL J 367 -40.19 50.28 -48.71
N GLU J 368 -40.39 49.26 -49.55
CA GLU J 368 -40.12 49.37 -50.99
C GLU J 368 -41.27 50.07 -51.73
N GLN J 369 -42.51 49.76 -51.36
CA GLN J 369 -43.71 50.38 -51.95
C GLN J 369 -43.74 51.90 -51.80
N ARG J 370 -43.34 52.38 -50.62
CA ARG J 370 -43.33 53.80 -50.29
C ARG J 370 -42.45 54.58 -51.25
N GLN J 371 -42.90 55.78 -51.61
CA GLN J 371 -42.14 56.70 -52.48
C GLN J 371 -40.81 57.10 -51.85
N ASP J 372 -40.87 57.37 -50.54
CA ASP J 372 -39.71 57.69 -49.75
C ASP J 372 -39.18 56.39 -49.15
N LYS J 373 -38.18 55.78 -49.81
CA LYS J 373 -37.62 54.50 -49.37
C LYS J 373 -36.77 54.60 -48.08
N ARG J 374 -36.88 55.74 -47.38
CA ARG J 374 -36.34 55.88 -46.03
C ARG J 374 -37.24 55.13 -45.06
N PRO J 375 -36.67 54.23 -44.25
CA PRO J 375 -37.50 53.45 -43.35
C PRO J 375 -37.92 54.21 -42.08
N MET J 376 -39.12 53.89 -41.58
CA MET J 376 -39.55 54.33 -40.27
C MET J 376 -39.67 53.12 -39.37
N MET J 377 -40.03 53.31 -38.10
CA MET J 377 -40.02 52.22 -37.11
C MET J 377 -40.91 51.03 -37.43
N SER J 378 -42.11 51.31 -37.93
CA SER J 378 -43.06 50.29 -38.38
C SER J 378 -42.38 49.18 -39.21
N ASP J 379 -41.30 49.54 -39.90
CA ASP J 379 -40.68 48.68 -40.91
C ASP J 379 -39.90 47.47 -40.39
N ILE J 380 -39.57 47.45 -39.10
CA ILE J 380 -38.73 46.38 -38.56
C ILE J 380 -39.37 45.01 -38.74
N ARG J 381 -38.64 44.08 -39.34
CA ARG J 381 -39.10 42.73 -39.64
C ARG J 381 -39.65 41.97 -38.43
N GLU J 382 -40.71 41.21 -38.66
CA GLU J 382 -41.17 40.12 -37.77
C GLU J 382 -42.03 40.51 -36.58
N SER J 383 -41.62 41.50 -35.81
CA SER J 383 -42.37 41.91 -34.63
C SER J 383 -42.30 43.37 -34.29
N GLY J 384 -43.39 43.88 -33.71
CA GLY J 384 -43.49 45.29 -33.34
C GLY J 384 -42.79 45.61 -32.04
N SER J 385 -42.51 44.60 -31.24
CA SER J 385 -41.93 44.83 -29.91
C SER J 385 -40.44 45.18 -29.99
N ILE J 386 -39.79 44.80 -31.09
CA ILE J 386 -38.41 45.18 -31.34
C ILE J 386 -38.25 46.69 -31.13
N GLU J 387 -39.19 47.47 -31.68
CA GLU J 387 -39.19 48.95 -31.58
C GLU J 387 -39.39 49.43 -30.16
N GLN J 388 -40.29 48.76 -29.45
CA GLN J 388 -40.76 49.22 -28.16
C GLN J 388 -39.73 48.91 -27.06
N ASP J 389 -39.08 47.76 -27.20
CA ASP J 389 -38.11 47.26 -26.22
C ASP J 389 -36.74 47.95 -26.30
N ALA J 390 -36.31 48.29 -27.51
CA ALA J 390 -35.03 48.98 -27.73
C ALA J 390 -35.10 50.40 -27.23
N ASP J 391 -33.98 50.86 -26.67
CA ASP J 391 -33.88 52.23 -26.18
C ASP J 391 -33.12 53.13 -27.16
N ILE J 392 -32.84 52.60 -28.35
CA ILE J 392 -32.28 53.38 -29.46
C ILE J 392 -32.38 52.58 -30.77
N VAL J 393 -33.06 53.16 -31.76
CA VAL J 393 -33.22 52.52 -33.06
C VAL J 393 -32.56 53.33 -34.19
N ALA J 394 -31.59 52.71 -34.85
CA ALA J 394 -30.83 53.35 -35.91
C ALA J 394 -31.05 52.65 -37.24
N PHE J 395 -31.39 53.43 -38.27
CA PHE J 395 -31.56 52.89 -39.61
C PHE J 395 -30.43 53.31 -40.55
N LEU J 396 -30.16 52.46 -41.53
CA LEU J 396 -29.23 52.81 -42.59
C LEU J 396 -29.98 52.98 -43.90
N TYR J 397 -29.94 54.19 -44.44
CA TYR J 397 -30.47 54.46 -45.77
C TYR J 397 -29.37 54.90 -46.73
N ARG J 398 -29.37 54.33 -47.94
CA ARG J 398 -28.42 54.69 -48.98
C ARG J 398 -29.15 55.16 -50.20
N ASP J 399 -29.14 56.47 -50.44
CA ASP J 399 -29.62 57.07 -51.69
C ASP J 399 -28.87 56.39 -52.86
N ASP J 400 -27.69 55.87 -52.51
CA ASP J 400 -26.81 55.03 -53.32
C ASP J 400 -27.46 53.70 -53.76
N TYR J 401 -28.02 52.98 -52.78
CA TYR J 401 -28.59 51.63 -52.93
C TYR J 401 -29.78 51.58 -53.90
N TYR J 402 -30.50 52.71 -53.94
CA TYR J 402 -31.84 52.87 -54.54
C TYR J 402 -31.86 53.76 -55.79
N ASN J 403 -30.70 54.03 -56.41
CA ASN J 403 -30.65 54.94 -57.59
C ASN J 403 -30.39 54.35 -59.00
N LYS J 404 -29.19 53.83 -59.35
CA LYS J 404 -27.96 53.76 -58.56
C LYS J 404 -27.01 54.91 -58.93
N ASP J 405 -27.14 55.46 -60.14
CA ASP J 405 -26.22 56.54 -60.59
C ASP J 405 -26.49 57.85 -59.83
N SER J 406 -26.45 57.75 -58.50
CA SER J 406 -26.81 58.84 -57.62
C SER J 406 -25.73 59.92 -57.58
N GLU J 407 -26.17 61.17 -57.67
CA GLU J 407 -25.34 62.32 -57.26
C GLU J 407 -25.18 62.21 -55.73
N ASN J 408 -24.05 62.70 -55.21
CA ASN J 408 -23.53 62.31 -53.86
C ASN J 408 -23.53 60.78 -53.64
N LYS J 409 -22.48 60.18 -54.20
CA LYS J 409 -22.43 58.76 -54.53
C LYS J 409 -22.33 57.84 -53.33
N ASN J 410 -21.32 58.07 -52.48
CA ASN J 410 -21.00 57.18 -51.37
C ASN J 410 -21.52 57.57 -49.99
N ILE J 411 -22.51 58.46 -49.95
CA ILE J 411 -23.07 58.92 -48.68
C ILE J 411 -24.19 58.00 -48.20
N ILE J 412 -24.12 57.65 -46.93
CA ILE J 412 -25.11 56.79 -46.28
C ILE J 412 -25.65 57.51 -45.05
N GLU J 413 -26.97 57.52 -44.90
CA GLU J 413 -27.59 58.14 -43.75
C GLU J 413 -27.68 57.16 -42.59
N ILE J 414 -27.38 57.65 -41.39
CA ILE J 414 -27.62 56.90 -40.16
C ILE J 414 -28.80 57.57 -39.46
N ILE J 415 -30.00 57.12 -39.78
CA ILE J 415 -31.21 57.70 -39.23
C ILE J 415 -31.45 57.15 -37.83
N ILE J 416 -31.18 57.97 -36.82
CA ILE J 416 -31.54 57.62 -35.47
C ILE J 416 -32.98 58.03 -35.28
N ALA J 417 -33.86 57.03 -35.26
CA ALA J 417 -35.29 57.26 -35.16
C ALA J 417 -35.84 57.21 -33.74
N LYS J 418 -35.05 56.67 -32.80
CA LYS J 418 -35.48 56.57 -31.41
C LYS J 418 -34.34 56.72 -30.40
N GLN J 419 -34.63 57.36 -29.27
CA GLN J 419 -33.85 57.19 -28.03
C GLN J 419 -34.45 57.82 -26.76
N ARG J 420 -34.23 57.18 -25.62
CA ARG J 420 -34.70 57.67 -24.33
C ARG J 420 -33.64 58.49 -23.59
N ASN J 421 -32.40 58.48 -24.09
CA ASN J 421 -31.37 59.44 -23.67
C ASN J 421 -31.80 60.84 -24.12
N GLY J 422 -32.21 60.93 -25.38
CA GLY J 422 -32.54 62.21 -25.97
C GLY J 422 -32.88 62.30 -27.44
N PRO J 423 -32.07 63.06 -28.19
CA PRO J 423 -32.30 63.58 -29.54
C PRO J 423 -32.64 62.54 -30.58
N VAL J 424 -33.65 62.86 -31.38
CA VAL J 424 -33.92 62.15 -32.61
C VAL J 424 -33.23 62.95 -33.70
N GLY J 425 -32.86 62.31 -34.81
CA GLY J 425 -32.26 63.00 -35.95
C GLY J 425 -31.43 62.12 -36.87
N THR J 426 -31.01 62.69 -38.00
CA THR J 426 -30.20 61.95 -38.96
C THR J 426 -28.74 62.31 -38.76
N VAL J 427 -27.85 61.37 -39.05
CA VAL J 427 -26.41 61.63 -39.08
C VAL J 427 -25.84 61.10 -40.40
N GLN J 428 -24.79 61.75 -40.90
CA GLN J 428 -24.27 61.44 -42.22
C GLN J 428 -22.86 60.85 -42.19
N LEU J 429 -22.66 59.75 -42.93
CA LEU J 429 -21.37 59.05 -43.02
C LEU J 429 -21.07 58.60 -44.45
N ALA J 430 -19.83 58.18 -44.69
CA ALA J 430 -19.40 57.71 -46.00
C ALA J 430 -19.08 56.23 -45.95
N PHE J 431 -19.51 55.48 -46.97
CA PHE J 431 -19.35 54.03 -46.96
C PHE J 431 -18.57 53.58 -48.17
N ILE J 432 -17.25 53.50 -48.01
CA ILE J 432 -16.36 53.02 -49.07
C ILE J 432 -16.42 51.51 -49.13
N LYS J 433 -17.29 51.00 -50.01
CA LYS J 433 -17.63 49.58 -50.06
C LYS J 433 -16.44 48.66 -50.37
N GLU J 434 -15.51 49.14 -51.21
CA GLU J 434 -14.32 48.38 -51.60
C GLU J 434 -13.43 48.01 -50.41
N TYR J 435 -13.42 48.87 -49.38
CA TYR J 435 -12.64 48.62 -48.17
C TYR J 435 -13.49 48.25 -46.98
N ASN J 436 -14.76 47.89 -47.23
CA ASN J 436 -15.72 47.51 -46.17
C ASN J 436 -15.83 48.50 -44.99
N LYS J 437 -15.44 49.75 -45.25
CA LYS J 437 -15.24 50.74 -44.21
C LYS J 437 -16.25 51.88 -44.28
N PHE J 438 -16.68 52.33 -43.09
CA PHE J 438 -17.37 53.61 -42.94
C PHE J 438 -16.35 54.59 -42.38
N VAL J 439 -16.38 55.84 -42.86
CA VAL J 439 -15.51 56.89 -42.33
C VAL J 439 -16.33 58.13 -41.97
N ASN J 440 -15.77 58.98 -41.10
CA ASN J 440 -16.36 60.27 -40.80
C ASN J 440 -16.33 61.20 -42.01
N LEU J 441 -17.25 62.15 -42.04
CA LEU J 441 -17.40 63.00 -43.18
C LEU J 441 -16.34 64.05 -43.07
N GLU J 442 -15.12 63.55 -43.23
CA GLU J 442 -13.86 64.27 -43.02
C GLU J 442 -12.78 63.31 -43.51
N ARG J 443 -13.10 62.51 -44.54
CA ARG J 443 -12.18 61.51 -45.05
C ARG J 443 -12.14 61.34 -46.58
N ARG J 444 -13.18 60.74 -47.17
CA ARG J 444 -13.19 60.52 -48.63
C ARG J 444 -13.96 61.58 -49.37
N PHE J 445 -13.29 62.18 -50.35
CA PHE J 445 -13.73 63.38 -51.10
C PHE J 445 -13.44 64.66 -50.32
N ILE K 9 -66.67 17.92 19.90
CA ILE K 9 -66.10 19.25 20.30
C ILE K 9 -66.57 20.48 19.43
N PRO K 10 -67.64 21.18 19.86
CA PRO K 10 -68.24 22.16 18.96
C PRO K 10 -67.29 23.29 18.64
N PRO K 11 -67.44 23.92 17.46
CA PRO K 11 -66.55 24.98 17.07
C PRO K 11 -66.88 26.28 17.79
N GLN K 12 -65.80 26.92 18.26
CA GLN K 12 -65.87 28.05 19.16
C GLN K 12 -64.55 28.80 19.19
N SER K 13 -64.58 30.11 19.39
CA SER K 13 -63.38 30.80 19.88
C SER K 13 -63.75 31.48 21.19
N ILE K 14 -63.39 30.84 22.31
CA ILE K 14 -63.63 31.40 23.63
C ILE K 14 -62.80 32.68 23.78
N GLU K 15 -61.51 32.57 23.55
CA GLU K 15 -60.62 33.70 23.45
C GLU K 15 -61.15 34.86 22.61
N ALA K 16 -61.81 34.60 21.48
CA ALA K 16 -62.47 35.66 20.71
C ALA K 16 -63.69 36.18 21.46
N GLU K 17 -64.44 35.29 22.11
CA GLU K 17 -65.62 35.65 22.88
C GLU K 17 -65.23 36.62 23.97
N GLN K 18 -64.26 36.22 24.78
CA GLN K 18 -63.76 37.05 25.88
C GLN K 18 -63.26 38.39 25.38
N ALA K 19 -62.60 38.38 24.23
CA ALA K 19 -62.04 39.61 23.66
C ALA K 19 -63.12 40.58 23.24
N VAL K 20 -64.25 40.07 22.73
CA VAL K 20 -65.38 40.92 22.40
C VAL K 20 -65.91 41.54 23.68
N LEU K 21 -66.39 40.70 24.58
CA LEU K 21 -66.97 41.13 25.86
C LEU K 21 -66.12 42.13 26.66
N GLY K 22 -64.82 41.89 26.72
CA GLY K 22 -63.92 42.78 27.43
C GLY K 22 -63.75 44.10 26.74
N ALA K 23 -63.78 44.09 25.40
CA ALA K 23 -63.60 45.32 24.64
C ALA K 23 -64.76 46.26 24.87
N VAL K 24 -65.94 45.71 25.09
CA VAL K 24 -67.09 46.50 25.53
C VAL K 24 -66.77 47.11 26.90
N PHE K 25 -66.38 46.29 27.86
CA PHE K 25 -66.04 46.79 29.19
C PHE K 25 -64.99 47.87 29.11
N LEU K 26 -64.14 47.81 28.09
CA LEU K 26 -63.11 48.81 27.89
C LEU K 26 -63.54 50.12 27.23
N ASP K 27 -64.44 50.10 26.24
CA ASP K 27 -64.66 51.35 25.46
C ASP K 27 -65.70 52.41 25.88
N PRO K 28 -67.03 52.10 25.89
CA PRO K 28 -67.73 50.91 25.53
C PRO K 28 -68.62 51.14 24.29
N ALA K 29 -68.27 52.12 23.45
CA ALA K 29 -68.96 52.30 22.17
C ALA K 29 -68.56 51.15 21.23
N ALA K 30 -67.69 50.28 21.76
CA ALA K 30 -67.33 49.04 21.12
C ALA K 30 -68.50 48.10 21.09
N LEU K 31 -69.56 48.39 21.85
CA LEU K 31 -70.80 47.59 21.83
C LEU K 31 -71.67 47.85 20.58
N VAL K 32 -71.50 49.02 19.97
CA VAL K 32 -72.21 49.35 18.74
C VAL K 32 -71.88 48.40 17.59
N PRO K 33 -70.59 48.26 17.20
CA PRO K 33 -70.28 47.36 16.09
C PRO K 33 -70.43 45.89 16.47
N ALA K 34 -70.26 45.59 17.76
CA ALA K 34 -70.36 44.23 18.28
C ALA K 34 -71.80 43.73 18.23
N SER K 35 -72.73 44.64 18.49
CA SER K 35 -74.16 44.32 18.49
C SER K 35 -74.71 44.12 17.09
N GLU K 36 -74.06 44.71 16.09
CA GLU K 36 -74.50 44.59 14.69
C GLU K 36 -74.15 43.23 14.13
N ILE K 37 -72.98 42.74 14.52
CA ILE K 37 -72.43 41.48 14.00
C ILE K 37 -72.91 40.30 14.81
N LEU K 38 -73.22 40.52 16.09
CA LEU K 38 -73.62 39.41 16.99
C LEU K 38 -74.97 39.57 17.65
N ILE K 39 -75.49 38.47 18.17
CA ILE K 39 -76.62 38.47 19.11
C ILE K 39 -76.25 37.45 20.17
N PRO K 40 -76.80 37.60 21.39
CA PRO K 40 -76.34 36.76 22.49
C PRO K 40 -76.10 35.30 22.12
N GLU K 41 -77.04 34.72 21.38
CA GLU K 41 -77.06 33.30 21.03
C GLU K 41 -75.85 32.83 20.19
N ASP K 42 -75.14 33.78 19.57
CA ASP K 42 -73.93 33.49 18.78
C ASP K 42 -72.77 32.98 19.64
N PHE K 43 -72.78 33.36 20.92
CA PHE K 43 -71.75 32.99 21.87
C PHE K 43 -71.95 31.56 22.28
N TYR K 44 -70.86 30.80 22.36
CA TYR K 44 -70.93 29.38 22.72
C TYR K 44 -71.15 29.16 24.21
N ARG K 45 -70.40 29.87 25.04
CA ARG K 45 -70.55 29.75 26.49
C ARG K 45 -71.83 30.39 26.99
N ALA K 46 -72.54 29.65 27.81
CA ALA K 46 -73.76 30.12 28.42
C ALA K 46 -73.46 31.46 29.07
N ALA K 47 -72.46 31.49 29.93
CA ALA K 47 -72.07 32.73 30.62
C ALA K 47 -71.97 33.92 29.68
N HIS K 48 -71.37 33.71 28.51
CA HIS K 48 -71.14 34.79 27.56
C HIS K 48 -72.42 35.29 26.89
N GLN K 49 -73.35 34.39 26.59
CA GLN K 49 -74.69 34.80 26.16
C GLN K 49 -75.32 35.71 27.20
N LYS K 50 -75.35 35.24 28.45
CA LYS K 50 -75.98 35.95 29.58
C LYS K 50 -75.44 37.36 29.73
N ILE K 51 -74.12 37.50 29.57
CA ILE K 51 -73.44 38.77 29.77
C ILE K 51 -73.74 39.72 28.62
N PHE K 52 -73.62 39.21 27.39
CA PHE K 52 -73.95 40.00 26.20
C PHE K 52 -75.41 40.40 26.24
N HIS K 53 -76.28 39.48 26.67
CA HIS K 53 -77.69 39.78 26.82
C HIS K 53 -77.85 41.01 27.70
N ALA K 54 -77.34 40.92 28.92
CA ALA K 54 -77.42 41.99 29.88
C ALA K 54 -76.86 43.29 29.34
N MET K 55 -75.78 43.18 28.59
CA MET K 55 -75.10 44.32 27.98
C MET K 55 -76.06 45.11 27.07
N LEU K 56 -76.86 44.39 26.27
CA LEU K 56 -77.83 44.99 25.35
C LEU K 56 -79.02 45.52 26.10
N ARG K 57 -79.47 44.73 27.08
CA ARG K 57 -80.59 45.05 27.97
C ARG K 57 -80.38 46.37 28.71
N VAL K 58 -79.14 46.60 29.15
CA VAL K 58 -78.70 47.88 29.76
C VAL K 58 -78.63 49.00 28.71
N ALA K 59 -78.22 48.67 27.49
CA ALA K 59 -78.13 49.66 26.42
C ALA K 59 -79.49 50.19 26.00
N ASP K 60 -80.55 49.44 26.26
CA ASP K 60 -81.90 49.83 25.86
C ASP K 60 -82.52 50.93 26.70
N ARG K 61 -81.89 51.27 27.81
CA ARG K 61 -82.40 52.32 28.67
C ARG K 61 -82.03 53.76 28.24
N GLY K 62 -80.80 54.05 27.78
CA GLY K 62 -79.60 53.23 27.92
C GLY K 62 -78.76 53.89 28.98
N GLU K 63 -77.86 53.13 29.60
CA GLU K 63 -77.38 53.49 30.95
C GLU K 63 -76.12 54.37 31.12
N PRO K 64 -75.04 54.13 30.37
CA PRO K 64 -74.82 53.12 29.37
C PRO K 64 -73.99 52.00 29.98
N VAL K 65 -73.33 51.25 29.12
CA VAL K 65 -72.76 49.98 29.49
C VAL K 65 -71.36 50.10 30.07
N ASP K 66 -71.21 49.73 31.33
CA ASP K 66 -69.88 49.53 31.91
C ASP K 66 -69.92 48.48 33.01
N LEU K 67 -68.76 48.21 33.61
CA LEU K 67 -68.64 47.22 34.67
C LEU K 67 -69.74 47.26 35.71
N VAL K 68 -70.08 48.46 36.18
CA VAL K 68 -71.07 48.62 37.25
C VAL K 68 -72.48 48.33 36.78
N THR K 69 -72.91 49.01 35.71
CA THR K 69 -74.28 48.83 35.19
C THR K 69 -74.56 47.41 34.73
N VAL K 70 -73.54 46.72 34.23
CA VAL K 70 -73.69 45.34 33.77
C VAL K 70 -73.71 44.31 34.91
N THR K 71 -73.01 44.56 36.02
CA THR K 71 -73.18 43.69 37.18
C THR K 71 -74.51 43.98 37.86
N ALA K 72 -74.90 45.26 37.89
CA ALA K 72 -76.17 45.66 38.48
C ALA K 72 -77.32 44.91 37.79
N GLU K 73 -77.24 44.79 36.47
CA GLU K 73 -78.24 44.08 35.68
C GLU K 73 -78.16 42.58 35.87
N LEU K 74 -76.95 42.04 35.91
CA LEU K 74 -76.74 40.60 36.15
C LEU K 74 -77.13 40.15 37.56
N ALA K 75 -77.26 41.10 38.48
CA ALA K 75 -77.70 40.79 39.82
C ALA K 75 -79.22 40.97 39.93
N ALA K 76 -79.77 41.81 39.04
CA ALA K 76 -81.21 42.07 38.99
C ALA K 76 -81.93 40.84 38.45
N SER K 77 -81.43 40.31 37.33
CA SER K 77 -81.74 38.94 36.91
C SER K 77 -80.89 38.10 37.83
N GLU K 78 -81.45 37.05 38.41
CA GLU K 78 -80.76 36.36 39.51
C GLU K 78 -79.65 35.43 39.01
N GLN K 79 -78.73 36.00 38.22
CA GLN K 79 -77.73 35.23 37.50
C GLN K 79 -76.30 35.78 37.47
N LEU K 80 -75.90 36.58 38.46
CA LEU K 80 -74.51 37.07 38.51
C LEU K 80 -73.57 35.97 38.94
N GLU K 81 -73.98 35.19 39.93
CA GLU K 81 -73.16 34.10 40.43
C GLU K 81 -73.03 32.98 39.40
N GLU K 82 -74.10 32.75 38.65
CA GLU K 82 -74.13 31.75 37.55
C GLU K 82 -73.00 31.91 36.53
N ILE K 83 -72.54 33.15 36.36
CA ILE K 83 -71.59 33.54 35.33
C ILE K 83 -70.13 33.30 35.69
N GLY K 84 -69.87 33.38 36.99
CA GLY K 84 -68.52 33.55 37.54
C GLY K 84 -68.81 34.54 38.64
N GLY K 85 -67.80 35.29 39.06
CA GLY K 85 -68.06 36.32 40.06
C GLY K 85 -68.18 37.68 39.42
N VAL K 86 -67.87 38.70 40.19
CA VAL K 86 -67.47 39.97 39.62
C VAL K 86 -66.03 39.83 39.13
N SER K 87 -65.31 38.90 39.75
CA SER K 87 -63.92 38.60 39.39
C SER K 87 -63.78 37.99 37.98
N TYR K 88 -64.82 37.29 37.54
CA TYR K 88 -64.87 36.83 36.15
C TYR K 88 -65.13 38.00 35.21
N LEU K 89 -65.98 38.94 35.62
CA LEU K 89 -66.18 40.13 34.81
C LEU K 89 -64.90 40.96 34.73
N SER K 90 -64.15 41.00 35.83
CA SER K 90 -62.84 41.65 35.86
C SER K 90 -61.81 40.91 35.02
N GLU K 91 -61.82 39.58 35.08
CA GLU K 91 -61.04 38.78 34.15
C GLU K 91 -61.24 39.29 32.71
N LEU K 92 -62.49 39.38 32.28
CA LEU K 92 -62.83 39.74 30.90
C LEU K 92 -62.17 41.02 30.44
N ALA K 93 -62.27 42.07 31.27
CA ALA K 93 -61.73 43.37 30.94
C ALA K 93 -60.24 43.29 30.63
N ASP K 94 -59.56 42.30 31.22
CA ASP K 94 -58.11 42.16 31.09
C ASP K 94 -57.68 41.22 29.96
N ALA K 95 -58.64 40.59 29.29
CA ALA K 95 -58.32 39.59 28.25
C ALA K 95 -58.39 40.10 26.79
N VAL K 96 -58.28 41.42 26.66
CA VAL K 96 -58.53 42.12 25.40
C VAL K 96 -57.23 42.70 24.89
N PRO K 97 -56.72 42.15 23.79
CA PRO K 97 -55.48 42.61 23.14
C PRO K 97 -55.49 44.12 22.82
N THR K 98 -56.54 44.58 22.12
CA THR K 98 -56.98 46.00 22.05
C THR K 98 -58.48 46.01 21.82
N ALA K 99 -59.14 47.12 22.17
CA ALA K 99 -60.59 47.20 22.11
C ALA K 99 -61.03 47.80 20.80
N ALA K 100 -60.07 48.35 20.08
CA ALA K 100 -60.34 49.03 18.84
C ALA K 100 -60.67 48.03 17.75
N ASN K 101 -60.30 46.77 17.92
CA ASN K 101 -60.80 45.75 16.98
C ASN K 101 -61.82 44.75 17.52
N VAL K 102 -62.96 45.26 17.99
CA VAL K 102 -64.11 44.42 18.31
C VAL K 102 -64.60 43.74 17.05
N GLU K 103 -64.77 44.51 15.99
CA GLU K 103 -65.25 43.98 14.72
C GLU K 103 -64.63 42.62 14.42
N TYR K 104 -63.32 42.55 14.44
CA TYR K 104 -62.69 41.34 13.99
C TYR K 104 -62.82 40.17 14.96
N TYR K 105 -62.94 40.44 16.27
CA TYR K 105 -63.29 39.38 17.23
C TYR K 105 -64.74 38.99 17.11
N ALA K 106 -65.61 39.99 17.05
CA ALA K 106 -67.04 39.77 16.87
C ALA K 106 -67.28 38.90 15.66
N ARG K 107 -66.63 39.23 14.55
CA ARG K 107 -66.77 38.48 13.30
C ARG K 107 -66.39 37.01 13.45
N ILE K 108 -65.37 36.72 14.26
CA ILE K 108 -64.97 35.36 14.54
C ILE K 108 -66.09 34.67 15.29
N VAL K 109 -66.57 35.28 16.37
CA VAL K 109 -67.60 34.66 17.20
C VAL K 109 -68.79 34.29 16.31
N GLU K 110 -69.07 35.16 15.33
CA GLU K 110 -70.18 34.99 14.41
C GLU K 110 -69.94 33.88 13.40
N GLU K 111 -68.69 33.70 13.02
CA GLU K 111 -68.32 32.66 12.05
C GLU K 111 -68.42 31.29 12.67
N LYS K 112 -68.00 31.17 13.93
CA LYS K 112 -68.19 29.92 14.64
C LYS K 112 -69.66 29.67 14.88
N SER K 113 -70.39 30.72 15.24
CA SER K 113 -71.85 30.65 15.41
C SER K 113 -72.57 30.05 14.19
N VAL K 114 -72.16 30.46 13.01
CA VAL K 114 -72.72 29.95 11.76
C VAL K 114 -72.39 28.48 11.58
N LEU K 115 -71.14 28.12 11.85
CA LEU K 115 -70.70 26.75 11.65
C LEU K 115 -71.52 25.76 12.43
N ARG K 116 -71.74 25.99 13.72
CA ARG K 116 -72.55 25.03 14.47
C ARG K 116 -74.03 25.06 14.11
N ARG K 117 -74.54 26.19 13.63
CA ARG K 117 -75.88 26.21 13.10
C ARG K 117 -75.96 25.34 11.84
N LEU K 118 -74.89 25.34 11.05
CA LEU K 118 -74.81 24.49 9.88
C LEU K 118 -74.72 23.04 10.28
N ILE K 119 -73.84 22.72 11.22
CA ILE K 119 -73.72 21.33 11.70
C ILE K 119 -75.08 20.82 12.21
N ARG K 120 -75.78 21.68 12.98
CA ARG K 120 -77.04 21.33 13.62
C ARG K 120 -78.14 21.06 12.62
N THR K 121 -78.18 21.85 11.55
CA THR K 121 -79.20 21.65 10.49
C THR K 121 -78.85 20.50 9.55
N ALA K 122 -77.56 20.18 9.45
CA ALA K 122 -77.14 19.05 8.66
C ALA K 122 -77.48 17.75 9.37
N THR K 123 -77.12 17.66 10.65
CA THR K 123 -77.39 16.46 11.45
C THR K 123 -78.88 16.23 11.66
N SER K 124 -79.67 17.30 11.71
CA SER K 124 -81.13 17.16 11.84
C SER K 124 -81.78 16.71 10.51
N ILE K 125 -81.10 16.94 9.39
CA ILE K 125 -81.50 16.41 8.09
C ILE K 125 -81.16 14.93 7.97
N ALA K 126 -79.93 14.59 8.32
CA ALA K 126 -79.48 13.20 8.38
C ALA K 126 -80.40 12.40 9.27
N GLN K 127 -80.84 13.01 10.38
CA GLN K 127 -81.80 12.40 11.30
C GLN K 127 -83.18 12.24 10.68
N ASP K 128 -83.62 13.25 9.93
CA ASP K 128 -84.90 13.22 9.24
C ASP K 128 -84.97 12.20 8.12
N GLY K 129 -83.82 11.83 7.58
CA GLY K 129 -83.75 10.85 6.51
C GLY K 129 -84.17 9.46 6.91
N TYR K 130 -84.36 9.25 8.21
CA TYR K 130 -84.79 7.95 8.75
C TYR K 130 -86.26 7.93 9.20
N THR K 131 -86.79 9.07 9.61
CA THR K 131 -88.13 9.13 10.20
C THR K 131 -89.22 9.45 9.18
N ARG K 132 -88.92 10.35 8.24
CA ARG K 132 -89.93 10.89 7.36
C ARG K 132 -89.91 10.23 5.98
N GLU K 133 -89.96 8.91 5.96
CA GLU K 133 -89.98 8.14 4.71
C GLU K 133 -91.34 8.20 3.98
N ASP K 134 -92.35 8.75 4.65
CA ASP K 134 -93.71 8.87 4.11
C ASP K 134 -93.80 9.81 2.90
N GLU K 135 -93.18 10.98 3.01
CA GLU K 135 -93.21 12.00 1.97
C GLU K 135 -91.80 12.47 1.66
N ILE K 136 -91.30 12.11 0.48
CA ILE K 136 -89.87 12.32 0.13
C ILE K 136 -89.60 13.60 -0.67
N ASP K 137 -90.53 13.98 -1.53
CA ASP K 137 -90.41 15.23 -2.27
C ASP K 137 -90.40 16.44 -1.34
N VAL K 138 -91.17 16.35 -0.26
CA VAL K 138 -91.23 17.39 0.76
C VAL K 138 -89.94 17.45 1.59
N LEU K 139 -89.25 16.31 1.71
CA LEU K 139 -88.03 16.24 2.49
C LEU K 139 -86.88 16.89 1.72
N LEU K 140 -86.88 16.75 0.40
CA LEU K 140 -85.79 17.29 -0.42
C LEU K 140 -85.91 18.80 -0.57
N ASP K 141 -87.11 19.29 -0.86
CA ASP K 141 -87.40 20.73 -0.97
C ASP K 141 -87.06 21.46 0.33
N GLU K 142 -87.43 20.87 1.47
CA GLU K 142 -87.09 21.41 2.78
C GLU K 142 -85.58 21.41 3.04
N ALA K 143 -84.93 20.27 2.86
CA ALA K 143 -83.49 20.15 3.05
C ALA K 143 -82.69 21.18 2.25
N ASP K 144 -83.30 21.69 1.18
CA ASP K 144 -82.71 22.73 0.37
C ASP K 144 -82.79 24.08 1.10
N ARG K 145 -84.02 24.45 1.49
CA ARG K 145 -84.30 25.68 2.23
C ARG K 145 -83.53 25.70 3.55
N LYS K 146 -83.68 24.63 4.33
CA LYS K 146 -83.03 24.48 5.64
C LYS K 146 -81.52 24.72 5.62
N ILE K 147 -80.89 24.44 4.48
CA ILE K 147 -79.43 24.55 4.39
C ILE K 147 -78.98 25.89 3.80
N MET K 148 -79.92 26.76 3.47
CA MET K 148 -79.57 28.10 2.96
C MET K 148 -79.04 29.02 4.07
N GLU K 149 -79.30 28.64 5.31
CA GLU K 149 -78.99 29.48 6.48
C GLU K 149 -77.49 29.64 6.75
N PHE K 159 -77.83 42.10 0.03
CA PHE K 159 -78.22 43.18 -0.88
C PHE K 159 -78.13 44.57 -0.24
N LYS K 160 -78.73 45.54 -0.93
CA LYS K 160 -78.90 46.91 -0.44
C LYS K 160 -80.11 47.56 -1.11
N ASN K 161 -80.93 48.25 -0.32
CA ASN K 161 -82.07 49.02 -0.83
C ASN K 161 -81.64 50.41 -1.28
N ILE K 162 -82.36 50.99 -2.22
CA ILE K 162 -82.04 52.32 -2.72
C ILE K 162 -82.21 53.40 -1.63
N LYS K 163 -83.19 53.20 -0.75
CA LYS K 163 -83.40 54.11 0.38
C LYS K 163 -82.13 54.30 1.19
N ASP K 164 -81.41 53.20 1.41
CA ASP K 164 -80.11 53.22 2.12
C ASP K 164 -79.07 54.06 1.38
N ILE K 165 -78.95 53.85 0.07
CA ILE K 165 -77.92 54.53 -0.75
C ILE K 165 -78.26 55.99 -1.03
N LEU K 166 -79.55 56.30 -1.14
CA LEU K 166 -80.00 57.67 -1.39
C LEU K 166 -79.51 58.65 -0.33
N VAL K 167 -79.55 58.24 0.93
CA VAL K 167 -79.07 59.06 2.04
C VAL K 167 -77.55 59.21 1.96
N GLN K 168 -76.88 58.15 1.48
CA GLN K 168 -75.42 58.15 1.31
C GLN K 168 -74.97 59.11 0.21
N THR K 169 -75.73 59.17 -0.88
CA THR K 169 -75.41 60.02 -2.02
C THR K 169 -75.62 61.49 -1.69
N TYR K 170 -76.59 61.73 -0.81
CA TYR K 170 -76.97 63.07 -0.38
C TYR K 170 -75.86 63.80 0.37
N ASP K 171 -75.18 63.08 1.26
CA ASP K 171 -74.10 63.63 2.07
C ASP K 171 -72.86 63.91 1.23
N ASN K 172 -72.55 62.97 0.34
CA ASN K 172 -71.38 63.04 -0.52
C ASN K 172 -71.47 64.17 -1.53
N ILE K 173 -72.70 64.56 -1.86
CA ILE K 173 -72.98 65.61 -2.83
C ILE K 173 -72.54 66.99 -2.30
N GLU K 174 -72.19 67.05 -1.02
CA GLU K 174 -71.81 68.31 -0.39
C GLU K 174 -70.32 68.64 -0.34
N MET K 175 -69.83 69.17 -1.46
CA MET K 175 -68.52 69.80 -1.53
C MET K 175 -68.62 71.31 -1.33
N LEU K 176 -69.85 71.79 -1.12
CA LEU K 176 -70.13 73.20 -0.88
C LEU K 176 -71.18 73.37 0.20
N ILE K 183 -62.43 69.72 -10.37
CA ILE K 183 -61.52 69.11 -9.41
C ILE K 183 -62.34 68.43 -8.32
N THR K 184 -62.23 67.11 -8.21
CA THR K 184 -63.05 66.32 -7.27
C THR K 184 -62.34 65.38 -6.28
N GLY K 185 -61.33 64.58 -6.66
CA GLY K 185 -60.67 64.57 -7.95
C GLY K 185 -59.22 65.00 -7.77
N ILE K 186 -58.28 64.09 -8.01
CA ILE K 186 -56.85 64.42 -7.90
C ILE K 186 -56.44 65.34 -9.05
N PRO K 187 -55.85 66.52 -8.74
CA PRO K 187 -55.48 67.45 -9.81
C PRO K 187 -54.15 67.11 -10.46
N THR K 188 -54.14 66.99 -11.79
CA THR K 188 -52.93 66.67 -12.57
C THR K 188 -52.04 67.89 -12.75
N GLY K 189 -52.64 69.07 -12.75
CA GLY K 189 -51.92 70.30 -12.99
C GLY K 189 -51.98 70.76 -14.43
N PHE K 190 -52.90 70.17 -15.20
CA PHE K 190 -53.15 70.56 -16.58
C PHE K 190 -54.58 71.10 -16.73
N THR K 191 -54.71 72.42 -16.65
CA THR K 191 -56.01 73.11 -16.66
C THR K 191 -57.09 72.39 -17.48
N GLU K 192 -56.88 72.31 -18.80
CA GLU K 192 -57.88 71.77 -19.73
C GLU K 192 -58.20 70.30 -19.46
N LEU K 193 -57.21 69.54 -19.02
CA LEU K 193 -57.39 68.11 -18.75
C LEU K 193 -58.27 67.91 -17.53
N ASP K 194 -57.93 68.62 -16.45
CA ASP K 194 -58.70 68.58 -15.21
C ASP K 194 -60.11 69.13 -15.39
N ARG K 195 -60.32 69.91 -16.44
CA ARG K 195 -61.65 70.45 -16.74
C ARG K 195 -62.54 69.33 -17.27
N MET K 196 -62.03 68.59 -18.25
CA MET K 196 -62.77 67.53 -18.92
C MET K 196 -62.94 66.31 -18.04
N THR K 197 -62.07 66.19 -17.04
CA THR K 197 -62.03 64.98 -16.23
C THR K 197 -62.33 65.23 -14.76
N SER K 198 -61.72 66.28 -14.21
CA SER K 198 -61.79 66.69 -12.79
C SER K 198 -61.20 65.62 -11.89
N GLY K 199 -59.96 65.22 -12.16
CA GLY K 199 -59.44 63.96 -11.64
C GLY K 199 -60.04 62.86 -12.50
N PHE K 200 -59.47 61.66 -12.56
CA PHE K 200 -58.48 61.12 -11.65
C PHE K 200 -59.08 61.04 -10.26
N GLN K 201 -60.22 60.36 -10.22
CA GLN K 201 -60.92 60.07 -8.99
C GLN K 201 -60.52 58.69 -8.52
N ARG K 202 -60.78 58.42 -7.24
CA ARG K 202 -60.40 57.17 -6.65
C ARG K 202 -61.33 56.05 -7.15
N SER K 203 -60.80 54.85 -7.37
CA SER K 203 -61.56 53.70 -7.95
C SER K 203 -61.39 53.58 -9.46
N ASP K 204 -60.67 54.53 -10.06
CA ASP K 204 -60.58 54.63 -11.52
C ASP K 204 -59.28 54.03 -12.08
N LEU K 205 -59.41 53.28 -13.17
CA LEU K 205 -58.26 52.81 -13.94
C LEU K 205 -58.05 53.66 -15.21
N ILE K 206 -57.06 54.55 -15.18
CA ILE K 206 -56.75 55.42 -16.30
C ILE K 206 -55.69 54.76 -17.20
N ILE K 207 -55.99 54.61 -18.48
CA ILE K 207 -55.04 54.03 -19.42
C ILE K 207 -54.56 55.05 -20.42
N VAL K 208 -53.26 55.31 -20.40
CA VAL K 208 -52.63 56.28 -21.29
C VAL K 208 -51.77 55.54 -22.30
N ALA K 209 -52.26 55.44 -23.52
CA ALA K 209 -51.58 54.66 -24.55
C ALA K 209 -51.11 55.53 -25.68
N ALA K 210 -49.97 55.16 -26.26
CA ALA K 210 -49.45 55.82 -27.46
C ALA K 210 -48.39 54.96 -28.13
N ARG K 211 -48.00 55.31 -29.35
CA ARG K 211 -46.94 54.60 -30.06
C ARG K 211 -45.61 54.79 -29.35
N PRO K 212 -44.61 53.90 -29.59
CA PRO K 212 -43.31 54.03 -28.90
C PRO K 212 -42.61 55.37 -29.13
N SER K 213 -42.07 55.93 -28.06
CA SER K 213 -41.32 57.18 -28.07
C SER K 213 -42.19 58.44 -28.27
N VAL K 214 -43.51 58.27 -28.39
CA VAL K 214 -44.43 59.42 -28.46
C VAL K 214 -44.41 60.23 -27.17
N GLY K 215 -44.31 59.52 -26.05
CA GLY K 215 -44.14 60.17 -24.75
C GLY K 215 -45.02 59.66 -23.61
N LYS K 216 -45.37 58.37 -23.60
CA LYS K 216 -46.14 57.81 -22.48
C LYS K 216 -45.43 58.10 -21.17
N THR K 217 -44.25 57.52 -20.99
CA THR K 217 -43.46 57.64 -19.76
C THR K 217 -43.32 59.09 -19.32
N ALA K 218 -42.86 59.94 -20.24
CA ALA K 218 -42.65 61.35 -19.95
C ALA K 218 -43.93 62.09 -19.51
N PHE K 219 -45.08 61.65 -20.05
CA PHE K 219 -46.38 62.24 -19.69
C PHE K 219 -46.76 61.84 -18.28
N ALA K 220 -46.70 60.55 -18.00
CA ALA K 220 -47.04 60.03 -16.68
C ALA K 220 -46.18 60.68 -15.60
N LEU K 221 -44.88 60.73 -15.85
CA LEU K 221 -43.98 61.31 -14.88
C LEU K 221 -44.35 62.76 -14.57
N ASN K 222 -44.77 63.50 -15.60
CA ASN K 222 -45.19 64.89 -15.41
C ASN K 222 -46.42 65.01 -14.52
N ILE K 223 -47.32 64.03 -14.66
CA ILE K 223 -48.53 64.00 -13.85
C ILE K 223 -48.18 63.64 -12.40
N ALA K 224 -47.33 62.63 -12.24
CA ALA K 224 -46.88 62.20 -10.92
C ALA K 224 -46.14 63.31 -10.19
N GLN K 225 -45.26 63.98 -10.93
CA GLN K 225 -44.50 65.13 -10.43
C GLN K 225 -45.42 66.24 -9.93
N ASN K 226 -46.37 66.62 -10.77
CA ASN K 226 -47.30 67.71 -10.45
C ASN K 226 -48.30 67.36 -9.34
N VAL K 227 -48.41 66.08 -9.01
CA VAL K 227 -49.27 65.67 -7.91
C VAL K 227 -48.54 65.82 -6.58
N ALA K 228 -47.42 65.12 -6.41
CA ALA K 228 -46.67 65.08 -5.15
C ALA K 228 -46.04 66.41 -4.69
N THR K 229 -45.76 67.31 -5.62
CA THR K 229 -45.19 68.62 -5.26
C THR K 229 -46.25 69.69 -5.04
N LYS K 230 -47.29 69.67 -5.86
CA LYS K 230 -48.36 70.68 -5.76
C LYS K 230 -49.58 70.15 -5.00
N THR K 231 -49.41 69.01 -4.34
CA THR K 231 -50.43 68.48 -3.43
C THR K 231 -49.75 67.67 -2.32
N ASN K 232 -50.51 67.32 -1.28
CA ASN K 232 -49.94 66.66 -0.11
C ASN K 232 -49.93 65.13 -0.19
N GLU K 233 -50.45 64.61 -1.30
CA GLU K 233 -50.63 63.19 -1.52
C GLU K 233 -49.32 62.47 -1.90
N ASN K 234 -49.28 61.16 -1.66
CA ASN K 234 -48.14 60.31 -2.07
C ASN K 234 -48.49 59.52 -3.34
N VAL K 235 -47.52 59.28 -4.21
CA VAL K 235 -47.76 58.43 -5.37
C VAL K 235 -46.68 57.36 -5.54
N ALA K 236 -47.12 56.16 -5.91
CA ALA K 236 -46.20 55.06 -6.14
C ALA K 236 -46.04 54.80 -7.62
N ILE K 237 -44.79 54.73 -8.07
CA ILE K 237 -44.47 54.52 -9.48
C ILE K 237 -43.78 53.18 -9.66
N PHE K 238 -44.23 52.42 -10.66
CA PHE K 238 -43.61 51.17 -11.00
C PHE K 238 -43.02 51.30 -12.39
N SER K 239 -41.70 51.38 -12.44
CA SER K 239 -41.00 51.52 -13.71
C SER K 239 -40.41 50.20 -14.16
N LEU K 240 -41.17 49.46 -14.94
CA LEU K 240 -40.76 48.12 -15.35
C LEU K 240 -39.73 48.12 -16.47
N GLU K 241 -39.59 49.24 -17.17
CA GLU K 241 -38.67 49.33 -18.32
C GLU K 241 -37.36 50.01 -17.97
N MET K 242 -37.41 51.25 -17.50
CA MET K 242 -36.19 51.99 -17.20
C MET K 242 -35.95 52.15 -15.70
N SER K 243 -34.69 52.37 -15.31
CA SER K 243 -34.30 52.38 -13.89
C SER K 243 -34.76 53.63 -13.14
N ALA K 244 -34.74 53.56 -11.81
CA ALA K 244 -35.13 54.68 -10.96
C ALA K 244 -34.29 55.92 -11.26
N GLN K 245 -32.97 55.71 -11.37
CA GLN K 245 -31.99 56.75 -11.73
C GLN K 245 -32.50 57.66 -12.85
N GLN K 246 -32.82 57.06 -14.00
CA GLN K 246 -33.23 57.79 -15.19
C GLN K 246 -34.56 58.51 -14.99
N LEU K 247 -35.47 57.89 -14.25
CA LEU K 247 -36.76 58.50 -13.96
C LEU K 247 -36.63 59.80 -13.19
N VAL K 248 -35.74 59.82 -12.21
CA VAL K 248 -35.48 61.02 -11.42
C VAL K 248 -34.89 62.13 -12.28
N MET K 249 -33.90 61.79 -13.10
CA MET K 249 -33.28 62.75 -14.01
C MET K 249 -34.27 63.34 -15.00
N ARG K 250 -35.25 62.53 -15.40
CA ARG K 250 -36.32 62.98 -16.29
C ARG K 250 -37.27 63.92 -15.55
N MET K 251 -37.35 63.78 -14.23
CA MET K 251 -38.20 64.65 -13.41
C MET K 251 -37.51 65.93 -13.00
N LEU K 252 -36.18 65.88 -12.87
CA LEU K 252 -35.38 67.06 -12.56
C LEU K 252 -35.41 68.07 -13.72
N CYS K 253 -35.17 67.57 -14.95
CA CYS K 253 -35.26 68.40 -16.14
C CYS K 253 -36.62 69.04 -16.28
N ALA K 254 -37.67 68.33 -15.87
CA ALA K 254 -39.03 68.82 -15.99
C ALA K 254 -39.36 69.86 -14.95
N GLU K 255 -38.53 69.97 -13.93
CA GLU K 255 -38.78 70.91 -12.84
C GLU K 255 -37.93 72.17 -12.97
N GLY K 256 -36.65 72.01 -13.28
CA GLY K 256 -35.73 73.14 -13.37
C GLY K 256 -35.36 73.55 -14.78
N ASN K 257 -36.13 73.08 -15.76
CA ASN K 257 -35.95 73.41 -17.18
C ASN K 257 -34.51 73.24 -17.68
N ILE K 258 -33.93 72.08 -17.39
CA ILE K 258 -32.57 71.78 -17.79
C ILE K 258 -32.56 70.92 -19.04
N ASN K 259 -31.71 71.28 -20.00
CA ASN K 259 -31.52 70.52 -21.23
C ASN K 259 -31.04 69.13 -20.90
N ALA K 260 -31.77 68.13 -21.38
CA ALA K 260 -31.54 66.74 -20.99
C ALA K 260 -30.16 66.24 -21.39
N GLN K 261 -29.74 66.54 -22.61
CA GLN K 261 -28.42 66.13 -23.08
C GLN K 261 -27.34 66.75 -22.21
N ASN K 262 -27.68 67.83 -21.50
CA ASN K 262 -26.74 68.49 -20.61
C ASN K 262 -26.52 67.74 -19.28
N LEU K 263 -27.58 67.16 -18.72
CA LEU K 263 -27.46 66.42 -17.46
C LEU K 263 -26.67 65.13 -17.57
N ARG K 264 -26.73 64.46 -18.71
CA ARG K 264 -26.03 63.20 -18.90
C ARG K 264 -24.61 63.34 -19.41
N THR K 265 -24.25 64.54 -19.86
CA THR K 265 -22.87 64.85 -20.22
C THR K 265 -22.15 65.41 -19.00
N GLY K 266 -22.80 66.35 -18.32
CA GLY K 266 -22.23 66.98 -17.14
C GLY K 266 -22.02 68.47 -17.31
N LYS K 267 -21.78 68.90 -18.54
CA LYS K 267 -21.45 70.30 -18.81
C LYS K 267 -22.66 71.22 -18.65
N LEU K 268 -22.59 72.08 -17.64
CA LEU K 268 -23.67 73.01 -17.29
C LEU K 268 -23.12 74.39 -16.93
N THR K 269 -23.80 75.44 -17.41
CA THR K 269 -23.43 76.82 -17.07
C THR K 269 -23.95 77.20 -15.68
N PRO K 270 -23.34 78.22 -15.05
CA PRO K 270 -23.79 78.72 -13.74
C PRO K 270 -25.31 78.88 -13.60
N GLU K 271 -26.00 79.16 -14.69
CA GLU K 271 -27.46 79.29 -14.68
C GLU K 271 -28.16 77.95 -14.46
N ASP K 272 -27.58 76.89 -15.01
CA ASP K 272 -28.13 75.55 -14.90
C ASP K 272 -27.96 74.99 -13.49
N TRP K 273 -26.76 75.15 -12.93
CA TRP K 273 -26.47 74.72 -11.56
C TRP K 273 -27.44 75.36 -10.57
N GLY K 274 -27.78 76.61 -10.82
CA GLY K 274 -28.73 77.35 -9.99
C GLY K 274 -30.14 76.82 -10.09
N LYS K 275 -30.51 76.40 -11.30
CA LYS K 275 -31.82 75.79 -11.54
C LYS K 275 -31.89 74.39 -10.95
N LEU K 276 -30.78 73.68 -11.02
CA LEU K 276 -30.69 72.30 -10.52
C LEU K 276 -30.84 72.24 -9.01
N THR K 277 -30.20 73.18 -8.32
CA THR K 277 -30.22 73.20 -6.86
C THR K 277 -31.58 73.62 -6.29
N MET K 278 -32.34 74.38 -7.08
CA MET K 278 -33.68 74.85 -6.68
C MET K 278 -34.79 73.91 -7.16
N ALA K 279 -34.40 72.88 -7.90
CA ALA K 279 -35.32 71.81 -8.31
C ALA K 279 -35.35 70.73 -7.24
N MET K 280 -34.16 70.38 -6.74
CA MET K 280 -34.02 69.44 -5.63
C MET K 280 -34.68 69.96 -4.37
N GLY K 281 -34.82 71.27 -4.27
CA GLY K 281 -35.48 71.92 -3.14
C GLY K 281 -36.91 71.45 -2.97
N SER K 282 -37.73 71.66 -4.01
CA SER K 282 -39.14 71.30 -3.97
C SER K 282 -39.38 69.79 -4.16
N LEU K 283 -38.34 69.07 -4.54
CA LEU K 283 -38.45 67.63 -4.77
C LEU K 283 -38.03 66.75 -3.58
N SER K 284 -38.02 67.32 -2.37
CA SER K 284 -37.75 66.54 -1.17
C SER K 284 -39.03 66.31 -0.36
N ASN K 285 -39.78 67.39 -0.15
CA ASN K 285 -41.07 67.31 0.54
C ASN K 285 -42.12 66.69 -0.38
N ALA K 286 -41.65 66.06 -1.44
CA ALA K 286 -42.49 65.53 -2.50
C ALA K 286 -43.20 64.24 -2.08
N GLY K 287 -42.41 63.22 -1.79
CA GLY K 287 -42.98 61.93 -1.42
C GLY K 287 -43.51 61.14 -2.60
N ILE K 288 -42.63 60.87 -3.56
CA ILE K 288 -42.89 59.84 -4.55
C ILE K 288 -42.01 58.62 -4.23
N TYR K 289 -42.56 57.44 -4.46
CA TYR K 289 -41.86 56.20 -4.18
C TYR K 289 -41.78 55.39 -5.47
N ILE K 290 -40.56 55.00 -5.83
CA ILE K 290 -40.30 54.32 -7.10
C ILE K 290 -39.93 52.86 -6.86
N ASP K 291 -40.43 51.98 -7.73
CA ASP K 291 -40.04 50.58 -7.70
C ASP K 291 -39.69 50.09 -9.12
N ASP K 292 -38.41 49.92 -9.38
CA ASP K 292 -37.96 49.57 -10.73
C ASP K 292 -37.57 48.11 -10.90
N THR K 293 -38.40 47.20 -10.39
CA THR K 293 -38.14 45.77 -10.54
C THR K 293 -38.45 45.40 -11.99
N PRO K 294 -37.48 44.76 -12.69
CA PRO K 294 -37.63 44.42 -14.11
C PRO K 294 -38.92 43.68 -14.41
N SER K 295 -39.26 42.70 -13.56
CA SER K 295 -40.46 41.90 -13.77
C SER K 295 -41.19 41.59 -12.48
N ILE K 296 -42.31 42.26 -12.26
CA ILE K 296 -43.21 41.90 -11.18
C ILE K 296 -44.56 41.50 -11.74
N ARG K 297 -45.37 40.86 -10.91
CA ARG K 297 -46.74 40.55 -11.26
C ARG K 297 -47.67 41.50 -10.50
N VAL K 298 -48.98 41.33 -10.69
CA VAL K 298 -49.96 42.25 -10.11
C VAL K 298 -50.04 42.08 -8.60
N SER K 299 -49.91 40.84 -8.13
CA SER K 299 -49.93 40.53 -6.70
C SER K 299 -48.68 41.03 -5.95
N ASP K 300 -47.59 41.22 -6.68
CA ASP K 300 -46.38 41.85 -6.13
C ASP K 300 -46.64 43.33 -5.90
N ILE K 301 -47.37 43.94 -6.82
CA ILE K 301 -47.68 45.36 -6.77
C ILE K 301 -48.70 45.66 -5.66
N ARG K 302 -49.81 44.93 -5.67
CA ARG K 302 -50.86 45.06 -4.65
C ARG K 302 -50.28 45.02 -3.24
N ALA K 303 -49.38 44.07 -3.03
CA ALA K 303 -48.70 43.89 -1.76
C ALA K 303 -47.93 45.16 -1.37
N LYS K 304 -46.97 45.55 -2.20
CA LYS K 304 -46.15 46.72 -1.92
C LYS K 304 -47.00 47.97 -1.69
N CYS K 305 -48.12 48.05 -2.41
CA CYS K 305 -48.99 49.22 -2.36
C CYS K 305 -49.81 49.35 -1.07
N ARG K 306 -50.50 48.27 -0.67
CA ARG K 306 -51.33 48.35 0.52
C ARG K 306 -50.51 48.56 1.79
N ARG K 307 -49.24 48.17 1.73
CA ARG K 307 -48.32 48.35 2.86
C ARG K 307 -47.78 49.77 2.93
N LEU K 308 -47.66 50.43 1.80
CA LEU K 308 -47.23 51.83 1.79
C LEU K 308 -48.35 52.76 2.25
N LYS K 309 -49.61 52.35 2.03
CA LYS K 309 -50.76 53.16 2.44
C LYS K 309 -51.05 53.00 3.93
N GLN K 310 -50.38 52.02 4.55
CA GLN K 310 -50.49 51.78 5.98
C GLN K 310 -49.78 52.85 6.79
N GLU K 311 -48.52 53.10 6.44
CA GLU K 311 -47.63 53.93 7.23
C GLU K 311 -47.47 55.36 6.72
N SER K 312 -47.96 55.61 5.51
CA SER K 312 -47.82 56.93 4.91
C SER K 312 -49.09 57.41 4.23
N GLY K 313 -49.91 56.47 3.77
CA GLY K 313 -51.14 56.80 3.03
C GLY K 313 -50.87 56.98 1.55
N LEU K 314 -51.70 56.36 0.72
CA LEU K 314 -51.53 56.43 -0.73
C LEU K 314 -52.67 57.21 -1.35
N GLY K 315 -52.41 57.78 -2.53
CA GLY K 315 -53.41 58.51 -3.29
C GLY K 315 -53.37 58.31 -4.79
N MET K 316 -52.30 57.68 -5.29
CA MET K 316 -52.10 57.49 -6.74
C MET K 316 -51.03 56.45 -7.11
N ILE K 317 -51.36 55.58 -8.05
CA ILE K 317 -50.45 54.55 -8.55
C ILE K 317 -50.24 54.68 -10.06
N VAL K 318 -48.98 54.55 -10.48
CA VAL K 318 -48.59 54.58 -11.89
C VAL K 318 -47.80 53.31 -12.22
N ILE K 319 -48.12 52.69 -13.35
CA ILE K 319 -47.36 51.52 -13.82
C ILE K 319 -46.79 51.84 -15.20
N ASP K 320 -45.46 51.85 -15.30
CA ASP K 320 -44.79 52.32 -16.52
C ASP K 320 -45.06 51.43 -17.70
N TYR K 321 -45.83 50.37 -17.49
CA TYR K 321 -46.09 49.49 -18.58
C TYR K 321 -47.07 48.39 -18.24
N LEU K 322 -48.20 48.34 -18.93
CA LEU K 322 -49.20 47.31 -18.64
C LEU K 322 -48.79 45.96 -19.18
N GLN K 323 -48.50 45.86 -20.48
CA GLN K 323 -48.16 44.55 -21.06
C GLN K 323 -46.75 44.05 -20.69
N LEU K 324 -46.09 44.77 -19.79
CA LEU K 324 -44.77 44.37 -19.31
C LEU K 324 -44.83 43.70 -17.95
N ILE K 325 -45.94 43.92 -17.22
CA ILE K 325 -46.31 43.12 -16.05
C ILE K 325 -46.47 41.68 -16.52
N GLN K 326 -46.19 40.72 -15.65
CA GLN K 326 -46.20 39.33 -16.07
C GLN K 326 -47.04 38.40 -15.22
N GLY K 327 -47.02 37.13 -15.61
CA GLY K 327 -47.48 36.01 -14.80
C GLY K 327 -48.70 36.18 -13.92
N SER K 328 -49.84 35.73 -14.41
CA SER K 328 -51.06 35.68 -13.62
C SER K 328 -51.06 34.38 -12.82
N GLY K 329 -52.25 33.99 -12.34
CA GLY K 329 -52.57 32.61 -11.91
C GLY K 329 -52.10 31.53 -12.90
N ARG K 330 -52.53 31.42 -14.16
CA ARG K 330 -53.88 31.26 -14.66
C ARG K 330 -53.73 30.04 -15.61
N SER K 331 -52.74 29.18 -15.29
CA SER K 331 -52.28 27.95 -16.02
C SER K 331 -51.59 28.18 -17.37
N LYS K 332 -50.93 29.33 -17.49
CA LYS K 332 -50.15 29.74 -18.68
C LYS K 332 -50.92 29.70 -20.01
N GLU K 333 -52.08 30.36 -20.04
CA GLU K 333 -52.98 30.33 -21.20
C GLU K 333 -52.53 31.17 -22.39
N ASN K 334 -53.45 31.41 -23.34
CA ASN K 334 -53.19 32.25 -24.52
C ASN K 334 -52.91 33.70 -24.14
N ARG K 335 -51.88 34.28 -24.75
CA ARG K 335 -51.39 35.59 -24.37
C ARG K 335 -52.49 36.64 -24.15
N GLN K 336 -53.50 36.65 -25.03
CA GLN K 336 -54.61 37.62 -24.92
C GLN K 336 -55.33 37.53 -23.57
N GLN K 337 -55.41 36.32 -23.01
CA GLN K 337 -56.08 36.11 -21.72
C GLN K 337 -55.19 36.46 -20.54
N GLU K 338 -53.88 36.34 -20.73
CA GLU K 338 -52.90 36.69 -19.71
C GLU K 338 -53.00 38.19 -19.38
N VAL K 339 -53.00 39.02 -20.42
CA VAL K 339 -53.16 40.48 -20.26
C VAL K 339 -54.59 40.87 -19.88
N SER K 340 -55.55 39.99 -20.21
CA SER K 340 -56.95 40.22 -19.91
C SER K 340 -57.21 40.17 -18.41
N GLU K 341 -56.37 39.42 -17.70
CA GLU K 341 -56.45 39.33 -16.25
C GLU K 341 -55.67 40.44 -15.56
N ILE K 342 -54.52 40.81 -16.13
CA ILE K 342 -53.74 41.94 -15.65
C ILE K 342 -54.62 43.19 -15.62
N SER K 343 -55.47 43.34 -16.64
CA SER K 343 -56.45 44.43 -16.68
C SER K 343 -57.39 44.37 -15.48
N ARG K 344 -58.08 43.24 -15.32
CA ARG K 344 -59.07 43.08 -14.25
C ARG K 344 -58.39 43.27 -12.90
N SER K 345 -57.23 42.65 -12.73
CA SER K 345 -56.46 42.75 -11.50
C SER K 345 -56.08 44.19 -11.16
N LEU K 346 -55.77 44.98 -12.19
CA LEU K 346 -55.43 46.39 -11.98
C LEU K 346 -56.65 47.21 -11.58
N LYS K 347 -57.79 46.93 -12.21
CA LYS K 347 -59.04 47.60 -11.83
C LYS K 347 -59.41 47.23 -10.42
N ALA K 348 -59.23 45.95 -10.08
CA ALA K 348 -59.50 45.43 -8.73
C ALA K 348 -58.52 45.99 -7.69
N LEU K 349 -57.38 46.49 -8.15
CA LEU K 349 -56.41 47.12 -7.27
C LEU K 349 -56.83 48.56 -6.99
N ALA K 350 -57.32 49.24 -8.02
CA ALA K 350 -57.82 50.60 -7.87
C ALA K 350 -59.10 50.62 -7.03
N ARG K 351 -59.86 49.54 -7.12
CA ARG K 351 -61.12 49.43 -6.42
C ARG K 351 -60.91 49.16 -4.93
N GLU K 352 -60.01 48.23 -4.62
CA GLU K 352 -59.73 47.81 -3.24
C GLU K 352 -59.01 48.89 -2.43
N LEU K 353 -58.01 49.53 -3.04
CA LEU K 353 -57.22 50.57 -2.38
C LEU K 353 -57.87 51.96 -2.38
N GLU K 354 -58.95 52.11 -3.14
CA GLU K 354 -59.63 53.40 -3.39
C GLU K 354 -58.63 54.50 -3.82
N VAL K 355 -58.06 54.30 -5.00
CA VAL K 355 -56.99 55.12 -5.55
C VAL K 355 -57.03 55.04 -7.08
N PRO K 356 -56.79 56.17 -7.78
CA PRO K 356 -56.67 56.12 -9.24
C PRO K 356 -55.40 55.43 -9.70
N VAL K 357 -55.54 54.41 -10.55
CA VAL K 357 -54.40 53.69 -11.10
C VAL K 357 -54.19 54.05 -12.56
N ILE K 358 -53.00 54.55 -12.89
CA ILE K 358 -52.64 54.89 -14.26
C ILE K 358 -51.75 53.81 -14.85
N ALA K 359 -52.27 53.07 -15.81
CA ALA K 359 -51.50 52.06 -16.50
C ALA K 359 -51.14 52.57 -17.87
N LEU K 360 -49.85 52.65 -18.15
CA LEU K 360 -49.44 53.01 -19.50
C LEU K 360 -49.57 51.80 -20.40
N SER K 361 -50.08 52.02 -21.61
CA SER K 361 -50.16 50.96 -22.59
C SER K 361 -49.38 51.26 -23.88
N GLN K 362 -49.08 50.20 -24.62
CA GLN K 362 -48.47 50.32 -25.92
C GLN K 362 -49.58 50.25 -26.99
N LEU K 363 -49.25 50.60 -28.23
CA LEU K 363 -50.22 50.49 -29.32
C LEU K 363 -49.82 49.43 -30.34
N SER K 364 -50.81 48.85 -31.00
CA SER K 364 -50.58 47.90 -32.07
C SER K 364 -50.01 48.62 -33.28
N ARG K 365 -49.35 47.90 -34.18
CA ARG K 365 -48.79 48.53 -35.39
C ARG K 365 -49.83 48.92 -36.46
N SER K 366 -51.09 48.49 -36.26
CA SER K 366 -52.12 48.74 -37.25
C SER K 366 -52.42 50.23 -37.45
N VAL K 367 -52.10 51.02 -36.43
CA VAL K 367 -52.30 52.48 -36.48
C VAL K 367 -51.45 53.14 -37.56
N GLU K 368 -50.45 52.45 -38.06
CA GLU K 368 -49.53 53.04 -39.03
C GLU K 368 -50.06 52.96 -40.44
N GLN K 369 -50.75 51.88 -40.79
CA GLN K 369 -51.38 51.70 -42.11
C GLN K 369 -52.41 52.79 -42.42
N ARG K 370 -53.22 53.12 -41.42
CA ARG K 370 -54.30 54.11 -41.54
C ARG K 370 -53.75 55.46 -42.01
N GLN K 371 -54.52 56.15 -42.85
CA GLN K 371 -54.15 57.48 -43.34
C GLN K 371 -54.09 58.48 -42.20
N ASP K 372 -55.08 58.39 -41.31
CA ASP K 372 -55.16 59.21 -40.11
C ASP K 372 -54.46 58.47 -38.96
N LYS K 373 -53.19 58.81 -38.71
CA LYS K 373 -52.37 58.10 -37.71
C LYS K 373 -52.77 58.45 -36.28
N ARG K 374 -53.95 59.04 -36.12
CA ARG K 374 -54.55 59.19 -34.80
C ARG K 374 -55.16 57.87 -34.37
N PRO K 375 -54.81 57.40 -33.15
CA PRO K 375 -55.29 56.09 -32.72
C PRO K 375 -56.72 56.11 -32.21
N MET K 376 -57.43 55.01 -32.43
CA MET K 376 -58.71 54.73 -31.78
C MET K 376 -58.55 53.56 -30.82
N MET K 377 -59.62 53.20 -30.13
CA MET K 377 -59.57 52.17 -29.07
C MET K 377 -59.12 50.78 -29.50
N SER K 378 -59.57 50.35 -30.68
CA SER K 378 -59.12 49.10 -31.29
C SER K 378 -57.59 48.91 -31.27
N ASP K 379 -56.84 50.01 -31.26
CA ASP K 379 -55.39 49.99 -31.43
C ASP K 379 -54.55 49.49 -30.25
N ILE K 380 -55.13 49.45 -29.06
CA ILE K 380 -54.38 49.06 -27.86
C ILE K 380 -53.77 47.67 -28.01
N ARG K 381 -52.46 47.58 -27.78
CA ARG K 381 -51.68 46.36 -27.91
C ARG K 381 -52.21 45.18 -27.09
N GLU K 382 -52.09 43.99 -27.68
CA GLU K 382 -52.23 42.69 -26.98
C GLU K 382 -53.65 42.16 -26.69
N SER K 383 -54.51 43.00 -26.11
CA SER K 383 -55.84 42.57 -25.72
C SER K 383 -56.91 43.63 -25.84
N GLY K 384 -58.12 43.18 -26.18
CA GLY K 384 -59.26 44.07 -26.30
C GLY K 384 -59.88 44.46 -24.97
N SER K 385 -59.57 43.71 -23.92
CA SER K 385 -60.19 43.93 -22.61
C SER K 385 -59.61 45.15 -21.92
N ILE K 386 -58.42 45.56 -22.32
CA ILE K 386 -57.82 46.78 -21.80
C ILE K 386 -58.80 47.96 -21.96
N GLU K 387 -59.44 48.04 -23.13
CA GLU K 387 -60.41 49.11 -23.44
C GLU K 387 -61.65 49.01 -22.58
N GLN K 388 -62.16 47.78 -22.44
CA GLN K 388 -63.42 47.46 -21.75
C GLN K 388 -63.35 47.62 -20.22
N ASP K 389 -62.18 47.35 -19.66
CA ASP K 389 -62.00 47.37 -18.21
C ASP K 389 -61.68 48.78 -17.68
N ALA K 390 -60.96 49.57 -18.49
CA ALA K 390 -60.63 50.95 -18.14
C ALA K 390 -61.84 51.86 -18.17
N ASP K 391 -61.93 52.77 -17.19
CA ASP K 391 -63.02 53.74 -17.14
C ASP K 391 -62.60 55.09 -17.69
N ILE K 392 -61.42 55.15 -18.31
CA ILE K 392 -60.92 56.35 -19.03
C ILE K 392 -59.68 56.01 -19.87
N VAL K 393 -59.78 56.24 -21.17
CA VAL K 393 -58.70 55.91 -22.09
C VAL K 393 -58.20 57.17 -22.78
N ALA K 394 -56.93 57.47 -22.59
CA ALA K 394 -56.30 58.66 -23.14
C ALA K 394 -55.17 58.30 -24.08
N PHE K 395 -55.19 58.85 -25.29
CA PHE K 395 -54.14 58.64 -26.28
C PHE K 395 -53.26 59.87 -26.41
N LEU K 396 -52.01 59.65 -26.84
CA LEU K 396 -51.13 60.74 -27.22
C LEU K 396 -50.84 60.64 -28.71
N TYR K 397 -51.20 61.70 -29.44
CA TYR K 397 -50.85 61.85 -30.85
C TYR K 397 -49.98 63.09 -31.04
N ARG K 398 -48.90 62.92 -31.81
CA ARG K 398 -48.04 64.03 -32.16
C ARG K 398 -47.96 64.21 -33.68
N ASP K 399 -48.64 65.24 -34.19
CA ASP K 399 -48.52 65.60 -35.60
C ASP K 399 -47.03 65.79 -35.88
N ASP K 400 -46.31 66.09 -34.80
CA ASP K 400 -44.87 66.24 -34.71
C ASP K 400 -44.11 64.96 -35.05
N TYR K 401 -44.57 63.85 -34.48
CA TYR K 401 -43.91 62.53 -34.52
C TYR K 401 -43.75 61.96 -35.93
N TYR K 402 -44.57 62.42 -36.87
CA TYR K 402 -44.44 62.04 -38.28
C TYR K 402 -44.00 63.24 -39.12
N ASN K 403 -44.40 64.42 -38.65
CA ASN K 403 -44.02 65.72 -39.23
C ASN K 403 -43.52 65.67 -40.68
N LYS K 404 -42.21 65.50 -40.95
CA LYS K 404 -41.07 65.52 -40.02
C LYS K 404 -40.58 66.95 -39.79
N ASP K 405 -41.30 67.87 -40.44
CA ASP K 405 -41.13 69.31 -40.38
C ASP K 405 -42.53 69.93 -40.30
N SER K 406 -43.25 69.61 -39.22
CA SER K 406 -44.64 70.00 -39.06
C SER K 406 -44.79 71.46 -38.70
N GLU K 407 -45.73 72.13 -39.36
CA GLU K 407 -46.25 73.40 -38.88
C GLU K 407 -47.00 73.09 -37.59
N ASN K 408 -47.07 74.06 -36.68
CA ASN K 408 -47.36 73.78 -35.27
C ASN K 408 -46.58 72.56 -34.72
N LYS K 409 -45.27 72.75 -34.54
CA LYS K 409 -44.32 71.71 -34.15
C LYS K 409 -44.67 71.05 -32.83
N ASN K 410 -44.44 71.76 -31.73
CA ASN K 410 -44.41 71.10 -30.42
C ASN K 410 -45.75 70.76 -29.77
N ILE K 411 -46.82 70.81 -30.54
CA ILE K 411 -48.16 70.50 -30.05
C ILE K 411 -48.44 69.00 -30.07
N ILE K 412 -48.92 68.49 -28.93
CA ILE K 412 -49.29 67.08 -28.75
C ILE K 412 -50.74 66.97 -28.30
N GLU K 413 -51.51 66.14 -28.99
CA GLU K 413 -52.91 65.95 -28.64
C GLU K 413 -53.05 64.92 -27.51
N ILE K 414 -53.93 65.21 -26.57
CA ILE K 414 -54.30 64.24 -25.54
C ILE K 414 -55.73 63.81 -25.86
N ILE K 415 -55.86 62.79 -26.69
CA ILE K 415 -57.18 62.35 -27.13
C ILE K 415 -57.80 61.48 -26.05
N ILE K 416 -58.77 62.03 -25.33
CA ILE K 416 -59.57 61.25 -24.39
C ILE K 416 -60.68 60.57 -25.17
N ALA K 417 -60.52 59.27 -25.39
CA ALA K 417 -61.45 58.54 -26.23
C ALA K 417 -62.55 57.85 -25.43
N LYS K 418 -62.38 57.75 -24.11
CA LYS K 418 -63.37 57.09 -23.26
C LYS K 418 -63.47 57.68 -21.86
N GLN K 419 -64.69 57.75 -21.33
CA GLN K 419 -64.90 57.83 -19.86
C GLN K 419 -66.36 57.65 -19.42
N ARG K 420 -66.53 57.04 -18.24
CA ARG K 420 -67.85 56.81 -17.62
C ARG K 420 -68.29 57.94 -16.69
N ASN K 421 -67.36 58.84 -16.37
CA ASN K 421 -67.67 60.12 -15.71
C ASN K 421 -68.47 60.98 -16.68
N GLY K 422 -67.98 61.08 -17.91
CA GLY K 422 -68.62 61.91 -18.89
C GLY K 422 -67.96 62.07 -20.24
N PRO K 423 -67.57 63.32 -20.57
CA PRO K 423 -67.18 63.86 -21.88
C PRO K 423 -66.07 63.11 -22.60
N VAL K 424 -66.32 62.83 -23.88
CA VAL K 424 -65.27 62.40 -24.80
C VAL K 424 -64.76 63.68 -25.47
N GLY K 425 -63.52 63.67 -25.96
CA GLY K 425 -62.97 64.82 -26.68
C GLY K 425 -61.46 64.93 -26.64
N THR K 426 -60.91 65.84 -27.44
CA THR K 426 -59.47 66.05 -27.51
C THR K 426 -59.06 67.22 -26.64
N VAL K 427 -57.86 67.16 -26.07
CA VAL K 427 -57.29 68.28 -25.34
C VAL K 427 -55.88 68.53 -25.87
N GLN K 428 -55.44 69.79 -25.81
CA GLN K 428 -54.18 70.19 -26.43
C GLN K 428 -53.11 70.65 -25.44
N LEU K 429 -51.90 70.10 -25.58
CA LEU K 429 -50.76 70.46 -24.73
C LEU K 429 -49.46 70.61 -25.52
N ALA K 430 -48.42 71.15 -24.87
CA ALA K 430 -47.15 71.37 -25.51
C ALA K 430 -46.11 70.48 -24.87
N PHE K 431 -45.28 69.84 -25.69
CA PHE K 431 -44.29 68.85 -25.21
C PHE K 431 -42.85 69.26 -25.55
N ILE K 432 -42.23 70.01 -24.64
CA ILE K 432 -40.86 70.49 -24.85
C ILE K 432 -39.92 69.34 -24.53
N LYS K 433 -39.54 68.60 -25.55
CA LYS K 433 -38.80 67.36 -25.39
C LYS K 433 -37.45 67.53 -24.70
N GLU K 434 -36.77 68.65 -24.95
CA GLU K 434 -35.45 68.95 -24.39
C GLU K 434 -35.49 69.03 -22.87
N TYR K 435 -36.63 69.44 -22.33
CA TYR K 435 -36.81 69.51 -20.88
C TYR K 435 -37.74 68.41 -20.35
N ASN K 436 -38.00 67.39 -21.17
CA ASN K 436 -38.86 66.27 -20.78
C ASN K 436 -40.22 66.71 -20.20
N LYS K 437 -40.65 67.91 -20.53
CA LYS K 437 -41.78 68.55 -19.87
C LYS K 437 -42.96 68.76 -20.80
N PHE K 438 -44.16 68.56 -20.24
CA PHE K 438 -45.41 68.99 -20.84
C PHE K 438 -45.84 70.27 -20.12
N VAL K 439 -46.35 71.26 -20.85
CA VAL K 439 -46.90 72.49 -20.24
C VAL K 439 -48.29 72.79 -20.78
N ASN K 440 -49.03 73.60 -20.02
CA ASN K 440 -50.32 74.09 -20.47
C ASN K 440 -50.17 75.05 -21.63
N LEU K 441 -51.21 75.18 -22.43
CA LEU K 441 -51.13 75.97 -23.65
C LEU K 441 -51.37 77.45 -23.35
N ILE L 14 -86.75 -3.56 0.49
CA ILE L 14 -86.28 -4.96 0.21
C ILE L 14 -87.36 -5.85 -0.34
N GLU L 15 -88.47 -5.96 0.37
CA GLU L 15 -89.63 -6.61 -0.21
C GLU L 15 -89.71 -6.01 -1.61
N ALA L 16 -89.60 -4.68 -1.68
CA ALA L 16 -89.66 -3.96 -2.94
C ALA L 16 -88.57 -4.40 -3.90
N GLU L 17 -87.35 -4.53 -3.39
CA GLU L 17 -86.21 -4.98 -4.22
C GLU L 17 -86.50 -6.34 -4.85
N GLN L 18 -86.87 -7.31 -4.03
CA GLN L 18 -87.21 -8.66 -4.51
C GLN L 18 -88.33 -8.65 -5.53
N ALA L 19 -89.32 -7.78 -5.29
CA ALA L 19 -90.48 -7.65 -6.15
C ALA L 19 -90.13 -7.13 -7.53
N VAL L 20 -89.19 -6.17 -7.61
CA VAL L 20 -88.68 -5.70 -8.90
C VAL L 20 -87.94 -6.84 -9.62
N LEU L 21 -86.90 -7.36 -8.99
CA LEU L 21 -86.09 -8.46 -9.54
C LEU L 21 -86.92 -9.63 -10.05
N GLY L 22 -87.89 -10.08 -9.26
CA GLY L 22 -88.72 -11.21 -9.65
C GLY L 22 -89.64 -10.91 -10.82
N ALA L 23 -90.09 -9.67 -10.89
CA ALA L 23 -91.00 -9.25 -11.95
C ALA L 23 -90.28 -9.31 -13.29
N VAL L 24 -88.99 -8.99 -13.27
CA VAL L 24 -88.16 -9.19 -14.45
C VAL L 24 -88.15 -10.68 -14.78
N PHE L 25 -87.82 -11.53 -13.80
CA PHE L 25 -87.82 -12.98 -14.05
C PHE L 25 -89.15 -13.46 -14.61
N LEU L 26 -90.24 -12.76 -14.23
CA LEU L 26 -91.57 -13.11 -14.70
C LEU L 26 -91.93 -12.61 -16.10
N ASP L 27 -91.50 -11.41 -16.52
CA ASP L 27 -92.07 -10.86 -17.76
C ASP L 27 -91.49 -11.11 -19.15
N PRO L 28 -90.27 -10.63 -19.44
CA PRO L 28 -89.36 -9.87 -18.70
C PRO L 28 -89.16 -8.52 -19.37
N ALA L 29 -90.13 -8.06 -20.13
CA ALA L 29 -90.06 -6.69 -20.66
C ALA L 29 -90.30 -5.72 -19.51
N ALA L 30 -90.54 -6.28 -18.32
CA ALA L 30 -90.59 -5.52 -17.08
C ALA L 30 -89.24 -4.92 -16.76
N LEU L 31 -88.19 -5.35 -17.46
CA LEU L 31 -86.85 -4.81 -17.25
C LEU L 31 -86.70 -3.44 -17.88
N VAL L 32 -87.50 -3.16 -18.90
CA VAL L 32 -87.46 -1.86 -19.57
C VAL L 32 -87.82 -0.71 -18.62
N PRO L 33 -89.01 -0.75 -17.95
CA PRO L 33 -89.32 0.35 -17.02
C PRO L 33 -88.49 0.31 -15.76
N ALA L 34 -88.07 -0.89 -15.35
CA ALA L 34 -87.25 -1.02 -14.17
C ALA L 34 -85.86 -0.40 -14.38
N SER L 35 -85.35 -0.50 -15.60
CA SER L 35 -84.01 -0.02 -15.92
C SER L 35 -83.96 1.48 -16.07
N GLU L 36 -85.10 2.09 -16.38
CA GLU L 36 -85.18 3.54 -16.50
C GLU L 36 -85.18 4.24 -15.15
N ILE L 37 -85.88 3.64 -14.19
CA ILE L 37 -86.03 4.19 -12.85
C ILE L 37 -84.85 3.84 -11.95
N LEU L 38 -84.20 2.70 -12.22
CA LEU L 38 -83.12 2.20 -11.36
C LEU L 38 -81.77 2.01 -12.04
N ILE L 39 -80.71 1.95 -11.24
CA ILE L 39 -79.41 1.40 -11.66
C ILE L 39 -78.95 0.47 -10.54
N PRO L 40 -78.11 -0.52 -10.87
CA PRO L 40 -77.77 -1.51 -9.85
C PRO L 40 -77.54 -0.90 -8.47
N GLU L 41 -76.74 0.16 -8.42
CA GLU L 41 -76.33 0.79 -7.17
C GLU L 41 -77.48 1.24 -6.27
N ASP L 42 -78.68 1.41 -6.83
CA ASP L 42 -79.87 1.84 -6.07
C ASP L 42 -80.35 0.77 -5.09
N PHE L 43 -80.00 -0.47 -5.41
CA PHE L 43 -80.36 -1.57 -4.54
C PHE L 43 -79.49 -1.60 -3.29
N TYR L 44 -80.12 -1.79 -2.14
CA TYR L 44 -79.39 -1.90 -0.88
C TYR L 44 -78.55 -3.17 -0.77
N ARG L 45 -79.16 -4.33 -0.97
CA ARG L 45 -78.43 -5.59 -0.86
C ARG L 45 -77.44 -5.77 -1.98
N ALA L 46 -76.23 -6.18 -1.59
CA ALA L 46 -75.15 -6.49 -2.52
C ALA L 46 -75.62 -7.47 -3.58
N ALA L 47 -76.16 -8.59 -3.12
CA ALA L 47 -76.74 -9.60 -4.02
C ALA L 47 -77.64 -8.95 -5.08
N HIS L 48 -78.49 -8.01 -4.67
CA HIS L 48 -79.47 -7.42 -5.57
C HIS L 48 -78.82 -6.52 -6.60
N GLN L 49 -77.79 -5.79 -6.19
CA GLN L 49 -76.98 -5.05 -7.16
C GLN L 49 -76.40 -5.99 -8.21
N LYS L 50 -75.72 -7.03 -7.75
CA LYS L 50 -75.08 -8.01 -8.62
C LYS L 50 -76.04 -8.60 -9.65
N ILE L 51 -77.25 -8.95 -9.21
CA ILE L 51 -78.24 -9.58 -10.05
C ILE L 51 -78.74 -8.58 -11.09
N PHE L 52 -79.12 -7.38 -10.64
CA PHE L 52 -79.60 -6.35 -11.55
C PHE L 52 -78.51 -6.01 -12.55
N HIS L 53 -77.27 -5.98 -12.08
CA HIS L 53 -76.15 -5.71 -12.95
C HIS L 53 -76.14 -6.72 -14.09
N ALA L 54 -76.12 -8.01 -13.73
CA ALA L 54 -76.08 -9.10 -14.70
C ALA L 54 -77.27 -9.02 -15.64
N MET L 55 -78.42 -8.63 -15.10
CA MET L 55 -79.66 -8.53 -15.85
C MET L 55 -79.44 -7.58 -17.04
N LEU L 56 -78.85 -6.41 -16.75
CA LEU L 56 -78.57 -5.37 -17.77
C LEU L 56 -77.47 -5.80 -18.73
N ARG L 57 -76.43 -6.40 -18.16
CA ARG L 57 -75.30 -6.93 -18.91
C ARG L 57 -75.75 -7.96 -19.96
N VAL L 58 -76.75 -8.78 -19.59
CA VAL L 58 -77.34 -9.75 -20.50
C VAL L 58 -78.20 -9.04 -21.55
N ALA L 59 -78.91 -7.99 -21.12
CA ALA L 59 -79.75 -7.22 -22.03
C ALA L 59 -78.96 -6.50 -23.13
N ASP L 60 -77.67 -6.28 -22.91
CA ASP L 60 -76.84 -5.55 -23.87
C ASP L 60 -76.39 -6.36 -25.06
N ARG L 61 -76.64 -7.66 -25.03
CA ARG L 61 -76.32 -8.49 -26.18
C ARG L 61 -77.37 -8.50 -27.32
N GLY L 62 -78.68 -8.52 -27.08
CA GLY L 62 -79.35 -8.85 -25.81
C GLY L 62 -79.94 -10.23 -26.00
N GLU L 63 -80.18 -10.93 -24.90
CA GLU L 63 -80.20 -12.40 -24.95
C GLU L 63 -81.55 -13.13 -25.16
N PRO L 64 -82.64 -12.72 -24.50
CA PRO L 64 -82.80 -11.64 -23.56
C PRO L 64 -82.80 -12.23 -22.17
N VAL L 65 -83.42 -11.52 -21.25
CA VAL L 65 -83.28 -11.77 -19.85
C VAL L 65 -84.30 -12.76 -19.29
N ASP L 66 -83.83 -13.93 -18.84
CA ASP L 66 -84.67 -14.86 -18.06
C ASP L 66 -83.82 -15.65 -17.07
N LEU L 67 -84.46 -16.54 -16.33
CA LEU L 67 -83.75 -17.33 -15.31
C LEU L 67 -82.47 -18.01 -15.78
N VAL L 68 -82.49 -18.55 -17.00
CA VAL L 68 -81.33 -19.25 -17.53
C VAL L 68 -80.21 -18.31 -17.91
N THR L 69 -80.48 -17.35 -18.79
CA THR L 69 -79.45 -16.41 -19.22
C THR L 69 -78.83 -15.63 -18.06
N VAL L 70 -79.63 -15.36 -17.03
CA VAL L 70 -79.14 -14.58 -15.89
C VAL L 70 -78.31 -15.43 -14.91
N THR L 71 -78.57 -16.74 -14.83
CA THR L 71 -77.68 -17.58 -14.02
C THR L 71 -76.41 -17.83 -14.82
N ALA L 72 -76.56 -18.01 -16.13
CA ALA L 72 -75.42 -18.21 -17.02
C ALA L 72 -74.43 -17.07 -16.90
N GLU L 73 -74.93 -15.85 -16.80
CA GLU L 73 -74.08 -14.67 -16.64
C GLU L 73 -73.49 -14.58 -15.24
N LEU L 74 -74.28 -14.92 -14.22
CA LEU L 74 -73.84 -14.88 -12.83
C LEU L 74 -72.83 -15.98 -12.51
N ALA L 75 -72.71 -16.97 -13.37
CA ALA L 75 -71.70 -17.99 -13.20
C ALA L 75 -70.49 -17.64 -14.03
N ALA L 76 -70.67 -16.83 -15.06
CA ALA L 76 -69.57 -16.38 -15.91
C ALA L 76 -68.68 -15.41 -15.14
N SER L 77 -69.29 -14.39 -14.54
CA SER L 77 -68.66 -13.66 -13.44
C SER L 77 -68.75 -14.66 -12.29
N GLU L 78 -67.65 -14.98 -11.61
CA GLU L 78 -67.65 -16.15 -10.68
C GLU L 78 -68.63 -16.07 -9.48
N GLN L 79 -69.58 -15.13 -9.53
CA GLN L 79 -70.38 -14.69 -8.39
C GLN L 79 -71.81 -15.24 -8.23
N LEU L 80 -72.10 -16.44 -8.71
CA LEU L 80 -73.45 -17.01 -8.56
C LEU L 80 -73.66 -17.50 -7.12
N GLU L 81 -72.63 -18.12 -6.56
CA GLU L 81 -72.73 -18.62 -5.20
C GLU L 81 -72.80 -17.47 -4.20
N GLU L 82 -72.10 -16.37 -4.50
CA GLU L 82 -72.10 -15.17 -3.66
C GLU L 82 -73.48 -14.63 -3.34
N ILE L 83 -74.42 -14.87 -4.26
CA ILE L 83 -75.75 -14.26 -4.26
C ILE L 83 -76.75 -15.01 -3.41
N GLY L 84 -76.53 -16.30 -3.30
CA GLY L 84 -77.51 -17.26 -2.84
C GLY L 84 -77.29 -18.37 -3.83
N GLY L 85 -78.27 -19.24 -4.04
CA GLY L 85 -78.09 -20.31 -5.00
C GLY L 85 -78.73 -19.94 -6.31
N VAL L 86 -79.11 -20.96 -7.07
CA VAL L 86 -80.13 -20.80 -8.07
C VAL L 86 -81.45 -20.74 -7.34
N SER L 87 -81.46 -21.34 -6.14
CA SER L 87 -82.65 -21.42 -5.30
C SER L 87 -83.06 -20.05 -4.76
N TYR L 88 -82.07 -19.17 -4.58
CA TYR L 88 -82.39 -17.79 -4.26
C TYR L 88 -82.95 -17.04 -5.48
N LEU L 89 -82.47 -17.36 -6.68
CA LEU L 89 -83.07 -16.77 -7.87
C LEU L 89 -84.51 -17.27 -8.05
N SER L 90 -84.73 -18.54 -7.72
CA SER L 90 -86.07 -19.13 -7.76
C SER L 90 -86.96 -18.50 -6.69
N GLU L 91 -86.41 -18.29 -5.50
CA GLU L 91 -87.11 -17.53 -4.47
C GLU L 91 -87.66 -16.23 -5.06
N LEU L 92 -86.80 -15.47 -5.73
CA LEU L 92 -87.17 -14.15 -6.27
C LEU L 92 -88.37 -14.21 -7.21
N ALA L 93 -88.38 -15.18 -8.13
CA ALA L 93 -89.46 -15.31 -9.08
C ALA L 93 -90.81 -15.50 -8.39
N ASP L 94 -90.80 -16.07 -7.19
CA ASP L 94 -92.01 -16.31 -6.43
C ASP L 94 -92.40 -15.16 -5.49
N ALA L 95 -91.63 -14.09 -5.49
CA ALA L 95 -91.89 -12.95 -4.60
C ALA L 95 -92.98 -11.99 -5.12
N VAL L 96 -93.40 -12.17 -6.37
CA VAL L 96 -94.48 -11.39 -6.94
C VAL L 96 -95.45 -12.26 -7.72
N PRO L 97 -96.76 -12.06 -7.49
CA PRO L 97 -97.80 -12.77 -8.22
C PRO L 97 -97.74 -12.49 -9.71
N THR L 98 -97.29 -11.27 -10.06
CA THR L 98 -97.30 -10.75 -11.43
C THR L 98 -96.16 -9.82 -11.76
N ALA L 99 -95.78 -9.79 -13.03
CA ALA L 99 -94.84 -8.79 -13.52
C ALA L 99 -95.48 -7.42 -13.77
N ALA L 100 -96.75 -7.28 -13.39
CA ALA L 100 -97.61 -6.19 -13.86
C ALA L 100 -97.18 -4.80 -13.44
N ASN L 101 -96.96 -4.60 -12.14
CA ASN L 101 -96.55 -3.29 -11.63
C ASN L 101 -95.09 -3.20 -11.11
N VAL L 102 -94.15 -3.41 -12.03
CA VAL L 102 -92.77 -3.11 -11.72
C VAL L 102 -92.66 -1.66 -11.35
N GLU L 103 -93.17 -0.78 -12.20
CA GLU L 103 -93.09 0.66 -11.95
C GLU L 103 -93.30 0.98 -10.46
N TYR L 104 -94.40 0.44 -9.89
CA TYR L 104 -94.78 0.66 -8.50
C TYR L 104 -93.68 0.27 -7.51
N TYR L 105 -93.04 -0.87 -7.77
CA TYR L 105 -91.99 -1.34 -6.88
C TYR L 105 -90.70 -0.64 -7.14
N ALA L 106 -90.33 -0.53 -8.42
CA ALA L 106 -89.12 0.16 -8.84
C ALA L 106 -89.05 1.56 -8.23
N ARG L 107 -90.17 2.29 -8.31
CA ARG L 107 -90.27 3.64 -7.74
C ARG L 107 -89.97 3.67 -6.24
N ILE L 108 -90.44 2.67 -5.50
CA ILE L 108 -90.13 2.54 -4.07
C ILE L 108 -88.64 2.36 -3.86
N VAL L 109 -88.04 1.39 -4.55
CA VAL L 109 -86.61 1.10 -4.40
C VAL L 109 -85.80 2.38 -4.63
N GLU L 110 -86.27 3.18 -5.58
CA GLU L 110 -85.64 4.44 -5.96
C GLU L 110 -85.83 5.53 -4.91
N GLU L 111 -86.99 5.55 -4.26
CA GLU L 111 -87.27 6.53 -3.21
C GLU L 111 -86.43 6.25 -1.97
N LYS L 112 -86.26 4.97 -1.63
CA LYS L 112 -85.36 4.65 -0.53
C LYS L 112 -83.93 5.00 -0.91
N SER L 113 -83.55 4.70 -2.15
CA SER L 113 -82.21 4.97 -2.67
C SER L 113 -81.82 6.43 -2.51
N VAL L 114 -82.76 7.32 -2.80
CA VAL L 114 -82.60 8.76 -2.64
C VAL L 114 -82.47 9.15 -1.18
N LEU L 115 -83.32 8.59 -0.31
CA LEU L 115 -83.23 8.90 1.10
C LEU L 115 -81.85 8.64 1.70
N ARG L 116 -81.26 7.48 1.45
CA ARG L 116 -79.94 7.22 2.02
C ARG L 116 -78.82 8.02 1.37
N ARG L 117 -79.00 8.41 0.12
CA ARG L 117 -78.06 9.34 -0.50
C ARG L 117 -78.12 10.71 0.18
N LEU L 118 -79.34 11.10 0.57
CA LEU L 118 -79.56 12.33 1.35
C LEU L 118 -78.94 12.22 2.73
N ILE L 119 -79.22 11.13 3.44
CA ILE L 119 -78.61 10.92 4.76
C ILE L 119 -77.09 10.99 4.69
N ARG L 120 -76.51 10.40 3.65
CA ARG L 120 -75.06 10.28 3.48
C ARG L 120 -74.39 11.61 3.19
N THR L 121 -75.05 12.46 2.39
CA THR L 121 -74.51 13.79 2.11
C THR L 121 -74.77 14.77 3.24
N ALA L 122 -75.79 14.53 4.04
CA ALA L 122 -76.04 15.36 5.21
C ALA L 122 -75.01 15.08 6.30
N THR L 123 -74.77 13.80 6.59
CA THR L 123 -73.81 13.40 7.63
C THR L 123 -72.40 13.77 7.21
N SER L 124 -72.11 13.72 5.92
CA SER L 124 -70.77 14.11 5.43
C SER L 124 -70.54 15.62 5.50
N ILE L 125 -71.63 16.39 5.56
CA ILE L 125 -71.56 17.85 5.76
C ILE L 125 -71.36 18.14 7.23
N ALA L 126 -72.14 17.45 8.07
CA ALA L 126 -71.99 17.52 9.52
C ALA L 126 -70.56 17.20 9.90
N GLN L 127 -70.01 16.17 9.29
CA GLN L 127 -68.62 15.80 9.48
C GLN L 127 -67.64 16.89 9.03
N ASP L 128 -67.94 17.53 7.90
CA ASP L 128 -67.07 18.56 7.30
C ASP L 128 -67.07 19.83 8.11
N GLY L 129 -68.11 20.02 8.92
CA GLY L 129 -68.22 21.20 9.77
C GLY L 129 -67.19 21.26 10.87
N TYR L 130 -66.45 20.16 11.06
CA TYR L 130 -65.42 20.07 12.08
C TYR L 130 -64.01 20.13 11.50
N THR L 131 -63.83 19.70 10.25
CA THR L 131 -62.50 19.57 9.65
C THR L 131 -62.09 20.79 8.86
N ARG L 132 -63.04 21.37 8.13
CA ARG L 132 -62.73 22.42 7.17
C ARG L 132 -63.03 23.82 7.70
N GLU L 133 -62.53 24.12 8.89
CA GLU L 133 -62.70 25.45 9.50
C GLU L 133 -61.86 26.53 8.82
N ASP L 134 -60.89 26.15 7.99
CA ASP L 134 -59.98 27.09 7.30
C ASP L 134 -60.78 27.97 6.38
N GLU L 135 -61.84 27.35 5.85
CA GLU L 135 -62.57 27.84 4.71
C GLU L 135 -64.05 27.68 5.07
N ILE L 136 -64.74 28.80 5.16
CA ILE L 136 -66.14 28.71 5.54
C ILE L 136 -67.12 29.09 4.43
N ASP L 137 -66.80 30.12 3.65
CA ASP L 137 -67.62 30.55 2.53
C ASP L 137 -67.71 29.44 1.50
N VAL L 138 -66.62 28.69 1.33
CA VAL L 138 -66.57 27.56 0.41
C VAL L 138 -67.37 26.37 0.95
N LEU L 139 -67.48 26.27 2.28
CA LEU L 139 -68.18 25.15 2.89
C LEU L 139 -69.68 25.31 2.79
N LEU L 140 -70.18 26.52 3.03
CA LEU L 140 -71.61 26.82 2.91
C LEU L 140 -72.06 26.78 1.46
N ASP L 141 -71.11 27.09 0.60
CA ASP L 141 -71.27 27.00 -0.84
C ASP L 141 -71.38 25.55 -1.26
N GLU L 142 -70.55 24.69 -0.68
CA GLU L 142 -70.59 23.26 -0.97
C GLU L 142 -71.88 22.62 -0.49
N ALA L 143 -72.24 22.87 0.77
CA ALA L 143 -73.46 22.31 1.35
C ALA L 143 -74.71 22.65 0.54
N ASP L 144 -74.62 23.70 -0.25
CA ASP L 144 -75.68 24.10 -1.15
C ASP L 144 -75.71 23.20 -2.38
N ARG L 145 -74.57 23.09 -3.06
CA ARG L 145 -74.42 22.23 -4.24
C ARG L 145 -74.68 20.78 -3.87
N LYS L 146 -74.03 20.28 -2.82
CA LYS L 146 -74.19 18.90 -2.35
C LYS L 146 -75.64 18.46 -2.11
N ILE L 147 -76.53 19.40 -1.80
CA ILE L 147 -77.90 19.07 -1.46
C ILE L 147 -78.85 19.25 -2.63
N MET L 148 -78.34 19.69 -3.78
CA MET L 148 -79.16 19.83 -4.99
C MET L 148 -79.49 18.49 -5.59
N GLU L 149 -78.79 17.46 -5.14
CA GLU L 149 -78.91 16.11 -5.69
C GLU L 149 -80.25 15.47 -5.41
N VAL L 150 -81.19 15.98 -6.20
CA VAL L 150 -82.28 15.26 -6.85
C VAL L 150 -81.83 15.06 -8.30
N SER L 151 -81.55 13.81 -8.66
CA SER L 151 -81.60 13.36 -10.04
C SER L 151 -82.83 12.45 -10.04
N GLN L 152 -83.64 12.65 -8.98
CA GLN L 152 -84.68 11.75 -8.52
C GLN L 152 -85.62 12.42 -7.50
N PHE L 159 -92.04 12.03 -20.15
CA PHE L 159 -92.84 12.26 -21.35
C PHE L 159 -94.16 12.88 -21.02
N LYS L 160 -94.74 13.58 -21.99
CA LYS L 160 -96.14 14.01 -21.95
C LYS L 160 -96.75 14.09 -23.34
N ASN L 161 -98.01 13.69 -23.42
CA ASN L 161 -98.77 13.66 -24.68
C ASN L 161 -99.21 15.06 -25.11
N ILE L 162 -99.39 15.24 -26.41
CA ILE L 162 -99.83 16.53 -26.95
C ILE L 162 -101.25 16.89 -26.49
N LYS L 163 -102.10 15.87 -26.34
CA LYS L 163 -103.46 16.06 -25.83
C LYS L 163 -103.45 16.81 -24.50
N ASP L 164 -102.51 16.44 -23.62
CA ASP L 164 -102.34 17.10 -22.33
C ASP L 164 -101.97 18.57 -22.48
N ILE L 165 -101.02 18.85 -23.37
CA ILE L 165 -100.49 20.21 -23.54
C ILE L 165 -101.46 21.10 -24.33
N LEU L 166 -102.21 20.51 -25.26
CA LEU L 166 -103.18 21.26 -26.07
C LEU L 166 -104.23 21.98 -25.23
N VAL L 167 -104.70 21.31 -24.18
CA VAL L 167 -105.65 21.90 -23.24
C VAL L 167 -105.00 23.03 -22.45
N GLN L 168 -103.70 22.87 -22.15
CA GLN L 168 -102.92 23.88 -21.42
C GLN L 168 -102.71 25.15 -22.23
N THR L 169 -102.46 24.98 -23.53
CA THR L 169 -102.21 26.10 -24.44
C THR L 169 -103.46 26.94 -24.70
N TYR L 170 -104.62 26.29 -24.69
CA TYR L 170 -105.89 26.96 -24.94
C TYR L 170 -106.20 27.96 -23.84
N ASP L 171 -106.09 27.54 -22.57
CA ASP L 171 -106.38 28.41 -21.43
C ASP L 171 -105.48 29.63 -21.43
N ASN L 172 -104.19 29.41 -21.68
CA ASN L 172 -103.19 30.45 -21.67
C ASN L 172 -103.39 31.46 -22.80
N ILE L 173 -104.05 31.02 -23.87
CA ILE L 173 -104.30 31.85 -25.04
C ILE L 173 -105.31 32.96 -24.74
N GLU L 174 -105.95 32.86 -23.57
CA GLU L 174 -106.95 33.85 -23.16
C GLU L 174 -106.36 34.95 -22.29
N MET L 175 -105.41 35.69 -22.87
CA MET L 175 -104.87 36.88 -22.26
C MET L 175 -105.66 38.11 -22.74
N LEU L 176 -106.70 37.86 -23.54
CA LEU L 176 -107.56 38.91 -24.06
C LEU L 176 -108.60 39.32 -23.03
N ILE L 183 -97.64 44.47 -25.44
CA ILE L 183 -97.32 44.36 -24.02
C ILE L 183 -97.92 43.06 -23.47
N THR L 184 -97.07 42.15 -23.00
CA THR L 184 -97.54 40.82 -22.56
C THR L 184 -97.16 40.33 -21.14
N GLY L 185 -95.92 40.48 -20.65
CA GLY L 185 -94.82 41.22 -21.27
C GLY L 185 -94.49 42.41 -20.40
N ILE L 186 -93.28 42.43 -19.83
CA ILE L 186 -92.83 43.55 -19.00
C ILE L 186 -92.54 44.76 -19.90
N PRO L 187 -93.18 45.92 -19.62
CA PRO L 187 -92.96 47.12 -20.44
C PRO L 187 -91.68 47.89 -20.08
N THR L 188 -90.85 48.14 -21.09
CA THR L 188 -89.58 48.85 -20.91
C THR L 188 -89.79 50.36 -20.83
N GLY L 189 -90.85 50.83 -21.45
CA GLY L 189 -91.14 52.27 -21.52
C GLY L 189 -90.65 52.91 -22.80
N PHE L 190 -90.30 52.09 -23.78
CA PHE L 190 -89.88 52.55 -25.10
C PHE L 190 -90.86 52.07 -26.18
N THR L 191 -91.80 52.95 -26.54
CA THR L 191 -92.91 52.62 -27.45
C THR L 191 -92.54 51.61 -28.55
N GLU L 192 -91.61 52.01 -29.43
CA GLU L 192 -91.23 51.19 -30.59
C GLU L 192 -90.59 49.85 -30.23
N LEU L 193 -89.86 49.83 -29.12
CA LEU L 193 -89.20 48.61 -28.66
C LEU L 193 -90.23 47.59 -28.18
N ASP L 194 -91.12 48.02 -27.28
CA ASP L 194 -92.20 47.18 -26.77
C ASP L 194 -93.18 46.73 -27.85
N ARG L 195 -93.19 47.44 -28.99
CA ARG L 195 -94.02 47.06 -30.12
C ARG L 195 -93.45 45.81 -30.79
N MET L 196 -92.15 45.85 -31.09
CA MET L 196 -91.47 44.78 -31.79
C MET L 196 -91.27 43.57 -30.89
N THR L 197 -91.33 43.79 -29.58
CA THR L 197 -90.99 42.75 -28.62
C THR L 197 -92.16 42.38 -27.70
N SER L 198 -92.86 43.40 -27.20
CA SER L 198 -93.96 43.28 -26.22
C SER L 198 -93.50 42.63 -24.92
N GLY L 199 -92.46 43.20 -24.31
CA GLY L 199 -91.70 42.47 -23.30
C GLY L 199 -90.82 41.48 -24.06
N PHE L 200 -89.72 41.00 -23.50
CA PHE L 200 -89.38 41.03 -22.08
C PHE L 200 -90.42 40.25 -21.32
N GLN L 201 -90.60 39.02 -21.79
CA GLN L 201 -91.47 38.06 -21.16
C GLN L 201 -90.65 37.20 -20.22
N ARG L 202 -91.35 36.51 -19.33
CA ARG L 202 -90.70 35.69 -18.32
C ARG L 202 -90.11 34.42 -18.92
N SER L 203 -88.92 34.05 -18.41
CA SER L 203 -88.08 32.93 -18.86
C SER L 203 -87.08 33.27 -19.98
N ASP L 204 -87.18 34.49 -20.49
CA ASP L 204 -86.35 34.92 -21.62
C ASP L 204 -85.01 35.44 -21.14
N LEU L 205 -83.94 35.09 -21.88
CA LEU L 205 -82.61 35.68 -21.71
C LEU L 205 -82.33 36.75 -22.78
N ILE L 206 -82.38 38.01 -22.37
CA ILE L 206 -82.15 39.12 -23.28
C ILE L 206 -80.68 39.50 -23.21
N ILE L 207 -80.03 39.55 -24.36
CA ILE L 207 -78.63 39.99 -24.42
C ILE L 207 -78.43 41.30 -25.17
N VAL L 208 -77.99 42.32 -24.43
CA VAL L 208 -77.75 43.66 -24.97
C VAL L 208 -76.25 43.91 -25.10
N ALA L 209 -75.72 43.82 -26.31
CA ALA L 209 -74.29 43.94 -26.55
C ALA L 209 -73.96 45.17 -27.38
N ALA L 210 -72.82 45.79 -27.09
CA ALA L 210 -72.29 46.92 -27.85
C ALA L 210 -70.81 47.13 -27.56
N ARG L 211 -70.13 47.93 -28.38
CA ARG L 211 -68.74 48.27 -28.13
C ARG L 211 -68.60 49.07 -26.84
N PRO L 212 -67.38 49.12 -26.24
CA PRO L 212 -67.22 49.84 -24.97
C PRO L 212 -67.57 51.34 -25.07
N SER L 213 -68.26 51.83 -24.05
CA SER L 213 -68.68 53.23 -23.95
C SER L 213 -69.83 53.62 -24.89
N VAL L 214 -70.29 52.72 -25.74
CA VAL L 214 -71.45 52.98 -26.61
C VAL L 214 -72.71 53.25 -25.78
N GLY L 215 -72.86 52.53 -24.68
CA GLY L 215 -73.95 52.76 -23.73
C GLY L 215 -74.72 51.55 -23.21
N LYS L 216 -74.08 50.39 -23.09
CA LYS L 216 -74.76 49.20 -22.55
C LYS L 216 -75.35 49.51 -21.18
N THR L 217 -74.47 49.85 -20.22
CA THR L 217 -74.86 50.10 -18.83
C THR L 217 -75.97 51.15 -18.76
N ALA L 218 -75.75 52.29 -19.39
CA ALA L 218 -76.74 53.39 -19.42
C ALA L 218 -78.11 53.00 -20.01
N PHE L 219 -78.10 52.08 -20.98
CA PHE L 219 -79.34 51.60 -21.60
C PHE L 219 -80.09 50.71 -20.64
N ALA L 220 -79.39 49.74 -20.05
CA ALA L 220 -79.98 48.80 -19.11
C ALA L 220 -80.58 49.54 -17.92
N LEU L 221 -79.82 50.48 -17.36
CA LEU L 221 -80.27 51.28 -16.23
C LEU L 221 -81.58 52.03 -16.54
N ASN L 222 -81.68 52.56 -17.75
CA ASN L 222 -82.88 53.23 -18.20
C ASN L 222 -84.10 52.31 -18.29
N ILE L 223 -83.88 51.06 -18.67
CA ILE L 223 -84.95 50.05 -18.71
C ILE L 223 -85.38 49.64 -17.30
N ALA L 224 -84.38 49.39 -16.44
CA ALA L 224 -84.61 49.04 -15.04
C ALA L 224 -85.37 50.14 -14.32
N GLN L 225 -84.93 51.38 -14.51
CA GLN L 225 -85.57 52.56 -13.97
C GLN L 225 -87.04 52.65 -14.37
N ASN L 226 -87.30 52.54 -15.68
CA ASN L 226 -88.64 52.67 -16.23
C ASN L 226 -89.55 51.49 -15.87
N VAL L 227 -88.96 50.41 -15.37
CA VAL L 227 -89.78 49.29 -14.92
C VAL L 227 -90.27 49.55 -13.50
N ALA L 228 -89.35 49.69 -12.55
CA ALA L 228 -89.70 49.80 -11.14
C ALA L 228 -90.50 51.06 -10.73
N THR L 229 -90.39 52.13 -11.51
CA THR L 229 -91.13 53.37 -11.21
C THR L 229 -92.49 53.43 -11.91
N LYS L 230 -92.54 52.96 -13.15
CA LYS L 230 -93.77 52.99 -13.94
C LYS L 230 -94.51 51.65 -13.91
N THR L 231 -94.07 50.74 -13.05
CA THR L 231 -94.76 49.48 -12.78
C THR L 231 -94.53 49.04 -11.33
N ASN L 232 -95.28 48.04 -10.87
CA ASN L 232 -95.26 47.65 -9.46
C ASN L 232 -94.23 46.57 -9.17
N GLU L 233 -93.52 46.14 -10.21
CA GLU L 233 -92.56 45.04 -10.15
C GLU L 233 -91.21 45.46 -9.52
N ASN L 234 -90.50 44.48 -8.97
CA ASN L 234 -89.14 44.68 -8.43
C ASN L 234 -88.09 44.21 -9.42
N VAL L 235 -86.94 44.89 -9.48
CA VAL L 235 -85.82 44.42 -10.31
C VAL L 235 -84.47 44.36 -9.58
N ALA L 236 -83.76 43.25 -9.77
CA ALA L 236 -82.45 43.08 -9.15
C ALA L 236 -81.35 43.38 -10.16
N ILE L 237 -80.44 44.26 -9.79
CA ILE L 237 -79.31 44.65 -10.64
C ILE L 237 -78.00 44.16 -10.04
N PHE L 238 -77.18 43.53 -10.89
CA PHE L 238 -75.84 43.10 -10.51
C PHE L 238 -74.79 43.90 -11.28
N SER L 239 -74.15 44.84 -10.58
CA SER L 239 -73.18 45.72 -11.22
C SER L 239 -71.78 45.24 -10.89
N LEU L 240 -71.25 44.42 -11.79
CA LEU L 240 -69.96 43.80 -11.55
C LEU L 240 -68.80 44.75 -11.80
N GLU L 241 -69.05 45.83 -12.54
CA GLU L 241 -67.99 46.76 -12.91
C GLU L 241 -67.93 48.00 -12.03
N MET L 242 -69.03 48.76 -12.00
CA MET L 242 -69.05 50.01 -11.24
C MET L 242 -69.89 49.88 -9.98
N SER L 243 -69.63 50.75 -9.00
CA SER L 243 -70.26 50.66 -7.67
C SER L 243 -71.73 51.09 -7.66
N ALA L 244 -72.44 50.74 -6.59
CA ALA L 244 -73.85 51.10 -6.43
C ALA L 244 -74.04 52.60 -6.46
N GLN L 245 -73.16 53.31 -5.74
CA GLN L 245 -73.13 54.78 -5.70
C GLN L 245 -73.32 55.41 -7.08
N GLN L 246 -72.43 55.06 -8.01
CA GLN L 246 -72.42 55.60 -9.37
C GLN L 246 -73.68 55.24 -10.16
N LEU L 247 -74.17 54.02 -9.95
CA LEU L 247 -75.38 53.56 -10.63
C LEU L 247 -76.57 54.40 -10.28
N VAL L 248 -76.68 54.74 -8.99
CA VAL L 248 -77.79 55.58 -8.50
C VAL L 248 -77.71 56.98 -9.11
N MET L 249 -76.52 57.57 -9.10
CA MET L 249 -76.27 58.90 -9.68
C MET L 249 -76.59 58.97 -11.17
N ARG L 250 -76.35 57.84 -11.86
CA ARG L 250 -76.68 57.70 -13.27
C ARG L 250 -78.19 57.60 -13.50
N MET L 251 -78.90 57.11 -12.48
CA MET L 251 -80.36 57.00 -12.53
C MET L 251 -81.05 58.30 -12.13
N LEU L 252 -80.43 59.07 -11.25
CA LEU L 252 -80.97 60.36 -10.82
C LEU L 252 -80.98 61.35 -11.97
N CYS L 253 -79.84 61.46 -12.67
CA CYS L 253 -79.70 62.30 -13.85
C CYS L 253 -80.71 61.92 -14.93
N ALA L 254 -81.02 60.63 -15.04
CA ALA L 254 -81.95 60.13 -16.04
C ALA L 254 -83.41 60.42 -15.68
N GLU L 255 -83.64 60.78 -14.42
CA GLU L 255 -84.99 61.04 -13.93
C GLU L 255 -85.31 62.54 -13.85
N GLY L 256 -84.38 63.32 -13.31
CA GLY L 256 -84.59 64.75 -13.11
C GLY L 256 -83.87 65.64 -14.09
N ASN L 257 -83.41 65.06 -15.20
CA ASN L 257 -82.69 65.78 -16.26
C ASN L 257 -81.55 66.70 -15.79
N ILE L 258 -80.68 66.16 -14.94
CA ILE L 258 -79.56 66.91 -14.39
C ILE L 258 -78.29 66.59 -15.15
N ASN L 259 -77.53 67.63 -15.49
CA ASN L 259 -76.23 67.50 -16.14
C ASN L 259 -75.27 66.67 -15.27
N ALA L 260 -74.74 65.59 -15.84
CA ALA L 260 -73.96 64.63 -15.07
C ALA L 260 -72.71 65.24 -14.43
N GLN L 261 -71.99 66.05 -15.20
CA GLN L 261 -70.78 66.72 -14.71
C GLN L 261 -71.12 67.68 -13.55
N ASN L 262 -72.39 68.07 -13.47
CA ASN L 262 -72.86 68.93 -12.38
C ASN L 262 -73.03 68.19 -11.05
N LEU L 263 -73.49 66.95 -11.10
CA LEU L 263 -73.71 66.15 -9.89
C LEU L 263 -72.42 65.76 -9.17
N ARG L 264 -71.37 65.50 -9.95
CA ARG L 264 -70.10 65.06 -9.38
C ARG L 264 -69.19 66.21 -8.97
N THR L 265 -69.51 67.43 -9.42
CA THR L 265 -68.82 68.64 -8.97
C THR L 265 -69.51 69.19 -7.73
N GLY L 266 -70.82 69.29 -7.81
CA GLY L 266 -71.62 69.82 -6.71
C GLY L 266 -72.36 71.09 -7.07
N LYS L 267 -71.80 71.86 -8.00
CA LYS L 267 -72.37 73.15 -8.37
C LYS L 267 -73.69 73.00 -9.16
N LEU L 268 -74.78 73.41 -8.55
CA LEU L 268 -76.13 73.31 -9.13
C LEU L 268 -76.95 74.58 -8.88
N THR L 269 -77.68 75.02 -9.90
CA THR L 269 -78.57 76.19 -9.77
C THR L 269 -79.87 75.78 -9.06
N PRO L 270 -80.59 76.75 -8.46
CA PRO L 270 -81.90 76.51 -7.84
C PRO L 270 -82.85 75.63 -8.64
N GLU L 271 -82.75 75.67 -9.97
CA GLU L 271 -83.57 74.81 -10.83
C GLU L 271 -83.19 73.35 -10.76
N ASP L 272 -81.89 73.09 -10.59
CA ASP L 272 -81.37 71.72 -10.48
C ASP L 272 -81.73 71.08 -9.15
N TRP L 273 -81.55 71.82 -8.05
CA TRP L 273 -81.93 71.35 -6.72
C TRP L 273 -83.40 70.95 -6.65
N GLY L 274 -84.25 71.70 -7.36
CA GLY L 274 -85.69 71.42 -7.44
C GLY L 274 -85.99 70.16 -8.22
N LYS L 275 -85.23 69.91 -9.27
CA LYS L 275 -85.36 68.71 -10.08
C LYS L 275 -84.84 67.49 -9.33
N LEU L 276 -83.77 67.70 -8.56
CA LEU L 276 -83.14 66.65 -7.77
C LEU L 276 -84.05 66.12 -6.68
N THR L 277 -84.74 67.04 -6.00
CA THR L 277 -85.60 66.67 -4.87
C THR L 277 -86.88 65.93 -5.29
N MET L 278 -87.34 66.15 -6.52
CA MET L 278 -88.54 65.47 -7.02
C MET L 278 -88.22 64.24 -7.86
N ALA L 279 -86.93 64.00 -8.06
CA ALA L 279 -86.44 62.76 -8.64
C ALA L 279 -86.37 61.69 -7.55
N MET L 280 -85.84 62.07 -6.39
CA MET L 280 -85.79 61.21 -5.21
C MET L 280 -87.20 60.85 -4.73
N GLY L 281 -88.18 61.70 -5.06
CA GLY L 281 -89.57 61.47 -4.72
C GLY L 281 -90.09 60.17 -5.30
N SER L 282 -90.04 60.06 -6.62
CA SER L 282 -90.54 58.87 -7.33
C SER L 282 -89.59 57.68 -7.25
N LEU L 283 -88.37 57.91 -6.76
CA LEU L 283 -87.38 56.85 -6.65
C LEU L 283 -87.27 56.20 -5.27
N SER L 284 -88.33 56.30 -4.48
CA SER L 284 -88.39 55.60 -3.19
C SER L 284 -89.36 54.42 -3.24
N ASN L 285 -90.54 54.66 -3.78
CA ASN L 285 -91.55 53.62 -3.99
C ASN L 285 -91.18 52.72 -5.16
N ALA L 286 -89.91 52.84 -5.58
CA ALA L 286 -89.36 52.17 -6.75
C ALA L 286 -89.15 50.68 -6.53
N GLY L 287 -88.27 50.36 -5.60
CA GLY L 287 -87.96 48.96 -5.32
C GLY L 287 -87.04 48.35 -6.34
N ILE L 288 -85.87 48.95 -6.51
CA ILE L 288 -84.74 48.29 -7.17
C ILE L 288 -83.71 47.90 -6.12
N TYR L 289 -83.10 46.74 -6.33
CA TYR L 289 -82.13 46.19 -5.41
C TYR L 289 -80.82 45.99 -6.16
N ILE L 290 -79.74 46.57 -5.65
CA ILE L 290 -78.44 46.55 -6.32
C ILE L 290 -77.45 45.67 -5.56
N ASP L 291 -76.64 44.93 -6.31
CA ASP L 291 -75.55 44.15 -5.74
C ASP L 291 -74.24 44.35 -6.52
N ASP L 292 -73.33 45.12 -5.94
CA ASP L 292 -72.11 45.51 -6.65
C ASP L 292 -70.88 44.73 -6.18
N THR L 293 -71.01 43.42 -6.06
CA THR L 293 -69.89 42.57 -5.70
C THR L 293 -68.97 42.47 -6.92
N PRO L 294 -67.67 42.80 -6.74
CA PRO L 294 -66.72 42.80 -7.85
C PRO L 294 -66.73 41.50 -8.66
N SER L 295 -66.80 40.37 -7.97
CA SER L 295 -66.74 39.08 -8.63
C SER L 295 -67.63 38.06 -7.95
N ILE L 296 -68.75 37.77 -8.59
CA ILE L 296 -69.59 36.65 -8.19
C ILE L 296 -69.69 35.65 -9.32
N ARG L 297 -70.16 34.44 -8.99
CA ARG L 297 -70.46 33.44 -10.00
C ARG L 297 -71.98 33.39 -10.19
N VAL L 298 -72.44 32.46 -11.03
CA VAL L 298 -73.88 32.35 -11.35
C VAL L 298 -74.69 31.78 -10.19
N SER L 299 -74.07 30.86 -9.44
CA SER L 299 -74.72 30.26 -8.27
C SER L 299 -74.85 31.23 -7.08
N ASP L 300 -73.98 32.24 -7.03
CA ASP L 300 -74.09 33.33 -6.06
C ASP L 300 -75.31 34.19 -6.39
N ILE L 301 -75.55 34.39 -7.70
CA ILE L 301 -76.65 35.21 -8.20
C ILE L 301 -77.99 34.53 -8.02
N ARG L 302 -78.09 33.28 -8.51
CA ARG L 302 -79.28 32.46 -8.35
C ARG L 302 -79.75 32.49 -6.90
N ALA L 303 -78.81 32.29 -5.97
CA ALA L 303 -79.09 32.27 -4.54
C ALA L 303 -79.74 33.57 -4.07
N LYS L 304 -79.03 34.69 -4.27
CA LYS L 304 -79.53 36.00 -3.85
C LYS L 304 -80.88 36.30 -4.48
N CYS L 305 -81.09 35.84 -5.71
CA CYS L 305 -82.32 36.11 -6.46
C CYS L 305 -83.55 35.37 -5.97
N ARG L 306 -83.45 34.05 -5.82
CA ARG L 306 -84.61 33.27 -5.38
C ARG L 306 -85.05 33.62 -3.95
N ARG L 307 -84.11 34.14 -3.16
CA ARG L 307 -84.41 34.59 -1.80
C ARG L 307 -85.09 35.95 -1.76
N LEU L 308 -84.80 36.81 -2.74
CA LEU L 308 -85.48 38.10 -2.85
C LEU L 308 -86.91 37.96 -3.37
N LYS L 309 -87.16 36.92 -4.18
CA LYS L 309 -88.50 36.66 -4.70
C LYS L 309 -89.40 35.95 -3.67
N GLN L 310 -88.79 35.54 -2.56
CA GLN L 310 -89.52 34.92 -1.45
C GLN L 310 -90.31 35.95 -0.66
N GLU L 311 -89.64 37.03 -0.26
CA GLU L 311 -90.18 38.01 0.68
C GLU L 311 -90.73 39.29 0.01
N SER L 312 -90.45 39.47 -1.28
CA SER L 312 -90.88 40.66 -2.00
C SER L 312 -91.46 40.37 -3.38
N GLY L 313 -91.00 39.28 -3.98
CA GLY L 313 -91.39 38.91 -5.35
C GLY L 313 -90.49 39.58 -6.38
N LEU L 314 -90.04 38.81 -7.36
CA LEU L 314 -89.16 39.34 -8.41
C LEU L 314 -89.89 39.35 -9.75
N GLY L 315 -89.43 40.23 -10.65
CA GLY L 315 -89.99 40.31 -11.98
C GLY L 315 -88.97 40.57 -13.08
N MET L 316 -87.72 40.88 -12.70
CA MET L 316 -86.67 41.23 -13.67
C MET L 316 -85.23 41.22 -13.09
N ILE L 317 -84.29 40.60 -13.81
CA ILE L 317 -82.89 40.59 -13.41
C ILE L 317 -81.99 41.19 -14.50
N VAL L 318 -81.04 42.01 -14.07
CA VAL L 318 -80.04 42.63 -14.93
C VAL L 318 -78.64 42.29 -14.41
N ILE L 319 -77.74 41.92 -15.31
CA ILE L 319 -76.34 41.68 -14.94
C ILE L 319 -75.46 42.61 -15.74
N ASP L 320 -74.67 43.42 -15.03
CA ASP L 320 -73.71 44.30 -15.71
C ASP L 320 -72.54 43.48 -16.21
N TYR L 321 -72.77 42.97 -17.41
CA TYR L 321 -71.77 42.50 -18.33
C TYR L 321 -71.31 41.06 -18.00
N LEU L 322 -71.80 40.18 -18.87
CA LEU L 322 -71.76 38.72 -18.78
C LEU L 322 -70.39 38.08 -18.62
N GLN L 323 -69.42 38.51 -19.43
CA GLN L 323 -68.09 37.91 -19.38
C GLN L 323 -67.25 38.36 -18.17
N LEU L 324 -67.91 39.06 -17.24
CA LEU L 324 -67.28 39.49 -15.99
C LEU L 324 -67.68 38.60 -14.80
N ILE L 325 -68.78 37.88 -14.96
CA ILE L 325 -69.15 36.77 -14.08
C ILE L 325 -68.03 35.73 -14.20
N GLN L 326 -67.78 35.00 -13.12
CA GLN L 326 -66.65 34.10 -13.11
C GLN L 326 -66.97 32.68 -12.70
N GLY L 327 -65.92 31.87 -12.66
CA GLY L 327 -65.88 30.54 -12.04
C GLY L 327 -67.13 29.69 -12.10
N SER L 328 -67.13 28.77 -13.06
CA SER L 328 -68.17 27.76 -13.13
C SER L 328 -67.80 26.62 -12.18
N GLY L 329 -68.44 25.47 -12.33
CA GLY L 329 -67.99 24.27 -11.64
C GLY L 329 -66.75 23.72 -12.28
N ARG L 330 -66.83 23.51 -13.60
CA ARG L 330 -66.06 22.51 -14.35
C ARG L 330 -64.57 22.78 -14.63
N SER L 331 -63.78 22.27 -13.70
CA SER L 331 -62.36 21.92 -13.79
C SER L 331 -61.44 22.88 -14.55
N LYS L 332 -61.79 24.17 -14.54
CA LYS L 332 -60.96 25.25 -15.11
C LYS L 332 -60.56 25.07 -16.58
N GLU L 333 -61.56 24.80 -17.43
CA GLU L 333 -61.32 24.50 -18.84
C GLU L 333 -60.91 25.71 -19.71
N ASN L 334 -60.90 25.49 -21.02
CA ASN L 334 -60.71 26.53 -22.03
C ASN L 334 -61.75 27.67 -21.93
N ARG L 335 -61.28 28.92 -21.95
CA ARG L 335 -62.09 30.12 -21.69
C ARG L 335 -63.44 30.16 -22.41
N GLN L 336 -63.46 29.75 -23.68
CA GLN L 336 -64.69 29.70 -24.45
C GLN L 336 -65.78 28.83 -23.79
N GLN L 337 -65.36 27.75 -23.14
CA GLN L 337 -66.30 26.85 -22.47
C GLN L 337 -66.77 27.38 -21.13
N GLU L 338 -65.91 28.16 -20.46
CA GLU L 338 -66.25 28.79 -19.19
C GLU L 338 -67.46 29.73 -19.36
N VAL L 339 -67.39 30.59 -20.37
CA VAL L 339 -68.48 31.52 -20.68
C VAL L 339 -69.66 30.78 -21.32
N SER L 340 -69.37 29.63 -21.93
CA SER L 340 -70.40 28.83 -22.57
C SER L 340 -71.38 28.28 -21.54
N GLU L 341 -70.89 28.10 -20.31
CA GLU L 341 -71.70 27.61 -19.19
C GLU L 341 -72.42 28.75 -18.46
N ILE L 342 -71.74 29.89 -18.33
CA ILE L 342 -72.36 31.10 -17.81
C ILE L 342 -73.64 31.43 -18.59
N SER L 343 -73.58 31.25 -19.91
CA SER L 343 -74.73 31.41 -20.77
C SER L 343 -75.84 30.46 -20.40
N ARG L 344 -75.56 29.16 -20.42
CA ARG L 344 -76.57 28.16 -20.10
C ARG L 344 -77.14 28.41 -18.69
N SER L 345 -76.26 28.67 -17.73
CA SER L 345 -76.65 28.92 -16.34
C SER L 345 -77.59 30.10 -16.21
N LEU L 346 -77.34 31.15 -16.99
CA LEU L 346 -78.19 32.34 -16.99
C LEU L 346 -79.57 32.04 -17.58
N LYS L 347 -79.61 31.27 -18.66
CA LYS L 347 -80.87 30.85 -19.28
C LYS L 347 -81.63 29.97 -18.29
N ALA L 348 -80.91 29.09 -17.62
CA ALA L 348 -81.51 28.23 -16.60
C ALA L 348 -81.97 29.00 -15.36
N LEU L 349 -81.44 30.21 -15.16
CA LEU L 349 -81.86 31.08 -14.07
C LEU L 349 -83.17 31.80 -14.43
N ALA L 350 -83.27 32.24 -15.68
CA ALA L 350 -84.48 32.87 -16.20
C ALA L 350 -85.61 31.85 -16.28
N ARG L 351 -85.25 30.60 -16.54
CA ARG L 351 -86.20 29.52 -16.70
C ARG L 351 -86.78 29.09 -15.36
N GLU L 352 -85.90 28.91 -14.36
CA GLU L 352 -86.29 28.44 -13.04
C GLU L 352 -87.09 29.50 -12.25
N LEU L 353 -86.66 30.77 -12.31
CA LEU L 353 -87.30 31.88 -11.60
C LEU L 353 -88.51 32.48 -12.31
N GLU L 354 -88.73 32.07 -13.57
CA GLU L 354 -89.77 32.64 -14.44
C GLU L 354 -89.73 34.16 -14.45
N VAL L 355 -88.62 34.69 -14.98
CA VAL L 355 -88.29 36.12 -14.99
C VAL L 355 -87.36 36.42 -16.18
N PRO L 356 -87.58 37.55 -16.87
CA PRO L 356 -86.64 37.95 -17.92
C PRO L 356 -85.28 38.38 -17.36
N VAL L 357 -84.21 37.75 -17.86
CA VAL L 357 -82.84 38.09 -17.47
C VAL L 357 -82.14 38.85 -18.59
N ILE L 358 -81.68 40.06 -18.27
CA ILE L 358 -80.91 40.87 -19.20
C ILE L 358 -79.44 40.79 -18.86
N ALA L 359 -78.67 40.14 -19.73
CA ALA L 359 -77.21 40.10 -19.59
C ALA L 359 -76.58 41.05 -20.59
N LEU L 360 -75.80 42.00 -20.10
CA LEU L 360 -75.07 42.87 -21.00
C LEU L 360 -73.85 42.13 -21.51
N SER L 361 -73.56 42.30 -22.79
CA SER L 361 -72.37 41.69 -23.36
C SER L 361 -71.41 42.72 -23.97
N GLN L 362 -70.14 42.35 -24.07
CA GLN L 362 -69.16 43.15 -24.77
C GLN L 362 -69.05 42.65 -26.21
N LEU L 363 -68.39 43.41 -27.07
CA LEU L 363 -68.17 42.97 -28.44
C LEU L 363 -66.69 42.74 -28.75
N SER L 364 -66.45 41.85 -29.71
CA SER L 364 -65.11 41.57 -30.20
C SER L 364 -64.54 42.74 -31.00
N ARG L 365 -63.24 42.73 -31.20
CA ARG L 365 -62.59 43.85 -31.85
C ARG L 365 -62.60 43.67 -33.36
N SER L 366 -63.33 42.68 -33.83
CA SER L 366 -63.45 42.45 -35.29
C SER L 366 -64.44 43.39 -35.99
N VAL L 367 -65.38 43.93 -35.22
CA VAL L 367 -66.38 44.88 -35.73
C VAL L 367 -65.76 46.17 -36.24
N GLU L 368 -64.51 46.44 -35.85
CA GLU L 368 -63.87 47.68 -36.22
C GLU L 368 -63.28 47.63 -37.63
N GLN L 369 -62.73 46.49 -38.02
CA GLN L 369 -62.17 46.30 -39.37
C GLN L 369 -63.21 46.49 -40.48
N ARG L 370 -64.41 45.98 -40.24
CA ARG L 370 -65.49 46.04 -41.21
C ARG L 370 -65.82 47.48 -41.58
N GLN L 371 -66.15 47.70 -42.86
CA GLN L 371 -66.56 49.01 -43.34
C GLN L 371 -67.84 49.50 -42.66
N ASP L 372 -68.79 48.58 -42.52
CA ASP L 372 -70.05 48.82 -41.82
C ASP L 372 -69.87 48.45 -40.35
N LYS L 373 -69.59 49.45 -39.52
CA LYS L 373 -69.30 49.22 -38.09
C LYS L 373 -70.55 48.84 -37.29
N ARG L 374 -71.62 48.48 -37.99
CA ARG L 374 -72.79 47.89 -37.34
C ARG L 374 -72.46 46.43 -37.02
N PRO L 375 -72.74 46.02 -35.77
CA PRO L 375 -72.38 44.66 -35.39
C PRO L 375 -73.39 43.61 -35.80
N MET L 376 -72.90 42.42 -36.12
CA MET L 376 -73.75 41.25 -36.33
C MET L 376 -73.49 40.28 -35.19
N MET L 377 -74.20 39.16 -35.18
CA MET L 377 -74.13 38.20 -34.06
C MET L 377 -72.74 37.57 -33.79
N SER L 378 -72.02 37.28 -34.87
CA SER L 378 -70.66 36.78 -34.80
C SER L 378 -69.78 37.61 -33.83
N ASP L 379 -70.10 38.88 -33.68
CA ASP L 379 -69.24 39.83 -32.97
C ASP L 379 -69.20 39.71 -31.45
N ILE L 380 -70.15 38.98 -30.85
CA ILE L 380 -70.20 38.87 -29.37
C ILE L 380 -68.90 38.29 -28.79
N ARG L 381 -68.34 39.01 -27.82
CA ARG L 381 -67.05 38.68 -27.20
C ARG L 381 -67.03 37.30 -26.57
N GLU L 382 -65.89 36.63 -26.71
CA GLU L 382 -65.52 35.44 -25.91
C GLU L 382 -66.07 34.08 -26.35
N SER L 383 -67.39 33.98 -26.60
CA SER L 383 -68.02 32.70 -26.96
C SER L 383 -69.20 32.81 -27.95
N GLY L 384 -69.31 31.80 -28.80
CA GLY L 384 -70.38 31.76 -29.80
C GLY L 384 -71.70 31.34 -29.23
N SER L 385 -71.67 30.69 -28.06
CA SER L 385 -72.89 30.16 -27.44
C SER L 385 -73.79 31.25 -26.87
N ILE L 386 -73.20 32.42 -26.58
CA ILE L 386 -73.97 33.56 -26.12
C ILE L 386 -75.13 33.81 -27.10
N GLU L 387 -74.84 33.76 -28.40
CA GLU L 387 -75.82 34.01 -29.46
C GLU L 387 -76.89 32.93 -29.49
N GLN L 388 -76.45 31.69 -29.43
CA GLN L 388 -77.33 30.56 -29.54
C GLN L 388 -78.30 30.49 -28.35
N ASP L 389 -77.78 30.62 -27.13
CA ASP L 389 -78.54 30.42 -25.90
C ASP L 389 -79.57 31.51 -25.63
N ALA L 390 -79.27 32.75 -26.03
CA ALA L 390 -80.18 33.88 -25.89
C ALA L 390 -81.35 33.78 -26.83
N ASP L 391 -82.53 34.15 -26.34
CA ASP L 391 -83.75 34.16 -27.15
C ASP L 391 -84.10 35.55 -27.69
N ILE L 392 -83.17 36.49 -27.51
CA ILE L 392 -83.27 37.83 -28.07
C ILE L 392 -81.94 38.55 -27.91
N VAL L 393 -81.40 39.00 -29.04
CA VAL L 393 -80.11 39.71 -29.08
C VAL L 393 -80.26 41.13 -29.65
N ALA L 394 -79.92 42.11 -28.82
CA ALA L 394 -80.08 43.53 -29.17
C ALA L 394 -78.72 44.23 -29.17
N PHE L 395 -78.39 44.89 -30.27
CA PHE L 395 -77.15 45.64 -30.36
C PHE L 395 -77.40 47.12 -30.25
N LEU L 396 -76.38 47.85 -29.81
CA LEU L 396 -76.43 49.30 -29.82
C LEU L 396 -75.37 49.79 -30.79
N TYR L 397 -75.82 50.51 -31.82
CA TYR L 397 -74.93 51.21 -32.76
C TYR L 397 -75.17 52.72 -32.72
N ARG L 398 -74.07 53.48 -32.66
CA ARG L 398 -74.11 54.93 -32.70
C ARG L 398 -73.30 55.47 -33.87
N ASP L 399 -73.99 55.92 -34.91
CA ASP L 399 -73.36 56.63 -36.01
C ASP L 399 -72.56 57.78 -35.41
N ASP L 400 -73.03 58.19 -34.24
CA ASP L 400 -72.45 59.19 -33.35
C ASP L 400 -71.04 58.82 -32.86
N TYR L 401 -70.91 57.58 -32.40
CA TYR L 401 -69.71 57.06 -31.73
C TYR L 401 -68.46 57.06 -32.60
N TYR L 402 -68.65 56.98 -33.91
CA TYR L 402 -67.53 56.99 -34.83
C TYR L 402 -67.35 58.37 -35.48
N ASN L 403 -68.42 59.17 -35.50
CA ASN L 403 -68.39 60.61 -35.83
C ASN L 403 -67.58 61.02 -37.09
N LYS L 404 -66.65 61.97 -37.01
CA LYS L 404 -66.29 62.78 -35.84
C LYS L 404 -67.03 64.14 -35.88
N ASP L 405 -68.35 64.09 -36.11
CA ASP L 405 -69.24 65.24 -36.35
C ASP L 405 -70.42 64.80 -37.23
N SER L 406 -71.18 63.83 -36.73
CA SER L 406 -72.25 63.18 -37.49
C SER L 406 -73.48 64.08 -37.66
N GLU L 407 -73.99 64.11 -38.89
CA GLU L 407 -75.35 64.59 -39.13
C GLU L 407 -76.28 63.57 -38.48
N ASN L 408 -77.46 64.01 -38.05
CA ASN L 408 -78.27 63.29 -37.06
C ASN L 408 -77.44 62.80 -35.85
N LYS L 409 -77.12 63.79 -35.01
CA LYS L 409 -76.16 63.68 -33.93
C LYS L 409 -76.51 62.58 -32.93
N ASN L 410 -77.55 62.80 -32.14
CA ASN L 410 -77.81 61.99 -30.94
C ASN L 410 -78.64 60.71 -31.12
N ILE L 411 -78.75 60.25 -32.36
CA ILE L 411 -79.54 59.05 -32.66
C ILE L 411 -78.73 57.79 -32.47
N ILE L 412 -79.32 56.83 -31.75
CA ILE L 412 -78.73 55.52 -31.48
C ILE L 412 -79.65 54.40 -31.96
N GLU L 413 -79.09 53.47 -32.73
CA GLU L 413 -79.86 52.34 -33.23
C GLU L 413 -79.91 51.22 -32.20
N ILE L 414 -81.09 50.65 -32.03
CA ILE L 414 -81.27 49.44 -31.23
C ILE L 414 -81.53 48.30 -32.19
N ILE L 415 -80.44 47.68 -32.68
CA ILE L 415 -80.55 46.61 -33.65
C ILE L 415 -80.94 45.30 -32.95
N ILE L 416 -82.21 44.92 -33.07
CA ILE L 416 -82.63 43.61 -32.62
C ILE L 416 -82.31 42.62 -33.73
N ALA L 417 -81.28 41.81 -33.50
CA ALA L 417 -80.78 40.88 -34.51
C ALA L 417 -81.35 39.47 -34.34
N LYS L 418 -81.98 39.19 -33.21
CA LYS L 418 -82.53 37.85 -32.94
C LYS L 418 -83.77 37.88 -32.05
N GLN L 419 -84.74 37.02 -32.35
CA GLN L 419 -85.75 36.57 -31.36
C GLN L 419 -86.64 35.39 -31.80
N ARG L 420 -87.03 34.56 -30.83
CA ARG L 420 -87.90 33.40 -31.07
C ARG L 420 -89.37 33.72 -30.88
N ASN L 421 -89.66 34.89 -30.31
CA ASN L 421 -91.02 35.46 -30.30
C ASN L 421 -91.42 35.80 -31.74
N GLY L 422 -90.52 36.50 -32.45
CA GLY L 422 -90.81 36.92 -33.81
C GLY L 422 -89.81 37.83 -34.49
N PRO L 423 -90.24 39.07 -34.79
CA PRO L 423 -89.62 40.03 -35.71
C PRO L 423 -88.17 40.37 -35.44
N VAL L 424 -87.38 40.33 -36.52
CA VAL L 424 -86.06 40.93 -36.55
C VAL L 424 -86.24 42.37 -37.09
N GLY L 425 -85.32 43.27 -36.75
CA GLY L 425 -85.37 44.63 -37.26
C GLY L 425 -84.70 45.65 -36.37
N THR L 426 -84.52 46.85 -36.88
CA THR L 426 -83.88 47.94 -36.16
C THR L 426 -84.93 48.85 -35.54
N VAL L 427 -84.62 49.40 -34.36
CA VAL L 427 -85.46 50.42 -33.74
C VAL L 427 -84.61 51.65 -33.42
N GLN L 428 -85.22 52.83 -33.41
CA GLN L 428 -84.48 54.06 -33.29
C GLN L 428 -84.80 54.84 -32.02
N LEU L 429 -83.76 55.23 -31.28
CA LEU L 429 -83.90 56.01 -30.04
C LEU L 429 -82.88 57.15 -29.94
N ALA L 430 -83.11 58.05 -28.98
CA ALA L 430 -82.21 59.19 -28.76
C ALA L 430 -81.47 59.05 -27.44
N PHE L 431 -80.16 59.33 -27.45
CA PHE L 431 -79.31 59.13 -26.28
C PHE L 431 -78.66 60.43 -25.83
N ILE L 432 -79.36 61.16 -24.96
CA ILE L 432 -78.84 62.43 -24.41
C ILE L 432 -77.82 62.11 -23.31
N LYS L 433 -76.56 62.07 -23.72
CA LYS L 433 -75.49 61.59 -22.87
C LYS L 433 -75.31 62.40 -21.59
N GLU L 434 -75.55 63.71 -21.68
CA GLU L 434 -75.38 64.62 -20.53
C GLU L 434 -76.31 64.25 -19.37
N TYR L 435 -77.48 63.70 -19.69
CA TYR L 435 -78.46 63.28 -18.68
C TYR L 435 -78.54 61.76 -18.53
N ASN L 436 -77.55 61.05 -19.09
CA ASN L 436 -77.48 59.59 -19.02
C ASN L 436 -78.77 58.87 -19.46
N LYS L 437 -79.56 59.58 -20.26
CA LYS L 437 -80.93 59.17 -20.56
C LYS L 437 -81.14 58.78 -22.03
N PHE L 438 -81.92 57.72 -22.24
CA PHE L 438 -82.51 57.38 -23.53
C PHE L 438 -83.97 57.84 -23.53
N VAL L 439 -84.43 58.44 -24.63
CA VAL L 439 -85.83 58.85 -24.77
C VAL L 439 -86.42 58.31 -26.07
N ASN L 440 -87.75 58.24 -26.12
CA ASN L 440 -88.48 57.90 -27.34
C ASN L 440 -88.37 58.99 -28.38
N LEU L 441 -88.51 58.61 -29.65
CA LEU L 441 -88.26 59.55 -30.72
C LEU L 441 -89.45 60.48 -30.97
N ARG M 8 -61.66 -32.28 -7.57
CA ARG M 8 -62.28 -31.91 -8.88
C ARG M 8 -62.76 -30.46 -8.93
N ILE M 9 -62.80 -29.91 -10.14
CA ILE M 9 -63.54 -28.69 -10.46
C ILE M 9 -64.57 -29.06 -11.55
N PRO M 10 -65.58 -28.21 -11.79
CA PRO M 10 -66.53 -28.54 -12.87
C PRO M 10 -66.66 -27.42 -13.92
N PRO M 11 -67.14 -27.74 -15.15
CA PRO M 11 -67.40 -26.70 -16.19
C PRO M 11 -68.70 -26.80 -17.04
N GLN M 12 -69.87 -26.49 -16.48
CA GLN M 12 -71.16 -26.75 -17.17
C GLN M 12 -72.25 -25.65 -17.18
N SER M 13 -73.51 -26.07 -17.38
CA SER M 13 -74.71 -25.18 -17.39
C SER M 13 -76.05 -25.97 -17.40
N ILE M 14 -76.18 -26.91 -16.45
CA ILE M 14 -77.34 -27.84 -16.39
C ILE M 14 -78.71 -27.14 -16.52
N GLU M 15 -78.75 -25.86 -16.17
CA GLU M 15 -79.97 -25.06 -16.29
C GLU M 15 -80.35 -24.90 -17.76
N ALA M 16 -79.34 -24.71 -18.62
CA ALA M 16 -79.55 -24.48 -20.05
C ALA M 16 -79.78 -25.78 -20.82
N GLU M 17 -79.01 -26.80 -20.47
CA GLU M 17 -79.23 -28.11 -21.04
C GLU M 17 -80.70 -28.45 -20.80
N GLN M 18 -81.12 -28.42 -19.54
CA GLN M 18 -82.51 -28.74 -19.20
C GLN M 18 -83.53 -27.88 -19.95
N ALA M 19 -83.18 -26.61 -20.17
CA ALA M 19 -84.07 -25.66 -20.87
C ALA M 19 -84.31 -26.01 -22.35
N VAL M 20 -83.29 -26.55 -22.99
CA VAL M 20 -83.43 -26.98 -24.38
C VAL M 20 -84.36 -28.21 -24.47
N LEU M 21 -83.95 -29.28 -23.82
CA LEU M 21 -84.70 -30.53 -23.86
C LEU M 21 -86.17 -30.31 -23.51
N GLY M 22 -86.44 -29.48 -22.50
CA GLY M 22 -87.82 -29.14 -22.14
C GLY M 22 -88.54 -28.30 -23.18
N ALA M 23 -87.77 -27.47 -23.91
CA ALA M 23 -88.33 -26.62 -24.95
C ALA M 23 -88.83 -27.48 -26.10
N VAL M 24 -88.03 -28.48 -26.46
CA VAL M 24 -88.42 -29.44 -27.49
C VAL M 24 -89.73 -30.17 -27.16
N PHE M 25 -90.07 -30.27 -25.88
CA PHE M 25 -91.33 -30.85 -25.50
C PHE M 25 -92.45 -29.85 -25.74
N LEU M 26 -92.41 -28.71 -25.07
CA LEU M 26 -93.35 -27.60 -25.35
C LEU M 26 -93.52 -27.32 -26.86
N ASP M 27 -92.41 -27.34 -27.60
CA ASP M 27 -92.43 -26.89 -28.99
C ASP M 27 -91.47 -27.63 -29.89
N PRO M 28 -92.02 -28.54 -30.71
CA PRO M 28 -91.21 -29.48 -31.44
C PRO M 28 -90.40 -28.81 -32.54
N ALA M 29 -90.79 -27.61 -32.96
CA ALA M 29 -90.01 -26.84 -33.92
C ALA M 29 -88.67 -26.32 -33.33
N ALA M 30 -88.58 -26.37 -31.99
CA ALA M 30 -87.37 -25.98 -31.25
C ALA M 30 -86.21 -26.82 -31.73
N LEU M 31 -86.53 -28.09 -32.00
CA LEU M 31 -85.57 -29.15 -32.28
C LEU M 31 -84.67 -28.95 -33.50
N VAL M 32 -85.18 -28.29 -34.54
CA VAL M 32 -84.34 -27.91 -35.71
C VAL M 32 -83.24 -26.95 -35.29
N PRO M 33 -83.61 -25.69 -34.87
CA PRO M 33 -82.59 -24.73 -34.43
C PRO M 33 -81.65 -25.31 -33.36
N ALA M 34 -82.20 -26.11 -32.46
CA ALA M 34 -81.44 -26.84 -31.45
C ALA M 34 -80.38 -27.75 -32.07
N SER M 35 -80.73 -28.48 -33.12
CA SER M 35 -79.82 -29.41 -33.80
C SER M 35 -78.74 -28.71 -34.64
N GLU M 36 -79.03 -27.53 -35.17
CA GLU M 36 -78.01 -26.71 -35.82
C GLU M 36 -76.94 -26.29 -34.82
N ILE M 37 -77.30 -26.27 -33.52
CA ILE M 37 -76.41 -25.82 -32.44
C ILE M 37 -75.77 -26.94 -31.59
N LEU M 38 -76.35 -28.12 -31.58
CA LEU M 38 -75.88 -29.16 -30.66
C LEU M 38 -75.87 -30.58 -31.25
N ILE M 39 -74.88 -31.36 -30.83
CA ILE M 39 -74.90 -32.83 -30.91
C ILE M 39 -75.00 -33.33 -29.45
N PRO M 40 -75.72 -34.46 -29.20
CA PRO M 40 -75.72 -35.09 -27.88
C PRO M 40 -74.42 -34.88 -27.10
N GLU M 41 -73.27 -35.15 -27.73
CA GLU M 41 -71.96 -35.02 -27.10
C GLU M 41 -71.63 -33.62 -26.52
N ASP M 42 -72.31 -32.58 -27.00
CA ASP M 42 -72.13 -31.24 -26.45
C ASP M 42 -72.70 -31.13 -25.04
N PHE M 43 -73.75 -31.93 -24.74
CA PHE M 43 -74.42 -32.01 -23.43
C PHE M 43 -73.48 -32.67 -22.41
N TYR M 44 -73.31 -32.01 -21.25
CA TYR M 44 -72.36 -32.49 -20.23
C TYR M 44 -72.90 -33.73 -19.55
N ARG M 45 -74.13 -33.61 -19.05
CA ARG M 45 -74.76 -34.69 -18.30
C ARG M 45 -75.12 -35.87 -19.23
N ALA M 46 -74.88 -37.09 -18.77
CA ALA M 46 -75.00 -38.28 -19.63
C ALA M 46 -76.44 -38.55 -19.98
N ALA M 47 -77.29 -38.54 -18.96
CA ALA M 47 -78.74 -38.64 -19.16
C ALA M 47 -79.28 -37.61 -20.20
N HIS M 48 -78.60 -36.46 -20.30
CA HIS M 48 -78.95 -35.45 -21.31
C HIS M 48 -78.55 -35.79 -22.74
N GLN M 49 -77.34 -36.26 -22.97
CA GLN M 49 -76.94 -36.80 -24.30
C GLN M 49 -77.94 -37.85 -24.84
N LYS M 50 -78.40 -38.72 -23.94
CA LYS M 50 -79.16 -39.89 -24.33
C LYS M 50 -80.58 -39.49 -24.75
N ILE M 51 -81.11 -38.49 -24.07
CA ILE M 51 -82.41 -37.91 -24.40
C ILE M 51 -82.28 -37.14 -25.70
N PHE M 52 -81.24 -36.33 -25.81
CA PHE M 52 -81.12 -35.57 -27.01
C PHE M 52 -80.94 -36.52 -28.18
N HIS M 53 -80.13 -37.56 -27.99
CA HIS M 53 -79.93 -38.51 -29.06
C HIS M 53 -81.25 -39.18 -29.42
N ALA M 54 -82.04 -39.57 -28.41
CA ALA M 54 -83.36 -40.14 -28.66
C ALA M 54 -84.23 -39.26 -29.56
N MET M 55 -84.29 -37.96 -29.24
CA MET M 55 -85.10 -37.01 -30.01
C MET M 55 -84.67 -37.03 -31.45
N LEU M 56 -83.36 -37.06 -31.69
CA LEU M 56 -82.84 -37.09 -33.06
C LEU M 56 -83.37 -38.24 -33.85
N ARG M 57 -83.15 -39.45 -33.35
CA ARG M 57 -83.68 -40.62 -33.98
C ARG M 57 -85.20 -40.50 -34.27
N VAL M 58 -86.02 -40.38 -33.24
CA VAL M 58 -87.46 -40.23 -33.43
C VAL M 58 -87.77 -39.20 -34.53
N ALA M 59 -87.06 -38.08 -34.54
CA ALA M 59 -87.30 -37.09 -35.57
C ALA M 59 -86.77 -37.61 -36.91
N ASP M 60 -85.57 -38.18 -36.90
CA ASP M 60 -84.91 -38.65 -38.10
C ASP M 60 -85.70 -39.72 -38.86
N ARG M 61 -86.86 -40.11 -38.33
CA ARG M 61 -87.75 -40.98 -39.09
C ARG M 61 -88.60 -40.21 -40.11
N GLY M 62 -89.76 -39.62 -39.79
CA GLY M 62 -90.43 -39.61 -38.49
C GLY M 62 -91.70 -38.77 -38.65
N GLU M 63 -91.96 -37.84 -37.73
CA GLU M 63 -91.37 -37.86 -36.41
C GLU M 63 -92.47 -38.61 -35.67
N PRO M 64 -93.35 -37.91 -34.92
CA PRO M 64 -93.26 -36.68 -34.14
C PRO M 64 -92.55 -36.81 -32.81
N VAL M 65 -91.80 -35.78 -32.46
CA VAL M 65 -91.19 -35.69 -31.17
C VAL M 65 -92.11 -35.00 -30.20
N ASP M 66 -92.53 -35.77 -29.22
CA ASP M 66 -93.18 -35.26 -28.02
C ASP M 66 -92.75 -36.19 -26.90
N LEU M 67 -93.41 -36.06 -25.76
CA LEU M 67 -92.99 -36.79 -24.58
C LEU M 67 -93.20 -38.28 -24.82
N VAL M 68 -94.27 -38.61 -25.53
CA VAL M 68 -94.63 -40.01 -25.61
C VAL M 68 -93.73 -40.79 -26.53
N THR M 69 -93.44 -40.24 -27.69
CA THR M 69 -92.55 -40.89 -28.64
C THR M 69 -91.10 -40.96 -28.10
N VAL M 70 -90.63 -39.87 -27.51
CA VAL M 70 -89.32 -39.88 -26.89
C VAL M 70 -89.27 -40.86 -25.72
N THR M 71 -90.34 -40.97 -24.95
CA THR M 71 -90.38 -42.04 -23.95
C THR M 71 -90.21 -43.38 -24.67
N ALA M 72 -91.15 -43.70 -25.56
CA ALA M 72 -91.04 -44.90 -26.38
C ALA M 72 -89.62 -45.18 -26.88
N GLU M 73 -88.98 -44.18 -27.48
CA GLU M 73 -87.61 -44.36 -28.02
C GLU M 73 -86.61 -44.70 -26.94
N LEU M 74 -86.74 -44.01 -25.81
CA LEU M 74 -85.91 -44.24 -24.64
C LEU M 74 -86.28 -45.54 -23.97
N ALA M 75 -87.48 -46.06 -24.24
CA ALA M 75 -87.86 -47.33 -23.68
C ALA M 75 -87.30 -48.42 -24.59
N ALA M 76 -87.25 -48.12 -25.89
CA ALA M 76 -86.72 -49.02 -26.92
C ALA M 76 -85.29 -49.47 -26.59
N SER M 77 -84.29 -48.69 -27.01
CA SER M 77 -82.95 -48.75 -26.44
C SER M 77 -83.18 -48.71 -24.94
N GLU M 78 -82.43 -49.45 -24.15
CA GLU M 78 -82.97 -49.83 -22.84
C GLU M 78 -83.04 -48.73 -21.75
N GLN M 79 -82.37 -47.61 -21.99
CA GLN M 79 -82.19 -46.59 -20.96
C GLN M 79 -83.30 -45.53 -20.73
N LEU M 80 -84.37 -45.91 -20.04
CA LEU M 80 -85.38 -44.94 -19.57
C LEU M 80 -85.23 -44.73 -18.08
N GLU M 81 -85.18 -45.84 -17.32
CA GLU M 81 -84.80 -45.83 -15.90
C GLU M 81 -83.37 -45.30 -15.72
N GLU M 82 -82.52 -45.52 -16.73
CA GLU M 82 -81.18 -44.97 -16.78
C GLU M 82 -81.24 -43.43 -16.85
N ILE M 83 -82.29 -42.89 -17.49
CA ILE M 83 -82.38 -41.44 -17.83
C ILE M 83 -82.88 -40.51 -16.74
N GLY M 84 -83.36 -41.11 -15.67
CA GLY M 84 -84.27 -40.47 -14.74
C GLY M 84 -85.50 -41.33 -14.94
N GLY M 85 -86.49 -40.81 -15.64
CA GLY M 85 -87.58 -41.62 -16.14
C GLY M 85 -88.55 -40.70 -16.85
N VAL M 86 -89.79 -41.15 -17.00
CA VAL M 86 -90.85 -40.26 -17.46
C VAL M 86 -90.97 -39.06 -16.50
N SER M 87 -91.08 -39.36 -15.20
CA SER M 87 -90.67 -38.48 -14.12
C SER M 87 -89.77 -37.33 -14.58
N TYR M 88 -88.47 -37.58 -14.66
CA TYR M 88 -87.50 -36.59 -15.12
C TYR M 88 -87.63 -36.10 -16.58
N LEU M 89 -88.24 -36.88 -17.46
CA LEU M 89 -88.57 -36.36 -18.78
C LEU M 89 -89.67 -35.29 -18.75
N SER M 90 -90.58 -35.44 -17.80
CA SER M 90 -91.77 -34.61 -17.74
C SER M 90 -91.42 -33.27 -17.16
N GLU M 91 -90.53 -33.24 -16.17
CA GLU M 91 -90.15 -32.01 -15.48
C GLU M 91 -89.40 -31.00 -16.36
N LEU M 92 -88.55 -31.49 -17.26
CA LEU M 92 -87.89 -30.67 -18.29
C LEU M 92 -88.72 -29.54 -18.88
N ALA M 93 -89.97 -29.84 -19.20
CA ALA M 93 -90.94 -28.84 -19.63
C ALA M 93 -90.97 -27.59 -18.73
N ASP M 94 -91.20 -27.78 -17.42
CA ASP M 94 -91.33 -26.67 -16.43
C ASP M 94 -90.00 -26.09 -16.01
N ALA M 95 -88.93 -26.45 -16.71
CA ALA M 95 -87.64 -25.80 -16.56
C ALA M 95 -87.37 -24.85 -17.73
N VAL M 96 -88.40 -24.54 -18.52
CA VAL M 96 -88.22 -23.66 -19.65
C VAL M 96 -88.95 -22.35 -19.39
N PRO M 97 -88.20 -21.22 -19.42
CA PRO M 97 -88.74 -19.87 -19.32
C PRO M 97 -89.63 -19.52 -20.52
N THR M 98 -89.04 -19.65 -21.72
CA THR M 98 -89.69 -19.41 -23.02
C THR M 98 -89.07 -20.21 -24.16
N ALA M 99 -89.89 -21.09 -24.72
CA ALA M 99 -89.49 -21.98 -25.79
C ALA M 99 -88.89 -21.22 -26.98
N ALA M 100 -89.42 -20.04 -27.23
CA ALA M 100 -89.02 -19.24 -28.36
C ALA M 100 -87.52 -18.92 -28.32
N ASN M 101 -86.90 -19.27 -27.20
CA ASN M 101 -85.54 -18.86 -26.95
C ASN M 101 -84.52 -20.01 -26.91
N VAL M 102 -84.81 -21.13 -27.58
CA VAL M 102 -83.83 -22.24 -27.53
C VAL M 102 -82.59 -21.83 -28.24
N GLU M 103 -82.75 -21.02 -29.29
CA GLU M 103 -81.63 -20.48 -30.02
C GLU M 103 -80.50 -20.11 -29.02
N TYR M 104 -80.85 -19.26 -28.03
CA TYR M 104 -79.87 -18.80 -27.06
C TYR M 104 -79.47 -19.87 -26.05
N TYR M 105 -80.42 -20.66 -25.53
CA TYR M 105 -80.03 -21.71 -24.59
C TYR M 105 -78.98 -22.66 -25.22
N ALA M 106 -79.38 -23.39 -26.27
CA ALA M 106 -78.48 -24.30 -26.95
C ALA M 106 -77.07 -23.71 -27.20
N ARG M 107 -77.01 -22.45 -27.60
CA ARG M 107 -75.74 -21.76 -27.90
C ARG M 107 -74.89 -21.51 -26.64
N ILE M 108 -75.54 -21.59 -25.48
CA ILE M 108 -74.88 -21.49 -24.16
C ILE M 108 -74.31 -22.87 -23.84
N VAL M 109 -75.12 -23.90 -24.08
CA VAL M 109 -74.72 -25.29 -23.88
C VAL M 109 -73.56 -25.61 -24.79
N GLU M 110 -73.56 -25.00 -25.98
CA GLU M 110 -72.41 -24.99 -26.87
C GLU M 110 -71.11 -24.62 -26.15
N GLU M 111 -70.91 -23.33 -25.87
CA GLU M 111 -69.69 -22.81 -25.19
C GLU M 111 -69.19 -23.74 -24.09
N LYS M 112 -70.07 -24.06 -23.14
CA LYS M 112 -69.67 -24.89 -22.00
C LYS M 112 -69.07 -26.23 -22.43
N SER M 113 -69.25 -26.59 -23.71
CA SER M 113 -68.65 -27.81 -24.24
C SER M 113 -67.39 -27.54 -25.07
N VAL M 114 -67.36 -26.39 -25.74
CA VAL M 114 -66.17 -25.93 -26.42
C VAL M 114 -65.07 -25.74 -25.36
N LEU M 115 -65.46 -25.22 -24.20
CA LEU M 115 -64.53 -24.95 -23.08
C LEU M 115 -63.92 -26.24 -22.61
N ARG M 116 -64.77 -27.20 -22.23
CA ARG M 116 -64.32 -28.50 -21.81
C ARG M 116 -63.44 -29.10 -22.89
N ARG M 117 -63.89 -29.07 -24.14
CA ARG M 117 -63.08 -29.58 -25.24
C ARG M 117 -61.69 -28.95 -25.32
N LEU M 118 -61.58 -27.68 -24.92
CA LEU M 118 -60.29 -26.99 -24.85
C LEU M 118 -59.42 -27.57 -23.76
N ILE M 119 -59.88 -27.43 -22.51
CA ILE M 119 -59.34 -28.11 -21.34
C ILE M 119 -58.88 -29.53 -21.70
N ARG M 120 -59.86 -30.36 -22.01
CA ARG M 120 -59.65 -31.73 -22.44
C ARG M 120 -58.41 -31.89 -23.33
N THR M 121 -58.31 -31.12 -24.42
CA THR M 121 -57.18 -31.28 -25.34
C THR M 121 -55.96 -30.43 -24.94
N ALA M 122 -56.11 -29.60 -23.91
CA ALA M 122 -54.96 -28.88 -23.34
C ALA M 122 -54.17 -29.80 -22.43
N THR M 123 -54.84 -30.48 -21.51
CA THR M 123 -54.17 -31.48 -20.69
C THR M 123 -53.67 -32.63 -21.58
N SER M 124 -54.31 -32.83 -22.73
CA SER M 124 -53.89 -33.87 -23.67
C SER M 124 -52.54 -33.54 -24.33
N ILE M 125 -52.15 -32.26 -24.28
CA ILE M 125 -50.85 -31.77 -24.76
C ILE M 125 -49.82 -31.79 -23.63
N ALA M 126 -50.24 -31.34 -22.45
CA ALA M 126 -49.43 -31.42 -21.23
C ALA M 126 -49.08 -32.86 -20.83
N GLN M 127 -50.10 -33.71 -20.65
CA GLN M 127 -49.89 -35.13 -20.35
C GLN M 127 -49.04 -35.78 -21.44
N ASP M 128 -49.37 -35.53 -22.70
CA ASP M 128 -48.58 -36.05 -23.83
C ASP M 128 -47.15 -35.49 -23.84
N GLY M 129 -46.99 -34.27 -23.33
CA GLY M 129 -45.68 -33.62 -23.20
C GLY M 129 -44.68 -34.33 -22.30
N TYR M 130 -45.16 -35.04 -21.28
CA TYR M 130 -44.28 -35.82 -20.41
C TYR M 130 -43.67 -36.99 -21.15
N THR M 131 -44.49 -38.00 -21.45
CA THR M 131 -44.02 -39.26 -22.00
C THR M 131 -43.15 -39.12 -23.26
N ARG M 132 -43.62 -38.36 -24.24
CA ARG M 132 -42.89 -38.26 -25.52
C ARG M 132 -41.75 -37.23 -25.47
N GLU M 133 -40.56 -37.68 -25.05
CA GLU M 133 -39.34 -36.85 -25.10
C GLU M 133 -38.46 -37.21 -26.31
N ASP M 134 -39.09 -37.76 -27.35
CA ASP M 134 -38.39 -38.44 -28.46
C ASP M 134 -38.49 -37.82 -29.86
N GLU M 135 -39.22 -36.72 -29.99
CA GLU M 135 -39.31 -36.00 -31.27
C GLU M 135 -39.31 -34.51 -31.00
N ILE M 136 -38.49 -33.80 -31.77
CA ILE M 136 -38.17 -32.42 -31.45
C ILE M 136 -39.26 -31.42 -31.89
N ASP M 137 -39.55 -31.39 -33.19
CA ASP M 137 -40.48 -30.40 -33.74
C ASP M 137 -41.93 -30.89 -33.75
N VAL M 138 -42.11 -32.20 -33.89
CA VAL M 138 -43.42 -32.78 -34.12
C VAL M 138 -44.40 -32.57 -32.95
N LEU M 139 -43.89 -32.23 -31.76
CA LEU M 139 -44.81 -31.93 -30.67
C LEU M 139 -45.33 -30.50 -30.73
N LEU M 140 -44.52 -29.58 -31.27
CA LEU M 140 -44.96 -28.20 -31.48
C LEU M 140 -45.79 -28.08 -32.76
N ASP M 141 -45.53 -28.98 -33.69
CA ASP M 141 -46.37 -29.11 -34.88
C ASP M 141 -47.77 -29.65 -34.48
N GLU M 142 -47.81 -30.68 -33.63
CA GLU M 142 -49.06 -31.24 -33.14
C GLU M 142 -49.82 -30.26 -32.29
N ALA M 143 -49.15 -29.67 -31.30
CA ALA M 143 -49.79 -28.70 -30.40
C ALA M 143 -50.43 -27.54 -31.15
N ASP M 144 -49.94 -27.31 -32.38
CA ASP M 144 -50.50 -26.28 -33.24
C ASP M 144 -51.83 -26.75 -33.82
N ARG M 145 -51.80 -27.91 -34.49
CA ARG M 145 -53.00 -28.54 -35.05
C ARG M 145 -54.06 -28.81 -33.99
N LYS M 146 -53.65 -29.46 -32.90
CA LYS M 146 -54.54 -29.81 -31.79
C LYS M 146 -55.31 -28.62 -31.23
N ILE M 147 -54.76 -27.41 -31.35
CA ILE M 147 -55.40 -26.22 -30.77
C ILE M 147 -56.24 -25.42 -31.77
N MET M 148 -56.28 -25.87 -33.03
CA MET M 148 -57.11 -25.23 -34.03
C MET M 148 -58.60 -25.50 -33.83
N GLU M 149 -58.90 -26.49 -32.99
CA GLU M 149 -60.26 -26.96 -32.80
C GLU M 149 -61.17 -25.97 -32.06
N GLY M 157 -65.46 -19.41 -39.53
CA GLY M 157 -65.45 -18.09 -38.92
C GLY M 157 -66.83 -17.44 -38.80
N ALA M 158 -66.87 -16.34 -38.03
CA ALA M 158 -68.10 -15.57 -37.82
C ALA M 158 -68.29 -14.43 -38.85
N PHE M 159 -67.62 -14.55 -40.00
CA PHE M 159 -67.86 -13.69 -41.17
C PHE M 159 -69.22 -14.03 -41.79
N LYS M 160 -69.44 -13.58 -43.03
CA LYS M 160 -70.57 -14.05 -43.84
C LYS M 160 -70.29 -13.92 -45.33
N ASN M 161 -70.39 -15.04 -46.03
CA ASN M 161 -70.12 -15.11 -47.46
C ASN M 161 -71.05 -14.23 -48.27
N ILE M 162 -70.58 -13.78 -49.43
CA ILE M 162 -71.39 -12.94 -50.31
C ILE M 162 -72.63 -13.68 -50.84
N LYS M 163 -72.49 -14.97 -51.08
CA LYS M 163 -73.60 -15.82 -51.52
C LYS M 163 -74.79 -15.68 -50.57
N ASP M 164 -74.51 -15.67 -49.26
CA ASP M 164 -75.52 -15.48 -48.23
C ASP M 164 -76.22 -14.12 -48.36
N ILE M 165 -75.43 -13.06 -48.54
CA ILE M 165 -75.96 -11.69 -48.57
C ILE M 165 -76.66 -11.37 -49.90
N LEU M 166 -76.18 -11.96 -50.99
CA LEU M 166 -76.76 -11.75 -52.31
C LEU M 166 -78.24 -12.10 -52.38
N VAL M 167 -78.61 -13.22 -51.74
CA VAL M 167 -80.00 -13.64 -51.65
C VAL M 167 -80.82 -12.67 -50.79
N GLN M 168 -80.18 -12.12 -49.76
CA GLN M 168 -80.81 -11.15 -48.86
C GLN M 168 -81.11 -9.82 -49.55
N THR M 169 -80.19 -9.39 -50.42
CA THR M 169 -80.31 -8.13 -51.14
C THR M 169 -81.40 -8.21 -52.21
N TYR M 170 -81.59 -9.40 -52.77
CA TYR M 170 -82.54 -9.59 -53.86
C TYR M 170 -83.99 -9.48 -53.38
N ASP M 171 -84.28 -9.98 -52.18
CA ASP M 171 -85.62 -9.90 -51.60
C ASP M 171 -85.98 -8.46 -51.24
N ASN M 172 -85.01 -7.77 -50.64
CA ASN M 172 -85.18 -6.39 -50.19
C ASN M 172 -85.38 -5.41 -51.35
N ILE M 173 -84.85 -5.78 -52.51
CA ILE M 173 -84.92 -4.97 -53.72
C ILE M 173 -86.37 -4.86 -54.24
N GLU M 174 -87.26 -5.66 -53.67
CA GLU M 174 -88.65 -5.71 -54.11
C GLU M 174 -89.62 -4.80 -53.36
N MET M 175 -89.56 -3.52 -53.70
CA MET M 175 -90.67 -2.59 -53.50
C MET M 175 -91.26 -2.32 -54.89
N LEU M 176 -90.83 -3.13 -55.86
CA LEU M 176 -91.23 -3.03 -57.27
C LEU M 176 -92.74 -3.13 -57.46
N ILE M 183 -89.63 7.83 -52.04
CA ILE M 183 -90.24 7.50 -50.75
C ILE M 183 -90.00 6.02 -50.42
N THR M 184 -89.23 5.76 -49.36
CA THR M 184 -88.83 4.39 -49.00
C THR M 184 -89.11 3.87 -47.56
N GLY M 185 -88.86 4.64 -46.49
CA GLY M 185 -88.46 6.05 -46.49
C GLY M 185 -89.57 6.89 -45.87
N ILE M 186 -89.31 7.49 -44.71
CA ILE M 186 -90.30 8.34 -44.04
C ILE M 186 -90.48 9.65 -44.83
N PRO M 187 -91.72 10.00 -45.22
CA PRO M 187 -91.94 11.23 -45.99
C PRO M 187 -92.02 12.48 -45.12
N THR M 188 -91.20 13.48 -45.47
CA THR M 188 -91.14 14.75 -44.73
C THR M 188 -92.28 15.67 -45.13
N GLY M 189 -92.76 15.52 -46.36
CA GLY M 189 -93.81 16.37 -46.89
C GLY M 189 -93.27 17.50 -47.75
N PHE M 190 -92.00 17.40 -48.12
CA PHE M 190 -91.36 18.39 -48.99
C PHE M 190 -90.92 17.72 -50.30
N THR M 191 -91.77 17.83 -51.32
CA THR M 191 -91.57 17.15 -52.62
C THR M 191 -90.10 17.00 -53.04
N GLU M 192 -89.42 18.12 -53.26
CA GLU M 192 -88.05 18.11 -53.76
C GLU M 192 -87.06 17.44 -52.82
N LEU M 193 -87.29 17.58 -51.50
CA LEU M 193 -86.41 16.99 -50.49
C LEU M 193 -86.51 15.47 -50.49
N ASP M 194 -87.75 14.97 -50.44
CA ASP M 194 -88.03 13.54 -50.50
C ASP M 194 -87.59 12.91 -51.82
N ARG M 195 -87.44 13.74 -52.85
CA ARG M 195 -86.96 13.26 -54.14
C ARG M 195 -85.47 12.90 -54.06
N MET M 196 -84.69 13.84 -53.53
CA MET M 196 -83.24 13.69 -53.42
C MET M 196 -82.84 12.70 -52.34
N THR M 197 -83.75 12.45 -51.41
CA THR M 197 -83.43 11.64 -50.24
C THR M 197 -84.29 10.36 -50.15
N SER M 198 -85.60 10.52 -50.39
CA SER M 198 -86.63 9.45 -50.26
C SER M 198 -86.72 8.90 -48.84
N GLY M 199 -86.91 9.80 -47.88
CA GLY M 199 -86.61 9.48 -46.48
C GLY M 199 -85.10 9.56 -46.32
N PHE M 200 -84.55 9.74 -45.12
CA PHE M 200 -85.21 9.59 -43.81
C PHE M 200 -85.61 8.15 -43.67
N GLN M 201 -84.62 7.30 -43.86
CA GLN M 201 -84.78 5.87 -43.70
C GLN M 201 -84.35 5.51 -42.31
N ARG M 202 -84.74 4.31 -41.88
CA ARG M 202 -84.47 3.85 -40.53
C ARG M 202 -82.99 3.47 -40.42
N SER M 203 -82.39 3.77 -39.27
CA SER M 203 -80.95 3.56 -39.00
C SER M 203 -80.04 4.72 -39.44
N ASP M 204 -80.65 5.82 -39.89
CA ASP M 204 -79.92 7.00 -40.36
C ASP M 204 -79.88 8.12 -39.33
N LEU M 205 -78.72 8.75 -39.21
CA LEU M 205 -78.53 9.95 -38.41
C LEU M 205 -78.49 11.18 -39.31
N ILE M 206 -79.60 11.93 -39.31
CA ILE M 206 -79.70 13.15 -40.10
C ILE M 206 -79.26 14.35 -39.25
N ILE M 207 -78.31 15.13 -39.75
CA ILE M 207 -77.85 16.33 -39.05
C ILE M 207 -78.22 17.60 -39.82
N VAL M 208 -79.11 18.39 -39.23
CA VAL M 208 -79.55 19.67 -39.79
C VAL M 208 -78.88 20.83 -39.03
N ALA M 209 -77.88 21.45 -39.66
CA ALA M 209 -77.13 22.53 -39.02
C ALA M 209 -77.33 23.86 -39.76
N ALA M 210 -77.32 24.95 -38.98
CA ALA M 210 -77.35 26.31 -39.51
C ALA M 210 -76.92 27.31 -38.44
N ARG M 211 -76.65 28.55 -38.86
CA ARG M 211 -76.34 29.62 -37.92
C ARG M 211 -77.54 29.91 -37.00
N PRO M 212 -77.30 30.55 -35.83
CA PRO M 212 -78.41 30.81 -34.90
C PRO M 212 -79.51 31.67 -35.51
N SER M 213 -80.76 31.29 -35.24
CA SER M 213 -81.97 32.01 -35.70
C SER M 213 -82.25 31.85 -37.20
N VAL M 214 -81.43 31.10 -37.91
CA VAL M 214 -81.66 30.81 -39.34
C VAL M 214 -82.94 29.99 -39.49
N GLY M 215 -83.11 29.02 -38.60
CA GLY M 215 -84.36 28.25 -38.52
C GLY M 215 -84.24 26.76 -38.33
N LYS M 216 -83.21 26.30 -37.63
CA LYS M 216 -83.07 24.87 -37.33
C LYS M 216 -84.35 24.31 -36.70
N THR M 217 -84.65 24.81 -35.48
CA THR M 217 -85.82 24.38 -34.70
C THR M 217 -87.10 24.44 -35.52
N ALA M 218 -87.37 25.58 -36.16
CA ALA M 218 -88.58 25.75 -36.98
C ALA M 218 -88.70 24.77 -38.15
N PHE M 219 -87.54 24.38 -38.70
CA PHE M 219 -87.47 23.40 -39.81
C PHE M 219 -87.80 22.00 -39.32
N ALA M 220 -87.12 21.58 -38.26
CA ALA M 220 -87.34 20.28 -37.65
C ALA M 220 -88.80 20.12 -37.27
N LEU M 221 -89.37 21.12 -36.58
CA LEU M 221 -90.77 21.07 -36.14
C LEU M 221 -91.74 20.87 -37.31
N ASN M 222 -91.46 21.54 -38.43
CA ASN M 222 -92.25 21.36 -39.64
C ASN M 222 -92.20 19.95 -40.22
N ILE M 223 -91.03 19.31 -40.12
CA ILE M 223 -90.87 17.93 -40.57
C ILE M 223 -91.60 16.97 -39.62
N ALA M 224 -91.45 17.19 -38.33
CA ALA M 224 -92.11 16.38 -37.31
C ALA M 224 -93.63 16.48 -37.42
N GLN M 225 -94.10 17.71 -37.60
CA GLN M 225 -95.51 18.02 -37.80
C GLN M 225 -96.07 17.27 -39.01
N ASN M 226 -95.39 17.40 -40.15
CA ASN M 226 -95.81 16.77 -41.40
C ASN M 226 -95.69 15.24 -41.42
N VAL M 227 -94.98 14.68 -40.46
CA VAL M 227 -94.90 13.24 -40.34
C VAL M 227 -96.12 12.68 -39.57
N ALA M 228 -96.30 13.12 -38.33
CA ALA M 228 -97.36 12.59 -37.45
C ALA M 228 -98.81 12.87 -37.88
N THR M 229 -99.03 13.94 -38.66
CA THR M 229 -100.37 14.27 -39.13
C THR M 229 -100.68 13.64 -40.48
N LYS M 230 -99.68 13.62 -41.37
CA LYS M 230 -99.85 13.08 -42.73
C LYS M 230 -99.33 11.64 -42.86
N THR M 231 -99.03 11.02 -41.72
CA THR M 231 -98.70 9.59 -41.66
C THR M 231 -99.12 9.03 -40.30
N ASN M 232 -99.10 7.70 -40.17
CA ASN M 232 -99.60 7.03 -38.98
C ASN M 232 -98.56 6.81 -37.89
N GLU M 233 -97.33 7.27 -38.18
CA GLU M 233 -96.16 7.07 -37.33
C GLU M 233 -96.10 8.05 -36.15
N ASN M 234 -95.41 7.64 -35.08
CA ASN M 234 -95.19 8.48 -33.90
C ASN M 234 -93.80 9.09 -33.93
N VAL M 235 -93.64 10.32 -33.45
CA VAL M 235 -92.30 10.93 -33.35
C VAL M 235 -92.03 11.53 -31.97
N ALA M 236 -90.83 11.27 -31.45
CA ALA M 236 -90.42 11.81 -30.16
C ALA M 236 -89.51 13.01 -30.37
N ILE M 237 -89.85 14.12 -29.71
CA ILE M 237 -89.06 15.34 -29.80
C ILE M 237 -88.40 15.63 -28.44
N PHE M 238 -87.11 15.96 -28.47
CA PHE M 238 -86.40 16.39 -27.29
C PHE M 238 -86.01 17.85 -27.46
N SER M 239 -86.70 18.73 -26.75
CA SER M 239 -86.43 20.16 -26.84
C SER M 239 -85.57 20.62 -25.65
N LEU M 240 -84.26 20.61 -25.84
CA LEU M 240 -83.35 20.93 -24.75
C LEU M 240 -83.26 22.42 -24.46
N GLU M 241 -83.66 23.25 -25.42
CA GLU M 241 -83.55 24.71 -25.28
C GLU M 241 -84.85 25.39 -24.84
N MET M 242 -85.89 25.24 -25.63
CA MET M 242 -87.16 25.91 -25.33
C MET M 242 -88.20 24.91 -24.81
N SER M 243 -89.21 25.42 -24.10
CA SER M 243 -90.21 24.59 -23.43
C SER M 243 -91.22 23.96 -24.39
N ALA M 244 -91.96 22.96 -23.90
CA ALA M 244 -92.97 22.26 -24.68
C ALA M 244 -94.05 23.22 -25.16
N GLN M 245 -94.50 24.08 -24.24
CA GLN M 245 -95.46 25.16 -24.50
C GLN M 245 -95.19 25.88 -25.83
N GLN M 246 -93.99 26.45 -25.94
CA GLN M 246 -93.59 27.24 -27.10
C GLN M 246 -93.52 26.40 -28.39
N LEU M 247 -93.10 25.15 -28.26
CA LEU M 247 -93.01 24.23 -29.40
C LEU M 247 -94.34 23.97 -30.03
N VAL M 248 -95.35 23.79 -29.18
CA VAL M 248 -96.73 23.57 -29.64
C VAL M 248 -97.27 24.80 -30.36
N MET M 249 -97.10 25.97 -29.76
CA MET M 249 -97.53 27.23 -30.36
C MET M 249 -96.88 27.48 -31.71
N ARG M 250 -95.65 27.01 -31.87
CA ARG M 250 -94.91 27.14 -33.12
C ARG M 250 -95.46 26.18 -34.16
N MET M 251 -96.05 25.08 -33.70
CA MET M 251 -96.66 24.09 -34.57
C MET M 251 -98.09 24.46 -34.96
N LEU M 252 -98.78 25.17 -34.07
CA LEU M 252 -100.15 25.64 -34.32
C LEU M 252 -100.17 26.68 -35.44
N CYS M 253 -99.30 27.68 -35.33
CA CYS M 253 -99.13 28.69 -36.37
C CYS M 253 -98.75 28.08 -37.73
N ALA M 254 -97.99 26.99 -37.70
CA ALA M 254 -97.55 26.32 -38.91
C ALA M 254 -98.65 25.50 -39.56
N GLU M 255 -99.72 25.25 -38.80
CA GLU M 255 -100.84 24.44 -39.28
C GLU M 255 -102.03 25.29 -39.73
N GLY M 256 -102.39 26.29 -38.93
CA GLY M 256 -103.54 27.15 -39.20
C GLY M 256 -103.22 28.53 -39.74
N ASN M 257 -101.98 28.73 -40.19
CA ASN M 257 -101.50 30.00 -40.76
C ASN M 257 -101.82 31.24 -39.93
N ILE M 258 -101.53 31.15 -38.63
CA ILE M 258 -101.76 32.24 -37.69
C ILE M 258 -100.48 33.05 -37.45
N ASN M 259 -100.61 34.37 -37.50
CA ASN M 259 -99.51 35.27 -37.22
C ASN M 259 -99.02 35.02 -35.81
N ALA M 260 -97.72 34.75 -35.68
CA ALA M 260 -97.14 34.34 -34.41
C ALA M 260 -97.27 35.40 -33.31
N GLN M 261 -97.00 36.66 -33.67
CA GLN M 261 -97.13 37.78 -32.73
C GLN M 261 -98.57 37.93 -32.23
N ASN M 262 -99.51 37.37 -33.00
CA ASN M 262 -100.92 37.39 -32.62
C ASN M 262 -101.26 36.36 -31.53
N LEU M 263 -100.64 35.18 -31.58
CA LEU M 263 -100.91 34.14 -30.58
C LEU M 263 -100.43 34.47 -29.18
N ARG M 264 -99.30 35.18 -29.10
CA ARG M 264 -98.69 35.51 -27.81
C ARG M 264 -99.23 36.82 -27.20
N THR M 265 -99.93 37.61 -28.00
CA THR M 265 -100.63 38.80 -27.51
C THR M 265 -102.04 38.39 -27.08
N GLY M 266 -102.72 37.64 -27.93
CA GLY M 266 -104.09 37.20 -27.67
C GLY M 266 -105.09 37.74 -28.68
N LYS M 267 -104.80 38.91 -29.23
CA LYS M 267 -105.72 39.58 -30.14
C LYS M 267 -105.81 38.86 -31.49
N LEU M 268 -106.99 38.29 -31.76
CA LEU M 268 -107.26 37.53 -32.99
C LEU M 268 -108.64 37.84 -33.55
N THR M 269 -108.72 38.00 -34.87
CA THR M 269 -110.00 38.22 -35.55
C THR M 269 -110.77 36.91 -35.68
N PRO M 270 -112.12 36.98 -35.87
CA PRO M 270 -112.96 35.80 -36.10
C PRO M 270 -112.41 34.77 -37.10
N GLU M 271 -111.62 35.25 -38.07
CA GLU M 271 -110.98 34.37 -39.05
C GLU M 271 -109.86 33.52 -38.44
N ASP M 272 -109.14 34.12 -37.49
CA ASP M 272 -108.05 33.44 -36.80
C ASP M 272 -108.56 32.37 -35.84
N TRP M 273 -109.57 32.70 -35.04
CA TRP M 273 -110.21 31.75 -34.12
C TRP M 273 -110.70 30.51 -34.86
N GLY M 274 -111.22 30.72 -36.07
CA GLY M 274 -111.71 29.63 -36.92
C GLY M 274 -110.58 28.75 -37.44
N LYS M 275 -109.45 29.37 -37.75
CA LYS M 275 -108.26 28.64 -38.20
C LYS M 275 -107.63 27.88 -37.03
N LEU M 276 -107.67 28.49 -35.85
CA LEU M 276 -107.09 27.91 -34.63
C LEU M 276 -107.82 26.64 -34.20
N THR M 277 -109.15 26.66 -34.27
CA THR M 277 -109.97 25.54 -33.83
C THR M 277 -109.90 24.34 -34.77
N MET M 278 -109.61 24.60 -36.05
CA MET M 278 -109.47 23.54 -37.04
C MET M 278 -107.99 23.28 -37.40
N ALA M 279 -107.11 23.69 -36.49
CA ALA M 279 -105.71 23.27 -36.43
C ALA M 279 -105.57 22.24 -35.31
N MET M 280 -106.21 22.52 -34.17
CA MET M 280 -106.28 21.60 -33.04
C MET M 280 -107.02 20.31 -33.41
N GLY M 281 -107.87 20.38 -34.43
CA GLY M 281 -108.59 19.24 -34.94
C GLY M 281 -107.67 18.14 -35.43
N SER M 282 -106.82 18.46 -36.40
CA SER M 282 -105.88 17.49 -36.99
C SER M 282 -104.67 17.20 -36.10
N LEU M 283 -104.49 18.01 -35.06
CA LEU M 283 -103.35 17.85 -34.13
C LEU M 283 -103.66 17.05 -32.86
N SER M 284 -104.70 16.23 -32.89
CA SER M 284 -104.99 15.32 -31.78
C SER M 284 -104.67 13.88 -32.13
N ASN M 285 -105.10 13.45 -33.32
CA ASN M 285 -104.80 12.12 -33.84
C ASN M 285 -103.36 12.06 -34.34
N ALA M 286 -102.57 13.07 -33.95
CA ALA M 286 -101.20 13.26 -34.40
C ALA M 286 -100.23 12.28 -33.75
N GLY M 287 -100.10 12.35 -32.43
CA GLY M 287 -99.19 11.46 -31.71
C GLY M 287 -97.75 11.90 -31.83
N ILE M 288 -97.49 13.13 -31.40
CA ILE M 288 -96.12 13.54 -31.11
C ILE M 288 -95.94 13.59 -29.60
N TYR M 289 -94.75 13.21 -29.14
CA TYR M 289 -94.43 13.19 -27.73
C TYR M 289 -93.21 14.08 -27.50
N ILE M 290 -93.36 15.05 -26.61
CA ILE M 290 -92.32 16.05 -26.35
C ILE M 290 -91.67 15.84 -24.99
N ASP M 291 -90.36 16.03 -24.93
CA ASP M 291 -89.62 15.99 -23.67
C ASP M 291 -88.68 17.19 -23.57
N ASP M 292 -89.06 18.16 -22.73
CA ASP M 292 -88.30 19.40 -22.63
C ASP M 292 -87.44 19.49 -21.36
N THR M 293 -86.71 18.42 -21.06
CA THR M 293 -85.78 18.42 -19.93
C THR M 293 -84.55 19.28 -20.29
N PRO M 294 -84.23 20.31 -19.47
CA PRO M 294 -83.14 21.24 -19.76
C PRO M 294 -81.84 20.54 -20.11
N SER M 295 -81.52 19.48 -19.38
CA SER M 295 -80.26 18.77 -19.57
C SER M 295 -80.42 17.28 -19.37
N ILE M 296 -80.45 16.53 -20.47
CA ILE M 296 -80.35 15.08 -20.39
C ILE M 296 -79.11 14.61 -21.12
N ARG M 297 -78.73 13.37 -20.87
CA ARG M 297 -77.65 12.73 -21.61
C ARG M 297 -78.24 11.77 -22.65
N VAL M 298 -77.36 11.06 -23.36
CA VAL M 298 -77.81 10.18 -24.44
C VAL M 298 -78.50 8.93 -23.89
N SER M 299 -78.02 8.43 -22.75
CA SER M 299 -78.60 7.25 -22.09
C SER M 299 -79.97 7.53 -21.43
N ASP M 300 -80.23 8.80 -21.11
CA ASP M 300 -81.57 9.24 -20.68
C ASP M 300 -82.55 9.18 -21.85
N ILE M 301 -82.06 9.55 -23.04
CA ILE M 301 -82.85 9.57 -24.26
C ILE M 301 -83.16 8.17 -24.76
N ARG M 302 -82.13 7.36 -24.94
CA ARG M 302 -82.27 5.94 -25.33
C ARG M 302 -83.34 5.24 -24.48
N ALA M 303 -83.27 5.43 -23.17
CA ALA M 303 -84.20 4.85 -22.22
C ALA M 303 -85.64 5.24 -22.53
N LYS M 304 -85.94 6.54 -22.46
CA LYS M 304 -87.28 7.05 -22.76
C LYS M 304 -87.80 6.60 -24.12
N CYS M 305 -86.89 6.49 -25.09
CA CYS M 305 -87.25 6.13 -26.47
C CYS M 305 -87.64 4.67 -26.66
N ARG M 306 -86.81 3.75 -26.17
CA ARG M 306 -87.12 2.32 -26.34
C ARG M 306 -88.37 1.88 -25.57
N ARG M 307 -88.72 2.64 -24.53
CA ARG M 307 -89.95 2.38 -23.76
C ARG M 307 -91.20 2.93 -24.44
N LEU M 308 -91.06 3.98 -25.23
CA LEU M 308 -92.19 4.51 -25.98
C LEU M 308 -92.50 3.66 -27.21
N LYS M 309 -91.48 2.98 -27.73
CA LYS M 309 -91.67 2.09 -28.88
C LYS M 309 -92.25 0.72 -28.46
N GLN M 310 -92.31 0.48 -27.15
CA GLN M 310 -92.88 -0.73 -26.59
C GLN M 310 -94.40 -0.71 -26.68
N GLU M 311 -94.99 0.38 -26.19
CA GLU M 311 -96.43 0.47 -26.01
C GLU M 311 -97.16 1.23 -27.12
N SER M 312 -96.42 1.91 -27.98
CA SER M 312 -97.03 2.70 -29.05
C SER M 312 -96.33 2.52 -30.40
N GLY M 313 -95.05 2.18 -30.37
CA GLY M 313 -94.24 2.06 -31.58
C GLY M 313 -93.65 3.40 -31.98
N LEU M 314 -92.36 3.41 -32.31
CA LEU M 314 -91.68 4.64 -32.72
C LEU M 314 -91.28 4.58 -34.19
N GLY M 315 -91.12 5.74 -34.82
CA GLY M 315 -90.68 5.81 -36.20
C GLY M 315 -89.76 6.95 -36.52
N MET M 316 -89.56 7.87 -35.56
CA MET M 316 -88.74 9.08 -35.77
C MET M 316 -88.34 9.83 -34.48
N ILE M 317 -87.06 10.18 -34.35
CA ILE M 317 -86.57 10.95 -33.19
C ILE M 317 -85.90 12.26 -33.61
N VAL M 318 -86.23 13.33 -32.89
CA VAL M 318 -85.66 14.65 -33.11
C VAL M 318 -85.02 15.15 -31.81
N ILE M 319 -83.83 15.73 -31.90
CA ILE M 319 -83.18 16.36 -30.75
C ILE M 319 -82.93 17.85 -31.03
N ASP M 320 -83.48 18.72 -30.17
CA ASP M 320 -83.52 20.18 -30.41
C ASP M 320 -82.14 20.75 -30.62
N TYR M 321 -81.16 20.27 -29.87
CA TYR M 321 -79.80 20.26 -30.44
C TYR M 321 -78.63 19.60 -29.75
N LEU M 322 -77.78 19.06 -30.63
CA LEU M 322 -76.78 18.08 -30.31
C LEU M 322 -75.76 18.50 -29.26
N GLN M 323 -75.11 19.65 -29.43
CA GLN M 323 -74.10 20.09 -28.45
C GLN M 323 -74.69 20.61 -27.12
N LEU M 324 -76.00 20.46 -26.95
CA LEU M 324 -76.68 20.81 -25.69
C LEU M 324 -76.97 19.59 -24.82
N ILE M 325 -76.94 18.41 -25.44
CA ILE M 325 -76.88 17.13 -24.73
C ILE M 325 -75.59 17.11 -23.94
N GLN M 326 -75.58 16.43 -22.81
CA GLN M 326 -74.42 16.50 -21.93
C GLN M 326 -73.86 15.16 -21.48
N GLY M 327 -72.82 15.24 -20.65
CA GLY M 327 -72.31 14.13 -19.86
C GLY M 327 -72.31 12.75 -20.46
N SER M 328 -71.17 12.35 -21.00
CA SER M 328 -70.95 10.98 -21.46
C SER M 328 -70.57 10.13 -20.24
N GLY M 329 -70.03 8.93 -20.48
CA GLY M 329 -69.44 8.14 -19.41
C GLY M 329 -68.08 8.70 -19.05
N ARG M 330 -67.18 8.55 -20.03
CA ARG M 330 -65.90 9.27 -20.16
C ARG M 330 -64.91 9.15 -19.00
N SER M 331 -64.89 10.21 -18.20
CA SER M 331 -63.87 10.64 -17.23
C SER M 331 -63.60 12.14 -17.48
N LYS M 332 -64.63 12.84 -17.97
CA LYS M 332 -64.63 14.31 -18.19
C LYS M 332 -63.47 14.85 -19.05
N GLU M 333 -63.32 14.28 -20.24
CA GLU M 333 -62.19 14.62 -21.13
C GLU M 333 -62.31 15.98 -21.84
N ASN M 334 -61.42 16.23 -22.82
CA ASN M 334 -61.46 17.47 -23.62
C ASN M 334 -62.73 17.58 -24.48
N ARG M 335 -63.35 18.75 -24.46
CA ARG M 335 -64.69 18.97 -25.02
C ARG M 335 -64.98 18.33 -26.38
N GLN M 336 -64.01 18.36 -27.27
CA GLN M 336 -64.16 17.78 -28.60
C GLN M 336 -64.47 16.28 -28.55
N GLN M 337 -63.92 15.57 -27.57
CA GLN M 337 -64.19 14.14 -27.40
C GLN M 337 -65.53 13.85 -26.74
N GLU M 338 -65.99 14.77 -25.90
CA GLU M 338 -67.29 14.66 -25.24
C GLU M 338 -68.40 14.65 -26.28
N VAL M 339 -68.35 15.60 -27.21
CA VAL M 339 -69.33 15.66 -28.31
C VAL M 339 -69.09 14.55 -29.35
N SER M 340 -67.85 14.07 -29.43
CA SER M 340 -67.48 12.99 -30.35
C SER M 340 -68.18 11.69 -30.00
N GLU M 341 -68.50 11.51 -28.73
CA GLU M 341 -69.22 10.34 -28.22
C GLU M 341 -70.72 10.52 -28.34
N ILE M 342 -71.20 11.74 -28.10
CA ILE M 342 -72.61 12.06 -28.28
C ILE M 342 -73.02 11.72 -29.73
N SER M 343 -72.13 12.01 -30.67
CA SER M 343 -72.33 11.61 -32.06
C SER M 343 -72.48 10.11 -32.21
N ARG M 344 -71.46 9.35 -31.80
CA ARG M 344 -71.49 7.90 -31.92
C ARG M 344 -72.72 7.32 -31.20
N SER M 345 -72.99 7.82 -29.99
CA SER M 345 -74.13 7.35 -29.19
C SER M 345 -75.46 7.57 -29.90
N LEU M 346 -75.57 8.69 -30.61
CA LEU M 346 -76.79 9.03 -31.38
C LEU M 346 -76.98 8.12 -32.62
N LYS M 347 -75.87 7.84 -33.32
CA LYS M 347 -75.87 6.88 -34.43
C LYS M 347 -76.23 5.47 -33.93
N ALA M 348 -75.65 5.10 -32.80
CA ALA M 348 -75.94 3.81 -32.15
C ALA M 348 -77.37 3.72 -31.61
N LEU M 349 -78.03 4.87 -31.43
CA LEU M 349 -79.43 4.92 -31.00
C LEU M 349 -80.32 4.72 -32.22
N ALA M 350 -79.93 5.32 -33.33
CA ALA M 350 -80.67 5.17 -34.58
C ALA M 350 -80.53 3.76 -35.11
N ARG M 351 -79.39 3.14 -34.83
CA ARG M 351 -79.09 1.80 -35.30
C ARG M 351 -79.85 0.74 -34.51
N GLU M 352 -79.88 0.89 -33.18
CA GLU M 352 -80.49 -0.07 -32.28
C GLU M 352 -82.01 -0.05 -32.36
N LEU M 353 -82.59 1.15 -32.40
CA LEU M 353 -84.05 1.33 -32.48
C LEU M 353 -84.64 1.24 -33.88
N GLU M 354 -83.77 1.12 -34.89
CA GLU M 354 -84.16 1.13 -36.31
C GLU M 354 -85.13 2.28 -36.62
N VAL M 355 -84.62 3.51 -36.50
CA VAL M 355 -85.41 4.73 -36.63
C VAL M 355 -84.47 5.87 -37.08
N PRO M 356 -84.94 6.76 -37.99
CA PRO M 356 -84.15 7.94 -38.33
C PRO M 356 -84.07 8.96 -37.19
N VAL M 357 -82.86 9.32 -36.81
CA VAL M 357 -82.63 10.32 -35.76
C VAL M 357 -82.16 11.63 -36.37
N ILE M 358 -82.93 12.68 -36.11
CA ILE M 358 -82.56 14.03 -36.54
C ILE M 358 -81.94 14.80 -35.38
N ALA M 359 -80.64 15.08 -35.48
CA ALA M 359 -79.96 15.91 -34.51
C ALA M 359 -79.74 17.29 -35.13
N LEU M 360 -80.23 18.32 -34.46
CA LEU M 360 -79.95 19.67 -34.90
C LEU M 360 -78.57 20.05 -34.38
N SER M 361 -77.80 20.76 -35.21
CA SER M 361 -76.47 21.23 -34.83
C SER M 361 -76.32 22.74 -34.99
N GLN M 362 -75.39 23.30 -34.26
CA GLN M 362 -75.05 24.69 -34.40
C GLN M 362 -73.87 24.80 -35.38
N LEU M 363 -73.56 26.02 -35.82
CA LEU M 363 -72.38 26.25 -36.66
C LEU M 363 -71.34 27.13 -35.99
N SER M 364 -70.08 26.92 -36.36
CA SER M 364 -68.97 27.67 -35.84
C SER M 364 -69.02 29.09 -36.37
N ARG M 365 -68.39 29.99 -35.63
CA ARG M 365 -68.16 31.37 -36.05
C ARG M 365 -67.66 31.51 -37.48
N SER M 366 -66.70 30.66 -37.86
CA SER M 366 -65.84 30.83 -39.05
C SER M 366 -66.56 31.06 -40.38
N VAL M 367 -67.83 30.64 -40.44
CA VAL M 367 -68.66 30.81 -41.63
C VAL M 367 -68.91 32.29 -41.97
N GLU M 368 -68.70 33.16 -40.99
CA GLU M 368 -68.98 34.59 -41.17
C GLU M 368 -67.87 35.33 -41.92
N GLN M 369 -66.61 35.01 -41.61
CA GLN M 369 -65.43 35.59 -42.31
C GLN M 369 -65.45 35.37 -43.82
N ARG M 370 -65.83 34.16 -44.23
CA ARG M 370 -65.89 33.78 -45.64
C ARG M 370 -66.80 34.69 -46.43
N GLN M 371 -66.40 35.01 -47.66
CA GLN M 371 -67.18 35.84 -48.57
C GLN M 371 -68.51 35.17 -48.92
N ASP M 372 -68.45 33.88 -49.14
CA ASP M 372 -69.62 33.06 -49.42
C ASP M 372 -70.15 32.49 -48.09
N LYS M 373 -71.13 33.15 -47.49
CA LYS M 373 -71.65 32.75 -46.17
C LYS M 373 -72.48 31.47 -46.20
N ARG M 374 -72.37 30.71 -47.29
CA ARG M 374 -72.92 29.37 -47.36
C ARG M 374 -72.00 28.42 -46.63
N PRO M 375 -72.54 27.62 -45.69
CA PRO M 375 -71.69 26.74 -44.91
C PRO M 375 -71.27 25.47 -45.61
N MET M 376 -70.06 25.01 -45.30
CA MET M 376 -69.58 23.69 -45.70
C MET M 376 -69.43 22.83 -44.44
N MET M 377 -69.05 21.56 -44.61
CA MET M 377 -69.01 20.61 -43.49
C MET M 377 -68.08 20.97 -42.34
N SER M 378 -66.93 21.54 -42.68
CA SER M 378 -65.95 22.02 -41.71
C SER M 378 -66.59 22.89 -40.62
N ASP M 379 -67.69 23.56 -40.98
CA ASP M 379 -68.31 24.58 -40.13
C ASP M 379 -69.06 24.10 -38.89
N ILE M 380 -69.41 22.81 -38.82
CA ILE M 380 -70.18 22.29 -37.68
C ILE M 380 -69.47 22.52 -36.34
N ARG M 381 -70.21 23.13 -35.41
CA ARG M 381 -69.72 23.51 -34.07
C ARG M 381 -69.14 22.35 -33.27
N GLU M 382 -68.03 22.64 -32.59
CA GLU M 382 -67.52 21.82 -31.48
C GLU M 382 -66.62 20.61 -31.84
N SER M 383 -67.07 19.80 -32.81
CA SER M 383 -66.36 18.56 -33.18
C SER M 383 -66.44 18.21 -34.66
N GLY M 384 -65.36 17.62 -35.15
CA GLY M 384 -65.26 17.17 -36.53
C GLY M 384 -65.96 15.85 -36.79
N SER M 385 -66.18 15.07 -35.72
CA SER M 385 -66.81 13.74 -35.85
C SER M 385 -68.32 13.79 -36.19
N ILE M 386 -68.98 14.89 -35.85
CA ILE M 386 -70.39 15.11 -36.23
C ILE M 386 -70.59 14.85 -37.72
N GLU M 387 -69.67 15.35 -38.54
CA GLU M 387 -69.69 15.22 -40.00
C GLU M 387 -69.50 13.78 -40.43
N GLN M 388 -68.57 13.09 -39.79
CA GLN M 388 -68.13 11.79 -40.26
C GLN M 388 -68.99 10.64 -39.74
N ASP M 389 -69.75 10.91 -38.67
CA ASP M 389 -70.67 9.93 -38.08
C ASP M 389 -72.06 9.98 -38.71
N ALA M 390 -72.49 11.18 -39.12
CA ALA M 390 -73.78 11.38 -39.80
C ALA M 390 -73.77 10.82 -41.22
N ASP M 391 -74.87 10.19 -41.60
CA ASP M 391 -75.02 9.65 -42.96
C ASP M 391 -75.81 10.59 -43.88
N ILE M 392 -76.11 11.78 -43.37
CA ILE M 392 -76.71 12.83 -44.17
C ILE M 392 -76.60 14.17 -43.43
N VAL M 393 -75.99 15.17 -44.09
CA VAL M 393 -75.80 16.49 -43.48
C VAL M 393 -76.49 17.56 -44.33
N ALA M 394 -77.43 18.25 -43.70
CA ALA M 394 -78.23 19.28 -44.35
C ALA M 394 -78.03 20.65 -43.70
N PHE M 395 -77.71 21.64 -44.52
CA PHE M 395 -77.53 23.02 -44.02
C PHE M 395 -78.68 23.91 -44.43
N LEU M 396 -78.94 24.94 -43.63
CA LEU M 396 -79.89 25.99 -43.96
C LEU M 396 -79.15 27.30 -44.18
N TYR M 397 -79.22 27.80 -45.42
CA TYR M 397 -78.73 29.13 -45.77
C TYR M 397 -79.88 30.03 -46.22
N ARG M 398 -79.90 31.25 -45.69
CA ARG M 398 -80.86 32.29 -46.09
C ARG M 398 -80.13 33.51 -46.62
N ASP M 399 -80.16 33.69 -47.94
CA ASP M 399 -79.69 34.93 -48.57
C ASP M 399 -80.42 36.10 -47.90
N ASP M 400 -81.59 35.78 -47.38
CA ASP M 400 -82.46 36.62 -46.56
C ASP M 400 -81.78 37.10 -45.27
N TYR M 401 -81.14 36.17 -44.56
CA TYR M 401 -80.58 36.37 -43.21
C TYR M 401 -79.48 37.44 -43.10
N TYR M 402 -78.82 37.78 -44.20
CA TYR M 402 -77.71 38.75 -44.09
C TYR M 402 -77.91 40.12 -44.75
N ASN M 403 -79.00 40.32 -45.48
CA ASN M 403 -79.07 41.47 -46.40
C ASN M 403 -79.15 42.94 -45.89
N LYS M 404 -80.27 43.41 -45.32
CA LYS M 404 -81.50 42.68 -45.05
C LYS M 404 -82.61 43.11 -46.03
N ASP M 405 -82.22 43.46 -47.26
CA ASP M 405 -83.20 43.80 -48.28
C ASP M 405 -82.96 42.98 -49.56
N SER M 406 -82.98 41.66 -49.40
CA SER M 406 -82.64 40.74 -50.48
C SER M 406 -83.74 40.64 -51.53
N GLU M 407 -83.33 40.68 -52.80
CA GLU M 407 -84.17 40.23 -53.90
C GLU M 407 -84.33 38.72 -53.73
N ASN M 408 -85.46 38.18 -54.17
CA ASN M 408 -85.96 36.86 -53.73
C ASN M 408 -85.90 36.69 -52.19
N LYS M 409 -86.89 37.30 -51.53
CA LYS M 409 -86.83 37.58 -50.10
C LYS M 409 -86.98 36.39 -49.17
N ASN M 410 -88.01 35.57 -49.38
CA ASN M 410 -88.32 34.49 -48.45
C ASN M 410 -87.78 33.09 -48.79
N ILE M 411 -86.87 33.03 -49.75
CA ILE M 411 -86.27 31.77 -50.18
C ILE M 411 -85.14 31.33 -49.26
N ILE M 412 -85.21 30.07 -48.83
CA ILE M 412 -84.19 29.44 -47.98
C ILE M 412 -83.63 28.18 -48.66
N GLU M 413 -82.31 28.08 -48.72
CA GLU M 413 -81.69 26.91 -49.32
C GLU M 413 -81.56 25.79 -48.30
N ILE M 414 -81.85 24.56 -48.75
CA ILE M 414 -81.58 23.37 -47.96
C ILE M 414 -80.41 22.66 -48.62
N ILE M 415 -79.20 23.05 -48.23
CA ILE M 415 -77.98 22.48 -48.79
C ILE M 415 -77.70 21.10 -48.19
N ILE M 416 -78.01 20.06 -48.96
CA ILE M 416 -77.62 18.70 -48.60
C ILE M 416 -76.16 18.54 -49.03
N ALA M 417 -75.27 18.52 -48.05
CA ALA M 417 -73.84 18.44 -48.32
C ALA M 417 -73.29 17.01 -48.26
N LYS M 418 -74.06 16.10 -47.69
CA LYS M 418 -73.59 14.73 -47.55
C LYS M 418 -74.73 13.72 -47.60
N GLN M 419 -74.45 12.55 -48.20
CA GLN M 419 -75.21 11.31 -47.94
C GLN M 419 -74.58 10.01 -48.53
N ARG M 420 -74.80 8.90 -47.85
CA ARG M 420 -74.35 7.58 -48.31
C ARG M 420 -75.42 6.80 -49.10
N ASN M 421 -76.66 7.31 -49.09
CA ASN M 421 -77.71 6.84 -49.99
C ASN M 421 -77.31 7.24 -51.41
N GLY M 422 -76.91 8.50 -51.59
CA GLY M 422 -76.58 9.02 -52.90
C GLY M 422 -76.30 10.50 -53.03
N PRO M 423 -77.16 11.21 -53.79
CA PRO M 423 -76.98 12.56 -54.33
C PRO M 423 -76.62 13.67 -53.35
N VAL M 424 -75.62 14.45 -53.71
CA VAL M 424 -75.31 15.71 -53.06
C VAL M 424 -76.03 16.78 -53.88
N GLY M 425 -76.37 17.91 -53.27
CA GLY M 425 -77.01 19.02 -53.99
C GLY M 425 -77.86 19.94 -53.14
N THR M 426 -78.28 21.06 -53.72
CA THR M 426 -79.11 22.05 -53.04
C THR M 426 -80.58 21.84 -53.37
N VAL M 427 -81.45 22.11 -52.40
CA VAL M 427 -82.90 22.12 -52.61
C VAL M 427 -83.47 23.46 -52.13
N GLN M 428 -84.56 23.90 -52.76
CA GLN M 428 -85.08 25.24 -52.51
C GLN M 428 -86.47 25.22 -51.87
N LEU M 429 -86.63 25.98 -50.78
CA LEU M 429 -87.91 26.09 -50.06
C LEU M 429 -88.21 27.53 -49.63
N ALA M 430 -89.43 27.76 -49.15
CA ALA M 430 -89.87 29.09 -48.72
C ALA M 430 -90.17 29.09 -47.24
N PHE M 431 -89.72 30.13 -46.55
CA PHE M 431 -89.82 30.19 -45.10
C PHE M 431 -90.60 31.42 -44.67
N ILE M 432 -91.91 31.23 -44.53
CA ILE M 432 -92.81 32.29 -44.09
C ILE M 432 -92.72 32.40 -42.58
N LYS M 433 -91.83 33.29 -42.13
CA LYS M 433 -91.46 33.43 -40.71
C LYS M 433 -92.63 33.76 -39.78
N GLU M 434 -93.58 34.57 -40.27
CA GLU M 434 -94.74 34.98 -39.48
C GLU M 434 -95.62 33.80 -39.06
N TYR M 435 -95.64 32.75 -39.89
CA TYR M 435 -96.41 31.56 -39.60
C TYR M 435 -95.53 30.37 -39.20
N ASN M 436 -94.27 30.65 -38.87
CA ASN M 436 -93.30 29.61 -38.47
C ASN M 436 -93.23 28.40 -39.43
N LYS M 437 -93.62 28.64 -40.69
CA LYS M 437 -93.86 27.57 -41.65
C LYS M 437 -92.88 27.58 -42.83
N PHE M 438 -92.44 26.39 -43.21
CA PHE M 438 -91.77 26.14 -44.48
C PHE M 438 -92.80 25.55 -45.43
N VAL M 439 -92.80 26.00 -46.69
CA VAL M 439 -93.68 25.41 -47.71
C VAL M 439 -92.89 25.00 -48.96
N ASN M 440 -93.49 24.11 -49.76
CA ASN M 440 -92.93 23.76 -51.06
C ASN M 440 -92.99 24.94 -52.02
N LEU M 441 -92.10 24.94 -53.00
CA LEU M 441 -91.99 26.07 -53.92
C LEU M 441 -93.05 26.02 -55.03
N PRO N 10 -41.05 -33.94 -14.11
CA PRO N 10 -40.66 -33.07 -15.21
C PRO N 10 -39.78 -33.76 -16.25
N PRO N 11 -39.65 -33.16 -17.45
CA PRO N 11 -38.70 -33.63 -18.44
C PRO N 11 -37.42 -32.78 -18.45
N GLN N 12 -36.30 -33.46 -18.21
CA GLN N 12 -34.98 -32.84 -18.17
C GLN N 12 -33.93 -33.82 -18.70
N SER N 13 -32.69 -33.37 -18.79
CA SER N 13 -31.55 -34.30 -18.84
C SER N 13 -30.40 -33.75 -18.00
N ILE N 14 -30.26 -34.34 -16.82
CA ILE N 14 -29.27 -33.93 -15.84
C ILE N 14 -27.86 -34.15 -16.38
N GLU N 15 -27.69 -35.26 -17.10
CA GLU N 15 -26.42 -35.65 -17.71
C GLU N 15 -25.89 -34.59 -18.68
N ALA N 16 -26.79 -34.02 -19.46
CA ALA N 16 -26.45 -32.99 -20.43
C ALA N 16 -26.10 -31.67 -19.77
N GLU N 17 -26.83 -31.31 -18.73
CA GLU N 17 -26.57 -30.07 -17.97
C GLU N 17 -25.13 -30.02 -17.43
N GLN N 18 -24.75 -31.07 -16.70
CA GLN N 18 -23.39 -31.20 -16.15
C GLN N 18 -22.33 -31.16 -17.24
N ALA N 19 -22.62 -31.79 -18.38
CA ALA N 19 -21.71 -31.84 -19.51
C ALA N 19 -21.45 -30.48 -20.13
N VAL N 20 -22.50 -29.65 -20.23
CA VAL N 20 -22.32 -28.25 -20.65
C VAL N 20 -21.42 -27.53 -19.64
N LEU N 21 -21.87 -27.46 -18.39
CA LEU N 21 -21.18 -26.72 -17.35
C LEU N 21 -19.72 -27.10 -17.23
N GLY N 22 -19.43 -28.40 -17.27
CA GLY N 22 -18.06 -28.89 -17.13
C GLY N 22 -17.21 -28.54 -18.33
N ALA N 23 -17.81 -28.56 -19.51
CA ALA N 23 -17.08 -28.20 -20.74
C ALA N 23 -16.60 -26.76 -20.68
N VAL N 24 -17.44 -25.89 -20.10
CA VAL N 24 -17.04 -24.51 -19.85
C VAL N 24 -15.82 -24.54 -18.95
N PHE N 25 -15.91 -25.21 -17.82
CA PHE N 25 -14.76 -25.32 -16.89
C PHE N 25 -13.51 -25.84 -17.59
N LEU N 26 -13.72 -26.67 -18.61
CA LEU N 26 -12.62 -27.25 -19.38
C LEU N 26 -11.98 -26.32 -20.41
N ASP N 27 -12.76 -25.51 -21.16
CA ASP N 27 -12.16 -24.84 -22.34
C ASP N 27 -11.49 -23.45 -22.27
N PRO N 28 -12.22 -22.37 -21.92
CA PRO N 28 -13.61 -22.18 -21.61
C PRO N 28 -14.28 -21.30 -22.65
N ALA N 29 -13.73 -21.25 -23.86
CA ALA N 29 -14.39 -20.56 -24.96
C ALA N 29 -15.58 -21.38 -25.40
N ALA N 30 -15.75 -22.52 -24.73
CA ALA N 30 -16.95 -23.34 -24.83
C ALA N 30 -18.18 -22.61 -24.27
N LEU N 31 -17.96 -21.52 -23.55
CA LEU N 31 -19.05 -20.70 -23.02
C LEU N 31 -19.71 -19.83 -24.10
N VAL N 32 -18.96 -19.54 -25.16
CA VAL N 32 -19.47 -18.75 -26.30
C VAL N 32 -20.67 -19.44 -27.00
N PRO N 33 -20.49 -20.70 -27.48
CA PRO N 33 -21.63 -21.36 -28.14
C PRO N 33 -22.69 -21.79 -27.14
N ALA N 34 -22.28 -22.07 -25.91
CA ALA N 34 -23.22 -22.46 -24.86
C ALA N 34 -24.16 -21.32 -24.47
N SER N 35 -23.62 -20.10 -24.46
CA SER N 35 -24.38 -18.90 -24.10
C SER N 35 -25.40 -18.49 -25.16
N GLU N 36 -25.12 -18.85 -26.41
CA GLU N 36 -26.00 -18.51 -27.53
C GLU N 36 -27.25 -19.36 -27.53
N ILE N 37 -27.06 -20.64 -27.22
CA ILE N 37 -28.13 -21.62 -27.21
C ILE N 37 -28.94 -21.60 -25.92
N LEU N 38 -28.30 -21.24 -24.82
CA LEU N 38 -28.94 -21.31 -23.51
C LEU N 38 -28.96 -19.98 -22.75
N ILE N 39 -29.91 -19.90 -21.80
CA ILE N 39 -29.87 -18.90 -20.72
C ILE N 39 -30.10 -19.62 -19.39
N PRO N 40 -29.55 -19.06 -18.27
CA PRO N 40 -29.59 -19.80 -16.99
C PRO N 40 -30.90 -20.57 -16.79
N GLU N 41 -32.02 -19.91 -17.07
CA GLU N 41 -33.36 -20.44 -16.81
C GLU N 41 -33.69 -21.75 -17.54
N ASP N 42 -32.91 -22.07 -18.56
CA ASP N 42 -33.13 -23.30 -19.35
C ASP N 42 -32.74 -24.54 -18.59
N PHE N 43 -31.83 -24.37 -17.62
CA PHE N 43 -31.37 -25.46 -16.78
C PHE N 43 -32.44 -25.84 -15.76
N TYR N 44 -32.71 -27.15 -15.62
CA TYR N 44 -33.69 -27.62 -14.66
C TYR N 44 -33.27 -27.45 -13.20
N ARG N 45 -32.06 -27.90 -12.86
CA ARG N 45 -31.56 -27.78 -11.49
C ARG N 45 -31.25 -26.35 -11.10
N ALA N 46 -31.75 -25.95 -9.93
CA ALA N 46 -31.47 -24.64 -9.36
C ALA N 46 -29.97 -24.36 -9.35
N ALA N 47 -29.20 -25.28 -8.75
CA ALA N 47 -27.74 -25.15 -8.74
C ALA N 47 -27.18 -24.78 -10.11
N HIS N 48 -27.65 -25.46 -11.15
CA HIS N 48 -27.11 -25.27 -12.49
C HIS N 48 -27.44 -23.90 -13.08
N GLN N 49 -28.65 -23.39 -12.79
CA GLN N 49 -29.01 -22.02 -13.15
C GLN N 49 -28.03 -21.06 -12.49
N LYS N 50 -27.85 -21.21 -11.17
CA LYS N 50 -26.98 -20.34 -10.38
C LYS N 50 -25.55 -20.28 -10.94
N ILE N 51 -25.03 -21.44 -11.32
CA ILE N 51 -23.66 -21.55 -11.81
C ILE N 51 -23.55 -20.90 -13.17
N PHE N 52 -24.46 -21.24 -14.07
CA PHE N 52 -24.44 -20.69 -15.40
C PHE N 52 -24.57 -19.18 -15.27
N HIS N 53 -25.43 -18.74 -14.34
CA HIS N 53 -25.63 -17.31 -14.14
C HIS N 53 -24.29 -16.66 -13.83
N ALA N 54 -23.64 -17.18 -12.81
CA ALA N 54 -22.37 -16.64 -12.38
C ALA N 54 -21.35 -16.69 -13.51
N MET N 55 -21.44 -17.74 -14.33
CA MET N 55 -20.50 -17.94 -15.44
C MET N 55 -20.57 -16.74 -16.39
N LEU N 56 -21.78 -16.34 -16.74
CA LEU N 56 -22.04 -15.18 -17.61
C LEU N 56 -21.68 -13.87 -16.94
N ARG N 57 -22.09 -13.75 -15.67
CA ARG N 57 -21.83 -12.59 -14.84
C ARG N 57 -20.33 -12.27 -14.81
N VAL N 58 -19.52 -13.32 -14.72
CA VAL N 58 -18.07 -13.23 -14.75
C VAL N 58 -17.60 -12.84 -16.16
N ALA N 59 -18.25 -13.38 -17.18
CA ALA N 59 -17.88 -13.10 -18.56
C ALA N 59 -18.12 -11.64 -18.95
N ASP N 60 -18.98 -10.94 -18.21
CA ASP N 60 -19.30 -9.54 -18.52
C ASP N 60 -18.24 -8.53 -18.12
N ARG N 61 -17.25 -8.97 -17.36
CA ARG N 61 -16.17 -8.08 -16.96
C ARG N 61 -15.05 -7.86 -18.01
N GLY N 62 -14.57 -8.88 -18.73
CA GLY N 62 -14.77 -10.31 -18.47
C GLY N 62 -13.45 -10.83 -17.95
N GLU N 63 -13.49 -11.94 -17.22
CA GLU N 63 -12.42 -12.23 -16.25
C GLU N 63 -11.18 -13.07 -16.66
N PRO N 64 -11.34 -14.16 -17.41
CA PRO N 64 -12.54 -14.77 -17.93
C PRO N 64 -12.93 -15.93 -17.04
N VAL N 65 -13.69 -16.85 -17.61
CA VAL N 65 -14.37 -17.88 -16.84
C VAL N 65 -13.55 -19.15 -16.60
N ASP N 66 -13.21 -19.40 -15.34
CA ASP N 66 -12.63 -20.69 -14.96
C ASP N 66 -13.06 -21.05 -13.54
N LEU N 67 -12.58 -22.19 -13.07
CA LEU N 67 -12.90 -22.68 -11.73
C LEU N 67 -12.74 -21.64 -10.63
N VAL N 68 -11.63 -20.89 -10.66
CA VAL N 68 -11.38 -19.87 -9.63
C VAL N 68 -12.36 -18.69 -9.70
N THR N 69 -12.41 -18.02 -10.85
CA THR N 69 -13.25 -16.84 -11.01
C THR N 69 -14.72 -17.12 -10.77
N VAL N 70 -15.15 -18.34 -11.10
CA VAL N 70 -16.54 -18.74 -10.91
C VAL N 70 -16.88 -19.09 -9.46
N THR N 71 -15.92 -19.61 -8.68
CA THR N 71 -16.18 -19.82 -7.25
C THR N 71 -16.09 -18.49 -6.53
N ALA N 72 -15.20 -17.63 -7.00
CA ALA N 72 -15.07 -16.28 -6.45
C ALA N 72 -16.39 -15.53 -6.54
N GLU N 73 -17.04 -15.66 -7.70
CA GLU N 73 -18.34 -15.02 -7.94
C GLU N 73 -19.46 -15.69 -7.14
N LEU N 74 -19.46 -17.02 -7.09
CA LEU N 74 -20.46 -17.76 -6.32
C LEU N 74 -20.34 -17.57 -4.81
N ALA N 75 -19.20 -17.06 -4.36
CA ALA N 75 -19.01 -16.74 -2.95
C ALA N 75 -19.33 -15.29 -2.69
N ALA N 76 -19.20 -14.46 -3.72
CA ALA N 76 -19.56 -13.04 -3.65
C ALA N 76 -21.08 -12.87 -3.49
N SER N 77 -21.83 -13.53 -4.37
CA SER N 77 -23.24 -13.79 -4.11
C SER N 77 -23.22 -14.88 -3.07
N GLU N 78 -24.04 -14.73 -2.02
CA GLU N 78 -23.99 -15.64 -0.88
C GLU N 78 -24.58 -17.01 -1.21
N GLN N 79 -24.02 -17.68 -2.22
CA GLN N 79 -24.63 -18.91 -2.71
C GLN N 79 -23.69 -20.03 -3.20
N LEU N 80 -22.45 -20.06 -2.72
CA LEU N 80 -21.54 -21.15 -3.10
C LEU N 80 -21.91 -22.46 -2.40
N GLU N 81 -22.27 -22.36 -1.12
CA GLU N 81 -22.64 -23.54 -0.36
C GLU N 81 -23.98 -24.11 -0.83
N GLU N 82 -24.88 -23.22 -1.26
CA GLU N 82 -26.20 -23.59 -1.82
C GLU N 82 -26.12 -24.58 -2.98
N ILE N 83 -25.03 -24.52 -3.72
CA ILE N 83 -24.84 -25.25 -4.98
C ILE N 83 -24.38 -26.69 -4.78
N GLY N 84 -23.63 -26.88 -3.71
CA GLY N 84 -22.77 -28.03 -3.51
C GLY N 84 -21.56 -27.39 -2.89
N GLY N 85 -20.40 -28.02 -3.00
CA GLY N 85 -19.19 -27.39 -2.48
C GLY N 85 -18.41 -26.76 -3.61
N VAL N 86 -17.11 -26.63 -3.39
CA VAL N 86 -16.19 -26.51 -4.50
C VAL N 86 -16.03 -27.89 -5.12
N SER N 87 -16.27 -28.91 -4.30
CA SER N 87 -16.18 -30.32 -4.71
C SER N 87 -17.25 -30.70 -5.72
N TYR N 88 -18.39 -30.01 -5.66
CA TYR N 88 -19.40 -30.17 -6.71
C TYR N 88 -18.94 -29.49 -8.01
N LEU N 89 -18.29 -28.34 -7.91
CA LEU N 89 -17.75 -27.70 -9.10
C LEU N 89 -16.66 -28.57 -9.72
N SER N 90 -15.85 -29.20 -8.86
CA SER N 90 -14.84 -30.16 -9.31
C SER N 90 -15.47 -31.39 -9.95
N GLU N 91 -16.56 -31.88 -9.33
CA GLU N 91 -17.36 -32.94 -9.92
C GLU N 91 -17.66 -32.60 -11.37
N LEU N 92 -18.18 -31.39 -11.59
CA LEU N 92 -18.62 -30.95 -12.92
C LEU N 92 -17.52 -31.03 -13.96
N ALA N 93 -16.32 -30.58 -13.61
CA ALA N 93 -15.22 -30.57 -14.55
C ALA N 93 -14.85 -31.97 -15.03
N ASP N 94 -15.15 -32.97 -14.22
CA ASP N 94 -14.85 -34.37 -14.55
C ASP N 94 -15.99 -35.11 -15.27
N ALA N 95 -17.11 -34.44 -15.52
CA ALA N 95 -18.22 -35.10 -16.21
C ALA N 95 -17.88 -35.41 -17.66
N VAL N 96 -17.00 -34.61 -18.26
CA VAL N 96 -16.63 -34.76 -19.67
C VAL N 96 -15.13 -34.96 -19.80
N PRO N 97 -14.70 -36.01 -20.54
CA PRO N 97 -13.27 -36.20 -20.82
C PRO N 97 -12.66 -35.04 -21.61
N THR N 98 -13.49 -34.41 -22.44
CA THR N 98 -13.09 -33.39 -23.40
C THR N 98 -14.09 -32.23 -23.37
N ALA N 99 -13.96 -31.28 -24.28
CA ALA N 99 -14.92 -30.18 -24.43
C ALA N 99 -15.44 -30.05 -25.87
N ALA N 100 -15.32 -31.14 -26.62
CA ALA N 100 -15.53 -31.16 -28.08
C ALA N 100 -16.92 -30.72 -28.55
N ASN N 101 -17.96 -31.21 -27.86
CA ASN N 101 -19.36 -31.04 -28.30
C ASN N 101 -20.29 -30.41 -27.27
N VAL N 102 -20.04 -29.14 -26.94
CA VAL N 102 -20.99 -28.36 -26.17
C VAL N 102 -22.30 -28.27 -26.91
N GLU N 103 -22.23 -27.89 -28.17
CA GLU N 103 -23.42 -27.79 -29.01
C GLU N 103 -24.41 -28.94 -28.73
N TYR N 104 -23.90 -30.17 -28.83
CA TYR N 104 -24.72 -31.37 -28.62
C TYR N 104 -25.46 -31.35 -27.28
N TYR N 105 -24.74 -31.05 -26.20
CA TYR N 105 -25.34 -31.02 -24.86
C TYR N 105 -26.22 -29.81 -24.62
N ALA N 106 -25.71 -28.63 -25.00
CA ALA N 106 -26.49 -27.39 -24.95
C ALA N 106 -27.86 -27.56 -25.62
N ARG N 107 -27.86 -28.13 -26.81
CA ARG N 107 -29.08 -28.37 -27.57
C ARG N 107 -30.07 -29.23 -26.77
N ILE N 108 -29.56 -30.24 -26.06
CA ILE N 108 -30.41 -31.08 -25.23
C ILE N 108 -31.06 -30.26 -24.12
N VAL N 109 -30.23 -29.51 -23.39
CA VAL N 109 -30.70 -28.70 -22.25
C VAL N 109 -31.82 -27.77 -22.73
N GLU N 110 -31.67 -27.27 -23.95
CA GLU N 110 -32.63 -26.37 -24.58
C GLU N 110 -33.92 -27.07 -24.97
N GLU N 111 -33.79 -28.31 -25.43
CA GLU N 111 -34.93 -29.09 -25.83
C GLU N 111 -35.80 -29.47 -24.64
N LYS N 112 -35.17 -29.82 -23.53
CA LYS N 112 -35.94 -30.05 -22.31
C LYS N 112 -36.56 -28.73 -21.83
N SER N 113 -35.80 -27.64 -21.94
CA SER N 113 -36.24 -26.31 -21.54
C SER N 113 -37.53 -25.91 -22.22
N VAL N 114 -37.61 -26.19 -23.53
CA VAL N 114 -38.82 -25.96 -24.34
C VAL N 114 -39.99 -26.82 -23.88
N LEU N 115 -39.73 -28.10 -23.62
CA LEU N 115 -40.80 -29.03 -23.21
C LEU N 115 -41.56 -28.59 -21.96
N ARG N 116 -40.83 -28.25 -20.88
CA ARG N 116 -41.52 -27.79 -19.68
C ARG N 116 -42.19 -26.42 -19.84
N ARG N 117 -41.65 -25.55 -20.72
CA ARG N 117 -42.36 -24.31 -21.08
C ARG N 117 -43.68 -24.62 -21.80
N LEU N 118 -43.65 -25.67 -22.62
CA LEU N 118 -44.85 -26.16 -23.26
C LEU N 118 -45.84 -26.74 -22.23
N ILE N 119 -45.36 -27.61 -21.34
CA ILE N 119 -46.22 -28.18 -20.31
C ILE N 119 -46.85 -27.06 -19.47
N ARG N 120 -46.04 -26.07 -19.10
CA ARG N 120 -46.47 -24.96 -18.25
C ARG N 120 -47.54 -24.08 -18.88
N THR N 121 -47.42 -23.82 -20.18
CA THR N 121 -48.44 -23.03 -20.88
C THR N 121 -49.68 -23.84 -21.24
N ALA N 122 -49.53 -25.17 -21.33
CA ALA N 122 -50.69 -26.02 -21.58
C ALA N 122 -51.52 -26.14 -20.30
N THR N 123 -50.86 -26.42 -19.18
CA THR N 123 -51.56 -26.55 -17.90
C THR N 123 -52.16 -25.23 -17.44
N SER N 124 -51.54 -24.10 -17.79
CA SER N 124 -52.10 -22.80 -17.45
C SER N 124 -53.32 -22.45 -18.31
N ILE N 125 -53.42 -23.08 -19.48
CA ILE N 125 -54.61 -22.98 -20.35
C ILE N 125 -55.76 -23.84 -19.80
N ALA N 126 -55.45 -25.10 -19.51
CA ALA N 126 -56.36 -26.00 -18.84
C ALA N 126 -56.93 -25.33 -17.59
N GLN N 127 -56.07 -24.65 -16.83
CA GLN N 127 -56.49 -23.92 -15.64
C GLN N 127 -57.39 -22.74 -15.98
N ASP N 128 -57.08 -22.05 -17.06
CA ASP N 128 -57.85 -20.88 -17.48
C ASP N 128 -59.21 -21.26 -18.01
N GLY N 129 -59.37 -22.51 -18.43
CA GLY N 129 -60.65 -23.03 -18.91
C GLY N 129 -61.75 -23.10 -17.88
N TYR N 130 -61.41 -22.89 -16.61
CA TYR N 130 -62.36 -22.93 -15.51
C TYR N 130 -62.68 -21.54 -14.95
N THR N 131 -61.73 -20.61 -15.05
CA THR N 131 -61.85 -19.29 -14.41
C THR N 131 -62.45 -18.24 -15.34
N ARG N 132 -62.04 -18.25 -16.60
CA ARG N 132 -62.38 -17.18 -17.52
C ARG N 132 -63.55 -17.54 -18.45
N GLU N 133 -64.66 -17.97 -17.85
CA GLU N 133 -65.88 -18.31 -18.60
C GLU N 133 -66.64 -17.07 -19.11
N ASP N 134 -66.26 -15.89 -18.64
CA ASP N 134 -66.90 -14.62 -19.02
C ASP N 134 -66.68 -14.34 -20.50
N GLU N 135 -65.44 -14.62 -20.93
CA GLU N 135 -64.94 -14.26 -22.25
C GLU N 135 -64.33 -15.51 -22.88
N ILE N 136 -64.97 -16.01 -23.93
CA ILE N 136 -64.52 -17.27 -24.55
C ILE N 136 -63.79 -17.10 -25.87
N ASP N 137 -64.21 -16.14 -26.68
CA ASP N 137 -63.54 -15.85 -27.94
C ASP N 137 -62.11 -15.37 -27.69
N VAL N 138 -61.95 -14.62 -26.59
CA VAL N 138 -60.65 -14.12 -26.17
C VAL N 138 -59.77 -15.24 -25.61
N LEU N 139 -60.40 -16.28 -25.08
CA LEU N 139 -59.67 -17.39 -24.47
C LEU N 139 -59.09 -18.33 -25.52
N LEU N 140 -59.92 -18.70 -26.50
CA LEU N 140 -59.50 -19.60 -27.58
C LEU N 140 -58.45 -18.89 -28.45
N ASP N 141 -58.60 -17.57 -28.54
CA ASP N 141 -57.66 -16.71 -29.24
C ASP N 141 -56.34 -16.66 -28.48
N GLU N 142 -56.40 -16.56 -27.16
CA GLU N 142 -55.21 -16.55 -26.31
C GLU N 142 -54.48 -17.89 -26.35
N ALA N 143 -55.22 -18.98 -26.14
CA ALA N 143 -54.66 -20.33 -26.18
C ALA N 143 -53.90 -20.62 -27.48
N ASP N 144 -54.27 -19.92 -28.54
CA ASP N 144 -53.60 -20.03 -29.83
C ASP N 144 -52.26 -19.34 -29.77
N ARG N 145 -52.27 -18.06 -29.39
CA ARG N 145 -51.06 -17.24 -29.25
C ARG N 145 -50.09 -17.87 -28.23
N LYS N 146 -50.62 -18.19 -27.05
CA LYS N 146 -49.86 -18.77 -25.94
C LYS N 146 -49.06 -20.02 -26.33
N ILE N 147 -49.59 -20.77 -27.30
CA ILE N 147 -48.96 -22.02 -27.73
C ILE N 147 -48.01 -21.87 -28.91
N MET N 148 -47.87 -20.66 -29.45
CA MET N 148 -46.94 -20.43 -30.55
C MET N 148 -45.49 -20.45 -30.11
N GLU N 149 -45.29 -20.35 -28.80
CA GLU N 149 -43.96 -20.21 -28.21
C GLU N 149 -43.06 -21.44 -28.35
N VAL N 150 -42.35 -21.42 -29.48
CA VAL N 150 -41.43 -22.46 -29.93
C VAL N 150 -39.99 -21.92 -30.16
N ALA N 158 -29.74 -13.68 -31.60
CA ALA N 158 -30.43 -14.10 -32.81
C ALA N 158 -30.00 -13.29 -34.02
N PHE N 159 -28.68 -13.16 -34.21
CA PHE N 159 -28.12 -12.35 -35.28
C PHE N 159 -28.08 -13.09 -36.61
N LYS N 160 -27.42 -12.48 -37.60
CA LYS N 160 -27.21 -13.10 -38.92
C LYS N 160 -26.15 -12.36 -39.77
N ASN N 161 -25.14 -13.12 -40.23
CA ASN N 161 -24.13 -12.57 -41.13
C ASN N 161 -24.70 -12.13 -42.47
N ILE N 162 -23.89 -11.46 -43.27
CA ILE N 162 -24.35 -10.97 -44.56
C ILE N 162 -24.44 -12.05 -45.64
N LYS N 163 -23.46 -12.96 -45.68
CA LYS N 163 -23.50 -14.11 -46.59
C LYS N 163 -24.80 -14.91 -46.39
N ASP N 164 -25.19 -15.03 -45.12
CA ASP N 164 -26.42 -15.74 -44.71
C ASP N 164 -27.70 -15.18 -45.34
N ILE N 165 -27.70 -13.88 -45.66
CA ILE N 165 -28.90 -13.20 -46.19
C ILE N 165 -28.85 -12.99 -47.70
N LEU N 166 -27.65 -12.78 -48.23
CA LEU N 166 -27.45 -12.54 -49.67
C LEU N 166 -27.87 -13.73 -50.52
N VAL N 167 -27.78 -14.93 -49.94
CA VAL N 167 -28.12 -16.16 -50.64
C VAL N 167 -29.65 -16.33 -50.80
N GLN N 168 -30.41 -16.06 -49.72
CA GLN N 168 -31.89 -16.14 -49.76
C GLN N 168 -32.51 -14.93 -50.50
N THR N 169 -31.90 -13.75 -50.37
CA THR N 169 -32.30 -12.54 -51.12
C THR N 169 -32.13 -12.76 -52.62
N TYR N 170 -31.08 -13.50 -52.99
CA TYR N 170 -30.84 -13.90 -54.39
C TYR N 170 -31.95 -14.82 -54.91
N ASP N 171 -32.41 -15.75 -54.07
CA ASP N 171 -33.57 -16.59 -54.39
C ASP N 171 -34.76 -15.73 -54.80
N ASN N 172 -34.98 -14.65 -54.06
CA ASN N 172 -36.12 -13.77 -54.27
C ASN N 172 -36.02 -12.99 -55.58
N ILE N 173 -34.79 -12.66 -55.99
CA ILE N 173 -34.53 -11.95 -57.25
C ILE N 173 -35.11 -12.72 -58.45
N GLU N 174 -35.05 -14.04 -58.37
CA GLU N 174 -35.49 -14.90 -59.46
C GLU N 174 -36.96 -14.70 -59.82
N MET N 175 -37.16 -13.61 -60.56
CA MET N 175 -38.41 -13.28 -61.25
C MET N 175 -38.10 -13.30 -62.74
N LEU N 176 -36.82 -13.05 -63.05
CA LEU N 176 -36.27 -13.12 -64.41
C LEU N 176 -36.23 -14.55 -64.96
N ILE N 183 -46.44 -5.38 -61.33
CA ILE N 183 -47.26 -6.36 -60.63
C ILE N 183 -46.35 -7.38 -59.96
N THR N 184 -46.39 -7.46 -58.63
CA THR N 184 -45.48 -8.33 -57.87
C THR N 184 -46.06 -9.33 -56.86
N GLY N 185 -47.04 -8.98 -56.03
CA GLY N 185 -47.78 -7.72 -56.03
C GLY N 185 -49.23 -8.00 -56.39
N ILE N 186 -50.14 -7.77 -55.43
CA ILE N 186 -51.57 -7.97 -55.66
C ILE N 186 -52.09 -6.86 -56.59
N PRO N 187 -52.71 -7.23 -57.74
CA PRO N 187 -53.21 -6.22 -58.68
C PRO N 187 -54.58 -5.63 -58.30
N THR N 188 -54.64 -4.30 -58.23
CA THR N 188 -55.88 -3.58 -57.86
C THR N 188 -56.84 -3.50 -59.03
N GLY N 189 -56.30 -3.51 -60.24
CA GLY N 189 -57.08 -3.35 -61.44
C GLY N 189 -57.10 -1.91 -61.93
N PHE N 190 -56.19 -1.09 -61.40
CA PHE N 190 -56.04 0.29 -61.86
C PHE N 190 -54.66 0.50 -62.48
N THR N 191 -54.59 0.41 -63.81
CA THR N 191 -53.33 0.45 -64.56
C THR N 191 -52.28 1.37 -63.96
N GLU N 192 -52.56 2.67 -63.89
CA GLU N 192 -51.59 3.68 -63.42
C GLU N 192 -51.16 3.49 -61.96
N LEU N 193 -52.08 3.03 -61.12
CA LEU N 193 -51.80 2.80 -59.70
C LEU N 193 -50.85 1.62 -59.52
N ASP N 194 -51.17 0.49 -60.15
CA ASP N 194 -50.31 -0.70 -60.13
C ASP N 194 -48.95 -0.47 -60.78
N ARG N 195 -48.85 0.57 -61.59
CA ARG N 195 -47.57 0.93 -62.22
C ARG N 195 -46.64 1.54 -61.18
N MET N 196 -47.16 2.52 -60.44
CA MET N 196 -46.40 3.25 -59.43
C MET N 196 -46.13 2.42 -58.18
N THR N 197 -46.93 1.39 -57.97
CA THR N 197 -46.88 0.61 -56.75
C THR N 197 -46.51 -0.86 -56.99
N SER N 198 -47.15 -1.46 -57.99
CA SER N 198 -47.02 -2.90 -58.34
C SER N 198 -47.49 -3.81 -57.21
N GLY N 199 -48.72 -3.59 -56.76
CA GLY N 199 -49.16 -4.09 -55.46
C GLY N 199 -48.53 -3.16 -54.43
N PHE N 200 -49.05 -3.08 -53.20
CA PHE N 200 -49.96 -4.03 -52.59
C PHE N 200 -49.28 -5.38 -52.48
N GLN N 201 -48.10 -5.32 -51.86
CA GLN N 201 -47.33 -6.50 -51.58
C GLN N 201 -47.63 -6.96 -50.17
N ARG N 202 -47.28 -8.21 -49.89
CA ARG N 202 -47.59 -8.82 -48.62
C ARG N 202 -46.69 -8.25 -47.52
N SER N 203 -47.27 -8.11 -46.33
CA SER N 203 -46.66 -7.45 -45.14
C SER N 203 -46.60 -5.90 -45.18
N ASP N 204 -47.40 -5.31 -46.08
CA ASP N 204 -47.53 -3.84 -46.20
C ASP N 204 -48.83 -3.33 -45.59
N LEU N 205 -48.72 -2.21 -44.88
CA LEU N 205 -49.87 -1.49 -44.36
C LEU N 205 -50.18 -0.26 -45.24
N ILE N 206 -51.23 -0.38 -46.05
CA ILE N 206 -51.67 0.70 -46.93
C ILE N 206 -52.73 1.54 -46.23
N ILE N 207 -52.48 2.83 -46.16
CA ILE N 207 -53.44 3.77 -45.55
C ILE N 207 -54.05 4.72 -46.58
N VAL N 208 -55.35 4.59 -46.79
CA VAL N 208 -56.09 5.43 -47.72
C VAL N 208 -56.95 6.42 -46.94
N ALA N 209 -56.52 7.68 -46.91
CA ALA N 209 -57.20 8.71 -46.15
C ALA N 209 -57.78 9.81 -47.04
N ALA N 210 -58.93 10.35 -46.64
CA ALA N 210 -59.56 11.49 -47.31
C ALA N 210 -60.62 12.11 -46.39
N ARG N 211 -61.10 13.29 -46.77
CA ARG N 211 -62.15 13.98 -46.02
C ARG N 211 -63.45 13.20 -46.12
N PRO N 212 -64.40 13.42 -45.18
CA PRO N 212 -65.66 12.63 -45.20
C PRO N 212 -66.45 12.78 -46.49
N SER N 213 -66.97 11.65 -46.98
CA SER N 213 -67.78 11.59 -48.21
C SER N 213 -66.99 11.77 -49.52
N VAL N 214 -65.67 11.98 -49.43
CA VAL N 214 -64.81 12.08 -50.62
C VAL N 214 -64.79 10.75 -51.37
N GLY N 215 -64.78 9.65 -50.62
CA GLY N 215 -64.94 8.34 -51.21
C GLY N 215 -64.00 7.24 -50.74
N LYS N 216 -63.56 7.30 -49.48
CA LYS N 216 -62.69 6.24 -48.92
C LYS N 216 -63.33 4.87 -49.09
N THR N 217 -64.48 4.67 -48.46
CA THR N 217 -65.19 3.39 -48.51
C THR N 217 -65.37 2.91 -49.96
N ALA N 218 -65.90 3.79 -50.81
CA ALA N 218 -66.20 3.44 -52.21
C ALA N 218 -64.95 3.05 -53.01
N PHE N 219 -63.82 3.65 -52.66
CA PHE N 219 -62.55 3.34 -53.31
C PHE N 219 -62.07 1.97 -52.89
N ALA N 220 -62.05 1.74 -51.58
CA ALA N 220 -61.60 0.46 -51.02
C ALA N 220 -62.41 -0.70 -51.59
N LEU N 221 -63.74 -0.53 -51.61
CA LEU N 221 -64.65 -1.57 -52.11
C LEU N 221 -64.35 -1.91 -53.57
N ASN N 222 -64.01 -0.89 -54.37
CA ASN N 222 -63.64 -1.10 -55.76
C ASN N 222 -62.35 -1.89 -55.94
N ILE N 223 -61.42 -1.71 -55.01
CA ILE N 223 -60.17 -2.46 -55.00
C ILE N 223 -60.43 -3.90 -54.58
N ALA N 224 -61.20 -4.07 -53.50
CA ALA N 224 -61.56 -5.40 -52.99
C ALA N 224 -62.32 -6.20 -54.05
N GLN N 225 -63.29 -5.55 -54.68
CA GLN N 225 -64.08 -6.12 -55.78
C GLN N 225 -63.20 -6.60 -56.92
N ASN N 226 -62.33 -5.72 -57.41
CA ASN N 226 -61.40 -6.02 -58.53
C ASN N 226 -60.30 -7.04 -58.19
N VAL N 227 -60.12 -7.35 -56.91
CA VAL N 227 -59.20 -8.40 -56.51
C VAL N 227 -59.87 -9.76 -56.59
N ALA N 228 -60.95 -9.95 -55.81
CA ALA N 228 -61.60 -11.26 -55.69
C ALA N 228 -62.26 -11.81 -56.96
N THR N 229 -62.65 -10.92 -57.88
CA THR N 229 -63.26 -11.33 -59.14
C THR N 229 -62.26 -11.55 -60.28
N LYS N 230 -61.25 -10.67 -60.34
CA LYS N 230 -60.24 -10.74 -61.40
C LYS N 230 -58.95 -11.42 -60.93
N THR N 231 -59.03 -12.04 -59.75
CA THR N 231 -57.95 -12.88 -59.23
C THR N 231 -58.53 -14.00 -58.34
N ASN N 232 -57.70 -15.00 -58.00
CA ASN N 232 -58.17 -16.19 -57.30
C ASN N 232 -58.09 -16.05 -55.77
N GLU N 233 -57.62 -14.89 -55.33
CA GLU N 233 -57.38 -14.61 -53.92
C GLU N 233 -58.66 -14.26 -53.16
N ASN N 234 -58.65 -14.47 -51.84
CA ASN N 234 -59.74 -14.09 -50.94
C ASN N 234 -59.41 -12.77 -50.22
N VAL N 235 -60.42 -11.95 -49.96
CA VAL N 235 -60.22 -10.73 -49.15
C VAL N 235 -61.25 -10.59 -48.03
N ALA N 236 -60.76 -10.25 -46.84
CA ALA N 236 -61.61 -10.01 -45.68
C ALA N 236 -61.84 -8.51 -45.48
N ILE N 237 -63.10 -8.12 -45.37
CA ILE N 237 -63.49 -6.72 -45.16
C ILE N 237 -64.12 -6.57 -43.78
N PHE N 238 -63.68 -5.53 -43.06
CA PHE N 238 -64.26 -5.16 -41.77
C PHE N 238 -64.92 -3.80 -41.91
N SER N 239 -66.26 -3.81 -41.93
CA SER N 239 -67.02 -2.59 -42.11
C SER N 239 -67.55 -2.14 -40.75
N LEU N 240 -66.80 -1.29 -40.08
CA LEU N 240 -67.15 -0.84 -38.74
C LEU N 240 -68.26 0.22 -38.71
N GLU N 241 -68.48 0.90 -39.84
CA GLU N 241 -69.47 1.98 -39.91
C GLU N 241 -70.82 1.53 -40.51
N MET N 242 -70.80 1.03 -41.75
CA MET N 242 -72.04 0.63 -42.42
C MET N 242 -72.19 -0.88 -42.49
N SER N 243 -73.43 -1.36 -42.65
CA SER N 243 -73.73 -2.79 -42.61
C SER N 243 -73.31 -3.55 -43.87
N ALA N 244 -73.27 -4.88 -43.76
CA ALA N 244 -72.89 -5.74 -44.88
C ALA N 244 -73.82 -5.54 -46.08
N GLN N 245 -75.12 -5.48 -45.79
CA GLN N 245 -76.17 -5.21 -46.78
C GLN N 245 -75.78 -4.10 -47.75
N GLN N 246 -75.48 -2.91 -47.20
CA GLN N 246 -75.16 -1.71 -47.98
C GLN N 246 -73.86 -1.83 -48.77
N LEU N 247 -72.88 -2.52 -48.19
CA LEU N 247 -71.61 -2.79 -48.85
C LEU N 247 -71.77 -3.60 -50.14
N VAL N 248 -72.60 -4.64 -50.07
CA VAL N 248 -72.91 -5.48 -51.22
C VAL N 248 -73.60 -4.67 -52.33
N MET N 249 -74.62 -3.91 -51.96
CA MET N 249 -75.35 -3.05 -52.90
C MET N 249 -74.44 -2.04 -53.58
N ARG N 250 -73.43 -1.57 -52.86
CA ARG N 250 -72.43 -0.63 -53.38
C ARG N 250 -71.48 -1.34 -54.36
N MET N 251 -71.31 -2.64 -54.17
CA MET N 251 -70.48 -3.46 -55.05
C MET N 251 -71.23 -3.93 -56.30
N LEU N 252 -72.54 -4.11 -56.18
CA LEU N 252 -73.39 -4.52 -57.29
C LEU N 252 -73.47 -3.41 -58.35
N CYS N 253 -73.76 -2.19 -57.89
CA CYS N 253 -73.77 -1.02 -58.75
C CYS N 253 -72.43 -0.79 -59.46
N ALA N 254 -71.34 -1.13 -58.77
CA ALA N 254 -70.00 -0.96 -59.32
C ALA N 254 -69.67 -2.02 -60.38
N GLU N 255 -70.47 -3.08 -60.41
CA GLU N 255 -70.19 -4.19 -61.33
C GLU N 255 -71.10 -4.14 -62.54
N GLY N 256 -72.39 -3.88 -62.31
CA GLY N 256 -73.38 -3.89 -63.39
C GLY N 256 -73.85 -2.53 -63.84
N ASN N 257 -73.12 -1.48 -63.46
CA ASN N 257 -73.41 -0.09 -63.83
C ASN N 257 -74.86 0.36 -63.59
N ILE N 258 -75.38 0.04 -62.40
CA ILE N 258 -76.75 0.38 -62.01
C ILE N 258 -76.76 1.68 -61.20
N ASN N 259 -77.67 2.58 -61.55
CA ASN N 259 -77.88 3.81 -60.80
C ASN N 259 -78.24 3.48 -59.36
N ALA N 260 -77.50 4.05 -58.41
CA ALA N 260 -77.62 3.70 -57.00
C ALA N 260 -79.00 4.02 -56.42
N GLN N 261 -79.52 5.21 -56.75
CA GLN N 261 -80.85 5.63 -56.30
C GLN N 261 -81.94 4.70 -56.83
N ASN N 262 -81.63 3.98 -57.91
CA ASN N 262 -82.54 2.99 -58.49
C ASN N 262 -82.64 1.69 -57.70
N LEU N 263 -81.51 1.21 -57.15
CA LEU N 263 -81.50 -0.02 -56.37
C LEU N 263 -82.23 0.07 -55.04
N ARG N 264 -82.20 1.24 -54.40
CA ARG N 264 -82.84 1.44 -53.10
C ARG N 264 -84.30 1.86 -53.18
N THR N 265 -84.74 2.26 -54.37
CA THR N 265 -86.16 2.54 -54.64
C THR N 265 -86.85 1.24 -55.11
N GLY N 266 -86.22 0.56 -56.07
CA GLY N 266 -86.75 -0.67 -56.63
C GLY N 266 -87.04 -0.55 -58.12
N LYS N 267 -87.37 0.66 -58.56
CA LYS N 267 -87.76 0.89 -59.95
C LYS N 267 -86.59 0.76 -60.92
N LEU N 268 -86.65 -0.29 -61.74
CA LEU N 268 -85.60 -0.62 -62.72
C LEU N 268 -86.20 -1.04 -64.07
N THR N 269 -85.62 -0.56 -65.15
CA THR N 269 -86.03 -0.95 -66.51
C THR N 269 -85.47 -2.34 -66.87
N PRO N 270 -86.10 -3.04 -67.84
CA PRO N 270 -85.60 -4.33 -68.33
C PRO N 270 -84.10 -4.40 -68.58
N GLU N 271 -83.47 -3.28 -68.92
CA GLU N 271 -82.03 -3.21 -69.13
C GLU N 271 -81.24 -3.33 -67.82
N ASP N 272 -81.79 -2.77 -66.75
CA ASP N 272 -81.18 -2.83 -65.42
C ASP N 272 -81.25 -4.23 -64.81
N TRP N 273 -82.42 -4.86 -64.89
CA TRP N 273 -82.62 -6.24 -64.42
C TRP N 273 -81.64 -7.21 -65.08
N GLY N 274 -81.37 -6.99 -66.36
CA GLY N 274 -80.42 -7.78 -67.13
C GLY N 274 -78.98 -7.58 -66.68
N LYS N 275 -78.64 -6.35 -66.32
CA LYS N 275 -77.31 -6.01 -65.79
C LYS N 275 -77.12 -6.56 -64.37
N LEU N 276 -78.20 -6.50 -63.58
CA LEU N 276 -78.20 -6.97 -62.20
C LEU N 276 -77.96 -8.47 -62.10
N THR N 277 -78.61 -9.23 -62.98
CA THR N 277 -78.50 -10.69 -62.97
C THR N 277 -77.12 -11.19 -63.46
N MET N 278 -76.47 -10.40 -64.31
CA MET N 278 -75.12 -10.71 -64.82
C MET N 278 -74.06 -10.40 -63.77
N ALA N 279 -74.36 -9.40 -62.93
CA ALA N 279 -73.44 -8.93 -61.91
C ALA N 279 -73.32 -9.95 -60.79
N MET N 280 -74.45 -10.50 -60.36
CA MET N 280 -74.49 -11.58 -59.38
C MET N 280 -73.78 -12.84 -59.90
N GLY N 281 -73.69 -12.96 -61.22
CA GLY N 281 -73.01 -14.07 -61.86
C GLY N 281 -71.55 -14.16 -61.48
N SER N 282 -70.80 -13.10 -61.77
CA SER N 282 -69.38 -13.05 -61.47
C SER N 282 -69.06 -12.81 -59.98
N LEU N 283 -70.09 -12.46 -59.20
CA LEU N 283 -69.93 -12.18 -57.77
C LEU N 283 -70.27 -13.34 -56.85
N SER N 284 -70.22 -14.56 -57.38
CA SER N 284 -70.37 -15.76 -56.54
C SER N 284 -69.04 -16.49 -56.37
N ASN N 285 -68.33 -16.68 -57.47
CA ASN N 285 -67.00 -17.29 -57.46
C ASN N 285 -65.95 -16.31 -56.93
N ALA N 286 -66.45 -15.23 -56.33
CA ALA N 286 -65.64 -14.10 -55.85
C ALA N 286 -64.85 -14.45 -54.60
N GLY N 287 -65.57 -14.76 -53.52
CA GLY N 287 -64.93 -15.08 -52.26
C GLY N 287 -64.43 -13.85 -51.53
N ILE N 288 -65.34 -12.93 -51.24
CA ILE N 288 -65.09 -11.89 -50.24
C ILE N 288 -65.89 -12.23 -48.98
N TYR N 289 -65.28 -11.93 -47.83
CA TYR N 289 -65.89 -12.22 -46.54
C TYR N 289 -66.00 -10.90 -45.76
N ILE N 290 -67.22 -10.58 -45.34
CA ILE N 290 -67.52 -9.32 -44.66
C ILE N 290 -67.81 -9.51 -43.18
N ASP N 291 -67.33 -8.58 -42.36
CA ASP N 291 -67.63 -8.60 -40.95
C ASP N 291 -68.00 -7.20 -40.50
N ASP N 292 -69.29 -6.99 -40.25
CA ASP N 292 -69.79 -5.66 -39.91
C ASP N 292 -70.14 -5.48 -38.43
N THR N 293 -69.24 -5.94 -37.55
CA THR N 293 -69.40 -5.73 -36.11
C THR N 293 -69.13 -4.24 -35.79
N PRO N 294 -70.11 -3.56 -35.15
CA PRO N 294 -70.01 -2.12 -34.87
C PRO N 294 -68.69 -1.73 -34.21
N SER N 295 -68.24 -2.53 -33.25
CA SER N 295 -67.04 -2.22 -32.51
C SER N 295 -66.24 -3.48 -32.19
N ILE N 296 -65.14 -3.68 -32.91
CA ILE N 296 -64.17 -4.69 -32.55
C ILE N 296 -62.84 -4.04 -32.25
N ARG N 297 -61.96 -4.80 -31.60
CA ARG N 297 -60.58 -4.37 -31.40
C ARG N 297 -59.66 -5.09 -32.39
N VAL N 298 -58.36 -4.83 -32.29
CA VAL N 298 -57.40 -5.40 -33.23
C VAL N 298 -57.20 -6.91 -33.01
N SER N 299 -57.28 -7.34 -31.75
CA SER N 299 -57.15 -8.76 -31.40
C SER N 299 -58.38 -9.59 -31.81
N ASP N 300 -59.53 -8.95 -31.94
CA ASP N 300 -60.73 -9.58 -32.51
C ASP N 300 -60.54 -9.84 -34.01
N ILE N 301 -59.88 -8.89 -34.68
CA ILE N 301 -59.63 -8.96 -36.12
C ILE N 301 -58.57 -10.01 -36.46
N ARG N 302 -57.42 -9.92 -35.80
CA ARG N 302 -56.33 -10.88 -35.95
C ARG N 302 -56.86 -12.32 -35.84
N ALA N 303 -57.71 -12.56 -34.84
CA ALA N 303 -58.30 -13.87 -34.58
C ALA N 303 -59.10 -14.37 -35.77
N LYS N 304 -60.13 -13.60 -36.14
CA LYS N 304 -60.98 -13.94 -37.28
C LYS N 304 -60.19 -14.13 -38.57
N CYS N 305 -59.12 -13.36 -38.73
CA CYS N 305 -58.29 -13.41 -39.94
C CYS N 305 -57.42 -14.65 -40.08
N ARG N 306 -56.65 -14.98 -39.04
CA ARG N 306 -55.76 -16.13 -39.12
C ARG N 306 -56.53 -17.46 -39.23
N ARG N 307 -57.77 -17.47 -38.74
CA ARG N 307 -58.63 -18.65 -38.84
C ARG N 307 -59.26 -18.81 -40.24
N LEU N 308 -59.47 -17.69 -40.94
CA LEU N 308 -59.97 -17.73 -42.32
C LEU N 308 -58.87 -18.14 -43.30
N LYS N 309 -57.62 -17.85 -42.97
CA LYS N 309 -56.49 -18.23 -43.80
C LYS N 309 -56.09 -19.69 -43.59
N GLN N 310 -56.69 -20.33 -42.59
CA GLN N 310 -56.49 -21.75 -42.30
C GLN N 310 -57.21 -22.64 -43.32
N GLU N 311 -58.50 -22.36 -43.51
CA GLU N 311 -59.40 -23.23 -44.27
C GLU N 311 -59.65 -22.76 -45.71
N SER N 312 -59.27 -21.53 -46.02
CA SER N 312 -59.50 -20.96 -47.35
C SER N 312 -58.28 -20.25 -47.92
N GLY N 313 -57.44 -19.71 -47.03
CA GLY N 313 -56.26 -18.93 -47.43
C GLY N 313 -56.62 -17.48 -47.62
N LEU N 314 -55.79 -16.59 -47.07
CA LEU N 314 -56.04 -15.15 -47.18
C LEU N 314 -54.99 -14.48 -48.05
N GLY N 315 -55.34 -13.33 -48.64
CA GLY N 315 -54.43 -12.56 -49.48
C GLY N 315 -54.56 -11.05 -49.34
N MET N 316 -55.60 -10.58 -48.65
CA MET N 316 -55.85 -9.14 -48.49
C MET N 316 -56.89 -8.78 -47.40
N ILE N 317 -56.57 -7.79 -46.57
CA ILE N 317 -57.47 -7.32 -45.49
C ILE N 317 -57.77 -5.83 -45.64
N VAL N 318 -59.04 -5.47 -45.46
CA VAL N 318 -59.50 -4.09 -45.51
C VAL N 318 -60.26 -3.77 -44.22
N ILE N 319 -59.98 -2.60 -43.63
CA ILE N 319 -60.70 -2.13 -42.43
C ILE N 319 -61.41 -0.80 -42.72
N ASP N 320 -62.73 -0.75 -42.44
CA ASP N 320 -63.58 0.38 -42.82
C ASP N 320 -63.08 1.74 -42.38
N TYR N 321 -62.99 1.98 -41.07
CA TYR N 321 -62.01 2.98 -40.65
C TYR N 321 -61.22 2.78 -39.36
N LEU N 322 -59.94 3.13 -39.48
CA LEU N 322 -58.92 2.88 -38.48
C LEU N 322 -59.28 3.44 -37.11
N GLN N 323 -59.64 4.73 -37.02
CA GLN N 323 -59.97 5.37 -35.73
C GLN N 323 -61.35 4.99 -35.17
N LEU N 324 -61.97 4.00 -35.81
CA LEU N 324 -63.22 3.43 -35.33
C LEU N 324 -63.02 2.05 -34.66
N ILE N 325 -61.86 1.43 -34.90
CA ILE N 325 -61.39 0.29 -34.10
C ILE N 325 -61.17 0.82 -32.67
N GLN N 326 -61.36 -0.04 -31.67
CA GLN N 326 -61.31 0.45 -30.31
C GLN N 326 -60.39 -0.35 -29.39
N GLY N 327 -60.35 0.08 -28.13
CA GLY N 327 -59.80 -0.66 -27.00
C GLY N 327 -58.55 -1.49 -27.23
N SER N 328 -57.41 -0.91 -26.86
CA SER N 328 -56.16 -1.65 -26.86
C SER N 328 -56.07 -2.43 -25.54
N GLY N 329 -54.86 -2.90 -25.20
CA GLY N 329 -54.58 -3.43 -23.87
C GLY N 329 -54.70 -2.27 -22.91
N ARG N 330 -54.16 -1.14 -23.35
CA ARG N 330 -54.40 0.18 -22.76
C ARG N 330 -55.04 0.16 -21.38
N SER N 331 -54.21 0.50 -20.39
CA SER N 331 -54.71 1.07 -19.16
C SER N 331 -55.44 2.39 -19.43
N LYS N 332 -56.16 2.44 -20.58
CA LYS N 332 -57.01 3.56 -20.98
C LYS N 332 -56.31 4.93 -21.03
N GLU N 333 -55.20 5.00 -21.76
CA GLU N 333 -54.38 6.22 -21.79
C GLU N 333 -54.95 7.35 -22.66
N ASN N 334 -54.10 8.35 -22.89
CA ASN N 334 -54.27 9.37 -23.93
C ASN N 334 -54.89 8.81 -25.21
N ARG N 335 -55.82 9.55 -25.83
CA ARG N 335 -56.40 9.11 -27.08
C ARG N 335 -55.36 8.93 -28.18
N GLN N 336 -54.40 9.85 -28.29
CA GLN N 336 -53.33 9.75 -29.29
C GLN N 336 -52.53 8.44 -29.20
N GLN N 337 -52.33 7.95 -27.98
CA GLN N 337 -51.59 6.71 -27.77
C GLN N 337 -52.42 5.47 -28.05
N GLU N 338 -53.73 5.59 -27.85
CA GLU N 338 -54.67 4.51 -28.12
C GLU N 338 -54.65 4.15 -29.60
N VAL N 339 -54.74 5.17 -30.46
CA VAL N 339 -54.65 4.98 -31.91
C VAL N 339 -53.22 4.69 -32.37
N SER N 340 -52.24 5.10 -31.57
CA SER N 340 -50.85 4.85 -31.87
C SER N 340 -50.51 3.35 -31.81
N GLU N 341 -51.27 2.62 -30.99
CA GLU N 341 -51.12 1.16 -30.85
C GLU N 341 -51.92 0.41 -31.89
N ILE N 342 -53.12 0.89 -32.20
CA ILE N 342 -53.92 0.33 -33.29
C ILE N 342 -53.10 0.33 -34.59
N SER N 343 -52.30 1.37 -34.80
CA SER N 343 -51.37 1.43 -35.94
C SER N 343 -50.33 0.31 -35.91
N ARG N 344 -49.58 0.23 -34.82
CA ARG N 344 -48.56 -0.80 -34.68
C ARG N 344 -49.19 -2.19 -34.80
N SER N 345 -50.30 -2.39 -34.11
CA SER N 345 -51.03 -3.66 -34.12
C SER N 345 -51.44 -4.08 -35.53
N LEU N 346 -51.88 -3.11 -36.34
CA LEU N 346 -52.27 -3.36 -37.72
C LEU N 346 -51.07 -3.72 -38.59
N LYS N 347 -49.95 -3.03 -38.39
CA LYS N 347 -48.71 -3.35 -39.10
C LYS N 347 -48.24 -4.74 -38.71
N ALA N 348 -48.36 -5.06 -37.42
CA ALA N 348 -47.99 -6.39 -36.90
C ALA N 348 -48.95 -7.50 -37.35
N LEU N 349 -50.13 -7.11 -37.82
CA LEU N 349 -51.10 -8.04 -38.38
C LEU N 349 -50.74 -8.34 -39.84
N ALA N 350 -50.32 -7.31 -40.57
CA ALA N 350 -49.86 -7.47 -41.95
C ALA N 350 -48.56 -8.25 -42.02
N ARG N 351 -47.75 -8.10 -40.98
CA ARG N 351 -46.44 -8.74 -40.91
C ARG N 351 -46.53 -10.23 -40.56
N GLU N 352 -47.36 -10.56 -39.57
CA GLU N 352 -47.56 -11.93 -39.10
C GLU N 352 -48.29 -12.81 -40.13
N LEU N 353 -49.36 -12.27 -40.72
CA LEU N 353 -50.17 -12.99 -41.71
C LEU N 353 -49.61 -12.97 -43.14
N GLU N 354 -48.58 -12.17 -43.36
CA GLU N 354 -47.98 -11.95 -44.70
C GLU N 354 -49.06 -11.61 -45.74
N VAL N 355 -49.69 -10.46 -45.54
CA VAL N 355 -50.83 -10.01 -46.34
C VAL N 355 -50.88 -8.47 -46.31
N PRO N 356 -51.19 -7.84 -47.44
CA PRO N 356 -51.36 -6.38 -47.41
C PRO N 356 -52.62 -5.95 -46.65
N VAL N 357 -52.46 -5.06 -45.68
CA VAL N 357 -53.58 -4.53 -44.91
C VAL N 357 -53.91 -3.08 -45.32
N ILE N 358 -55.14 -2.85 -45.77
CA ILE N 358 -55.60 -1.52 -46.12
C ILE N 358 -56.46 -0.96 -45.00
N ALA N 359 -55.95 0.06 -44.32
CA ALA N 359 -56.72 0.74 -43.29
C ALA N 359 -57.17 2.07 -43.83
N LEU N 360 -58.49 2.30 -43.83
CA LEU N 360 -59.02 3.61 -44.21
C LEU N 360 -58.86 4.57 -43.05
N SER N 361 -58.45 5.81 -43.35
CA SER N 361 -58.32 6.83 -42.34
C SER N 361 -59.19 8.05 -42.65
N GLN N 362 -59.52 8.79 -41.59
CA GLN N 362 -60.18 10.06 -41.71
C GLN N 362 -59.14 11.19 -41.70
N LEU N 363 -59.53 12.39 -42.08
CA LEU N 363 -58.61 13.52 -42.03
C LEU N 363 -59.03 14.57 -41.01
N SER N 364 -58.05 15.31 -40.51
CA SER N 364 -58.29 16.40 -39.56
C SER N 364 -58.99 17.54 -40.28
N ARG N 365 -59.64 18.41 -39.52
CA ARG N 365 -60.35 19.53 -40.10
C ARG N 365 -59.40 20.65 -40.58
N SER N 366 -58.09 20.53 -40.27
CA SER N 366 -57.09 21.57 -40.63
C SER N 366 -56.86 21.73 -42.14
N VAL N 367 -57.16 20.69 -42.90
CA VAL N 367 -57.00 20.70 -44.34
C VAL N 367 -57.92 21.73 -45.00
N GLU N 368 -58.93 22.19 -44.27
CA GLU N 368 -59.94 23.10 -44.83
C GLU N 368 -59.49 24.55 -44.85
N GLN N 369 -58.77 24.97 -43.80
CA GLN N 369 -58.20 26.32 -43.71
C GLN N 369 -57.23 26.64 -44.84
N ARG N 370 -56.40 25.66 -45.18
CA ARG N 370 -55.39 25.82 -46.22
C ARG N 370 -56.03 26.21 -47.54
N GLN N 371 -55.35 27.08 -48.28
CA GLN N 371 -55.80 27.50 -49.62
C GLN N 371 -55.85 26.33 -50.60
N ASP N 372 -54.81 25.50 -50.54
CA ASP N 372 -54.71 24.27 -51.33
C ASP N 372 -55.32 23.14 -50.51
N LYS N 373 -56.59 22.83 -50.77
CA LYS N 373 -57.30 21.80 -49.99
C LYS N 373 -56.84 20.36 -50.31
N ARG N 374 -55.68 20.23 -50.94
CA ARG N 374 -55.01 18.93 -51.11
C ARG N 374 -54.35 18.56 -49.79
N PRO N 375 -54.60 17.35 -49.28
CA PRO N 375 -54.04 16.98 -47.98
C PRO N 375 -52.59 16.52 -48.06
N MET N 376 -51.84 16.82 -47.00
CA MET N 376 -50.50 16.29 -46.80
C MET N 376 -50.54 15.35 -45.59
N MET N 377 -49.42 14.71 -45.29
CA MET N 377 -49.39 13.69 -44.24
C MET N 377 -49.82 14.16 -42.84
N SER N 378 -49.39 15.35 -42.45
CA SER N 378 -49.78 15.98 -41.18
C SER N 378 -51.29 15.87 -40.90
N ASP N 379 -52.09 15.81 -41.96
CA ASP N 379 -53.54 15.92 -41.87
C ASP N 379 -54.27 14.70 -41.30
N ILE N 380 -53.61 13.54 -41.23
CA ILE N 380 -54.28 12.30 -40.76
C ILE N 380 -54.84 12.44 -39.34
N ARG N 381 -56.13 12.16 -39.20
CA ARG N 381 -56.87 12.33 -37.94
C ARG N 381 -56.25 11.59 -36.77
N GLU N 382 -56.28 12.23 -35.60
CA GLU N 382 -56.09 11.56 -34.29
C GLU N 382 -54.65 11.33 -33.80
N SER N 383 -53.79 10.76 -34.67
CA SER N 383 -52.40 10.45 -34.30
C SER N 383 -51.38 10.63 -35.42
N GLY N 384 -50.18 11.06 -35.05
CA GLY N 384 -49.06 11.21 -35.98
C GLY N 384 -48.42 9.90 -36.39
N SER N 385 -48.59 8.86 -35.57
CA SER N 385 -47.93 7.59 -35.82
C SER N 385 -48.53 6.85 -37.01
N ILE N 386 -49.77 7.18 -37.36
CA ILE N 386 -50.43 6.57 -38.52
C ILE N 386 -49.53 6.73 -39.76
N GLU N 387 -48.94 7.92 -39.89
CA GLU N 387 -48.05 8.26 -41.02
C GLU N 387 -46.77 7.46 -40.95
N GLN N 388 -46.26 7.39 -39.72
CA GLN N 388 -44.96 6.88 -39.41
C GLN N 388 -44.88 5.35 -39.50
N ASP N 389 -46.01 4.68 -39.24
CA ASP N 389 -46.09 3.21 -39.22
C ASP N 389 -46.45 2.60 -40.57
N ALA N 390 -47.23 3.34 -41.36
CA ALA N 390 -47.64 2.89 -42.70
C ALA N 390 -46.47 2.94 -43.68
N ASP N 391 -46.42 1.96 -44.57
CA ASP N 391 -45.39 1.92 -45.62
C ASP N 391 -45.90 2.41 -46.98
N ILE N 392 -47.12 2.95 -46.98
CA ILE N 392 -47.70 3.62 -48.15
C ILE N 392 -48.95 4.42 -47.76
N VAL N 393 -48.92 5.72 -48.03
CA VAL N 393 -50.03 6.62 -47.70
C VAL N 393 -50.63 7.24 -48.96
N ALA N 394 -51.91 6.94 -49.21
CA ALA N 394 -52.63 7.41 -50.39
C ALA N 394 -53.80 8.30 -49.99
N PHE N 395 -53.85 9.50 -50.57
CA PHE N 395 -54.95 10.42 -50.31
C PHE N 395 -55.89 10.47 -51.49
N LEU N 396 -57.14 10.83 -51.19
CA LEU N 396 -58.12 11.12 -52.23
C LEU N 396 -58.48 12.61 -52.17
N TYR N 397 -58.19 13.32 -53.26
CA TYR N 397 -58.65 14.70 -53.44
C TYR N 397 -59.60 14.82 -54.63
N ARG N 398 -60.71 15.54 -54.44
CA ARG N 398 -61.65 15.82 -55.51
C ARG N 398 -61.82 17.32 -55.72
N ASP N 399 -61.24 17.84 -56.80
CA ASP N 399 -61.46 19.23 -57.22
C ASP N 399 -62.95 19.44 -57.34
N ASP N 400 -63.62 18.32 -57.61
CA ASP N 400 -65.07 18.14 -57.65
C ASP N 400 -65.76 18.50 -56.32
N TYR N 401 -65.21 17.97 -55.22
CA TYR N 401 -65.80 18.03 -53.86
C TYR N 401 -65.97 19.45 -53.32
N TYR N 402 -65.20 20.41 -53.85
CA TYR N 402 -65.19 21.79 -53.33
C TYR N 402 -65.72 22.89 -54.26
N ASN N 403 -65.63 22.70 -55.58
CA ASN N 403 -65.76 23.81 -56.55
C ASN N 403 -67.05 24.65 -56.59
N LYS N 404 -68.24 24.07 -56.76
CA LYS N 404 -68.50 22.65 -57.02
C LYS N 404 -68.91 22.43 -58.48
N ASP N 405 -69.07 23.52 -59.22
CA ASP N 405 -69.27 23.48 -60.67
C ASP N 405 -67.90 23.44 -61.37
N SER N 406 -67.13 22.41 -61.05
CA SER N 406 -65.75 22.30 -61.51
C SER N 406 -65.66 21.91 -62.98
N GLU N 407 -64.79 22.62 -63.70
CA GLU N 407 -64.29 22.12 -64.98
C GLU N 407 -63.46 20.86 -64.69
N ASN N 408 -63.42 19.92 -65.63
CA ASN N 408 -63.02 18.53 -65.37
C ASN N 408 -63.73 17.93 -64.13
N LYS N 409 -64.98 17.52 -64.36
CA LYS N 409 -65.98 17.41 -63.28
C LYS N 409 -66.06 16.08 -62.51
N ASN N 410 -65.57 14.97 -63.07
CA ASN N 410 -65.55 13.69 -62.35
C ASN N 410 -64.16 13.09 -62.01
N ILE N 411 -63.13 13.92 -62.15
CA ILE N 411 -61.76 13.49 -61.93
C ILE N 411 -61.41 13.56 -60.44
N ILE N 412 -60.85 12.46 -59.94
CA ILE N 412 -60.37 12.35 -58.56
C ILE N 412 -58.87 12.01 -58.53
N GLU N 413 -58.11 12.74 -57.73
CA GLU N 413 -56.69 12.48 -57.59
C GLU N 413 -56.44 11.42 -56.52
N ILE N 414 -55.53 10.48 -56.84
CA ILE N 414 -55.05 9.51 -55.87
C ILE N 414 -53.62 9.92 -55.54
N ILE N 415 -53.49 10.78 -54.55
CA ILE N 415 -52.18 11.29 -54.17
C ILE N 415 -51.46 10.27 -53.32
N ILE N 416 -50.48 9.59 -53.90
CA ILE N 416 -49.60 8.72 -53.14
C ILE N 416 -48.52 9.61 -52.54
N ALA N 417 -48.60 9.86 -51.24
CA ALA N 417 -47.68 10.77 -50.58
C ALA N 417 -46.50 10.04 -49.94
N LYS N 418 -46.60 8.71 -49.81
CA LYS N 418 -45.56 7.93 -49.15
C LYS N 418 -45.42 6.53 -49.72
N GLN N 419 -44.17 6.05 -49.81
CA GLN N 419 -43.84 4.60 -49.86
C GLN N 419 -42.34 4.24 -49.73
N ARG N 420 -42.08 3.09 -49.12
CA ARG N 420 -40.72 2.56 -48.95
C ARG N 420 -40.29 1.63 -50.08
N ASN N 421 -41.25 1.22 -50.91
CA ASN N 421 -40.97 0.54 -52.19
C ASN N 421 -40.25 1.53 -53.11
N GLY N 422 -40.81 2.73 -53.22
CA GLY N 422 -40.25 3.73 -54.11
C GLY N 422 -41.03 5.03 -54.29
N PRO N 423 -41.53 5.26 -55.52
CA PRO N 423 -42.02 6.53 -56.06
C PRO N 423 -43.12 7.23 -55.27
N VAL N 424 -42.93 8.53 -55.07
CA VAL N 424 -44.00 9.41 -54.61
C VAL N 424 -44.62 10.01 -55.88
N GLY N 425 -45.88 10.41 -55.81
CA GLY N 425 -46.52 11.06 -56.95
C GLY N 425 -48.02 10.95 -56.94
N THR N 426 -48.66 11.69 -57.85
CA THR N 426 -50.11 11.70 -58.01
C THR N 426 -50.53 10.75 -59.15
N VAL N 427 -51.69 10.12 -58.98
CA VAL N 427 -52.31 9.32 -60.03
C VAL N 427 -53.75 9.78 -60.24
N GLN N 428 -54.25 9.67 -61.47
CA GLN N 428 -55.53 10.23 -61.81
C GLN N 428 -56.56 9.15 -62.19
N LEU N 429 -57.74 9.25 -61.58
CA LEU N 429 -58.86 8.32 -61.85
C LEU N 429 -60.21 9.04 -61.98
N ALA N 430 -61.22 8.31 -62.46
CA ALA N 430 -62.56 8.88 -62.60
C ALA N 430 -63.51 8.22 -61.62
N PHE N 431 -64.36 9.03 -60.98
CA PHE N 431 -65.28 8.54 -59.95
C PHE N 431 -66.73 8.83 -60.33
N ILE N 432 -67.35 7.87 -61.02
CA ILE N 432 -68.77 7.95 -61.41
C ILE N 432 -69.63 7.60 -60.20
N LYS N 433 -70.04 8.63 -59.47
CA LYS N 433 -70.71 8.47 -58.18
C LYS N 433 -72.03 7.72 -58.23
N GLU N 434 -72.76 7.89 -59.34
CA GLU N 434 -74.05 7.23 -59.52
C GLU N 434 -73.93 5.70 -59.53
N TYR N 435 -72.79 5.20 -59.99
CA TYR N 435 -72.54 3.75 -60.04
C TYR N 435 -71.52 3.30 -58.99
N ASN N 436 -71.25 4.16 -58.01
CA ASN N 436 -70.30 3.86 -56.92
C ASN N 436 -68.96 3.32 -57.43
N LYS N 437 -68.62 3.65 -58.66
CA LYS N 437 -67.49 3.04 -59.35
C LYS N 437 -66.36 4.02 -59.64
N PHE N 438 -65.12 3.54 -59.49
CA PHE N 438 -63.93 4.20 -60.01
C PHE N 438 -63.53 3.45 -61.29
N VAL N 439 -63.11 4.18 -62.32
CA VAL N 439 -62.59 3.56 -63.54
C VAL N 439 -61.24 4.16 -63.94
N ASN N 440 -60.50 3.42 -64.76
CA ASN N 440 -59.27 3.93 -65.36
C ASN N 440 -59.54 5.05 -66.33
N LEU N 441 -58.55 5.91 -66.53
CA LEU N 441 -58.75 7.08 -67.36
C LEU N 441 -58.62 6.76 -68.84
#